data_8GJJ
#
_entry.id   8GJJ
#
_cell.length_a   1.00
_cell.length_b   1.00
_cell.length_c   1.00
_cell.angle_alpha   90.00
_cell.angle_beta   90.00
_cell.angle_gamma   90.00
#
_symmetry.space_group_name_H-M   'P 1'
#
_entity_poly.entity_id   1
_entity_poly.type   'polypeptide(L)'
_entity_poly.pdbx_seq_one_letter_code
;MFSKFFIERPIFASVVAIIISIAGIIGLANLPVEQYPSLTPPTVQVSATYTGADAQTIASTVATPIEDAINGVDNMIYMD
STSSPGQMKLTVYFNIGTDPDQAAIDVNNRISAATAKLPEAVKKLGVTVRKSSSTILEVVSVYSEDSSMNDIDIYNYVSL
NILDELKRIPGVGDASAIGNKNYSMRIWLEPDLLNKFGVTANDVINAVNDQNAQYATGKIGEEPVVNKSPQVISITMQGR
LQTPQEFENIILRVNEDKSFLRIKDVAKVEIGAEQYNSTGRLNTSAAVPIIINLQSGANAVNTAKLINEKMQELSKNFPQ
GLKYQIPYDTTIFVKASIKEVIKTFVEALALVLVVMYLFLKNFKSTIIPMIAVPVSLLGTFAVLYVLGFSINLLTLFALV
LAIGIVVDDAIIVVENIDRILHEDSNISVKDAAIKAMNEVSSPVISIVLVLCAVFIPVSFISGFVGEIQRQFALTLAISV
AISGFVALTLTPSLSALFLTRNESKPFYFIQKFNDFFDWSTSVFSSGVAYILKRTIRFVLVFCIMIGFIAYLFKIVPSSL
VPSEDQGVIMSIINLPSGSSIHRTIEEVDTINKNATQMKEISSSVSLIGFDLFTSSLKENAAAVFFILKDWSQREASSDQ
IIAQLFGQYAADRNALSYFLNLPPIPGLSLTGGFEMYAQNKSGKDYDAIQQDVNKMLELARTRKELANVRTTLDTSFPQY
KLIIDRDKMKYYNLNMQDVFNTISATIGTYYVNDFPMLGKNFQVNIRALGDFRNTQDALKNIYIRSSDNKMIPLNSFLTL
VRSAGPDDVKRFNLFPAALIQGDPAPGYTSGQAIDAIAEVAKQSLGDEYSIAWSGSAYQEVSSKGAGAYAFVLGMIFVFL
ILAAQYERWLMPLAVITAVPFAVFGSILLVALRGFDNDIYFQTGLLLLIGLSAKNAILIIEFAMEERLKKGKSIFEAAIN
AAKLRFRPIIMTSLAFTFGVLPMIFATGAGSASRHSLGTGLIGGMIAASTLAIFFVPLFFYLLENFNEWLDKKRGKVHE
;
_entity_poly.pdbx_strand_id   B,A,C
#
# COMPACT_ATOMS: atom_id res chain seq x y z
N MET A 1 17.68 17.43 -40.33
CA MET A 1 18.79 18.26 -39.87
C MET A 1 19.21 17.88 -38.46
N PHE A 2 18.56 16.86 -37.89
CA PHE A 2 18.86 16.45 -36.53
C PHE A 2 20.28 15.93 -36.41
N SER A 3 20.71 15.11 -37.36
CA SER A 3 22.06 14.56 -37.32
C SER A 3 23.10 15.64 -37.61
N LYS A 4 22.76 16.59 -38.49
CA LYS A 4 23.72 17.63 -38.84
C LYS A 4 24.10 18.47 -37.64
N PHE A 5 23.18 18.63 -36.68
CA PHE A 5 23.51 19.36 -35.45
C PHE A 5 24.58 18.63 -34.66
N PHE A 6 24.48 17.31 -34.56
CA PHE A 6 25.46 16.55 -33.79
C PHE A 6 26.77 16.41 -34.53
N ILE A 7 26.72 16.31 -35.86
CA ILE A 7 27.94 16.08 -36.64
C ILE A 7 28.90 17.25 -36.47
N GLU A 8 28.39 18.48 -36.52
CA GLU A 8 29.24 19.64 -36.33
C GLU A 8 29.69 19.83 -34.88
N ARG A 9 29.12 19.06 -33.94
CA ARG A 9 29.42 19.20 -32.52
C ARG A 9 29.79 17.84 -31.95
N PRO A 10 31.00 17.35 -32.23
CA PRO A 10 31.39 16.04 -31.70
C PRO A 10 31.43 15.98 -30.19
N ILE A 11 31.79 17.08 -29.53
CA ILE A 11 31.90 17.07 -28.07
C ILE A 11 30.52 16.90 -27.44
N PHE A 12 29.51 17.53 -28.03
CA PHE A 12 28.14 17.37 -27.52
C PHE A 12 27.69 15.93 -27.64
N ALA A 13 27.97 15.29 -28.77
CA ALA A 13 27.57 13.90 -28.96
C ALA A 13 28.31 12.98 -28.00
N SER A 14 29.61 13.22 -27.80
CA SER A 14 30.37 12.40 -26.86
C SER A 14 29.89 12.61 -25.43
N VAL A 15 29.50 13.83 -25.08
CA VAL A 15 28.97 14.10 -23.75
C VAL A 15 27.65 13.35 -23.56
N VAL A 16 26.78 13.36 -24.57
CA VAL A 16 25.54 12.61 -24.48
C VAL A 16 25.83 11.12 -24.33
N ALA A 17 26.80 10.61 -25.08
CA ALA A 17 27.16 9.20 -24.97
C ALA A 17 27.68 8.86 -23.57
N ILE A 18 28.51 9.73 -23.01
CA ILE A 18 29.04 9.48 -21.67
C ILE A 18 27.94 9.56 -20.62
N ILE A 19 26.99 10.49 -20.78
CA ILE A 19 25.86 10.56 -19.86
C ILE A 19 25.04 9.27 -19.92
N ILE A 20 24.79 8.77 -21.13
CA ILE A 20 24.05 7.52 -21.28
C ILE A 20 24.82 6.38 -20.63
N SER A 21 26.14 6.34 -20.82
CA SER A 21 26.94 5.27 -20.24
C SER A 21 26.90 5.31 -18.72
N ILE A 22 27.03 6.51 -18.13
CA ILE A 22 26.99 6.62 -16.67
C ILE A 22 25.62 6.23 -16.14
N ALA A 23 24.55 6.67 -16.81
CA ALA A 23 23.21 6.29 -16.38
C ALA A 23 23.03 4.78 -16.43
N GLY A 24 23.52 4.15 -17.49
CA GLY A 24 23.40 2.70 -17.60
C GLY A 24 24.20 1.97 -16.55
N ILE A 25 25.40 2.47 -16.24
CA ILE A 25 26.21 1.85 -15.19
C ILE A 25 25.48 1.93 -13.85
N ILE A 26 24.92 3.10 -13.54
CA ILE A 26 24.17 3.23 -12.29
C ILE A 26 22.96 2.30 -12.29
N GLY A 27 22.27 2.22 -13.44
CA GLY A 27 21.10 1.36 -13.50
C GLY A 27 21.42 -0.09 -13.26
N LEU A 28 22.44 -0.62 -13.93
CA LEU A 28 22.78 -2.02 -13.73
C LEU A 28 23.39 -2.26 -12.36
N ALA A 29 24.02 -1.23 -11.79
CA ALA A 29 24.47 -1.35 -10.41
C ALA A 29 23.29 -1.50 -9.45
N ASN A 30 22.20 -0.78 -9.73
CA ASN A 30 21.03 -0.88 -8.86
C ASN A 30 20.08 -2.00 -9.30
N LEU A 31 20.35 -2.62 -10.45
CA LEU A 31 19.42 -3.60 -10.98
C LEU A 31 19.46 -4.89 -10.18
N PRO A 32 18.30 -5.40 -9.75
CA PRO A 32 18.28 -6.72 -9.11
C PRO A 32 18.59 -7.83 -10.10
N VAL A 33 19.11 -8.94 -9.58
CA VAL A 33 19.54 -10.08 -10.38
C VAL A 33 18.66 -11.27 -10.03
N GLU A 34 18.02 -11.86 -11.05
CA GLU A 34 17.15 -13.00 -10.86
C GLU A 34 17.25 -13.91 -12.07
N GLN A 35 16.86 -15.18 -11.89
CA GLN A 35 16.91 -16.13 -13.00
C GLN A 35 15.81 -15.86 -14.01
N TYR A 36 14.58 -15.66 -13.54
CA TYR A 36 13.44 -15.39 -14.41
C TYR A 36 12.55 -14.36 -13.74
N PRO A 37 11.77 -13.62 -14.51
CA PRO A 37 10.73 -12.76 -13.91
C PRO A 37 9.71 -13.60 -13.19
N SER A 38 9.17 -13.04 -12.11
CA SER A 38 8.33 -13.78 -11.17
C SER A 38 7.13 -14.42 -11.85
N LEU A 39 7.10 -15.75 -11.87
CA LEU A 39 5.98 -16.52 -12.40
C LEU A 39 5.26 -17.31 -11.32
N THR A 40 5.68 -17.16 -10.06
CA THR A 40 5.12 -17.91 -8.96
C THR A 40 4.07 -17.07 -8.26
N PRO A 41 2.84 -17.57 -8.14
CA PRO A 41 1.81 -16.85 -7.40
C PRO A 41 2.23 -16.63 -5.96
N PRO A 42 1.93 -15.46 -5.39
CA PRO A 42 2.32 -15.22 -3.99
C PRO A 42 1.67 -16.21 -3.06
N THR A 43 2.41 -16.58 -2.01
CA THR A 43 1.93 -17.52 -1.01
C THR A 43 2.00 -16.87 0.36
N VAL A 44 0.98 -17.11 1.17
CA VAL A 44 0.98 -16.76 2.58
C VAL A 44 0.81 -18.05 3.36
N GLN A 45 1.77 -18.39 4.20
CA GLN A 45 1.78 -19.67 4.88
C GLN A 45 1.33 -19.51 6.32
N VAL A 46 0.42 -20.38 6.75
CA VAL A 46 -0.12 -20.37 8.12
C VAL A 46 0.27 -21.68 8.78
N SER A 47 0.83 -21.59 9.99
CA SER A 47 1.25 -22.76 10.74
C SER A 47 0.57 -22.79 12.10
N ALA A 48 0.15 -23.97 12.51
CA ALA A 48 -0.36 -24.20 13.85
C ALA A 48 0.30 -25.45 14.41
N THR A 49 0.37 -25.56 15.73
CA THR A 49 1.03 -26.67 16.39
C THR A 49 0.14 -27.20 17.49
N TYR A 50 -0.46 -28.36 17.26
CA TYR A 50 -1.29 -29.04 18.25
C TYR A 50 -0.56 -30.30 18.70
N THR A 51 0.34 -30.15 19.67
CA THR A 51 1.22 -31.25 20.06
C THR A 51 0.42 -32.42 20.59
N GLY A 52 0.78 -33.61 20.13
CA GLY A 52 0.11 -34.83 20.57
C GLY A 52 -1.33 -34.95 20.14
N ALA A 53 -1.69 -34.41 18.99
CA ALA A 53 -3.02 -34.57 18.42
C ALA A 53 -2.89 -35.19 17.04
N ASP A 54 -3.78 -36.14 16.73
CA ASP A 54 -3.68 -36.90 15.50
C ASP A 54 -3.95 -36.01 14.29
N ALA A 55 -3.81 -36.60 13.10
CA ALA A 55 -4.08 -35.87 11.87
C ALA A 55 -5.55 -35.52 11.75
N GLN A 56 -6.44 -36.45 12.10
CA GLN A 56 -7.87 -36.18 12.00
C GLN A 56 -8.30 -35.10 12.97
N THR A 57 -7.84 -35.18 14.22
CA THR A 57 -8.19 -34.18 15.21
C THR A 57 -7.77 -32.79 14.76
N ILE A 58 -6.55 -32.67 14.25
CA ILE A 58 -6.07 -31.39 13.77
C ILE A 58 -6.88 -30.95 12.56
N ALA A 59 -7.08 -31.83 11.58
CA ALA A 59 -7.77 -31.44 10.36
C ALA A 59 -9.17 -30.94 10.65
N SER A 60 -9.82 -31.49 11.68
CA SER A 60 -11.19 -31.11 11.97
C SER A 60 -11.28 -29.91 12.91
N THR A 61 -10.33 -29.77 13.83
CA THR A 61 -10.48 -28.77 14.89
C THR A 61 -9.66 -27.53 14.64
N VAL A 62 -8.53 -27.65 13.94
CA VAL A 62 -7.62 -26.53 13.72
C VAL A 62 -7.70 -26.09 12.26
N ALA A 63 -7.67 -27.06 11.34
CA ALA A 63 -7.61 -26.72 9.93
C ALA A 63 -8.93 -26.17 9.43
N THR A 64 -10.05 -26.78 9.81
CA THR A 64 -11.35 -26.30 9.32
C THR A 64 -11.69 -24.89 9.77
N PRO A 65 -11.50 -24.47 11.04
CA PRO A 65 -11.80 -23.07 11.37
C PRO A 65 -10.94 -22.08 10.62
N ILE A 66 -9.63 -22.31 10.56
CA ILE A 66 -8.73 -21.36 9.89
C ILE A 66 -9.05 -21.30 8.40
N GLU A 67 -9.24 -22.46 7.77
CA GLU A 67 -9.58 -22.48 6.36
C GLU A 67 -10.89 -21.78 6.10
N ASP A 68 -11.92 -22.03 6.91
CA ASP A 68 -13.19 -21.36 6.75
C ASP A 68 -13.06 -19.86 6.95
N ALA A 69 -12.15 -19.43 7.82
CA ALA A 69 -12.00 -18.00 8.09
C ALA A 69 -11.28 -17.28 6.96
N ILE A 70 -10.28 -17.91 6.33
CA ILE A 70 -9.52 -17.23 5.28
C ILE A 70 -9.98 -17.70 3.91
N ASN A 71 -11.24 -18.09 3.78
CA ASN A 71 -11.72 -18.59 2.49
C ASN A 71 -11.95 -17.48 1.49
N GLY A 72 -12.47 -16.33 1.90
CA GLY A 72 -12.81 -15.32 0.93
C GLY A 72 -11.82 -14.18 0.78
N VAL A 73 -10.52 -14.48 0.90
CA VAL A 73 -9.51 -13.43 0.87
C VAL A 73 -9.45 -12.82 -0.52
N ASP A 74 -9.20 -11.52 -0.58
CA ASP A 74 -9.09 -10.85 -1.86
C ASP A 74 -7.88 -11.35 -2.62
N ASN A 75 -8.07 -11.56 -3.92
CA ASN A 75 -7.05 -12.05 -4.84
C ASN A 75 -6.59 -13.46 -4.52
N MET A 76 -7.21 -14.12 -3.56
CA MET A 76 -6.90 -15.52 -3.30
C MET A 76 -7.31 -16.37 -4.50
N ILE A 77 -6.47 -17.33 -4.87
CA ILE A 77 -6.72 -18.16 -6.04
C ILE A 77 -7.04 -19.61 -5.65
N TYR A 78 -6.36 -20.14 -4.63
CA TYR A 78 -6.70 -21.42 -4.02
C TYR A 78 -5.83 -21.61 -2.79
N MET A 79 -6.28 -22.48 -1.89
CA MET A 79 -5.53 -22.79 -0.68
C MET A 79 -5.62 -24.26 -0.36
N ASP A 80 -4.54 -24.80 0.22
CA ASP A 80 -4.51 -26.18 0.66
C ASP A 80 -3.90 -26.27 2.03
N SER A 81 -4.37 -27.23 2.83
CA SER A 81 -3.90 -27.43 4.19
C SER A 81 -3.43 -28.86 4.36
N THR A 82 -2.36 -29.04 5.14
CA THR A 82 -1.80 -30.36 5.42
C THR A 82 -1.72 -30.52 6.93
N SER A 83 -2.45 -31.49 7.47
CA SER A 83 -2.51 -31.72 8.90
C SER A 83 -1.79 -33.00 9.26
N SER A 84 -0.60 -32.87 9.82
CA SER A 84 0.22 -33.99 10.26
C SER A 84 0.01 -34.16 11.75
N PRO A 85 0.41 -35.30 12.31
CA PRO A 85 0.27 -35.48 13.76
C PRO A 85 1.04 -34.44 14.54
N GLY A 86 0.33 -33.49 15.12
CA GLY A 86 0.94 -32.47 15.95
C GLY A 86 1.19 -31.14 15.28
N GLN A 87 0.83 -30.98 14.01
CA GLN A 87 1.12 -29.74 13.32
C GLN A 87 0.14 -29.56 12.17
N MET A 88 0.04 -28.32 11.70
CA MET A 88 -0.86 -27.94 10.61
C MET A 88 -0.17 -26.91 9.75
N LYS A 89 -0.10 -27.16 8.46
CA LYS A 89 0.48 -26.23 7.48
C LYS A 89 -0.58 -25.86 6.47
N LEU A 90 -0.79 -24.57 6.28
CA LEU A 90 -1.79 -24.06 5.36
C LEU A 90 -1.14 -23.02 4.46
N THR A 91 -1.35 -23.17 3.16
CA THR A 91 -0.82 -22.23 2.18
C THR A 91 -1.97 -21.63 1.40
N VAL A 92 -1.98 -20.30 1.31
CA VAL A 92 -2.97 -19.58 0.52
C VAL A 92 -2.26 -18.93 -0.65
N TYR A 93 -2.59 -19.36 -1.86
CA TYR A 93 -1.98 -18.80 -3.05
C TYR A 93 -2.87 -17.70 -3.59
N PHE A 94 -2.23 -16.68 -4.17
CA PHE A 94 -2.94 -15.50 -4.65
C PHE A 94 -2.65 -15.32 -6.13
N ASN A 95 -3.45 -14.48 -6.78
CA ASN A 95 -3.21 -14.19 -8.18
C ASN A 95 -1.87 -13.51 -8.36
N ILE A 96 -1.21 -13.79 -9.48
CA ILE A 96 0.08 -13.18 -9.75
C ILE A 96 -0.06 -11.67 -9.81
N GLY A 97 0.89 -10.97 -9.20
CA GLY A 97 0.84 -9.53 -9.11
C GLY A 97 0.29 -8.99 -7.81
N THR A 98 -0.27 -9.85 -6.96
CA THR A 98 -0.73 -9.40 -5.66
C THR A 98 0.46 -8.98 -4.81
N ASP A 99 0.33 -7.85 -4.14
CA ASP A 99 1.40 -7.42 -3.26
C ASP A 99 1.42 -8.35 -2.05
N PRO A 100 2.52 -9.07 -1.82
CA PRO A 100 2.52 -10.08 -0.74
C PRO A 100 2.22 -9.49 0.62
N ASP A 101 2.61 -8.24 0.87
CA ASP A 101 2.32 -7.62 2.16
C ASP A 101 0.82 -7.46 2.38
N GLN A 102 0.10 -6.99 1.36
CA GLN A 102 -1.35 -6.89 1.50
C GLN A 102 -1.98 -8.27 1.69
N ALA A 103 -1.45 -9.27 1.00
CA ALA A 103 -1.95 -10.63 1.17
C ALA A 103 -1.78 -11.10 2.61
N ALA A 104 -0.60 -10.86 3.18
CA ALA A 104 -0.35 -11.26 4.56
C ALA A 104 -1.28 -10.54 5.51
N ILE A 105 -1.49 -9.24 5.27
CA ILE A 105 -2.36 -8.47 6.16
C ILE A 105 -3.80 -8.98 6.08
N ASP A 106 -4.27 -9.30 4.87
CA ASP A 106 -5.63 -9.82 4.72
C ASP A 106 -5.77 -11.16 5.43
N VAL A 107 -4.79 -12.04 5.25
CA VAL A 107 -4.86 -13.34 5.90
C VAL A 107 -4.86 -13.18 7.41
N ASN A 108 -4.04 -12.27 7.95
CA ASN A 108 -4.02 -12.05 9.39
C ASN A 108 -5.35 -11.50 9.90
N ASN A 109 -5.93 -10.54 9.16
CA ASN A 109 -7.20 -9.98 9.58
C ASN A 109 -8.28 -11.05 9.63
N ARG A 110 -8.28 -11.96 8.66
CA ARG A 110 -9.31 -12.99 8.65
C ARG A 110 -9.02 -14.08 9.68
N ILE A 111 -7.74 -14.29 9.99
CA ILE A 111 -7.38 -15.33 10.95
C ILE A 111 -7.72 -14.90 12.37
N SER A 112 -7.57 -13.61 12.67
CA SER A 112 -7.72 -13.16 14.06
C SER A 112 -9.07 -13.57 14.66
N ALA A 113 -10.11 -13.66 13.83
CA ALA A 113 -11.43 -14.01 14.34
C ALA A 113 -11.51 -15.47 14.73
N ALA A 114 -10.95 -16.36 13.90
CA ALA A 114 -11.04 -17.79 14.14
C ALA A 114 -10.09 -18.29 15.22
N THR A 115 -9.02 -17.54 15.52
CA THR A 115 -8.05 -18.01 16.50
C THR A 115 -8.67 -18.12 17.89
N ALA A 116 -9.70 -17.33 18.16
CA ALA A 116 -10.41 -17.48 19.43
C ALA A 116 -11.10 -18.84 19.51
N LYS A 117 -11.57 -19.36 18.36
CA LYS A 117 -12.29 -20.63 18.37
C LYS A 117 -11.35 -21.81 18.54
N LEU A 118 -10.07 -21.62 18.27
CA LEU A 118 -9.13 -22.74 18.27
C LEU A 118 -9.00 -23.30 19.68
N PRO A 119 -8.59 -24.56 19.83
CA PRO A 119 -8.39 -25.11 21.16
C PRO A 119 -7.34 -24.33 21.93
N GLU A 120 -7.35 -24.50 23.25
CA GLU A 120 -6.46 -23.72 24.10
C GLU A 120 -5.00 -24.00 23.79
N ALA A 121 -4.65 -25.27 23.56
CA ALA A 121 -3.25 -25.61 23.30
C ALA A 121 -2.78 -25.03 21.98
N VAL A 122 -3.61 -25.08 20.94
CA VAL A 122 -3.22 -24.58 19.63
C VAL A 122 -2.92 -23.10 19.70
N LYS A 123 -3.78 -22.33 20.34
CA LYS A 123 -3.56 -20.88 20.44
C LYS A 123 -2.43 -20.59 21.41
N LYS A 124 -2.21 -21.47 22.40
CA LYS A 124 -1.11 -21.27 23.32
C LYS A 124 0.23 -21.33 22.59
N LEU A 125 0.39 -22.32 21.71
CA LEU A 125 1.60 -22.37 20.91
C LEU A 125 1.68 -21.24 19.90
N GLY A 126 0.56 -20.65 19.52
CA GLY A 126 0.55 -19.56 18.55
C GLY A 126 0.26 -20.03 17.14
N VAL A 127 -0.28 -19.12 16.35
CA VAL A 127 -0.57 -19.35 14.94
C VAL A 127 0.21 -18.33 14.12
N THR A 128 1.24 -18.80 13.43
CA THR A 128 2.19 -17.93 12.76
C THR A 128 1.82 -17.81 11.29
N VAL A 129 1.73 -16.58 10.80
CA VAL A 129 1.43 -16.28 9.40
C VAL A 129 2.67 -15.64 8.79
N ARG A 130 3.23 -16.28 7.77
CA ARG A 130 4.44 -15.80 7.14
C ARG A 130 4.27 -15.77 5.63
N LYS A 131 4.89 -14.79 4.99
CA LYS A 131 4.90 -14.68 3.53
C LYS A 131 6.01 -15.54 2.97
N SER A 132 6.01 -16.81 3.37
CA SER A 132 7.08 -17.72 3.03
C SER A 132 6.66 -18.61 1.88
N SER A 133 7.56 -18.75 0.90
CA SER A 133 7.26 -19.56 -0.28
C SER A 133 7.27 -21.05 0.01
N SER A 134 7.72 -21.45 1.21
CA SER A 134 7.80 -22.84 1.65
C SER A 134 8.70 -23.69 0.77
N THR A 135 9.53 -23.07 -0.07
CA THR A 135 10.56 -23.75 -0.83
C THR A 135 11.91 -23.32 -0.30
N ILE A 136 12.81 -24.28 -0.13
CA ILE A 136 14.11 -23.98 0.47
C ILE A 136 14.91 -23.09 -0.47
N LEU A 137 15.27 -21.91 0.01
CA LEU A 137 16.20 -21.07 -0.74
C LEU A 137 17.59 -21.67 -0.68
N GLU A 138 18.09 -21.91 0.53
CA GLU A 138 19.40 -22.52 0.71
C GLU A 138 19.45 -23.14 2.09
N VAL A 139 20.33 -24.13 2.24
CA VAL A 139 20.54 -24.82 3.50
C VAL A 139 21.93 -24.49 4.00
N VAL A 140 22.03 -24.05 5.25
CA VAL A 140 23.30 -23.81 5.92
C VAL A 140 23.45 -24.83 7.02
N SER A 141 24.51 -25.62 6.96
CA SER A 141 24.77 -26.68 7.92
C SER A 141 25.82 -26.21 8.89
N VAL A 142 25.46 -26.10 10.16
CA VAL A 142 26.41 -25.80 11.22
C VAL A 142 26.76 -27.10 11.92
N TYR A 143 28.05 -27.41 11.97
CA TYR A 143 28.54 -28.68 12.51
C TYR A 143 29.74 -28.43 13.39
N SER A 144 30.00 -29.37 14.29
CA SER A 144 31.16 -29.30 15.17
C SER A 144 32.23 -30.26 14.63
N GLU A 145 33.36 -29.69 14.20
CA GLU A 145 34.46 -30.52 13.72
C GLU A 145 35.07 -31.33 14.85
N ASP A 146 35.15 -30.75 16.05
CA ASP A 146 35.68 -31.50 17.19
C ASP A 146 34.79 -32.66 17.59
N SER A 147 33.53 -32.66 17.16
CA SER A 147 32.49 -33.61 17.57
C SER A 147 32.23 -33.55 19.07
N SER A 148 32.77 -32.54 19.77
CA SER A 148 32.55 -32.43 21.20
C SER A 148 31.11 -32.03 21.52
N MET A 149 30.60 -31.02 20.81
CA MET A 149 29.26 -30.54 21.08
C MET A 149 28.23 -31.49 20.47
N ASN A 150 27.35 -32.00 21.32
CA ASN A 150 26.30 -32.90 20.87
C ASN A 150 25.30 -32.15 19.99
N ASP A 151 24.35 -32.91 19.44
CA ASP A 151 23.38 -32.30 18.54
C ASP A 151 22.53 -31.25 19.24
N ILE A 152 22.13 -31.51 20.49
CA ILE A 152 21.32 -30.56 21.22
C ILE A 152 22.05 -29.25 21.44
N ASP A 153 23.32 -29.30 21.83
CA ASP A 153 24.07 -28.08 22.06
C ASP A 153 24.27 -27.27 20.80
N ILE A 154 24.58 -27.93 19.67
CA ILE A 154 24.73 -27.21 18.41
C ILE A 154 23.41 -26.57 18.00
N TYR A 155 22.31 -27.32 18.12
CA TYR A 155 21.02 -26.76 17.75
C TYR A 155 20.68 -25.55 18.60
N ASN A 156 20.90 -25.65 19.90
CA ASN A 156 20.56 -24.52 20.76
C ASN A 156 21.47 -23.34 20.50
N TYR A 157 22.74 -23.57 20.15
CA TYR A 157 23.61 -22.46 19.79
C TYR A 157 23.11 -21.76 18.55
N VAL A 158 22.81 -22.51 17.48
CA VAL A 158 22.34 -21.87 16.25
C VAL A 158 20.98 -21.25 16.42
N SER A 159 20.18 -21.72 17.37
CA SER A 159 18.89 -21.12 17.65
C SER A 159 19.05 -19.80 18.41
N LEU A 160 19.95 -19.77 19.39
CA LEU A 160 20.11 -18.57 20.19
C LEU A 160 20.84 -17.47 19.43
N ASN A 161 21.90 -17.82 18.70
CA ASN A 161 22.72 -16.78 18.10
C ASN A 161 22.44 -16.60 16.61
N ILE A 162 22.57 -17.68 15.84
CA ILE A 162 22.58 -17.56 14.38
C ILE A 162 21.19 -17.21 13.85
N LEU A 163 20.16 -17.87 14.36
CA LEU A 163 18.84 -17.75 13.76
C LEU A 163 18.24 -16.37 13.95
N ASP A 164 18.44 -15.77 15.13
CA ASP A 164 17.92 -14.44 15.37
C ASP A 164 18.55 -13.41 14.44
N GLU A 165 19.85 -13.53 14.21
CA GLU A 165 20.52 -12.64 13.25
C GLU A 165 20.01 -12.90 11.84
N LEU A 166 19.80 -14.16 11.49
CA LEU A 166 19.40 -14.49 10.12
C LEU A 166 17.98 -14.01 9.82
N LYS A 167 17.10 -14.02 10.82
CA LYS A 167 15.74 -13.56 10.58
C LYS A 167 15.67 -12.06 10.35
N ARG A 168 16.69 -11.31 10.80
CA ARG A 168 16.69 -9.87 10.58
C ARG A 168 17.22 -9.53 9.19
N ILE A 169 17.71 -10.52 8.44
CA ILE A 169 18.17 -10.27 7.08
C ILE A 169 16.97 -9.96 6.19
N PRO A 170 16.94 -8.82 5.51
CA PRO A 170 15.82 -8.55 4.60
C PRO A 170 15.77 -9.55 3.47
N GLY A 171 14.56 -10.06 3.19
CA GLY A 171 14.37 -11.11 2.23
C GLY A 171 14.34 -12.52 2.78
N VAL A 172 14.45 -12.68 4.10
CA VAL A 172 14.38 -13.98 4.75
C VAL A 172 12.98 -14.11 5.35
N GLY A 173 12.10 -14.82 4.65
CA GLY A 173 10.74 -15.00 5.15
C GLY A 173 10.69 -15.83 6.42
N ASP A 174 11.46 -16.91 6.46
CA ASP A 174 11.52 -17.77 7.63
C ASP A 174 12.82 -18.56 7.60
N ALA A 175 13.49 -18.65 8.74
CA ALA A 175 14.75 -19.36 8.85
C ALA A 175 14.66 -20.26 10.08
N SER A 176 14.65 -21.57 9.86
CA SER A 176 14.49 -22.52 10.94
C SER A 176 15.50 -23.64 10.77
N ALA A 177 15.75 -24.35 11.86
CA ALA A 177 16.62 -25.51 11.84
C ALA A 177 15.81 -26.78 12.04
N ILE A 178 16.24 -27.85 11.38
CA ILE A 178 15.43 -29.06 11.29
C ILE A 178 15.33 -29.81 12.61
N GLY A 179 16.30 -29.64 13.52
CA GLY A 179 16.35 -30.49 14.69
C GLY A 179 15.14 -30.34 15.60
N ASN A 180 14.66 -29.10 15.78
CA ASN A 180 13.64 -28.78 16.78
C ASN A 180 14.06 -29.26 18.15
N LYS A 181 15.33 -29.08 18.48
CA LYS A 181 15.90 -29.63 19.70
C LYS A 181 16.20 -28.53 20.72
N ASN A 182 15.32 -27.55 20.82
CA ASN A 182 15.48 -26.52 21.85
C ASN A 182 15.50 -27.17 23.22
N TYR A 183 16.33 -26.62 24.10
CA TYR A 183 16.40 -27.11 25.47
C TYR A 183 15.01 -27.11 26.10
N SER A 184 14.77 -28.10 26.95
CA SER A 184 13.55 -28.14 27.74
C SER A 184 13.79 -29.04 28.93
N MET A 185 13.25 -28.64 30.08
CA MET A 185 13.37 -29.42 31.30
C MET A 185 12.46 -30.64 31.19
N ARG A 186 12.99 -31.72 30.63
CA ARG A 186 12.22 -32.93 30.43
C ARG A 186 12.07 -33.65 31.76
N ILE A 187 10.82 -33.99 32.10
CA ILE A 187 10.52 -34.77 33.29
C ILE A 187 10.01 -36.13 32.83
N TRP A 188 10.77 -37.17 33.14
CA TRP A 188 10.49 -38.51 32.66
C TRP A 188 9.79 -39.29 33.76
N LEU A 189 8.46 -39.35 33.69
CA LEU A 189 7.69 -40.06 34.71
C LEU A 189 7.97 -41.55 34.63
N GLU A 190 7.91 -42.22 35.78
CA GLU A 190 8.04 -43.66 35.84
C GLU A 190 6.73 -44.25 36.35
N PRO A 191 5.88 -44.80 35.47
CA PRO A 191 4.53 -45.18 35.88
C PRO A 191 4.47 -46.20 37.01
N ASP A 192 5.42 -47.12 37.11
CA ASP A 192 5.41 -48.03 38.26
C ASP A 192 5.62 -47.29 39.57
N LEU A 193 6.53 -46.33 39.62
CA LEU A 193 6.70 -45.51 40.83
C LEU A 193 5.52 -44.60 41.09
N LEU A 194 4.91 -44.05 40.03
CA LEU A 194 3.70 -43.27 40.21
C LEU A 194 2.63 -44.10 40.88
N ASN A 195 2.43 -45.33 40.40
CA ASN A 195 1.43 -46.21 41.01
C ASN A 195 1.82 -46.59 42.43
N LYS A 196 3.12 -46.83 42.68
CA LYS A 196 3.56 -47.23 44.01
C LYS A 196 3.27 -46.14 45.04
N PHE A 197 3.68 -44.91 44.76
CA PHE A 197 3.47 -43.84 45.74
C PHE A 197 2.04 -43.33 45.71
N GLY A 198 1.30 -43.61 44.65
CA GLY A 198 -0.09 -43.23 44.58
C GLY A 198 -0.38 -41.92 43.89
N VAL A 199 0.62 -41.27 43.29
CA VAL A 199 0.37 -40.05 42.56
C VAL A 199 0.06 -40.39 41.10
N THR A 200 -0.53 -39.42 40.40
CA THR A 200 -0.84 -39.54 38.99
C THR A 200 -0.10 -38.49 38.19
N ALA A 201 -0.19 -38.59 36.87
CA ALA A 201 0.45 -37.60 36.01
C ALA A 201 -0.17 -36.22 36.19
N ASN A 202 -1.48 -36.16 36.43
CA ASN A 202 -2.14 -34.88 36.67
C ASN A 202 -1.61 -34.18 37.91
N ASP A 203 -1.28 -34.93 38.97
CA ASP A 203 -0.71 -34.30 40.15
C ASP A 203 0.62 -33.64 39.85
N VAL A 204 1.47 -34.32 39.08
CA VAL A 204 2.75 -33.74 38.70
C VAL A 204 2.55 -32.53 37.81
N ILE A 205 1.58 -32.59 36.90
CA ILE A 205 1.27 -31.44 36.06
C ILE A 205 0.90 -30.24 36.92
N ASN A 206 -0.01 -30.45 37.88
CA ASN A 206 -0.45 -29.35 38.73
C ASN A 206 0.70 -28.82 39.57
N ALA A 207 1.53 -29.71 40.13
CA ALA A 207 2.64 -29.26 40.95
C ALA A 207 3.62 -28.42 40.16
N VAL A 208 3.95 -28.84 38.94
CA VAL A 208 4.87 -28.07 38.12
C VAL A 208 4.26 -26.74 37.73
N ASN A 209 2.97 -26.75 37.36
CA ASN A 209 2.33 -25.52 36.93
C ASN A 209 2.17 -24.54 38.09
N ASP A 210 2.14 -25.05 39.31
CA ASP A 210 1.93 -24.17 40.47
C ASP A 210 3.26 -23.67 41.03
N GLN A 211 4.27 -24.52 41.10
CA GLN A 211 5.52 -24.20 41.80
C GLN A 211 6.63 -23.78 40.85
N ASN A 212 6.33 -23.60 39.56
CA ASN A 212 7.31 -23.14 38.60
C ASN A 212 6.80 -21.97 37.80
N ALA A 213 6.16 -21.01 38.44
CA ALA A 213 5.66 -19.81 37.79
C ALA A 213 6.06 -18.60 38.60
N GLN A 214 6.28 -17.47 37.93
CA GLN A 214 6.57 -16.22 38.61
C GLN A 214 5.30 -15.40 38.69
N TYR A 215 5.00 -14.88 39.88
CA TYR A 215 3.79 -14.13 40.11
C TYR A 215 4.12 -12.66 40.37
N ALA A 216 3.10 -11.86 40.66
CA ALA A 216 3.23 -10.42 40.80
C ALA A 216 3.21 -10.07 42.28
N THR A 217 4.19 -9.27 42.72
CA THR A 217 4.30 -8.82 44.10
C THR A 217 4.52 -7.32 44.10
N GLY A 218 3.67 -6.60 44.83
CA GLY A 218 3.69 -5.15 44.79
C GLY A 218 4.90 -4.55 45.47
N LYS A 219 4.91 -3.23 45.52
CA LYS A 219 5.98 -2.49 46.17
C LYS A 219 5.58 -2.13 47.60
N ILE A 220 6.58 -2.01 48.46
CA ILE A 220 6.37 -1.65 49.86
C ILE A 220 6.53 -0.14 49.98
N GLY A 221 5.57 0.49 50.65
CA GLY A 221 5.65 1.92 50.88
C GLY A 221 5.23 2.78 49.71
N GLU A 222 4.18 2.38 49.00
CA GLU A 222 3.69 3.12 47.85
C GLU A 222 2.43 3.89 48.23
N GLU A 223 2.19 4.99 47.51
CA GLU A 223 1.05 5.86 47.78
C GLU A 223 -0.26 5.16 47.41
N PRO A 224 -1.36 5.49 48.08
CA PRO A 224 -1.54 6.51 49.12
C PRO A 224 -1.35 5.96 50.52
N VAL A 225 -0.45 6.57 51.29
CA VAL A 225 -0.17 6.15 52.66
C VAL A 225 -0.11 7.39 53.54
N VAL A 226 -0.80 7.33 54.69
CA VAL A 226 -0.84 8.49 55.57
C VAL A 226 0.51 8.71 56.24
N ASN A 227 1.18 7.64 56.65
CA ASN A 227 2.50 7.73 57.28
C ASN A 227 3.56 7.62 56.19
N LYS A 228 4.02 8.76 55.69
CA LYS A 228 4.97 8.76 54.59
C LYS A 228 6.26 8.06 54.98
N SER A 229 6.73 7.18 54.11
CA SER A 229 7.94 6.41 54.33
C SER A 229 9.08 6.98 53.50
N PRO A 230 10.33 6.87 53.99
CA PRO A 230 11.45 7.47 53.25
C PRO A 230 11.65 6.91 51.85
N GLN A 231 11.37 5.63 51.63
CA GLN A 231 11.73 4.98 50.38
C GLN A 231 10.61 4.11 49.85
N VAL A 232 10.63 3.87 48.54
CA VAL A 232 9.72 2.94 47.88
C VAL A 232 10.54 1.74 47.43
N ILE A 233 10.20 0.57 47.95
CA ILE A 233 11.02 -0.63 47.75
C ILE A 233 10.17 -1.68 47.03
N SER A 234 10.73 -2.28 45.99
CA SER A 234 10.02 -3.24 45.16
C SER A 234 10.28 -4.65 45.66
N ILE A 235 9.23 -5.47 45.68
CA ILE A 235 9.38 -6.86 46.11
C ILE A 235 9.71 -7.74 44.91
N THR A 236 10.78 -8.51 45.03
CA THR A 236 11.28 -9.35 43.96
C THR A 236 11.24 -10.81 44.40
N MET A 237 10.67 -11.66 43.55
CA MET A 237 10.58 -13.08 43.84
C MET A 237 11.09 -13.89 42.65
N GLN A 238 11.64 -15.07 42.95
CA GLN A 238 12.13 -15.99 41.93
C GLN A 238 11.40 -17.31 42.13
N GLY A 239 10.23 -17.43 41.50
CA GLY A 239 9.43 -18.64 41.64
C GLY A 239 9.68 -19.68 40.58
N ARG A 240 10.45 -19.37 39.54
CA ARG A 240 10.72 -20.31 38.47
C ARG A 240 12.03 -21.02 38.76
N LEU A 241 11.98 -22.35 38.85
CA LEU A 241 13.17 -23.13 39.13
C LEU A 241 14.09 -23.15 37.91
N GLN A 242 15.39 -23.27 38.15
CA GLN A 242 16.34 -23.12 37.06
C GLN A 242 17.08 -24.41 36.74
N THR A 243 17.34 -25.22 37.73
CA THR A 243 18.15 -26.42 37.49
C THR A 243 17.32 -27.68 37.60
N PRO A 244 17.72 -28.77 36.96
CA PRO A 244 17.01 -30.04 37.17
C PRO A 244 17.00 -30.49 38.61
N GLN A 245 18.06 -30.22 39.36
CA GLN A 245 18.07 -30.54 40.78
C GLN A 245 17.04 -29.72 41.55
N GLU A 246 16.56 -28.61 40.97
CA GLU A 246 15.48 -27.84 41.58
C GLU A 246 14.11 -28.37 41.21
N PHE A 247 13.92 -28.83 39.97
CA PHE A 247 12.65 -29.46 39.61
C PHE A 247 12.47 -30.80 40.31
N GLU A 248 13.57 -31.47 40.66
CA GLU A 248 13.45 -32.70 41.42
C GLU A 248 12.87 -32.46 42.81
N ASN A 249 12.96 -31.22 43.32
CA ASN A 249 12.49 -30.93 44.66
C ASN A 249 11.03 -30.48 44.70
N ILE A 250 10.33 -30.51 43.56
CA ILE A 250 8.93 -30.09 43.55
C ILE A 250 8.11 -31.05 44.39
N ILE A 251 7.32 -30.51 45.31
CA ILE A 251 6.67 -31.31 46.35
C ILE A 251 5.28 -31.69 45.87
N LEU A 252 5.09 -32.97 45.54
CA LEU A 252 3.79 -33.45 45.09
C LEU A 252 2.81 -33.55 46.25
N ARG A 253 3.26 -34.10 47.37
CA ARG A 253 2.36 -34.39 48.49
C ARG A 253 3.15 -34.39 49.78
N VAL A 254 2.48 -34.00 50.87
CA VAL A 254 3.05 -34.05 52.21
C VAL A 254 2.48 -35.28 52.92
N ASN A 255 3.34 -36.23 53.23
CA ASN A 255 2.89 -37.41 53.92
C ASN A 255 2.51 -37.06 55.36
N GLU A 256 1.67 -37.91 55.97
CA GLU A 256 1.28 -37.70 57.35
C GLU A 256 2.47 -37.76 58.29
N ASP A 257 3.56 -38.42 57.89
CA ASP A 257 4.79 -38.47 58.67
C ASP A 257 5.61 -37.22 58.53
N LYS A 258 5.04 -36.13 58.01
CA LYS A 258 5.74 -34.86 57.78
C LYS A 258 6.84 -35.01 56.74
N SER A 259 7.00 -36.21 56.19
CA SER A 259 7.95 -36.43 55.12
C SER A 259 7.34 -36.01 53.79
N PHE A 260 8.17 -35.45 52.91
CA PHE A 260 7.71 -34.87 51.66
C PHE A 260 7.90 -35.86 50.53
N LEU A 261 6.88 -36.02 49.70
CA LEU A 261 7.04 -36.69 48.42
C LEU A 261 7.39 -35.68 47.35
N ARG A 262 8.34 -36.04 46.49
CA ARG A 262 8.85 -35.11 45.50
C ARG A 262 8.94 -35.79 44.15
N ILE A 263 9.14 -34.97 43.11
CA ILE A 263 9.21 -35.48 41.75
C ILE A 263 10.37 -36.46 41.61
N LYS A 264 11.45 -36.23 42.36
CA LYS A 264 12.60 -37.13 42.29
C LYS A 264 12.21 -38.55 42.67
N ASP A 265 11.15 -38.71 43.44
CA ASP A 265 10.75 -40.04 43.88
C ASP A 265 9.90 -40.75 42.82
N VAL A 266 9.27 -39.99 41.93
CA VAL A 266 8.39 -40.58 40.92
C VAL A 266 8.87 -40.37 39.50
N ALA A 267 9.94 -39.61 39.28
CA ALA A 267 10.39 -39.32 37.92
C ALA A 267 11.86 -38.93 37.95
N LYS A 268 12.45 -38.90 36.77
CA LYS A 268 13.82 -38.43 36.56
C LYS A 268 13.78 -37.15 35.76
N VAL A 269 14.40 -36.10 36.28
CA VAL A 269 14.38 -34.78 35.66
C VAL A 269 15.74 -34.52 35.04
N GLU A 270 15.74 -34.08 33.78
CA GLU A 270 16.96 -33.80 33.06
C GLU A 270 16.67 -32.78 31.97
N ILE A 271 17.71 -32.12 31.52
CA ILE A 271 17.59 -31.16 30.42
C ILE A 271 17.78 -31.90 29.11
N GLY A 272 16.78 -31.82 28.24
CA GLY A 272 16.84 -32.55 26.99
C GLY A 272 16.19 -31.74 25.90
N ALA A 273 16.21 -32.30 24.70
CA ALA A 273 15.61 -31.62 23.57
C ALA A 273 14.10 -31.57 23.72
N GLU A 274 13.49 -30.55 23.12
CA GLU A 274 12.04 -30.47 23.09
C GLU A 274 11.44 -31.62 22.30
N GLN A 275 12.05 -31.96 21.16
CA GLN A 275 11.60 -33.06 20.31
C GLN A 275 12.79 -33.95 19.96
N TYR A 276 12.51 -35.22 19.70
CA TYR A 276 13.55 -36.19 19.40
C TYR A 276 13.30 -36.90 18.07
N ASN A 277 12.40 -36.37 17.25
CA ASN A 277 11.96 -37.09 16.06
C ASN A 277 12.64 -36.62 14.78
N SER A 278 13.67 -35.80 14.85
CA SER A 278 14.37 -35.33 13.67
C SER A 278 15.84 -35.10 13.98
N THR A 279 16.67 -35.23 12.94
CA THR A 279 18.10 -34.97 13.03
C THR A 279 18.59 -34.42 11.71
N GLY A 280 19.79 -33.88 11.73
CA GLY A 280 20.43 -33.40 10.51
C GLY A 280 21.84 -33.95 10.41
N ARG A 281 22.27 -34.20 9.18
CA ARG A 281 23.60 -34.74 8.92
C ARG A 281 24.26 -33.93 7.82
N LEU A 282 25.54 -33.63 8.00
CA LEU A 282 26.39 -33.09 6.94
C LEU A 282 27.42 -34.16 6.64
N ASN A 283 27.27 -34.84 5.49
CA ASN A 283 28.05 -36.03 5.20
C ASN A 283 27.88 -37.02 6.34
N THR A 284 28.98 -37.65 6.77
CA THR A 284 28.90 -38.54 7.92
C THR A 284 28.67 -37.76 9.21
N SER A 285 29.23 -36.56 9.29
CA SER A 285 29.22 -35.79 10.53
C SER A 285 27.83 -35.21 10.81
N ALA A 286 27.52 -35.06 12.10
CA ALA A 286 26.24 -34.51 12.52
C ALA A 286 26.24 -32.99 12.44
N ALA A 287 25.10 -32.42 12.07
CA ALA A 287 24.98 -30.98 11.90
C ALA A 287 23.52 -30.59 12.02
N VAL A 288 23.28 -29.31 12.17
CA VAL A 288 21.92 -28.75 12.16
C VAL A 288 21.75 -27.96 10.88
N PRO A 289 20.86 -28.35 9.99
CA PRO A 289 20.67 -27.61 8.74
C PRO A 289 19.72 -26.44 8.91
N ILE A 290 20.20 -25.23 8.64
CA ILE A 290 19.36 -24.04 8.69
C ILE A 290 18.75 -23.84 7.31
N ILE A 291 17.51 -24.27 7.14
CA ILE A 291 16.80 -24.11 5.87
C ILE A 291 16.21 -22.71 5.84
N ILE A 292 16.50 -21.96 4.78
CA ILE A 292 16.04 -20.59 4.64
C ILE A 292 14.95 -20.56 3.57
N ASN A 293 13.81 -20.00 3.92
CA ASN A 293 12.70 -19.83 2.98
C ASN A 293 12.71 -18.40 2.46
N LEU A 294 12.48 -18.25 1.17
CA LEU A 294 12.48 -16.92 0.57
C LEU A 294 11.13 -16.25 0.77
N GLN A 295 11.14 -15.05 1.35
CA GLN A 295 9.92 -14.28 1.50
C GLN A 295 9.37 -13.91 0.13
N SER A 296 8.04 -13.91 0.00
CA SER A 296 7.42 -13.64 -1.28
C SER A 296 7.75 -12.23 -1.75
N GLY A 297 8.14 -12.13 -3.02
CA GLY A 297 8.50 -10.85 -3.60
C GLY A 297 9.88 -10.34 -3.23
N ALA A 298 10.75 -11.20 -2.73
CA ALA A 298 12.11 -10.82 -2.36
C ALA A 298 13.08 -11.50 -3.30
N ASN A 299 14.15 -10.77 -3.67
CA ASN A 299 15.11 -11.30 -4.62
C ASN A 299 15.89 -12.45 -3.99
N ALA A 300 16.06 -13.53 -4.76
CA ALA A 300 16.80 -14.69 -4.25
C ALA A 300 18.28 -14.42 -4.15
N VAL A 301 18.86 -13.82 -5.20
CA VAL A 301 20.31 -13.61 -5.25
C VAL A 301 20.75 -12.64 -4.17
N ASN A 302 20.03 -11.53 -4.01
CA ASN A 302 20.39 -10.54 -3.00
C ASN A 302 20.27 -11.14 -1.60
N THR A 303 19.19 -11.89 -1.35
CA THR A 303 19.01 -12.51 -0.05
C THR A 303 20.12 -13.52 0.25
N ALA A 304 20.52 -14.32 -0.75
CA ALA A 304 21.60 -15.26 -0.54
C ALA A 304 22.93 -14.56 -0.27
N LYS A 305 23.20 -13.46 -0.97
CA LYS A 305 24.41 -12.69 -0.69
C LYS A 305 24.41 -12.14 0.73
N LEU A 306 23.27 -11.59 1.16
CA LEU A 306 23.18 -11.07 2.53
C LEU A 306 23.36 -12.17 3.55
N ILE A 307 22.80 -13.36 3.28
CA ILE A 307 22.94 -14.47 4.22
C ILE A 307 24.39 -14.92 4.32
N ASN A 308 25.09 -15.00 3.19
CA ASN A 308 26.50 -15.38 3.24
C ASN A 308 27.31 -14.35 4.03
N GLU A 309 27.05 -13.06 3.80
CA GLU A 309 27.75 -12.03 4.55
C GLU A 309 27.49 -12.16 6.05
N LYS A 310 26.22 -12.34 6.44
CA LYS A 310 25.89 -12.44 7.85
C LYS A 310 26.50 -13.68 8.48
N MET A 311 26.53 -14.79 7.74
CA MET A 311 27.12 -16.00 8.29
C MET A 311 28.62 -15.86 8.48
N GLN A 312 29.31 -15.19 7.56
CA GLN A 312 30.72 -14.89 7.81
C GLN A 312 30.87 -14.02 9.06
N GLU A 313 30.03 -13.01 9.19
CA GLU A 313 30.10 -12.11 10.34
C GLU A 313 29.93 -12.88 11.64
N LEU A 314 28.99 -13.83 11.67
CA LEU A 314 28.78 -14.61 12.89
C LEU A 314 29.92 -15.60 13.12
N SER A 315 30.45 -16.17 12.03
CA SER A 315 31.57 -17.10 12.18
C SER A 315 32.79 -16.40 12.75
N LYS A 316 32.88 -15.09 12.60
CA LYS A 316 33.95 -14.33 13.26
C LYS A 316 33.92 -14.53 14.77
N ASN A 317 32.75 -14.84 15.33
CA ASN A 317 32.57 -14.99 16.76
C ASN A 317 32.15 -16.40 17.19
N PHE A 318 32.35 -17.40 16.33
CA PHE A 318 31.95 -18.75 16.68
C PHE A 318 32.80 -19.26 17.85
N PRO A 319 32.25 -20.11 18.71
CA PRO A 319 33.10 -20.84 19.66
C PRO A 319 33.94 -21.87 18.93
N GLN A 320 35.02 -22.27 19.58
CA GLN A 320 35.95 -23.20 18.97
C GLN A 320 35.27 -24.51 18.63
N GLY A 321 35.60 -25.05 17.45
CA GLY A 321 35.04 -26.30 16.97
C GLY A 321 33.83 -26.18 16.10
N LEU A 322 33.26 -24.99 15.94
CA LEU A 322 32.04 -24.81 15.16
C LEU A 322 32.38 -24.24 13.79
N LYS A 323 31.91 -24.91 12.74
CA LYS A 323 32.10 -24.49 11.37
C LYS A 323 30.79 -24.60 10.62
N TYR A 324 30.65 -23.80 9.56
CA TYR A 324 29.48 -23.85 8.69
C TYR A 324 29.94 -24.01 7.25
N GLN A 325 29.13 -24.66 6.43
CA GLN A 325 29.56 -25.00 5.08
C GLN A 325 28.66 -24.44 3.97
N ILE A 326 27.37 -24.28 4.22
CA ILE A 326 26.40 -23.84 3.21
C ILE A 326 26.47 -24.75 1.99
N PRO A 327 26.08 -26.02 2.11
CA PRO A 327 26.23 -26.93 0.97
C PRO A 327 25.31 -26.63 -0.20
N TYR A 328 24.01 -26.53 0.06
CA TYR A 328 23.01 -26.42 -1.00
C TYR A 328 22.58 -24.97 -1.11
N ASP A 329 23.02 -24.31 -2.18
CA ASP A 329 22.71 -22.91 -2.42
C ASP A 329 22.07 -22.80 -3.80
N THR A 330 20.81 -22.38 -3.84
CA THR A 330 20.09 -22.30 -5.10
C THR A 330 20.69 -21.24 -6.02
N THR A 331 21.14 -20.12 -5.45
CA THR A 331 21.54 -18.99 -6.27
C THR A 331 22.90 -19.19 -6.94
N ILE A 332 23.66 -20.22 -6.57
CA ILE A 332 24.94 -20.45 -7.21
C ILE A 332 24.75 -20.76 -8.70
N PHE A 333 23.77 -21.61 -9.02
CA PHE A 333 23.51 -21.95 -10.41
C PHE A 333 23.06 -20.72 -11.19
N VAL A 334 22.22 -19.88 -10.59
CA VAL A 334 21.77 -18.67 -11.28
C VAL A 334 22.93 -17.73 -11.54
N LYS A 335 23.81 -17.54 -10.56
CA LYS A 335 24.97 -16.68 -10.75
C LYS A 335 25.90 -17.23 -11.83
N ALA A 336 26.10 -18.54 -11.85
CA ALA A 336 26.93 -19.16 -12.88
C ALA A 336 26.32 -18.95 -14.26
N SER A 337 25.00 -19.11 -14.37
CA SER A 337 24.34 -18.89 -15.65
C SER A 337 24.48 -17.45 -16.11
N ILE A 338 24.34 -16.49 -15.19
CA ILE A 338 24.50 -15.09 -15.54
C ILE A 338 25.92 -14.81 -16.02
N LYS A 339 26.91 -15.38 -15.33
CA LYS A 339 28.30 -15.21 -15.76
C LYS A 339 28.51 -15.81 -17.14
N GLU A 340 27.92 -16.98 -17.41
CA GLU A 340 28.04 -17.58 -18.73
C GLU A 340 27.45 -16.70 -19.81
N VAL A 341 26.29 -16.11 -19.54
CA VAL A 341 25.66 -15.22 -20.52
C VAL A 341 26.54 -14.00 -20.76
N ILE A 342 27.12 -13.45 -19.70
CA ILE A 342 28.00 -12.30 -19.87
C ILE A 342 29.23 -12.68 -20.69
N LYS A 343 29.79 -13.86 -20.44
CA LYS A 343 30.94 -14.32 -21.22
C LYS A 343 30.57 -14.50 -22.68
N THR A 344 29.38 -15.04 -22.95
CA THR A 344 28.92 -15.18 -24.33
C THR A 344 28.78 -13.82 -24.99
N PHE A 345 28.27 -12.84 -24.25
CA PHE A 345 28.19 -11.47 -24.77
C PHE A 345 29.57 -10.93 -25.11
N VAL A 346 30.55 -11.18 -24.23
CA VAL A 346 31.91 -10.70 -24.47
C VAL A 346 32.49 -11.33 -25.72
N GLU A 347 32.35 -12.65 -25.86
CA GLU A 347 32.88 -13.33 -27.03
C GLU A 347 32.19 -12.86 -28.30
N ALA A 348 30.87 -12.65 -28.24
CA ALA A 348 30.14 -12.15 -29.40
C ALA A 348 30.63 -10.76 -29.80
N LEU A 349 30.84 -9.88 -28.82
CA LEU A 349 31.33 -8.55 -29.14
C LEU A 349 32.71 -8.61 -29.77
N ALA A 350 33.61 -9.45 -29.24
CA ALA A 350 34.94 -9.55 -29.81
C ALA A 350 34.90 -10.09 -31.23
N LEU A 351 34.10 -11.14 -31.46
CA LEU A 351 34.05 -11.71 -32.81
C LEU A 351 33.39 -10.76 -33.80
N VAL A 352 32.38 -10.01 -33.36
CA VAL A 352 31.78 -9.01 -34.22
C VAL A 352 32.78 -7.91 -34.55
N LEU A 353 33.61 -7.51 -33.58
CA LEU A 353 34.66 -6.55 -33.86
C LEU A 353 35.64 -7.09 -34.89
N VAL A 354 36.00 -8.38 -34.79
CA VAL A 354 36.91 -8.99 -35.74
C VAL A 354 36.29 -8.99 -37.14
N VAL A 355 35.01 -9.35 -37.23
CA VAL A 355 34.33 -9.38 -38.53
C VAL A 355 34.29 -7.99 -39.15
N MET A 356 33.97 -6.98 -38.34
CA MET A 356 33.93 -5.61 -38.85
C MET A 356 35.31 -5.12 -39.24
N TYR A 357 36.37 -5.57 -38.57
CA TYR A 357 37.71 -5.20 -39.00
C TYR A 357 38.08 -5.86 -40.31
N LEU A 358 37.64 -7.11 -40.52
CA LEU A 358 37.88 -7.77 -41.79
C LEU A 358 37.16 -7.03 -42.92
N PHE A 359 35.90 -6.67 -42.71
CA PHE A 359 35.12 -6.07 -43.78
C PHE A 359 35.54 -4.62 -44.04
N LEU A 360 35.78 -3.85 -42.98
CA LEU A 360 36.20 -2.46 -43.10
C LEU A 360 37.72 -2.44 -42.94
N LYS A 361 38.41 -2.12 -44.02
CA LYS A 361 39.87 -2.27 -44.05
C LYS A 361 40.55 -1.41 -42.99
N ASN A 362 40.09 -0.16 -42.83
CA ASN A 362 40.74 0.75 -41.90
C ASN A 362 40.41 0.41 -40.45
N PHE A 363 41.39 0.62 -39.57
CA PHE A 363 41.18 0.36 -38.15
C PHE A 363 40.28 1.40 -37.51
N LYS A 364 40.43 2.67 -37.91
CA LYS A 364 39.59 3.73 -37.37
C LYS A 364 38.12 3.45 -37.63
N SER A 365 37.79 2.90 -38.80
CA SER A 365 36.42 2.51 -39.10
C SER A 365 35.91 1.40 -38.18
N THR A 366 36.80 0.57 -37.66
CA THR A 366 36.39 -0.44 -36.69
C THR A 366 36.26 0.16 -35.29
N ILE A 367 36.96 1.25 -35.02
CA ILE A 367 36.88 1.88 -33.69
C ILE A 367 35.46 2.37 -33.41
N ILE A 368 34.78 2.89 -34.43
CA ILE A 368 33.50 3.56 -34.19
C ILE A 368 32.42 2.62 -33.63
N PRO A 369 32.15 1.46 -34.22
CA PRO A 369 31.17 0.55 -33.59
C PRO A 369 31.60 0.10 -32.21
N MET A 370 32.90 -0.02 -31.98
CA MET A 370 33.40 -0.40 -30.66
C MET A 370 32.95 0.60 -29.60
N ILE A 371 32.75 1.85 -29.98
CA ILE A 371 32.23 2.85 -29.05
C ILE A 371 30.71 2.83 -29.06
N ALA A 372 30.10 2.69 -30.24
CA ALA A 372 28.65 2.81 -30.34
C ALA A 372 27.92 1.71 -29.56
N VAL A 373 28.42 0.47 -29.63
CA VAL A 373 27.69 -0.65 -29.03
C VAL A 373 27.55 -0.54 -27.52
N PRO A 374 28.63 -0.33 -26.73
CA PRO A 374 28.44 -0.26 -25.28
C PRO A 374 27.53 0.86 -24.83
N VAL A 375 27.56 2.00 -25.52
CA VAL A 375 26.66 3.10 -25.18
C VAL A 375 25.22 2.67 -25.35
N SER A 376 24.92 2.01 -26.48
CA SER A 376 23.55 1.55 -26.73
C SER A 376 23.10 0.50 -25.74
N LEU A 377 23.99 -0.41 -25.33
CA LEU A 377 23.62 -1.41 -24.33
C LEU A 377 23.43 -0.84 -22.93
N LEU A 378 24.29 0.11 -22.53
CA LEU A 378 24.10 0.74 -21.22
C LEU A 378 22.85 1.59 -21.19
N GLY A 379 22.49 2.21 -22.31
CA GLY A 379 21.20 2.88 -22.37
C GLY A 379 20.05 1.91 -22.11
N THR A 380 20.13 0.72 -22.69
CA THR A 380 19.09 -0.28 -22.44
C THR A 380 19.06 -0.67 -20.97
N PHE A 381 20.23 -0.88 -20.37
CA PHE A 381 20.28 -1.19 -18.95
C PHE A 381 19.65 -0.11 -18.09
N ALA A 382 19.95 1.16 -18.35
CA ALA A 382 19.35 2.26 -17.61
C ALA A 382 17.85 2.34 -17.77
N VAL A 383 17.35 2.19 -18.99
CA VAL A 383 15.90 2.24 -19.20
C VAL A 383 15.22 1.06 -18.53
N LEU A 384 15.88 -0.10 -18.54
CA LEU A 384 15.35 -1.26 -17.82
C LEU A 384 15.28 -0.99 -16.32
N TYR A 385 16.31 -0.36 -15.77
CA TYR A 385 16.26 -0.03 -14.35
C TYR A 385 15.16 0.96 -14.03
N VAL A 386 14.93 1.94 -14.91
CA VAL A 386 13.84 2.88 -14.68
C VAL A 386 12.50 2.15 -14.70
N LEU A 387 12.30 1.26 -15.67
CA LEU A 387 11.01 0.60 -15.80
C LEU A 387 10.80 -0.45 -14.73
N GLY A 388 11.87 -0.91 -14.08
CA GLY A 388 11.78 -1.91 -13.06
C GLY A 388 12.15 -3.31 -13.50
N PHE A 389 12.52 -3.51 -14.76
CA PHE A 389 12.91 -4.83 -15.22
C PHE A 389 14.25 -5.23 -14.63
N SER A 390 14.27 -6.34 -13.91
CA SER A 390 15.49 -6.82 -13.30
C SER A 390 16.36 -7.55 -14.32
N ILE A 391 17.57 -7.89 -13.91
CA ILE A 391 18.51 -8.64 -14.76
C ILE A 391 18.12 -10.11 -14.68
N ASN A 392 17.31 -10.56 -15.64
CA ASN A 392 16.91 -11.95 -15.71
C ASN A 392 17.47 -12.57 -16.99
N LEU A 393 17.32 -13.88 -17.11
CA LEU A 393 17.95 -14.60 -18.21
C LEU A 393 17.43 -14.13 -19.56
N LEU A 394 16.11 -13.89 -19.66
CA LEU A 394 15.55 -13.43 -20.93
C LEU A 394 16.05 -12.02 -21.28
N THR A 395 16.15 -11.14 -20.28
CA THR A 395 16.66 -9.79 -20.55
C THR A 395 18.11 -9.83 -21.02
N LEU A 396 18.95 -10.62 -20.36
CA LEU A 396 20.34 -10.73 -20.78
C LEU A 396 20.46 -11.35 -22.17
N PHE A 397 19.64 -12.36 -22.45
CA PHE A 397 19.65 -12.96 -23.78
C PHE A 397 19.19 -11.96 -24.83
N ALA A 398 18.21 -11.13 -24.52
CA ALA A 398 17.78 -10.09 -25.44
C ALA A 398 18.87 -9.06 -25.69
N LEU A 399 19.63 -8.69 -24.66
CA LEU A 399 20.77 -7.81 -24.88
C LEU A 399 21.82 -8.49 -25.75
N VAL A 400 22.07 -9.78 -25.51
CA VAL A 400 23.03 -10.53 -26.32
C VAL A 400 22.61 -10.51 -27.77
N LEU A 401 21.32 -10.70 -28.03
CA LEU A 401 20.84 -10.68 -29.41
C LEU A 401 20.87 -9.29 -30.00
N ALA A 402 20.49 -8.27 -29.22
CA ALA A 402 20.47 -6.91 -29.72
C ALA A 402 21.88 -6.35 -29.92
N ILE A 403 22.90 -7.07 -29.46
CA ILE A 403 24.25 -6.75 -29.91
C ILE A 403 24.29 -6.63 -31.43
N GLY A 404 23.56 -7.51 -32.11
CA GLY A 404 23.48 -7.42 -33.55
C GLY A 404 22.71 -6.21 -34.03
N ILE A 405 21.59 -5.89 -33.36
CA ILE A 405 20.76 -4.78 -33.80
C ILE A 405 21.48 -3.45 -33.63
N VAL A 406 22.14 -3.25 -32.49
CA VAL A 406 22.79 -1.97 -32.20
C VAL A 406 23.96 -1.75 -33.16
N VAL A 407 24.67 -2.82 -33.51
CA VAL A 407 25.82 -2.68 -34.39
C VAL A 407 25.37 -2.57 -35.84
N ASP A 408 24.16 -3.05 -36.14
CA ASP A 408 23.68 -3.02 -37.53
C ASP A 408 23.55 -1.59 -38.03
N ASP A 409 22.95 -0.71 -37.22
CA ASP A 409 22.75 0.67 -37.65
C ASP A 409 24.08 1.41 -37.79
N ALA A 410 24.98 1.22 -36.82
CA ALA A 410 26.30 1.83 -36.91
C ALA A 410 27.07 1.32 -38.12
N ILE A 411 26.96 0.01 -38.39
CA ILE A 411 27.58 -0.57 -39.57
C ILE A 411 27.03 0.08 -40.83
N ILE A 412 25.72 0.28 -40.88
CA ILE A 412 25.10 0.91 -42.04
C ILE A 412 25.62 2.32 -42.23
N VAL A 413 25.70 3.07 -41.13
CA VAL A 413 26.15 4.47 -41.22
C VAL A 413 27.59 4.53 -41.73
N VAL A 414 28.47 3.73 -41.13
CA VAL A 414 29.88 3.78 -41.54
C VAL A 414 30.04 3.26 -42.97
N GLU A 415 29.22 2.27 -43.35
CA GLU A 415 29.29 1.75 -44.71
C GLU A 415 28.85 2.80 -45.72
N ASN A 416 27.78 3.53 -45.43
CA ASN A 416 27.36 4.61 -46.33
C ASN A 416 28.40 5.72 -46.40
N ILE A 417 29.01 6.08 -45.28
CA ILE A 417 30.03 7.11 -45.31
C ILE A 417 31.23 6.65 -46.13
N ASP A 418 31.64 5.39 -45.98
CA ASP A 418 32.74 4.86 -46.79
C ASP A 418 32.38 4.82 -48.26
N ARG A 419 31.13 4.48 -48.56
CA ARG A 419 30.68 4.49 -49.95
C ARG A 419 30.77 5.90 -50.53
N ILE A 420 30.38 6.90 -49.75
CA ILE A 420 30.49 8.29 -50.21
C ILE A 420 31.96 8.65 -50.42
N LEU A 421 32.82 8.22 -49.50
CA LEU A 421 34.25 8.55 -49.61
C LEU A 421 34.86 7.94 -50.86
N HIS A 422 34.49 6.69 -51.17
CA HIS A 422 35.06 6.01 -52.33
C HIS A 422 34.47 6.49 -53.65
N GLU A 423 33.15 6.64 -53.73
CA GLU A 423 32.52 7.05 -54.97
C GLU A 423 32.89 8.49 -55.33
N ASP A 424 32.80 9.39 -54.36
CA ASP A 424 33.10 10.79 -54.60
C ASP A 424 34.56 11.11 -54.32
N SER A 425 34.98 12.29 -54.77
CA SER A 425 36.33 12.78 -54.52
C SER A 425 36.27 14.26 -54.17
N ASN A 426 37.33 14.73 -53.51
CA ASN A 426 37.42 16.11 -53.04
C ASN A 426 36.22 16.47 -52.16
N ILE A 427 35.81 15.53 -51.33
CA ILE A 427 34.69 15.72 -50.42
C ILE A 427 35.18 15.54 -48.99
N SER A 428 34.84 16.51 -48.16
CA SER A 428 35.24 16.47 -46.76
C SER A 428 34.57 15.30 -46.06
N VAL A 429 35.25 14.76 -45.05
CA VAL A 429 34.67 13.66 -44.27
C VAL A 429 33.41 14.13 -43.56
N LYS A 430 33.44 15.34 -43.00
CA LYS A 430 32.26 15.86 -42.32
C LYS A 430 31.09 16.05 -43.29
N ASP A 431 31.36 16.62 -44.47
CA ASP A 431 30.31 16.79 -45.46
C ASP A 431 29.81 15.44 -45.96
N ALA A 432 30.71 14.48 -46.10
CA ALA A 432 30.30 13.13 -46.50
C ALA A 432 29.37 12.52 -45.46
N ALA A 433 29.70 12.69 -44.17
CA ALA A 433 28.85 12.18 -43.12
C ALA A 433 27.48 12.85 -43.14
N ILE A 434 27.47 14.17 -43.36
CA ILE A 434 26.20 14.90 -43.43
C ILE A 434 25.36 14.38 -44.59
N LYS A 435 25.97 14.17 -45.76
CA LYS A 435 25.23 13.66 -46.90
C LYS A 435 24.70 12.25 -46.64
N ALA A 436 25.53 11.39 -46.03
CA ALA A 436 25.09 10.05 -45.72
C ALA A 436 23.90 10.06 -44.77
N MET A 437 23.94 10.95 -43.76
CA MET A 437 22.82 11.05 -42.84
C MET A 437 21.57 11.58 -43.55
N ASN A 438 21.73 12.57 -44.42
CA ASN A 438 20.59 13.04 -45.20
C ASN A 438 20.00 11.91 -46.04
N GLU A 439 20.86 10.99 -46.48
CA GLU A 439 20.37 9.88 -47.31
C GLU A 439 19.66 8.82 -46.48
N VAL A 440 20.14 8.56 -45.26
CA VAL A 440 19.75 7.36 -44.53
C VAL A 440 18.95 7.66 -43.26
N SER A 441 18.64 8.93 -42.96
CA SER A 441 18.01 9.25 -41.69
C SER A 441 16.62 8.65 -41.57
N SER A 442 15.75 8.95 -42.55
CA SER A 442 14.38 8.44 -42.50
C SER A 442 14.30 6.91 -42.45
N PRO A 443 15.10 6.15 -43.22
CA PRO A 443 15.05 4.68 -43.06
C PRO A 443 15.31 4.22 -41.64
N VAL A 444 16.23 4.86 -40.92
CA VAL A 444 16.54 4.41 -39.56
C VAL A 444 15.36 4.62 -38.63
N ILE A 445 14.70 5.78 -38.71
CA ILE A 445 13.55 6.04 -37.86
C ILE A 445 12.41 5.08 -38.20
N SER A 446 12.21 4.83 -39.50
CA SER A 446 11.16 3.90 -39.90
C SER A 446 11.47 2.48 -39.42
N ILE A 447 12.74 2.08 -39.48
CA ILE A 447 13.14 0.78 -38.97
C ILE A 447 12.86 0.69 -37.48
N VAL A 448 13.19 1.75 -36.75
CA VAL A 448 12.92 1.78 -35.31
C VAL A 448 11.43 1.62 -35.04
N LEU A 449 10.60 2.37 -35.76
CA LEU A 449 9.15 2.27 -35.55
C LEU A 449 8.61 0.90 -35.91
N VAL A 450 9.10 0.31 -37.01
CA VAL A 450 8.63 -1.02 -37.41
C VAL A 450 9.01 -2.06 -36.36
N LEU A 451 10.25 -2.01 -35.88
CA LEU A 451 10.69 -2.98 -34.89
C LEU A 451 9.93 -2.80 -33.58
N CYS A 452 9.69 -1.56 -33.17
CA CYS A 452 8.91 -1.33 -31.97
C CYS A 452 7.48 -1.82 -32.12
N ALA A 453 6.86 -1.60 -33.28
CA ALA A 453 5.52 -2.11 -33.52
C ALA A 453 5.51 -3.63 -33.57
N VAL A 454 6.64 -4.24 -33.92
CA VAL A 454 6.74 -5.70 -33.85
C VAL A 454 6.81 -6.16 -32.40
N PHE A 455 7.64 -5.49 -31.59
CA PHE A 455 8.01 -6.03 -30.28
C PHE A 455 6.96 -5.75 -29.22
N ILE A 456 6.37 -4.55 -29.23
CA ILE A 456 5.45 -4.16 -28.15
C ILE A 456 4.22 -5.06 -28.09
N PRO A 457 3.48 -5.31 -29.19
CA PRO A 457 2.31 -6.20 -29.07
C PRO A 457 2.66 -7.60 -28.63
N VAL A 458 3.83 -8.10 -29.02
CA VAL A 458 4.24 -9.44 -28.61
C VAL A 458 4.38 -9.51 -27.09
N SER A 459 4.72 -8.38 -26.47
CA SER A 459 4.79 -8.32 -25.01
C SER A 459 3.40 -8.42 -24.40
N PHE A 460 3.33 -8.95 -23.18
CA PHE A 460 2.16 -9.02 -22.32
C PHE A 460 0.92 -9.62 -22.98
N ILE A 461 1.06 -10.38 -24.06
CA ILE A 461 -0.12 -10.91 -24.72
C ILE A 461 -0.56 -12.23 -24.09
N SER A 462 0.39 -13.06 -23.68
CA SER A 462 0.10 -14.43 -23.28
C SER A 462 0.01 -14.62 -21.77
N GLY A 463 -0.05 -13.52 -21.00
CA GLY A 463 -0.24 -13.64 -19.57
C GLY A 463 0.93 -14.28 -18.83
N PHE A 464 0.75 -15.52 -18.40
CA PHE A 464 1.82 -16.25 -17.72
C PHE A 464 3.04 -16.42 -18.64
N VAL A 465 2.80 -16.94 -19.85
CA VAL A 465 3.85 -16.96 -20.87
C VAL A 465 4.16 -15.53 -21.30
N GLY A 466 3.15 -14.66 -21.26
CA GLY A 466 3.26 -13.29 -21.72
C GLY A 466 4.26 -12.45 -20.98
N GLU A 467 4.49 -12.70 -19.69
CA GLU A 467 5.49 -11.92 -18.97
C GLU A 467 6.91 -12.29 -19.35
N ILE A 468 7.18 -13.59 -19.48
CA ILE A 468 8.48 -14.04 -19.98
C ILE A 468 8.70 -13.49 -21.39
N GLN A 469 7.66 -13.49 -22.21
CA GLN A 469 7.76 -12.90 -23.54
C GLN A 469 7.99 -11.40 -23.47
N ARG A 470 7.32 -10.73 -22.53
CA ARG A 470 7.36 -9.27 -22.44
C ARG A 470 8.74 -8.79 -22.03
N GLN A 471 9.40 -9.50 -21.11
CA GLN A 471 10.75 -9.12 -20.73
C GLN A 471 11.65 -9.02 -21.95
N PHE A 472 11.68 -10.09 -22.75
CA PHE A 472 12.52 -10.12 -23.94
C PHE A 472 12.07 -9.07 -24.95
N ALA A 473 10.77 -8.96 -25.18
CA ALA A 473 10.27 -8.04 -26.20
C ALA A 473 10.60 -6.60 -25.86
N LEU A 474 10.40 -6.21 -24.61
CA LEU A 474 10.68 -4.82 -24.22
C LEU A 474 12.17 -4.55 -24.16
N THR A 475 12.98 -5.54 -23.74
CA THR A 475 14.42 -5.33 -23.80
C THR A 475 14.89 -5.10 -25.23
N LEU A 476 14.38 -5.91 -26.17
CA LEU A 476 14.73 -5.71 -27.57
C LEU A 476 14.25 -4.36 -28.07
N ALA A 477 13.03 -3.95 -27.70
CA ALA A 477 12.49 -2.68 -28.18
C ALA A 477 13.32 -1.51 -27.66
N ILE A 478 13.68 -1.55 -26.38
CA ILE A 478 14.50 -0.49 -25.81
C ILE A 478 15.85 -0.45 -26.49
N SER A 479 16.44 -1.62 -26.73
CA SER A 479 17.73 -1.66 -27.42
C SER A 479 17.62 -1.07 -28.81
N VAL A 480 16.54 -1.39 -29.54
CA VAL A 480 16.36 -0.86 -30.88
C VAL A 480 16.22 0.67 -30.86
N ALA A 481 15.42 1.18 -29.93
CA ALA A 481 15.23 2.64 -29.87
C ALA A 481 16.52 3.34 -29.50
N ILE A 482 17.24 2.82 -28.50
CA ILE A 482 18.50 3.44 -28.09
C ILE A 482 19.51 3.37 -29.22
N SER A 483 19.56 2.25 -29.93
CA SER A 483 20.47 2.12 -31.06
C SER A 483 20.10 3.06 -32.19
N GLY A 484 18.82 3.30 -32.41
CA GLY A 484 18.40 4.26 -33.40
C GLY A 484 18.87 5.65 -33.05
N PHE A 485 18.71 6.04 -31.77
CA PHE A 485 19.18 7.35 -31.36
C PHE A 485 20.70 7.45 -31.47
N VAL A 486 21.41 6.40 -31.09
CA VAL A 486 22.87 6.40 -31.19
C VAL A 486 23.31 6.52 -32.64
N ALA A 487 22.68 5.76 -33.54
CA ALA A 487 23.00 5.86 -34.95
C ALA A 487 22.68 7.24 -35.51
N LEU A 488 21.66 7.89 -34.97
CA LEU A 488 21.36 9.24 -35.44
C LEU A 488 22.37 10.26 -34.95
N THR A 489 22.89 10.09 -33.74
CA THR A 489 23.71 11.13 -33.13
C THR A 489 25.19 10.80 -33.01
N LEU A 490 25.54 9.73 -32.29
CA LEU A 490 26.93 9.52 -31.93
C LEU A 490 27.73 8.98 -33.11
N THR A 491 27.19 7.99 -33.81
CA THR A 491 27.94 7.36 -34.89
C THR A 491 28.32 8.34 -36.00
N PRO A 492 27.43 9.19 -36.53
CA PRO A 492 27.88 10.14 -37.56
C PRO A 492 28.95 11.09 -37.05
N SER A 493 28.83 11.54 -35.80
CA SER A 493 29.80 12.48 -35.25
C SER A 493 31.18 11.82 -35.12
N LEU A 494 31.23 10.61 -34.55
CA LEU A 494 32.50 9.93 -34.41
C LEU A 494 33.10 9.61 -35.77
N SER A 495 32.27 9.23 -36.73
CA SER A 495 32.76 8.95 -38.07
C SER A 495 33.37 10.19 -38.71
N ALA A 496 32.69 11.33 -38.60
CA ALA A 496 33.25 12.56 -39.12
C ALA A 496 34.51 12.95 -38.36
N LEU A 497 34.63 12.52 -37.11
CA LEU A 497 35.81 12.84 -36.33
C LEU A 497 37.02 12.04 -36.78
N PHE A 498 36.99 10.71 -36.64
CA PHE A 498 38.12 9.88 -37.04
C PHE A 498 37.66 8.84 -38.06
N LEU A 499 37.75 9.22 -39.34
CA LEU A 499 37.57 8.27 -40.43
C LEU A 499 38.24 8.88 -41.66
N THR A 500 39.36 8.31 -42.07
CA THR A 500 40.12 8.87 -43.17
C THR A 500 39.39 8.68 -44.50
N ARG A 501 39.51 9.68 -45.37
CA ARG A 501 38.89 9.58 -46.69
C ARG A 501 39.51 8.47 -47.52
N ASN A 502 40.83 8.32 -47.44
CA ASN A 502 41.57 7.31 -48.19
C ASN A 502 42.11 6.27 -47.22
N GLU A 503 41.62 5.04 -47.33
CA GLU A 503 42.07 3.94 -46.49
C GLU A 503 43.24 3.24 -47.15
N SER A 504 44.33 3.07 -46.39
CA SER A 504 45.59 2.60 -46.96
C SER A 504 46.03 1.34 -46.24
N LYS A 505 46.96 0.62 -46.87
CA LYS A 505 47.58 -0.59 -46.35
C LYS A 505 46.54 -1.66 -45.97
N PRO A 506 45.79 -2.17 -46.93
CA PRO A 506 44.86 -3.26 -46.62
C PRO A 506 45.60 -4.55 -46.33
N PHE A 507 45.01 -5.38 -45.49
CA PHE A 507 45.61 -6.68 -45.16
C PHE A 507 45.51 -7.62 -46.36
N TYR A 508 46.55 -8.43 -46.54
CA TYR A 508 46.60 -9.33 -47.69
C TYR A 508 45.47 -10.35 -47.65
N PHE A 509 45.17 -10.89 -46.46
CA PHE A 509 44.01 -11.76 -46.33
C PHE A 509 42.71 -10.99 -46.59
N ILE A 510 42.65 -9.74 -46.10
CA ILE A 510 41.47 -8.91 -46.37
C ILE A 510 41.33 -8.63 -47.85
N GLN A 511 42.45 -8.37 -48.54
CA GLN A 511 42.40 -8.17 -49.98
C GLN A 511 41.92 -9.43 -50.69
N LYS A 512 42.39 -10.60 -50.26
CA LYS A 512 41.81 -11.85 -50.76
C LYS A 512 40.35 -11.96 -50.36
N PHE A 513 40.00 -11.51 -49.15
CA PHE A 513 38.61 -11.47 -48.74
C PHE A 513 37.81 -10.53 -49.63
N ASN A 514 38.40 -9.39 -50.00
CA ASN A 514 37.68 -8.41 -50.83
C ASN A 514 37.34 -8.99 -52.19
N ASP A 515 38.28 -9.72 -52.80
CA ASP A 515 37.99 -10.36 -54.08
C ASP A 515 36.97 -11.49 -53.90
N PHE A 516 37.08 -12.23 -52.80
CA PHE A 516 36.11 -13.28 -52.51
C PHE A 516 34.71 -12.69 -52.37
N PHE A 517 34.59 -11.59 -51.62
CA PHE A 517 33.29 -10.95 -51.44
C PHE A 517 32.82 -10.33 -52.76
N ASP A 518 33.75 -9.89 -53.60
CA ASP A 518 33.37 -9.31 -54.89
C ASP A 518 32.77 -10.36 -55.81
N TRP A 519 33.41 -11.52 -55.93
CA TRP A 519 32.80 -12.56 -56.75
C TRP A 519 31.53 -13.11 -56.09
N SER A 520 31.47 -13.06 -54.75
CA SER A 520 30.24 -13.45 -54.06
C SER A 520 29.09 -12.53 -54.44
N THR A 521 29.32 -11.22 -54.47
CA THR A 521 28.24 -10.30 -54.84
C THR A 521 27.95 -10.39 -56.33
N SER A 522 28.96 -10.77 -57.14
CA SER A 522 28.70 -11.02 -58.56
C SER A 522 27.74 -12.19 -58.74
N VAL A 523 28.00 -13.30 -58.03
CA VAL A 523 27.11 -14.45 -58.10
C VAL A 523 25.73 -14.10 -57.53
N PHE A 524 25.71 -13.27 -56.49
CA PHE A 524 24.44 -12.82 -55.93
C PHE A 524 23.63 -12.04 -56.97
N SER A 525 24.28 -11.13 -57.69
CA SER A 525 23.60 -10.37 -58.74
C SER A 525 23.12 -11.29 -59.85
N SER A 526 23.94 -12.27 -60.23
CA SER A 526 23.54 -13.21 -61.26
C SER A 526 22.32 -14.01 -60.82
N GLY A 527 22.30 -14.46 -59.57
CA GLY A 527 21.14 -15.18 -59.06
C GLY A 527 19.91 -14.31 -59.00
N VAL A 528 20.07 -13.04 -58.62
CA VAL A 528 18.93 -12.12 -58.59
C VAL A 528 18.37 -11.94 -60.00
N ALA A 529 19.25 -11.76 -60.98
CA ALA A 529 18.78 -11.60 -62.36
C ALA A 529 18.07 -12.86 -62.84
N TYR A 530 18.61 -14.03 -62.52
CA TYR A 530 17.97 -15.28 -62.92
C TYR A 530 16.61 -15.43 -62.28
N ILE A 531 16.48 -15.07 -61.00
CA ILE A 531 15.21 -15.17 -60.31
C ILE A 531 14.19 -14.21 -60.93
N LEU A 532 14.61 -12.96 -61.17
CA LEU A 532 13.70 -11.99 -61.75
C LEU A 532 13.30 -12.37 -63.18
N LYS A 533 14.13 -13.15 -63.86
CA LYS A 533 13.79 -13.59 -65.20
C LYS A 533 12.54 -14.48 -65.21
N ARG A 534 12.44 -15.40 -64.25
CA ARG A 534 11.29 -16.29 -64.14
C ARG A 534 10.72 -16.18 -62.73
N THR A 535 9.65 -15.39 -62.61
CA THR A 535 9.06 -15.12 -61.30
C THR A 535 8.23 -16.29 -60.79
N ILE A 536 7.50 -16.96 -61.69
CA ILE A 536 6.47 -17.90 -61.29
C ILE A 536 7.05 -19.05 -60.49
N ARG A 537 8.18 -19.60 -60.95
CA ARG A 537 8.76 -20.76 -60.26
C ARG A 537 9.20 -20.39 -58.85
N PHE A 538 9.75 -19.20 -58.67
CA PHE A 538 10.21 -18.81 -57.34
C PHE A 538 9.04 -18.42 -56.43
N VAL A 539 7.95 -17.92 -57.01
CA VAL A 539 6.73 -17.73 -56.23
C VAL A 539 6.21 -19.07 -55.72
N LEU A 540 6.21 -20.08 -56.60
CA LEU A 540 5.82 -21.42 -56.17
C LEU A 540 6.77 -21.97 -55.13
N VAL A 541 8.07 -21.65 -55.26
CA VAL A 541 9.05 -22.05 -54.26
C VAL A 541 8.71 -21.44 -52.91
N PHE A 542 8.32 -20.17 -52.90
CA PHE A 542 7.93 -19.50 -51.66
C PHE A 542 6.70 -20.15 -51.05
N CYS A 543 5.71 -20.49 -51.88
CA CYS A 543 4.52 -21.17 -51.36
C CYS A 543 4.88 -22.53 -50.76
N ILE A 544 5.75 -23.29 -51.45
CA ILE A 544 6.19 -24.58 -50.92
C ILE A 544 6.97 -24.37 -49.62
N MET A 545 7.71 -23.28 -49.52
CA MET A 545 8.42 -22.98 -48.28
C MET A 545 7.45 -22.73 -47.14
N ILE A 546 6.36 -22.01 -47.40
CA ILE A 546 5.37 -21.77 -46.36
C ILE A 546 4.70 -23.08 -45.95
N GLY A 547 4.40 -23.94 -46.92
CA GLY A 547 3.90 -25.26 -46.59
C GLY A 547 4.85 -26.05 -45.72
N PHE A 548 6.16 -25.95 -46.02
CA PHE A 548 7.16 -26.61 -45.19
C PHE A 548 7.22 -25.99 -43.81
N ILE A 549 7.01 -24.67 -43.71
CA ILE A 549 6.96 -24.02 -42.40
C ILE A 549 5.84 -24.63 -41.57
N ALA A 550 4.66 -24.76 -42.17
CA ALA A 550 3.53 -25.36 -41.46
C ALA A 550 3.83 -26.79 -41.05
N TYR A 551 4.44 -27.58 -41.95
CA TYR A 551 4.77 -28.96 -41.61
C TYR A 551 5.76 -29.03 -40.44
N LEU A 552 6.80 -28.19 -40.49
CA LEU A 552 7.80 -28.21 -39.42
C LEU A 552 7.21 -27.75 -38.10
N PHE A 553 6.30 -26.76 -38.14
CA PHE A 553 5.58 -26.37 -36.95
C PHE A 553 4.78 -27.53 -36.39
N LYS A 554 4.16 -28.32 -37.27
CA LYS A 554 3.39 -29.47 -36.81
C LYS A 554 4.29 -30.52 -36.15
N ILE A 555 5.46 -30.79 -36.74
CA ILE A 555 6.25 -31.92 -36.27
C ILE A 555 7.13 -31.57 -35.07
N VAL A 556 7.41 -30.29 -34.84
CA VAL A 556 8.38 -29.93 -33.78
C VAL A 556 7.73 -30.11 -32.42
N PRO A 557 8.43 -30.69 -31.44
CA PRO A 557 7.88 -30.77 -30.08
C PRO A 557 7.82 -29.40 -29.44
N SER A 558 6.99 -29.30 -28.40
CA SER A 558 6.78 -28.05 -27.68
C SER A 558 7.01 -28.29 -26.19
N SER A 559 7.97 -27.57 -25.61
CA SER A 559 8.22 -27.55 -24.19
C SER A 559 8.43 -26.11 -23.75
N LEU A 560 8.14 -25.82 -22.48
CA LEU A 560 8.33 -24.46 -21.99
C LEU A 560 9.80 -24.07 -21.95
N VAL A 561 10.63 -24.87 -21.30
CA VAL A 561 12.06 -24.57 -21.18
C VAL A 561 12.85 -25.87 -21.20
N PRO A 562 14.08 -25.81 -21.70
CA PRO A 562 14.91 -27.02 -21.74
C PRO A 562 15.29 -27.46 -20.33
N SER A 563 15.51 -28.76 -20.18
CA SER A 563 16.00 -29.29 -18.91
C SER A 563 17.41 -28.79 -18.65
N GLU A 564 17.70 -28.50 -17.39
CA GLU A 564 18.98 -27.93 -17.00
C GLU A 564 19.57 -28.71 -15.83
N ASP A 565 20.89 -28.66 -15.73
CA ASP A 565 21.62 -29.28 -14.64
C ASP A 565 22.01 -28.21 -13.64
N GLN A 566 21.51 -28.34 -12.41
CA GLN A 566 21.79 -27.37 -11.37
C GLN A 566 22.93 -27.78 -10.46
N GLY A 567 23.54 -28.94 -10.70
CA GLY A 567 24.68 -29.35 -9.92
C GLY A 567 24.30 -29.92 -8.57
N VAL A 568 23.00 -29.96 -8.28
CA VAL A 568 22.48 -30.49 -7.03
C VAL A 568 21.32 -31.43 -7.36
N ILE A 569 21.33 -32.61 -6.75
CA ILE A 569 20.22 -33.56 -6.86
C ILE A 569 19.71 -33.87 -5.47
N MET A 570 18.40 -33.75 -5.29
CA MET A 570 17.75 -34.07 -4.03
C MET A 570 17.28 -35.51 -4.07
N SER A 571 17.53 -36.26 -3.00
CA SER A 571 17.12 -37.64 -2.90
C SER A 571 16.14 -37.76 -1.76
N ILE A 572 14.89 -38.08 -2.07
CA ILE A 572 13.85 -38.26 -1.06
C ILE A 572 13.78 -39.74 -0.74
N ILE A 573 14.05 -40.10 0.52
CA ILE A 573 14.05 -41.47 0.98
C ILE A 573 12.78 -41.68 1.80
N ASN A 574 11.99 -42.68 1.43
CA ASN A 574 10.77 -43.01 2.15
C ASN A 574 10.80 -44.47 2.54
N LEU A 575 11.06 -44.74 3.81
CA LEU A 575 10.96 -46.09 4.35
C LEU A 575 9.50 -46.49 4.39
N PRO A 576 9.19 -47.74 4.72
CA PRO A 576 7.78 -48.13 4.86
C PRO A 576 7.07 -47.25 5.86
N SER A 577 5.80 -46.95 5.58
CA SER A 577 5.03 -46.03 6.41
C SER A 577 5.00 -46.50 7.85
N GLY A 578 5.25 -45.56 8.75
CA GLY A 578 5.27 -45.86 10.17
C GLY A 578 6.62 -46.26 10.73
N SER A 579 7.64 -46.41 9.90
CA SER A 579 8.94 -46.84 10.39
C SER A 579 9.52 -45.82 11.36
N SER A 580 10.24 -46.32 12.37
CA SER A 580 10.78 -45.45 13.40
C SER A 580 11.91 -44.60 12.84
N ILE A 581 12.28 -43.58 13.61
CA ILE A 581 13.31 -42.65 13.15
C ILE A 581 14.68 -43.32 13.12
N HIS A 582 14.92 -44.29 14.01
CA HIS A 582 16.25 -44.90 14.05
C HIS A 582 16.54 -45.70 12.79
N ARG A 583 15.53 -46.38 12.24
CA ARG A 583 15.72 -47.07 10.97
C ARG A 583 16.04 -46.09 9.85
N THR A 584 15.36 -44.94 9.84
CA THR A 584 15.67 -43.92 8.85
C THR A 584 17.10 -43.42 9.01
N ILE A 585 17.55 -43.22 10.24
CA ILE A 585 18.91 -42.74 10.48
C ILE A 585 19.92 -43.76 9.97
N GLU A 586 19.68 -45.04 10.23
CA GLU A 586 20.59 -46.07 9.72
C GLU A 586 20.61 -46.09 8.20
N GLU A 587 19.45 -46.00 7.56
CA GLU A 587 19.40 -46.03 6.10
C GLU A 587 20.15 -44.83 5.51
N VAL A 588 19.93 -43.64 6.07
CA VAL A 588 20.59 -42.45 5.56
C VAL A 588 22.09 -42.50 5.83
N ASP A 589 22.50 -43.07 6.97
CA ASP A 589 23.93 -43.23 7.21
C ASP A 589 24.58 -44.15 6.19
N THR A 590 23.93 -45.27 5.86
CA THR A 590 24.50 -46.14 4.83
C THR A 590 24.54 -45.44 3.47
N ILE A 591 23.49 -44.71 3.12
CA ILE A 591 23.48 -43.99 1.85
C ILE A 591 24.59 -42.96 1.80
N ASN A 592 24.79 -42.19 2.88
CA ASN A 592 25.83 -41.18 2.90
C ASN A 592 27.22 -41.80 2.88
N LYS A 593 27.40 -42.96 3.52
CA LYS A 593 28.67 -43.66 3.38
C LYS A 593 28.92 -44.08 1.94
N ASN A 594 27.90 -44.60 1.26
CA ASN A 594 28.07 -44.96 -0.15
C ASN A 594 28.38 -43.74 -1.00
N ALA A 595 27.78 -42.59 -0.67
CA ALA A 595 27.98 -41.40 -1.49
C ALA A 595 29.40 -40.87 -1.38
N THR A 596 30.05 -41.04 -0.24
CA THR A 596 31.42 -40.56 -0.07
C THR A 596 32.39 -41.19 -1.05
N GLN A 597 32.10 -42.40 -1.53
CA GLN A 597 33.00 -43.06 -2.46
C GLN A 597 32.94 -42.41 -3.83
N MET A 598 31.79 -41.87 -4.20
CA MET A 598 31.66 -41.20 -5.49
C MET A 598 32.39 -39.86 -5.44
N LYS A 599 33.45 -39.73 -6.25
CA LYS A 599 34.25 -38.50 -6.24
C LYS A 599 33.43 -37.32 -6.74
N GLU A 600 32.47 -37.58 -7.62
CA GLU A 600 31.63 -36.49 -8.15
C GLU A 600 30.82 -35.83 -7.05
N ILE A 601 30.29 -36.62 -6.12
CA ILE A 601 29.48 -36.10 -5.02
C ILE A 601 30.45 -35.51 -3.99
N SER A 602 30.65 -34.20 -4.06
CA SER A 602 31.57 -33.54 -3.13
C SER A 602 30.98 -33.43 -1.73
N SER A 603 29.68 -33.11 -1.64
CA SER A 603 29.03 -32.90 -0.35
C SER A 603 27.62 -33.46 -0.39
N SER A 604 27.11 -33.79 0.79
CA SER A 604 25.74 -34.27 0.95
C SER A 604 25.23 -33.83 2.32
N VAL A 605 24.06 -33.20 2.33
CA VAL A 605 23.43 -32.72 3.56
C VAL A 605 22.09 -33.43 3.69
N SER A 606 21.83 -33.99 4.87
CA SER A 606 20.69 -34.86 5.10
C SER A 606 19.70 -34.20 6.04
N LEU A 607 18.42 -34.15 5.63
CA LEU A 607 17.34 -33.73 6.52
C LEU A 607 16.58 -34.92 7.08
N ILE A 608 17.24 -35.72 7.92
CA ILE A 608 16.62 -36.95 8.41
C ILE A 608 15.38 -36.63 9.24
N GLY A 609 14.31 -37.38 9.01
CA GLY A 609 13.07 -37.17 9.75
C GLY A 609 12.21 -36.04 9.25
N PHE A 610 12.54 -35.47 8.09
CA PHE A 610 11.86 -34.30 7.56
C PHE A 610 11.31 -34.62 6.18
N ASP A 611 10.02 -34.40 5.99
CA ASP A 611 9.38 -34.69 4.71
C ASP A 611 9.43 -33.45 3.83
N LEU A 612 10.04 -33.59 2.65
CA LEU A 612 10.33 -32.42 1.83
C LEU A 612 9.10 -31.92 1.09
N PHE A 613 8.24 -32.82 0.63
CA PHE A 613 7.04 -32.40 -0.09
C PHE A 613 6.13 -31.55 0.79
N THR A 614 5.80 -32.05 1.98
CA THR A 614 4.82 -31.41 2.85
C THR A 614 5.45 -30.43 3.83
N SER A 615 6.77 -30.36 3.90
CA SER A 615 7.50 -29.48 4.81
C SER A 615 7.17 -29.75 6.27
N SER A 616 6.74 -30.97 6.60
CA SER A 616 6.40 -31.34 7.97
C SER A 616 7.22 -32.55 8.38
N LEU A 617 7.58 -32.61 9.66
CA LEU A 617 8.36 -33.73 10.17
C LEU A 617 7.61 -35.04 9.98
N LYS A 618 8.34 -36.08 9.57
CA LYS A 618 7.80 -37.42 9.42
C LYS A 618 8.90 -38.40 9.80
N GLU A 619 8.54 -39.41 10.59
CA GLU A 619 9.56 -40.31 11.13
C GLU A 619 10.24 -41.12 10.04
N ASN A 620 9.49 -41.61 9.05
CA ASN A 620 10.07 -42.47 8.04
C ASN A 620 10.66 -41.73 6.85
N ALA A 621 10.52 -40.41 6.80
CA ALA A 621 10.94 -39.66 5.62
C ALA A 621 12.31 -39.05 5.85
N ALA A 622 13.10 -39.00 4.78
CA ALA A 622 14.39 -38.33 4.81
C ALA A 622 14.67 -37.73 3.45
N ALA A 623 15.18 -36.51 3.44
CA ALA A 623 15.59 -35.84 2.22
C ALA A 623 17.09 -35.61 2.30
N VAL A 624 17.82 -36.10 1.31
CA VAL A 624 19.27 -35.97 1.25
C VAL A 624 19.61 -35.20 -0.02
N PHE A 625 20.27 -34.06 0.13
CA PHE A 625 20.69 -33.25 -0.98
C PHE A 625 22.14 -33.56 -1.33
N PHE A 626 22.38 -33.95 -2.58
CA PHE A 626 23.72 -34.27 -3.05
C PHE A 626 24.29 -33.08 -3.80
N ILE A 627 25.42 -32.57 -3.34
CA ILE A 627 26.08 -31.43 -3.94
C ILE A 627 27.20 -31.93 -4.83
N LEU A 628 27.00 -31.87 -6.14
CA LEU A 628 27.99 -32.35 -7.09
C LEU A 628 29.11 -31.32 -7.23
N LYS A 629 30.23 -31.77 -7.78
CA LYS A 629 31.33 -30.87 -8.08
C LYS A 629 30.96 -29.97 -9.26
N ASP A 630 31.81 -28.97 -9.51
CA ASP A 630 31.55 -28.02 -10.57
C ASP A 630 31.46 -28.73 -11.91
N TRP A 631 30.78 -28.11 -12.86
CA TRP A 631 30.59 -28.72 -14.18
C TRP A 631 31.92 -29.03 -14.84
N SER A 632 32.91 -28.15 -14.69
CA SER A 632 34.21 -28.38 -15.30
C SER A 632 34.89 -29.61 -14.70
N GLN A 633 34.76 -29.79 -13.39
CA GLN A 633 35.47 -30.87 -12.71
C GLN A 633 34.91 -32.23 -13.10
N ARG A 634 33.61 -32.45 -12.87
CA ARG A 634 33.01 -33.74 -13.17
C ARG A 634 32.80 -33.89 -14.67
N GLU A 635 33.06 -35.10 -15.17
CA GLU A 635 32.89 -35.42 -16.57
C GLU A 635 31.52 -36.01 -16.90
N ALA A 636 30.74 -36.36 -15.89
CA ALA A 636 29.42 -36.95 -16.08
C ALA A 636 28.33 -35.98 -15.63
N SER A 637 27.29 -35.86 -16.44
CA SER A 637 26.19 -34.98 -16.09
C SER A 637 25.44 -35.52 -14.88
N SER A 638 24.58 -34.68 -14.31
CA SER A 638 23.86 -35.07 -13.11
C SER A 638 22.97 -36.28 -13.36
N ASP A 639 22.43 -36.39 -14.58
CA ASP A 639 21.59 -37.55 -14.90
C ASP A 639 22.38 -38.85 -14.82
N GLN A 640 23.64 -38.83 -15.26
CA GLN A 640 24.46 -40.04 -15.19
C GLN A 640 24.73 -40.43 -13.74
N ILE A 641 25.00 -39.46 -12.87
CA ILE A 641 25.21 -39.76 -11.46
C ILE A 641 23.92 -40.26 -10.82
N ILE A 642 22.78 -39.71 -11.26
CA ILE A 642 21.49 -40.20 -10.80
C ILE A 642 21.31 -41.67 -11.17
N ALA A 643 21.65 -42.02 -12.41
CA ALA A 643 21.59 -43.41 -12.84
C ALA A 643 22.56 -44.29 -12.07
N GLN A 644 23.75 -43.79 -11.76
CA GLN A 644 24.69 -44.56 -10.97
C GLN A 644 24.15 -44.83 -9.57
N LEU A 645 23.56 -43.82 -8.93
CA LEU A 645 22.96 -44.02 -7.61
C LEU A 645 21.77 -44.97 -7.69
N PHE A 646 20.99 -44.88 -8.77
CA PHE A 646 19.90 -45.84 -8.97
C PHE A 646 20.43 -47.25 -9.06
N GLY A 647 21.53 -47.44 -9.77
CA GLY A 647 22.15 -48.76 -9.82
C GLY A 647 22.64 -49.21 -8.46
N GLN A 648 23.16 -48.28 -7.67
CA GLN A 648 23.62 -48.62 -6.32
C GLN A 648 22.49 -49.11 -5.44
N TYR A 649 21.34 -48.42 -5.49
CA TYR A 649 20.24 -48.69 -4.57
C TYR A 649 19.03 -49.31 -5.27
N ALA A 650 19.26 -50.02 -6.37
CA ALA A 650 18.19 -50.73 -7.05
C ALA A 650 17.49 -51.77 -6.17
N ALA A 651 18.12 -52.22 -5.09
CA ALA A 651 17.46 -53.16 -4.19
C ALA A 651 16.18 -52.57 -3.63
N ASP A 652 16.31 -51.49 -2.84
CA ASP A 652 15.17 -50.75 -2.30
C ASP A 652 14.20 -51.67 -1.56
N ARG A 653 14.75 -52.64 -0.84
CA ARG A 653 13.91 -53.48 0.02
C ARG A 653 13.49 -52.73 1.27
N ASN A 654 14.28 -51.74 1.68
CA ASN A 654 14.00 -50.99 2.90
C ASN A 654 13.92 -49.48 2.67
N ALA A 655 13.72 -49.04 1.43
CA ALA A 655 13.55 -47.63 1.13
C ALA A 655 12.86 -47.47 -0.21
N LEU A 656 12.38 -46.25 -0.47
CA LEU A 656 11.75 -45.93 -1.75
C LEU A 656 12.24 -44.54 -2.15
N SER A 657 13.37 -44.50 -2.85
CA SER A 657 14.12 -43.27 -3.08
C SER A 657 14.02 -42.85 -4.53
N TYR A 658 13.70 -41.58 -4.76
CA TYR A 658 13.65 -40.99 -6.09
C TYR A 658 14.63 -39.83 -6.16
N PHE A 659 15.64 -39.95 -7.01
CA PHE A 659 16.66 -38.94 -7.19
C PHE A 659 16.23 -37.98 -8.29
N LEU A 660 16.23 -36.68 -8.00
CA LEU A 660 15.70 -35.69 -8.93
C LEU A 660 16.59 -34.45 -8.91
N ASN A 661 16.66 -33.78 -10.06
CA ASN A 661 17.23 -32.44 -10.13
C ASN A 661 16.30 -31.45 -9.45
N LEU A 662 16.87 -30.32 -9.03
CA LEU A 662 16.17 -29.43 -8.11
C LEU A 662 14.96 -28.75 -8.77
N PRO A 663 13.76 -28.94 -8.24
CA PRO A 663 12.58 -28.25 -8.80
C PRO A 663 12.59 -26.75 -8.55
N PRO A 664 12.85 -26.27 -7.31
CA PRO A 664 12.65 -24.83 -7.07
C PRO A 664 13.56 -23.93 -7.88
N ILE A 665 14.71 -24.44 -8.36
CA ILE A 665 15.63 -23.58 -9.11
C ILE A 665 15.02 -23.06 -10.39
N PRO A 666 14.42 -23.87 -11.28
CA PRO A 666 13.63 -23.28 -12.35
C PRO A 666 12.47 -22.43 -11.84
N GLY A 667 11.77 -22.89 -10.81
CA GLY A 667 10.66 -22.16 -10.26
C GLY A 667 9.43 -22.07 -11.14
N LEU A 668 9.46 -22.67 -12.32
CA LEU A 668 8.38 -22.59 -13.29
C LEU A 668 7.99 -23.97 -13.78
N SER A 669 7.19 -24.04 -14.85
CA SER A 669 6.73 -25.31 -15.41
C SER A 669 7.83 -25.92 -16.28
N LEU A 670 9.00 -26.11 -15.66
CA LEU A 670 10.09 -26.80 -16.34
C LEU A 670 9.73 -28.24 -16.62
N THR A 671 9.20 -28.95 -15.61
CA THR A 671 8.79 -30.33 -15.80
C THR A 671 7.61 -30.42 -16.77
N GLY A 672 6.72 -29.44 -16.72
CA GLY A 672 5.48 -29.50 -17.46
C GLY A 672 4.43 -30.41 -16.85
N GLY A 673 4.72 -30.99 -15.68
CA GLY A 673 3.77 -31.88 -15.05
C GLY A 673 2.63 -31.13 -14.39
N PHE A 674 1.57 -31.87 -14.10
CA PHE A 674 0.37 -31.30 -13.52
C PHE A 674 0.26 -31.72 -12.06
N GLU A 675 -0.61 -31.03 -11.32
CA GLU A 675 -0.96 -31.38 -9.96
C GLU A 675 -2.46 -31.25 -9.82
N MET A 676 -3.17 -32.39 -9.78
CA MET A 676 -4.61 -32.39 -9.69
C MET A 676 -5.04 -32.89 -8.32
N TYR A 677 -6.03 -32.22 -7.74
CA TYR A 677 -6.55 -32.56 -6.43
C TYR A 677 -7.96 -33.12 -6.60
N ALA A 678 -8.19 -34.32 -6.09
CA ALA A 678 -9.49 -34.97 -6.17
C ALA A 678 -10.30 -34.60 -4.94
N GLN A 679 -10.98 -33.45 -4.99
CA GLN A 679 -11.79 -32.97 -3.87
C GLN A 679 -13.00 -33.89 -3.74
N ASN A 680 -13.09 -34.58 -2.61
CA ASN A 680 -14.20 -35.50 -2.38
C ASN A 680 -15.36 -34.76 -1.72
N LYS A 681 -16.45 -34.58 -2.46
CA LYS A 681 -17.61 -33.88 -1.89
C LYS A 681 -18.40 -34.78 -0.94
N SER A 682 -18.54 -36.06 -1.27
CA SER A 682 -19.41 -36.94 -0.50
C SER A 682 -18.88 -37.18 0.91
N GLY A 683 -17.62 -36.84 1.19
CA GLY A 683 -17.10 -36.96 2.54
C GLY A 683 -17.02 -38.39 3.03
N LYS A 684 -16.62 -39.31 2.18
CA LYS A 684 -16.50 -40.70 2.58
C LYS A 684 -15.19 -40.92 3.35
N ASP A 685 -15.04 -42.13 3.88
CA ASP A 685 -13.85 -42.47 4.65
C ASP A 685 -12.62 -42.42 3.76
N TYR A 686 -11.47 -42.11 4.37
CA TYR A 686 -10.24 -41.97 3.60
C TYR A 686 -9.82 -43.26 2.92
N ASP A 687 -10.22 -44.42 3.46
CA ASP A 687 -9.95 -45.66 2.76
C ASP A 687 -10.72 -45.75 1.45
N ALA A 688 -11.97 -45.30 1.45
CA ALA A 688 -12.73 -45.26 0.20
C ALA A 688 -12.11 -44.30 -0.79
N ILE A 689 -11.61 -43.16 -0.31
CA ILE A 689 -10.93 -42.22 -1.19
C ILE A 689 -9.69 -42.87 -1.78
N GLN A 690 -8.95 -43.62 -0.96
CA GLN A 690 -7.75 -44.28 -1.46
C GLN A 690 -8.09 -45.30 -2.52
N GLN A 691 -9.15 -46.09 -2.31
CA GLN A 691 -9.57 -47.05 -3.33
C GLN A 691 -9.99 -46.39 -4.63
N ASP A 692 -10.80 -45.32 -4.55
CA ASP A 692 -11.21 -44.63 -5.77
C ASP A 692 -10.03 -44.01 -6.49
N VAL A 693 -9.09 -43.41 -5.75
CA VAL A 693 -7.91 -42.82 -6.37
C VAL A 693 -7.04 -43.92 -7.00
N ASN A 694 -7.00 -45.09 -6.37
CA ASN A 694 -6.26 -46.20 -6.97
C ASN A 694 -6.89 -46.63 -8.29
N LYS A 695 -8.22 -46.73 -8.35
CA LYS A 695 -8.87 -47.09 -9.60
C LYS A 695 -8.61 -46.04 -10.67
N MET A 696 -8.72 -44.76 -10.31
CA MET A 696 -8.45 -43.69 -11.26
C MET A 696 -7.00 -43.74 -11.74
N LEU A 697 -6.07 -44.01 -10.83
CA LEU A 697 -4.66 -44.08 -11.20
C LEU A 697 -4.39 -45.23 -12.14
N GLU A 698 -5.02 -46.39 -11.91
CA GLU A 698 -4.87 -47.51 -12.83
C GLU A 698 -5.42 -47.15 -14.20
N LEU A 699 -6.58 -46.50 -14.25
CA LEU A 699 -7.14 -46.10 -15.53
C LEU A 699 -6.22 -45.14 -16.27
N ALA A 700 -5.64 -44.18 -15.54
CA ALA A 700 -4.71 -43.25 -16.18
C ALA A 700 -3.42 -43.94 -16.59
N ARG A 701 -3.00 -44.96 -15.85
CA ARG A 701 -1.80 -45.70 -16.21
C ARG A 701 -1.99 -46.48 -17.50
N THR A 702 -3.16 -47.10 -17.67
CA THR A 702 -3.37 -48.04 -18.76
C THR A 702 -3.70 -47.38 -20.08
N ARG A 703 -3.93 -46.07 -20.11
CA ARG A 703 -4.33 -45.40 -21.34
C ARG A 703 -4.20 -43.90 -21.17
N LYS A 704 -4.72 -43.17 -22.16
CA LYS A 704 -4.90 -41.72 -22.10
C LYS A 704 -3.56 -40.97 -22.04
N GLU A 705 -2.56 -41.50 -22.75
CA GLU A 705 -1.37 -40.73 -23.16
C GLU A 705 -0.70 -40.00 -22.01
N LEU A 706 -0.61 -40.66 -20.85
CA LEU A 706 0.04 -40.07 -19.68
C LEU A 706 1.11 -41.01 -19.18
N ALA A 707 2.32 -40.47 -18.94
CA ALA A 707 3.45 -41.32 -18.59
C ALA A 707 3.46 -41.68 -17.11
N ASN A 708 3.60 -40.68 -16.26
CA ASN A 708 3.66 -40.88 -14.82
C ASN A 708 2.33 -40.46 -14.23
N VAL A 709 1.75 -41.32 -13.38
CA VAL A 709 0.58 -40.98 -12.59
C VAL A 709 0.82 -41.51 -11.18
N ARG A 710 0.79 -40.62 -10.19
CA ARG A 710 1.02 -41.02 -8.82
C ARG A 710 0.14 -40.20 -7.89
N THR A 711 -0.12 -40.73 -6.71
CA THR A 711 -0.86 -40.05 -5.66
C THR A 711 -0.03 -40.02 -4.40
N THR A 712 -0.05 -38.89 -3.71
CA THR A 712 0.64 -38.76 -2.43
C THR A 712 -0.23 -39.19 -1.26
N LEU A 713 -1.42 -39.70 -1.52
CA LEU A 713 -2.31 -40.16 -0.47
C LEU A 713 -1.88 -41.55 -0.03
N ASP A 714 -1.35 -41.66 1.18
CA ASP A 714 -0.90 -42.93 1.74
C ASP A 714 -1.74 -43.22 2.97
N THR A 715 -2.50 -44.32 2.93
CA THR A 715 -3.33 -44.75 4.04
C THR A 715 -2.82 -46.03 4.67
N SER A 716 -1.53 -46.35 4.50
CA SER A 716 -0.98 -47.56 5.08
C SER A 716 -0.33 -47.32 6.45
N PHE A 717 -0.36 -46.10 6.95
CA PHE A 717 0.29 -45.78 8.21
C PHE A 717 -0.39 -46.54 9.35
N PRO A 718 0.37 -47.17 10.24
CA PRO A 718 -0.24 -47.83 11.39
C PRO A 718 -0.74 -46.81 12.39
N GLN A 719 -1.88 -47.11 13.00
CA GLN A 719 -2.48 -46.22 13.98
C GLN A 719 -3.08 -47.05 15.10
N TYR A 720 -3.23 -46.43 16.26
CA TYR A 720 -3.89 -47.04 17.40
C TYR A 720 -5.17 -46.27 17.68
N LYS A 721 -6.30 -46.92 17.40
CA LYS A 721 -7.61 -46.31 17.60
C LYS A 721 -8.03 -46.53 19.04
N LEU A 722 -8.26 -45.44 19.76
CA LEU A 722 -8.59 -45.48 21.18
C LEU A 722 -10.10 -45.58 21.32
N ILE A 723 -10.57 -46.69 21.86
CA ILE A 723 -11.99 -46.90 22.08
C ILE A 723 -12.30 -46.63 23.55
N ILE A 724 -13.08 -45.60 23.81
CA ILE A 724 -13.41 -45.18 25.16
C ILE A 724 -14.70 -45.90 25.57
N ASP A 725 -14.66 -46.62 26.68
CA ASP A 725 -15.86 -47.22 27.23
C ASP A 725 -16.48 -46.20 28.19
N ARG A 726 -17.39 -45.37 27.66
CA ARG A 726 -17.89 -44.25 28.44
C ARG A 726 -18.70 -44.71 29.64
N ASP A 727 -19.44 -45.82 29.51
CA ASP A 727 -20.15 -46.37 30.66
C ASP A 727 -19.17 -46.76 31.76
N LYS A 728 -18.11 -47.48 31.41
CA LYS A 728 -17.11 -47.84 32.41
C LYS A 728 -16.33 -46.62 32.87
N MET A 729 -16.08 -45.67 31.98
CA MET A 729 -15.36 -44.46 32.38
C MET A 729 -16.11 -43.66 33.42
N LYS A 730 -17.42 -43.51 33.30
CA LYS A 730 -18.19 -42.81 34.30
C LYS A 730 -18.63 -43.69 35.47
N TYR A 731 -18.56 -45.01 35.32
CA TYR A 731 -18.86 -45.89 36.45
C TYR A 731 -17.89 -45.64 37.59
N TYR A 732 -16.61 -45.56 37.28
CA TYR A 732 -15.68 -44.87 38.17
C TYR A 732 -15.85 -43.38 37.96
N ASN A 733 -15.74 -42.60 39.04
CA ASN A 733 -16.05 -41.18 38.96
C ASN A 733 -14.89 -40.47 38.27
N LEU A 734 -14.78 -40.67 36.95
CA LEU A 734 -13.69 -40.15 36.15
C LEU A 734 -14.21 -39.17 35.13
N ASN A 735 -13.55 -38.03 35.02
CA ASN A 735 -13.83 -37.09 33.94
C ASN A 735 -12.99 -37.45 32.72
N MET A 736 -13.58 -37.21 31.54
CA MET A 736 -12.89 -37.56 30.31
C MET A 736 -11.63 -36.71 30.12
N GLN A 737 -11.73 -35.41 30.40
CA GLN A 737 -10.59 -34.54 30.22
C GLN A 737 -9.43 -34.92 31.12
N ASP A 738 -9.73 -35.34 32.35
CA ASP A 738 -8.67 -35.81 33.24
C ASP A 738 -7.98 -37.04 32.67
N VAL A 739 -8.76 -37.98 32.14
CA VAL A 739 -8.19 -39.18 31.54
C VAL A 739 -7.24 -38.80 30.41
N PHE A 740 -7.67 -37.91 29.53
CA PHE A 740 -6.82 -37.61 28.38
C PHE A 740 -5.65 -36.71 28.76
N ASN A 741 -5.79 -35.91 29.82
CA ASN A 741 -4.62 -35.21 30.34
C ASN A 741 -3.59 -36.19 30.87
N THR A 742 -4.05 -37.24 31.57
CA THR A 742 -3.14 -38.28 32.02
C THR A 742 -2.46 -38.96 30.85
N ILE A 743 -3.22 -39.28 29.81
CA ILE A 743 -2.62 -39.92 28.64
C ILE A 743 -1.59 -39.00 27.99
N SER A 744 -1.94 -37.72 27.81
CA SER A 744 -1.04 -36.80 27.13
C SER A 744 0.19 -36.49 27.96
N ALA A 745 0.07 -36.60 29.28
CA ALA A 745 1.23 -36.40 30.14
C ALA A 745 2.11 -37.63 30.19
N THR A 746 1.52 -38.82 30.04
CA THR A 746 2.32 -40.04 30.09
C THR A 746 2.83 -40.44 28.72
N ILE A 747 1.93 -40.70 27.78
CA ILE A 747 2.32 -41.17 26.46
C ILE A 747 2.83 -40.03 25.59
N GLY A 748 2.13 -38.90 25.55
CA GLY A 748 2.59 -37.73 24.84
C GLY A 748 3.46 -36.86 25.70
N THR A 749 3.82 -35.70 25.16
CA THR A 749 4.55 -34.68 25.89
C THR A 749 3.57 -33.60 26.30
N TYR A 750 3.51 -33.31 27.60
CA TYR A 750 2.65 -32.27 28.12
C TYR A 750 3.51 -31.04 28.38
N TYR A 751 3.21 -29.96 27.66
CA TYR A 751 3.94 -28.70 27.83
C TYR A 751 3.29 -27.91 28.96
N VAL A 752 3.95 -27.86 30.11
CA VAL A 752 3.36 -27.25 31.30
C VAL A 752 3.57 -25.75 31.30
N ASN A 753 4.83 -25.31 31.38
CA ASN A 753 5.16 -23.90 31.29
C ASN A 753 6.64 -23.77 30.98
N ASP A 754 7.14 -22.53 31.05
CA ASP A 754 8.52 -22.25 30.70
C ASP A 754 9.39 -22.17 31.95
N PHE A 755 10.69 -22.32 31.74
CA PHE A 755 11.68 -22.16 32.80
C PHE A 755 12.87 -21.37 32.27
N PRO A 756 13.56 -20.63 33.13
CA PRO A 756 14.62 -19.74 32.65
C PRO A 756 15.94 -20.45 32.46
N MET A 757 16.49 -20.40 31.24
CA MET A 757 17.82 -20.93 30.97
C MET A 757 18.46 -20.11 29.85
N LEU A 758 19.70 -19.69 30.07
CA LEU A 758 20.47 -18.92 29.09
C LEU A 758 19.77 -17.64 28.67
N GLY A 759 19.00 -17.04 29.58
CA GLY A 759 18.38 -15.77 29.29
C GLY A 759 17.02 -15.85 28.65
N LYS A 760 16.78 -16.91 27.88
CA LYS A 760 15.52 -17.10 27.19
C LYS A 760 14.62 -18.02 28.00
N ASN A 761 13.38 -18.18 27.54
CA ASN A 761 12.46 -19.11 28.18
C ASN A 761 12.39 -20.42 27.40
N PHE A 762 12.48 -21.53 28.12
CA PHE A 762 12.47 -22.86 27.52
C PHE A 762 11.37 -23.69 28.16
N GLN A 763 10.79 -24.60 27.37
CA GLN A 763 9.60 -25.32 27.81
C GLN A 763 9.92 -26.31 28.93
N VAL A 764 8.86 -26.72 29.64
CA VAL A 764 8.92 -27.84 30.57
C VAL A 764 7.92 -28.89 30.09
N ASN A 765 8.41 -30.07 29.73
CA ASN A 765 7.60 -31.12 29.16
C ASN A 765 7.58 -32.32 30.09
N ILE A 766 6.41 -32.97 30.19
CA ILE A 766 6.22 -34.13 31.04
C ILE A 766 5.87 -35.32 30.15
N ARG A 767 6.62 -36.40 30.28
CA ARG A 767 6.37 -37.60 29.50
C ARG A 767 6.82 -38.81 30.30
N ALA A 768 6.25 -39.97 29.99
CA ALA A 768 6.65 -41.19 30.64
C ALA A 768 7.96 -41.70 30.04
N LEU A 769 8.59 -42.62 30.74
CA LEU A 769 9.83 -43.20 30.26
C LEU A 769 9.57 -44.00 28.99
N GLY A 770 10.57 -44.08 28.12
CA GLY A 770 10.35 -44.65 26.80
C GLY A 770 9.83 -46.07 26.82
N ASP A 771 10.13 -46.81 27.89
CA ASP A 771 9.72 -48.20 27.96
C ASP A 771 8.25 -48.34 28.36
N PHE A 772 7.65 -47.26 28.87
CA PHE A 772 6.27 -47.31 29.33
C PHE A 772 5.28 -46.74 28.33
N ARG A 773 5.73 -46.33 27.15
CA ARG A 773 4.87 -45.90 26.06
C ARG A 773 5.31 -46.56 24.76
N ASN A 774 5.70 -47.83 24.83
CA ASN A 774 6.42 -48.49 23.77
C ASN A 774 5.66 -49.63 23.12
N THR A 775 4.58 -50.10 23.74
CA THR A 775 3.80 -51.21 23.22
C THR A 775 2.32 -50.85 23.21
N GLN A 776 1.51 -51.75 22.65
CA GLN A 776 0.07 -51.56 22.69
C GLN A 776 -0.48 -51.62 24.10
N ASP A 777 0.18 -52.36 24.99
CA ASP A 777 -0.24 -52.49 26.38
C ASP A 777 0.22 -51.33 27.24
N ALA A 778 0.56 -50.19 26.62
CA ALA A 778 1.05 -49.06 27.39
C ALA A 778 0.00 -48.55 28.36
N LEU A 779 -1.28 -48.74 28.04
CA LEU A 779 -2.35 -48.23 28.88
C LEU A 779 -2.48 -49.01 30.16
N LYS A 780 -1.94 -50.23 30.20
CA LYS A 780 -2.09 -51.08 31.37
C LYS A 780 -1.33 -50.51 32.58
N ASN A 781 -0.13 -49.99 32.35
CA ASN A 781 0.70 -49.54 33.46
C ASN A 781 0.22 -48.19 34.01
N ILE A 782 -0.43 -47.39 33.17
CA ILE A 782 -0.78 -46.03 33.56
C ILE A 782 -2.07 -46.03 34.36
N TYR A 783 -2.06 -45.31 35.49
CA TYR A 783 -3.20 -45.24 36.40
C TYR A 783 -3.67 -43.80 36.52
N ILE A 784 -4.94 -43.62 36.87
CA ILE A 784 -5.52 -42.31 37.13
C ILE A 784 -6.39 -42.43 38.36
N ARG A 785 -6.34 -41.41 39.23
CA ARG A 785 -7.15 -41.42 40.42
C ARG A 785 -8.54 -40.87 40.13
N SER A 786 -9.56 -41.59 40.58
CA SER A 786 -10.93 -41.17 40.36
C SER A 786 -11.32 -40.10 41.37
N SER A 787 -12.62 -39.82 41.47
CA SER A 787 -13.11 -38.90 42.47
C SER A 787 -13.37 -39.58 43.81
N ASP A 788 -13.17 -40.89 43.90
CA ASP A 788 -13.25 -41.62 45.16
C ASP A 788 -11.88 -41.89 45.76
N ASN A 789 -10.84 -41.24 45.23
CA ASN A 789 -9.46 -41.51 45.62
C ASN A 789 -9.07 -42.97 45.43
N LYS A 790 -9.51 -43.58 44.33
CA LYS A 790 -9.13 -44.93 43.96
C LYS A 790 -8.30 -44.88 42.69
N MET A 791 -7.14 -45.52 42.70
CA MET A 791 -6.28 -45.54 41.52
C MET A 791 -6.87 -46.50 40.49
N ILE A 792 -7.27 -45.96 39.34
CA ILE A 792 -7.94 -46.71 38.30
C ILE A 792 -6.98 -46.88 37.13
N PRO A 793 -6.63 -48.11 36.74
CA PRO A 793 -5.81 -48.28 35.53
C PRO A 793 -6.58 -47.88 34.29
N LEU A 794 -5.86 -47.38 33.29
CA LEU A 794 -6.53 -46.93 32.07
C LEU A 794 -6.98 -48.12 31.23
N ASN A 795 -6.50 -49.32 31.54
CA ASN A 795 -6.86 -50.48 30.75
C ASN A 795 -8.32 -50.89 30.97
N SER A 796 -8.89 -50.49 32.10
CA SER A 796 -10.25 -50.88 32.44
C SER A 796 -11.26 -50.34 31.43
N PHE A 797 -11.12 -49.08 31.05
CA PHE A 797 -12.14 -48.41 30.25
C PHE A 797 -11.62 -47.87 28.92
N LEU A 798 -10.34 -48.05 28.62
CA LEU A 798 -9.78 -47.61 27.35
C LEU A 798 -9.14 -48.79 26.64
N THR A 799 -9.32 -48.86 25.33
CA THR A 799 -8.83 -49.97 24.53
C THR A 799 -8.07 -49.42 23.34
N LEU A 800 -6.89 -49.98 23.09
CA LEU A 800 -6.10 -49.63 21.91
C LEU A 800 -6.28 -50.71 20.85
N VAL A 801 -6.96 -50.36 19.77
CA VAL A 801 -7.29 -51.29 18.70
C VAL A 801 -6.47 -50.91 17.48
N ARG A 802 -5.79 -51.89 16.91
CA ARG A 802 -4.95 -51.64 15.74
C ARG A 802 -5.78 -51.10 14.59
N SER A 803 -5.21 -50.13 13.88
CA SER A 803 -5.90 -49.50 12.76
C SER A 803 -4.87 -48.92 11.81
N ALA A 804 -5.32 -48.57 10.62
CA ALA A 804 -4.48 -47.94 9.61
C ALA A 804 -5.22 -46.74 9.03
N GLY A 805 -4.53 -45.62 8.92
CA GLY A 805 -5.10 -44.41 8.39
C GLY A 805 -4.04 -43.48 7.85
N PRO A 806 -4.45 -42.43 7.15
CA PRO A 806 -3.48 -41.51 6.56
C PRO A 806 -2.74 -40.73 7.63
N ASP A 807 -1.45 -40.52 7.39
CA ASP A 807 -0.67 -39.72 8.33
C ASP A 807 -0.92 -38.23 8.13
N ASP A 808 -1.01 -37.81 6.87
CA ASP A 808 -1.26 -36.41 6.54
C ASP A 808 -2.64 -36.31 5.90
N VAL A 809 -3.48 -35.46 6.46
CA VAL A 809 -4.79 -35.17 5.89
C VAL A 809 -4.65 -33.93 5.00
N LYS A 810 -4.77 -34.13 3.70
CA LYS A 810 -4.60 -33.06 2.72
C LYS A 810 -5.96 -32.54 2.33
N ARG A 811 -6.19 -31.25 2.55
CA ARG A 811 -7.43 -30.59 2.19
C ARG A 811 -7.11 -29.49 1.19
N PHE A 812 -7.89 -29.42 0.12
CA PHE A 812 -7.72 -28.38 -0.89
C PHE A 812 -9.06 -27.68 -1.08
N ASN A 813 -9.05 -26.35 -0.92
CA ASN A 813 -10.24 -25.53 -1.10
C ASN A 813 -11.40 -26.03 -0.26
N LEU A 814 -11.13 -26.30 1.01
CA LEU A 814 -12.11 -26.64 2.03
C LEU A 814 -12.74 -28.02 1.85
N PHE A 815 -12.12 -28.90 1.07
CA PHE A 815 -12.61 -30.26 0.93
C PHE A 815 -11.45 -31.23 1.06
N PRO A 816 -11.67 -32.42 1.60
CA PRO A 816 -10.63 -33.45 1.60
C PRO A 816 -10.21 -33.77 0.17
N ALA A 817 -8.92 -33.96 -0.03
CA ALA A 817 -8.41 -34.11 -1.38
C ALA A 817 -7.22 -35.06 -1.37
N ALA A 818 -6.99 -35.66 -2.52
CA ALA A 818 -5.78 -36.42 -2.79
C ALA A 818 -5.07 -35.80 -3.98
N LEU A 819 -3.76 -35.59 -3.83
CA LEU A 819 -2.96 -34.95 -4.85
C LEU A 819 -2.53 -36.00 -5.87
N ILE A 820 -2.88 -35.78 -7.13
CA ILE A 820 -2.45 -36.64 -8.23
C ILE A 820 -1.37 -35.89 -8.99
N GLN A 821 -0.15 -36.42 -8.95
CA GLN A 821 0.98 -35.84 -9.66
C GLN A 821 1.29 -36.69 -10.88
N GLY A 822 1.65 -36.04 -11.98
CA GLY A 822 2.03 -36.77 -13.17
C GLY A 822 2.62 -35.87 -14.23
N ASP A 823 3.25 -36.50 -15.21
CA ASP A 823 3.94 -35.79 -16.28
C ASP A 823 3.43 -36.31 -17.61
N PRO A 824 3.20 -35.45 -18.61
CA PRO A 824 2.69 -35.92 -19.89
C PRO A 824 3.65 -36.88 -20.58
N ALA A 825 3.08 -37.85 -21.28
CA ALA A 825 3.89 -38.80 -22.02
C ALA A 825 4.62 -38.10 -23.16
N PRO A 826 5.86 -38.51 -23.48
CA PRO A 826 6.58 -37.84 -24.56
C PRO A 826 5.83 -37.90 -25.88
N GLY A 827 5.86 -36.80 -26.63
CA GLY A 827 5.09 -36.68 -27.84
C GLY A 827 3.69 -36.13 -27.65
N TYR A 828 3.35 -35.63 -26.46
CA TYR A 828 2.03 -35.09 -26.20
C TYR A 828 2.16 -33.74 -25.52
N THR A 829 1.28 -32.82 -25.92
CA THR A 829 1.27 -31.49 -25.32
C THR A 829 0.83 -31.56 -23.87
N SER A 830 1.30 -30.58 -23.08
CA SER A 830 0.90 -30.53 -21.67
C SER A 830 -0.60 -30.31 -21.54
N GLY A 831 -1.16 -29.40 -22.34
CA GLY A 831 -2.58 -29.09 -22.20
C GLY A 831 -3.48 -30.27 -22.52
N GLN A 832 -3.22 -30.94 -23.64
CA GLN A 832 -4.00 -32.12 -23.98
C GLN A 832 -3.83 -33.21 -22.93
N ALA A 833 -2.63 -33.31 -22.35
CA ALA A 833 -2.41 -34.30 -21.31
C ALA A 833 -3.26 -34.00 -20.07
N ILE A 834 -3.22 -32.76 -19.59
CA ILE A 834 -3.96 -32.42 -18.39
C ILE A 834 -5.45 -32.48 -18.62
N ASP A 835 -5.90 -32.23 -19.86
CA ASP A 835 -7.29 -32.48 -20.19
C ASP A 835 -7.63 -33.96 -20.19
N ALA A 836 -6.72 -34.81 -20.67
CA ALA A 836 -6.94 -36.25 -20.64
C ALA A 836 -7.05 -36.74 -19.20
N ILE A 837 -6.22 -36.21 -18.30
CA ILE A 837 -6.28 -36.65 -16.91
C ILE A 837 -7.59 -36.21 -16.27
N ALA A 838 -8.07 -35.02 -16.63
CA ALA A 838 -9.38 -34.58 -16.14
C ALA A 838 -10.47 -35.51 -16.64
N GLU A 839 -10.38 -35.94 -17.90
CA GLU A 839 -11.35 -36.90 -18.42
C GLU A 839 -11.27 -38.22 -17.66
N VAL A 840 -10.06 -38.68 -17.36
CA VAL A 840 -9.87 -39.91 -16.60
C VAL A 840 -10.53 -39.79 -15.23
N ALA A 841 -10.30 -38.66 -14.56
CA ALA A 841 -10.87 -38.45 -13.24
C ALA A 841 -12.39 -38.40 -13.29
N LYS A 842 -12.94 -37.71 -14.30
CA LYS A 842 -14.39 -37.63 -14.41
C LYS A 842 -14.99 -39.01 -14.64
N GLN A 843 -14.38 -39.81 -15.51
CA GLN A 843 -14.95 -41.12 -15.83
C GLN A 843 -14.81 -42.09 -14.67
N SER A 844 -13.62 -42.17 -14.07
CA SER A 844 -13.39 -43.16 -13.03
C SER A 844 -14.00 -42.73 -11.71
N LEU A 845 -13.64 -41.54 -11.23
CA LEU A 845 -14.19 -41.05 -9.97
C LEU A 845 -15.66 -40.70 -10.13
N GLY A 846 -16.39 -40.80 -9.03
CA GLY A 846 -17.82 -40.54 -9.06
C GLY A 846 -18.14 -39.07 -9.22
N ASP A 847 -19.44 -38.77 -9.14
CA ASP A 847 -19.88 -37.37 -9.21
C ASP A 847 -19.34 -36.58 -8.03
N GLU A 848 -19.15 -37.23 -6.89
CA GLU A 848 -18.72 -36.53 -5.69
C GLU A 848 -17.33 -35.94 -5.86
N TYR A 849 -16.42 -36.67 -6.48
CA TYR A 849 -15.06 -36.17 -6.64
C TYR A 849 -15.05 -35.03 -7.65
N SER A 850 -14.58 -33.86 -7.22
CA SER A 850 -14.46 -32.69 -8.08
C SER A 850 -12.99 -32.37 -8.28
N ILE A 851 -12.59 -32.22 -9.53
CA ILE A 851 -11.18 -31.98 -9.84
C ILE A 851 -10.82 -30.53 -9.54
N ALA A 852 -9.57 -30.31 -9.14
CA ALA A 852 -9.03 -28.99 -8.96
C ALA A 852 -7.58 -29.01 -9.39
N TRP A 853 -7.08 -27.85 -9.81
CA TRP A 853 -5.75 -27.75 -10.39
C TRP A 853 -4.89 -26.81 -9.56
N SER A 854 -3.59 -27.04 -9.61
CA SER A 854 -2.64 -26.26 -8.82
C SER A 854 -1.42 -25.93 -9.66
N GLY A 855 -0.92 -24.71 -9.49
CA GLY A 855 0.32 -24.33 -10.12
C GLY A 855 0.20 -24.27 -11.63
N SER A 856 1.08 -25.02 -12.30
CA SER A 856 1.18 -24.94 -13.76
C SER A 856 -0.13 -25.36 -14.43
N ALA A 857 -0.75 -26.42 -13.94
CA ALA A 857 -2.01 -26.87 -14.54
C ALA A 857 -3.10 -25.82 -14.36
N TYR A 858 -3.13 -25.17 -13.19
CA TYR A 858 -4.11 -24.11 -12.97
C TYR A 858 -3.86 -22.93 -13.91
N GLN A 859 -2.60 -22.56 -14.11
CA GLN A 859 -2.29 -21.48 -15.04
C GLN A 859 -2.73 -21.84 -16.45
N GLU A 860 -2.49 -23.09 -16.87
CA GLU A 860 -2.89 -23.51 -18.20
C GLU A 860 -4.41 -23.47 -18.36
N VAL A 861 -5.15 -23.99 -17.38
CA VAL A 861 -6.60 -24.03 -17.51
C VAL A 861 -7.21 -22.65 -17.32
N SER A 862 -6.43 -21.70 -16.77
CA SER A 862 -6.96 -20.35 -16.59
C SER A 862 -6.71 -19.48 -17.82
N SER A 863 -5.50 -19.52 -18.38
CA SER A 863 -5.10 -18.60 -19.44
C SER A 863 -4.96 -19.35 -20.76
N LYS A 864 -5.50 -18.76 -21.82
CA LYS A 864 -5.32 -19.31 -23.16
C LYS A 864 -3.87 -19.20 -23.61
N GLY A 865 -3.25 -18.04 -23.39
CA GLY A 865 -1.86 -17.84 -23.73
C GLY A 865 -1.55 -17.75 -25.21
N ALA A 866 -2.50 -17.32 -26.03
CA ALA A 866 -2.29 -17.28 -27.47
C ALA A 866 -1.84 -15.89 -27.91
N GLY A 867 -0.76 -15.84 -28.69
CA GLY A 867 -0.23 -14.61 -29.24
C GLY A 867 -0.48 -14.40 -30.71
N ALA A 868 -1.35 -15.19 -31.35
CA ALA A 868 -1.60 -15.03 -32.77
C ALA A 868 -2.25 -13.68 -33.08
N TYR A 869 -3.18 -13.24 -32.23
CA TYR A 869 -3.80 -11.94 -32.41
C TYR A 869 -2.76 -10.82 -32.32
N ALA A 870 -1.85 -10.91 -31.35
CA ALA A 870 -0.78 -9.93 -31.22
C ALA A 870 0.18 -9.94 -32.40
N PHE A 871 0.54 -11.10 -32.93
CA PHE A 871 1.42 -11.16 -34.08
C PHE A 871 0.73 -10.73 -35.37
N VAL A 872 -0.58 -10.83 -35.44
CA VAL A 872 -1.36 -10.24 -36.53
C VAL A 872 -1.38 -8.72 -36.43
N LEU A 873 -1.58 -8.21 -35.22
CA LEU A 873 -1.54 -6.76 -35.01
C LEU A 873 -0.17 -6.20 -35.37
N GLY A 874 0.89 -6.91 -34.98
CA GLY A 874 2.22 -6.45 -35.33
C GLY A 874 2.45 -6.36 -36.82
N MET A 875 1.99 -7.38 -37.56
CA MET A 875 2.14 -7.35 -39.01
C MET A 875 1.31 -6.22 -39.62
N ILE A 876 0.11 -5.99 -39.10
CA ILE A 876 -0.69 -4.88 -39.62
C ILE A 876 0.01 -3.55 -39.35
N PHE A 877 0.58 -3.37 -38.16
CA PHE A 877 1.29 -2.14 -37.85
C PHE A 877 2.48 -1.95 -38.78
N VAL A 878 3.22 -3.04 -39.06
CA VAL A 878 4.35 -2.95 -39.97
C VAL A 878 3.88 -2.54 -41.35
N PHE A 879 2.79 -3.15 -41.83
CA PHE A 879 2.26 -2.80 -43.14
C PHE A 879 1.90 -1.32 -43.20
N LEU A 880 1.23 -0.82 -42.17
CA LEU A 880 0.81 0.58 -42.18
C LEU A 880 2.00 1.53 -42.11
N ILE A 881 2.97 1.24 -41.24
CA ILE A 881 4.14 2.12 -41.11
C ILE A 881 4.91 2.16 -42.43
N LEU A 882 5.09 1.01 -43.06
CA LEU A 882 5.86 0.97 -44.30
C LEU A 882 5.07 1.55 -45.46
N ALA A 883 3.74 1.48 -45.40
CA ALA A 883 2.93 2.18 -46.40
C ALA A 883 3.06 3.67 -46.25
N ALA A 884 3.10 4.17 -45.01
CA ALA A 884 3.30 5.60 -44.78
C ALA A 884 4.66 6.04 -45.29
N GLN A 885 5.69 5.24 -45.03
CA GLN A 885 7.04 5.61 -45.45
C GLN A 885 7.19 5.55 -46.97
N TYR A 886 6.75 4.45 -47.58
CA TYR A 886 6.99 4.27 -49.01
C TYR A 886 6.00 5.08 -49.84
N GLU A 887 4.94 5.59 -49.23
CA GLU A 887 3.87 6.34 -49.87
C GLU A 887 3.13 5.49 -50.90
N ARG A 888 3.05 4.18 -50.71
CA ARG A 888 2.22 3.32 -51.56
C ARG A 888 1.86 2.08 -50.77
N TRP A 889 0.64 1.59 -50.96
CA TRP A 889 0.15 0.47 -50.16
C TRP A 889 0.79 -0.85 -50.57
N LEU A 890 1.10 -1.01 -51.85
CA LEU A 890 1.52 -2.32 -52.35
C LEU A 890 2.94 -2.66 -51.91
N MET A 891 3.81 -1.65 -51.78
CA MET A 891 5.22 -1.92 -51.53
C MET A 891 5.51 -2.68 -50.24
N PRO A 892 4.90 -2.38 -49.09
CA PRO A 892 5.25 -3.13 -47.86
C PRO A 892 4.95 -4.61 -47.92
N LEU A 893 4.13 -5.05 -48.88
CA LEU A 893 3.86 -6.48 -49.02
C LEU A 893 5.14 -7.25 -49.28
N ALA A 894 6.09 -6.65 -50.01
CA ALA A 894 7.36 -7.32 -50.26
C ALA A 894 8.10 -7.62 -48.96
N VAL A 895 8.24 -6.62 -48.09
CA VAL A 895 8.98 -6.83 -46.85
C VAL A 895 8.22 -7.77 -45.92
N ILE A 896 6.89 -7.66 -45.86
CA ILE A 896 6.17 -8.55 -44.96
C ILE A 896 6.24 -9.99 -45.44
N THR A 897 6.25 -10.21 -46.77
CA THR A 897 6.41 -11.57 -47.27
C THR A 897 7.85 -12.04 -47.18
N ALA A 898 8.79 -11.11 -47.02
CA ALA A 898 10.18 -11.51 -46.80
C ALA A 898 10.41 -12.00 -45.37
N VAL A 899 9.43 -11.82 -44.49
CA VAL A 899 9.61 -12.23 -43.09
C VAL A 899 9.75 -13.74 -42.95
N PRO A 900 8.86 -14.58 -43.49
CA PRO A 900 8.86 -16.01 -43.11
C PRO A 900 10.11 -16.78 -43.48
N PHE A 901 11.07 -16.20 -44.22
CA PHE A 901 12.28 -16.93 -44.54
C PHE A 901 13.07 -17.28 -43.29
N ALA A 902 13.28 -16.31 -42.42
CA ALA A 902 13.99 -16.56 -41.17
C ALA A 902 13.24 -17.54 -40.28
N VAL A 903 11.91 -17.45 -40.27
CA VAL A 903 11.11 -18.41 -39.50
C VAL A 903 11.35 -19.82 -40.03
N PHE A 904 11.33 -19.99 -41.35
CA PHE A 904 11.55 -21.31 -41.94
C PHE A 904 12.95 -21.82 -41.60
N GLY A 905 13.97 -20.97 -41.75
CA GLY A 905 15.32 -21.40 -41.44
C GLY A 905 15.48 -21.81 -39.99
N SER A 906 14.95 -21.01 -39.07
CA SER A 906 15.06 -21.31 -37.65
C SER A 906 14.33 -22.61 -37.31
N ILE A 907 13.09 -22.76 -37.79
CA ILE A 907 12.31 -23.95 -37.43
C ILE A 907 12.95 -25.19 -38.04
N LEU A 908 13.50 -25.07 -39.26
CA LEU A 908 14.17 -26.21 -39.88
C LEU A 908 15.42 -26.60 -39.10
N LEU A 909 16.22 -25.61 -38.68
CA LEU A 909 17.43 -25.92 -37.94
C LEU A 909 17.11 -26.56 -36.60
N VAL A 910 16.09 -26.04 -35.89
CA VAL A 910 15.77 -26.61 -34.59
C VAL A 910 15.15 -28.00 -34.75
N ALA A 911 14.41 -28.23 -35.84
CA ALA A 911 13.91 -29.58 -36.09
C ALA A 911 15.05 -30.55 -36.37
N LEU A 912 16.03 -30.13 -37.15
CA LEU A 912 17.16 -31.01 -37.46
C LEU A 912 17.98 -31.31 -36.21
N ARG A 913 18.23 -30.30 -35.38
CA ARG A 913 18.96 -30.55 -34.14
C ARG A 913 18.09 -31.31 -33.14
N GLY A 914 16.77 -31.20 -33.26
CA GLY A 914 15.86 -31.87 -32.36
C GLY A 914 15.39 -31.04 -31.18
N PHE A 915 15.88 -29.83 -31.02
CA PHE A 915 15.45 -28.98 -29.92
C PHE A 915 13.98 -28.60 -30.07
N ASP A 916 13.25 -28.58 -28.96
CA ASP A 916 11.83 -28.34 -29.00
C ASP A 916 11.52 -26.84 -29.06
N ASN A 917 10.30 -26.55 -29.51
CA ASN A 917 9.82 -25.18 -29.53
C ASN A 917 9.64 -24.67 -28.11
N ASP A 918 10.48 -23.73 -27.69
CA ASP A 918 10.45 -23.21 -26.33
C ASP A 918 10.49 -21.70 -26.36
N ILE A 919 10.49 -21.11 -25.16
CA ILE A 919 10.47 -19.66 -25.03
C ILE A 919 11.70 -19.04 -25.67
N TYR A 920 12.86 -19.65 -25.45
CA TYR A 920 14.08 -19.16 -26.08
C TYR A 920 13.97 -19.19 -27.60
N PHE A 921 13.39 -20.27 -28.14
CA PHE A 921 13.20 -20.34 -29.58
C PHE A 921 12.30 -19.22 -30.08
N GLN A 922 11.23 -18.94 -29.35
CA GLN A 922 10.29 -17.91 -29.78
C GLN A 922 10.93 -16.52 -29.72
N THR A 923 11.71 -16.25 -28.68
CA THR A 923 12.39 -14.96 -28.59
C THR A 923 13.42 -14.80 -29.69
N GLY A 924 14.21 -15.85 -29.95
CA GLY A 924 15.13 -15.81 -31.08
C GLY A 924 14.39 -15.60 -32.38
N LEU A 925 13.23 -16.22 -32.52
CA LEU A 925 12.41 -16.04 -33.72
C LEU A 925 11.96 -14.58 -33.86
N LEU A 926 11.59 -13.95 -32.75
CA LEU A 926 11.22 -12.55 -32.78
C LEU A 926 12.39 -11.68 -33.24
N LEU A 927 13.59 -11.97 -32.72
CA LEU A 927 14.77 -11.23 -33.16
C LEU A 927 15.01 -11.43 -34.66
N LEU A 928 14.85 -12.67 -35.13
CA LEU A 928 15.08 -12.95 -36.55
C LEU A 928 14.05 -12.25 -37.41
N ILE A 929 12.80 -12.20 -36.97
CA ILE A 929 11.76 -11.47 -37.68
C ILE A 929 12.15 -10.00 -37.80
N GLY A 930 12.60 -9.43 -36.69
CA GLY A 930 13.03 -8.04 -36.71
C GLY A 930 14.17 -7.79 -37.68
N LEU A 931 15.19 -8.65 -37.64
CA LEU A 931 16.34 -8.46 -38.51
C LEU A 931 15.99 -8.63 -39.98
N SER A 932 15.18 -9.65 -40.29
CA SER A 932 14.77 -9.86 -41.67
C SER A 932 13.94 -8.71 -42.19
N ALA A 933 13.00 -8.22 -41.37
CA ALA A 933 12.22 -7.05 -41.77
C ALA A 933 13.11 -5.83 -41.96
N LYS A 934 14.12 -5.68 -41.11
CA LYS A 934 15.03 -4.55 -41.24
C LYS A 934 15.79 -4.60 -42.56
N ASN A 935 16.35 -5.76 -42.88
CA ASN A 935 17.08 -5.91 -44.15
C ASN A 935 16.15 -5.66 -45.33
N ALA A 936 14.94 -6.20 -45.26
CA ALA A 936 13.99 -6.01 -46.35
C ALA A 936 13.62 -4.54 -46.50
N ILE A 937 13.44 -3.83 -45.38
CA ILE A 937 13.13 -2.40 -45.45
C ILE A 937 14.26 -1.64 -46.13
N LEU A 938 15.50 -1.95 -45.76
CA LEU A 938 16.63 -1.29 -46.39
C LEU A 938 16.64 -1.52 -47.89
N ILE A 939 16.50 -2.79 -48.32
CA ILE A 939 16.56 -3.10 -49.74
C ILE A 939 15.41 -2.43 -50.49
N ILE A 940 14.21 -2.49 -49.91
CA ILE A 940 13.04 -1.93 -50.58
C ILE A 940 13.17 -0.42 -50.73
N GLU A 941 13.61 0.27 -49.67
CA GLU A 941 13.74 1.72 -49.77
C GLU A 941 14.82 2.11 -50.74
N PHE A 942 15.93 1.36 -50.78
CA PHE A 942 16.96 1.67 -51.76
C PHE A 942 16.48 1.43 -53.18
N ALA A 943 15.67 0.40 -53.39
CA ALA A 943 15.06 0.19 -54.70
C ALA A 943 14.14 1.35 -55.07
N MET A 944 13.35 1.83 -54.10
CA MET A 944 12.48 2.97 -54.34
C MET A 944 13.30 4.21 -54.71
N GLU A 945 14.42 4.42 -54.03
CA GLU A 945 15.29 5.55 -54.36
C GLU A 945 15.88 5.42 -55.75
N GLU A 946 16.31 4.20 -56.12
CA GLU A 946 16.85 4.00 -57.47
C GLU A 946 15.80 4.30 -58.54
N ARG A 947 14.56 3.85 -58.32
CA ARG A 947 13.51 4.16 -59.27
C ARG A 947 13.15 5.64 -59.25
N LEU A 948 13.37 6.31 -58.12
CA LEU A 948 12.94 7.69 -57.98
C LEU A 948 13.77 8.63 -58.84
N LYS A 949 15.10 8.52 -58.76
CA LYS A 949 15.99 9.45 -59.43
C LYS A 949 16.70 8.85 -60.64
N LYS A 950 17.29 7.67 -60.50
CA LYS A 950 18.01 7.08 -61.63
C LYS A 950 17.05 6.64 -62.73
N GLY A 951 15.83 6.27 -62.36
CA GLY A 951 14.81 5.94 -63.34
C GLY A 951 15.14 4.75 -64.21
N LYS A 952 15.65 3.67 -63.60
CA LYS A 952 15.98 2.46 -64.34
C LYS A 952 14.74 1.58 -64.45
N SER A 953 14.89 0.42 -65.09
CA SER A 953 13.78 -0.50 -65.27
C SER A 953 13.38 -1.10 -63.92
N ILE A 954 12.29 -1.88 -63.94
CA ILE A 954 11.82 -2.52 -62.71
C ILE A 954 12.87 -3.47 -62.17
N PHE A 955 13.43 -4.31 -63.04
CA PHE A 955 14.45 -5.27 -62.65
C PHE A 955 15.80 -4.60 -62.44
N GLU A 956 16.11 -3.59 -63.24
CA GLU A 956 17.42 -2.94 -63.14
C GLU A 956 17.59 -2.23 -61.81
N ALA A 957 16.59 -1.45 -61.40
CA ALA A 957 16.67 -0.76 -60.11
C ALA A 957 16.73 -1.77 -58.98
N ALA A 958 15.95 -2.85 -59.06
CA ALA A 958 15.97 -3.87 -58.03
C ALA A 958 17.34 -4.50 -57.88
N ILE A 959 17.96 -4.89 -59.00
CA ILE A 959 19.25 -5.56 -58.92
C ILE A 959 20.33 -4.59 -58.50
N ASN A 960 20.24 -3.32 -58.91
CA ASN A 960 21.20 -2.32 -58.48
C ASN A 960 21.13 -2.12 -56.96
N ALA A 961 19.92 -1.98 -56.43
CA ALA A 961 19.76 -1.80 -55.00
C ALA A 961 20.22 -3.03 -54.23
N ALA A 962 19.92 -4.22 -54.76
CA ALA A 962 20.36 -5.45 -54.12
C ALA A 962 21.89 -5.54 -54.08
N LYS A 963 22.54 -5.19 -55.19
CA LYS A 963 24.00 -5.21 -55.22
C LYS A 963 24.58 -4.19 -54.25
N LEU A 964 23.96 -3.02 -54.16
CA LEU A 964 24.44 -2.00 -53.24
C LEU A 964 24.29 -2.45 -51.79
N ARG A 965 23.18 -3.11 -51.45
CA ARG A 965 22.91 -3.49 -50.07
C ARG A 965 23.43 -4.87 -49.70
N PHE A 966 24.01 -5.62 -50.65
CA PHE A 966 24.51 -6.96 -50.33
C PHE A 966 25.60 -6.90 -49.27
N ARG A 967 26.52 -5.96 -49.40
CA ARG A 967 27.64 -5.89 -48.47
C ARG A 967 27.22 -5.66 -47.03
N PRO A 968 26.41 -4.64 -46.69
CA PRO A 968 26.03 -4.48 -45.27
C PRO A 968 25.22 -5.65 -44.73
N ILE A 969 24.32 -6.22 -45.53
CA ILE A 969 23.49 -7.30 -45.03
C ILE A 969 24.34 -8.52 -44.69
N ILE A 970 25.27 -8.88 -45.57
CA ILE A 970 26.13 -10.04 -45.32
C ILE A 970 27.09 -9.74 -44.18
N MET A 971 27.58 -8.51 -44.09
CA MET A 971 28.44 -8.15 -42.97
C MET A 971 27.72 -8.33 -41.65
N THR A 972 26.49 -7.83 -41.55
CA THR A 972 25.71 -7.97 -40.32
C THR A 972 25.39 -9.44 -40.04
N SER A 973 25.03 -10.20 -41.07
CA SER A 973 24.73 -11.61 -40.87
C SER A 973 25.95 -12.39 -40.38
N LEU A 974 27.13 -12.11 -40.94
CA LEU A 974 28.34 -12.76 -40.46
C LEU A 974 28.62 -12.36 -39.01
N ALA A 975 28.40 -11.09 -38.67
CA ALA A 975 28.59 -10.67 -37.29
C ALA A 975 27.69 -11.45 -36.36
N PHE A 976 26.41 -11.59 -36.72
CA PHE A 976 25.48 -12.35 -35.88
C PHE A 976 25.91 -13.80 -35.76
N THR A 977 26.29 -14.41 -36.90
CA THR A 977 26.65 -15.82 -36.88
C THR A 977 27.86 -16.09 -36.00
N PHE A 978 28.89 -15.25 -36.13
CA PHE A 978 30.07 -15.42 -35.28
C PHE A 978 29.75 -15.14 -33.83
N GLY A 979 28.88 -14.17 -33.56
CA GLY A 979 28.51 -13.89 -32.18
C GLY A 979 27.78 -15.05 -31.53
N VAL A 980 26.88 -15.70 -32.28
CA VAL A 980 26.05 -16.77 -31.71
C VAL A 980 26.68 -18.14 -31.84
N LEU A 981 27.79 -18.27 -32.58
CA LEU A 981 28.43 -19.58 -32.70
C LEU A 981 28.85 -20.19 -31.37
N PRO A 982 29.50 -19.48 -30.43
CA PRO A 982 29.87 -20.14 -29.16
C PRO A 982 28.69 -20.64 -28.36
N MET A 983 27.49 -20.11 -28.59
CA MET A 983 26.32 -20.59 -27.85
C MET A 983 26.05 -22.07 -28.17
N ILE A 984 26.33 -22.48 -29.41
CA ILE A 984 26.10 -23.87 -29.81
C ILE A 984 26.96 -24.81 -28.99
N PHE A 985 28.24 -24.48 -28.81
CA PHE A 985 29.19 -25.32 -28.10
C PHE A 985 29.41 -24.86 -26.67
N ALA A 986 28.51 -24.05 -26.13
CA ALA A 986 28.64 -23.58 -24.75
C ALA A 986 28.51 -24.74 -23.77
N THR A 987 29.38 -24.75 -22.76
CA THR A 987 29.39 -25.79 -21.74
C THR A 987 29.41 -25.11 -20.37
N GLY A 988 28.42 -25.42 -19.55
CA GLY A 988 28.35 -24.82 -18.23
C GLY A 988 26.90 -24.73 -17.78
N ALA A 989 26.67 -23.82 -16.83
CA ALA A 989 25.32 -23.58 -16.34
C ALA A 989 24.44 -23.00 -17.43
N GLY A 990 23.19 -23.46 -17.50
CA GLY A 990 22.25 -22.96 -18.48
C GLY A 990 22.58 -23.31 -19.91
N SER A 991 23.39 -24.35 -20.13
CA SER A 991 23.90 -24.62 -21.47
C SER A 991 22.79 -25.05 -22.43
N ALA A 992 21.77 -25.75 -21.92
CA ALA A 992 20.72 -26.24 -22.80
C ALA A 992 19.93 -25.09 -23.42
N SER A 993 19.58 -24.09 -22.63
CA SER A 993 18.86 -22.94 -23.16
C SER A 993 19.69 -22.20 -24.19
N ARG A 994 20.99 -22.02 -23.91
CA ARG A 994 21.87 -21.38 -24.88
C ARG A 994 21.97 -22.20 -26.16
N HIS A 995 22.00 -23.53 -26.04
CA HIS A 995 22.05 -24.37 -27.23
C HIS A 995 20.80 -24.18 -28.08
N SER A 996 19.62 -24.20 -27.45
CA SER A 996 18.38 -24.02 -28.21
C SER A 996 18.33 -22.65 -28.87
N LEU A 997 18.64 -21.60 -28.10
CA LEU A 997 18.61 -20.25 -28.65
C LEU A 997 19.60 -20.10 -29.79
N GLY A 998 20.82 -20.61 -29.61
CA GLY A 998 21.82 -20.49 -30.65
C GLY A 998 21.46 -21.25 -31.91
N THR A 999 20.86 -22.44 -31.76
CA THR A 999 20.42 -23.17 -32.94
C THR A 999 19.35 -22.39 -33.70
N GLY A 1000 18.38 -21.82 -32.97
CA GLY A 1000 17.39 -21.00 -33.65
C GLY A 1000 18.00 -19.81 -34.35
N LEU A 1001 18.96 -19.14 -33.68
CA LEU A 1001 19.61 -17.97 -34.28
C LEU A 1001 20.40 -18.36 -35.52
N ILE A 1002 21.11 -19.48 -35.47
CA ILE A 1002 21.89 -19.93 -36.62
C ILE A 1002 20.97 -20.21 -37.80
N GLY A 1003 19.86 -20.92 -37.54
CA GLY A 1003 18.92 -21.20 -38.62
C GLY A 1003 18.35 -19.93 -39.23
N GLY A 1004 17.92 -19.00 -38.38
CA GLY A 1004 17.36 -17.76 -38.89
C GLY A 1004 18.37 -16.92 -39.65
N MET A 1005 19.61 -16.86 -39.16
CA MET A 1005 20.64 -16.09 -39.84
C MET A 1005 20.97 -16.70 -41.19
N ILE A 1006 21.08 -18.03 -41.26
CA ILE A 1006 21.34 -18.68 -42.53
C ILE A 1006 20.21 -18.40 -43.51
N ALA A 1007 18.97 -18.53 -43.05
CA ALA A 1007 17.84 -18.29 -43.94
C ALA A 1007 17.81 -16.84 -44.43
N ALA A 1008 18.02 -15.88 -43.53
CA ALA A 1008 17.97 -14.47 -43.92
C ALA A 1008 19.09 -14.13 -44.89
N SER A 1009 20.30 -14.64 -44.64
CA SER A 1009 21.42 -14.31 -45.51
C SER A 1009 21.35 -15.06 -46.83
N THR A 1010 20.60 -16.16 -46.88
CA THR A 1010 20.54 -16.94 -48.11
C THR A 1010 19.34 -16.58 -48.98
N LEU A 1011 18.13 -16.74 -48.45
CA LEU A 1011 16.93 -16.64 -49.28
C LEU A 1011 16.44 -15.21 -49.40
N ALA A 1012 16.49 -14.45 -48.30
CA ALA A 1012 15.86 -13.14 -48.27
C ALA A 1012 16.54 -12.18 -49.24
N ILE A 1013 17.88 -12.20 -49.29
CA ILE A 1013 18.60 -11.23 -50.11
C ILE A 1013 18.26 -11.41 -51.58
N PHE A 1014 17.85 -12.62 -51.97
CA PHE A 1014 17.45 -12.86 -53.35
C PHE A 1014 15.96 -12.59 -53.55
N PHE A 1015 15.13 -12.98 -52.59
CA PHE A 1015 13.68 -12.92 -52.81
C PHE A 1015 13.16 -11.48 -52.70
N VAL A 1016 13.78 -10.66 -51.85
CA VAL A 1016 13.30 -9.29 -51.68
C VAL A 1016 13.34 -8.49 -52.99
N PRO A 1017 14.43 -8.49 -53.76
CA PRO A 1017 14.39 -7.80 -55.06
C PRO A 1017 13.34 -8.36 -56.01
N LEU A 1018 13.13 -9.68 -55.99
CA LEU A 1018 12.07 -10.28 -56.79
C LEU A 1018 10.71 -9.75 -56.36
N PHE A 1019 10.48 -9.67 -55.05
CA PHE A 1019 9.23 -9.15 -54.54
C PHE A 1019 9.03 -7.70 -54.94
N PHE A 1020 10.09 -6.90 -54.85
CA PHE A 1020 10.01 -5.50 -55.25
C PHE A 1020 9.65 -5.37 -56.72
N TYR A 1021 10.31 -6.16 -57.57
CA TYR A 1021 10.02 -6.13 -59.00
C TYR A 1021 8.58 -6.53 -59.27
N LEU A 1022 8.09 -7.58 -58.59
CA LEU A 1022 6.73 -8.02 -58.81
C LEU A 1022 5.73 -6.96 -58.38
N LEU A 1023 5.94 -6.36 -57.21
CA LEU A 1023 5.02 -5.35 -56.71
C LEU A 1023 5.03 -4.11 -57.59
N GLU A 1024 6.21 -3.71 -58.08
CA GLU A 1024 6.28 -2.53 -58.94
C GLU A 1024 5.66 -2.82 -60.30
N ASN A 1025 5.80 -4.04 -60.82
CA ASN A 1025 5.13 -4.39 -62.05
C ASN A 1025 3.62 -4.37 -61.88
N PHE A 1026 3.12 -4.87 -60.75
CA PHE A 1026 1.68 -4.81 -60.49
C PHE A 1026 1.21 -3.36 -60.35
N ASN A 1027 2.04 -2.51 -59.75
CA ASN A 1027 1.72 -1.08 -59.69
C ASN A 1027 1.65 -0.48 -61.10
N GLU A 1028 2.59 -0.85 -61.97
CA GLU A 1028 2.58 -0.35 -63.34
C GLU A 1028 1.32 -0.80 -64.07
N TRP A 1029 0.90 -2.05 -63.85
CA TRP A 1029 -0.33 -2.52 -64.48
C TRP A 1029 -1.54 -1.73 -64.00
N LEU A 1030 -1.56 -1.36 -62.72
CA LEU A 1030 -2.66 -0.54 -62.22
C LEU A 1030 -2.67 0.83 -62.88
N ASP A 1031 -1.50 1.37 -63.21
CA ASP A 1031 -1.44 2.64 -63.90
C ASP A 1031 -2.09 2.57 -65.28
N LYS A 1032 -1.88 1.46 -65.98
CA LYS A 1032 -2.47 1.28 -67.30
C LYS A 1032 -3.90 0.76 -67.19
N MET B 1 3.53 24.90 -42.46
CA MET B 1 3.37 23.93 -43.53
C MET B 1 2.96 22.56 -42.98
N PHE B 2 2.34 22.55 -41.80
CA PHE B 2 1.97 21.28 -41.18
C PHE B 2 0.89 20.58 -41.99
N SER B 3 -0.18 21.29 -42.33
CA SER B 3 -1.24 20.70 -43.14
C SER B 3 -0.73 20.35 -44.53
N LYS B 4 0.14 21.20 -45.09
CA LYS B 4 0.61 20.98 -46.45
C LYS B 4 1.42 19.70 -46.56
N PHE B 5 2.12 19.32 -45.48
CA PHE B 5 2.86 18.06 -45.50
C PHE B 5 1.92 16.89 -45.69
N PHE B 6 0.78 16.91 -45.03
CA PHE B 6 -0.17 15.81 -45.16
C PHE B 6 -0.96 15.89 -46.45
N ILE B 7 -1.17 17.10 -46.97
CA ILE B 7 -1.88 17.25 -48.24
C ILE B 7 -1.12 16.58 -49.37
N GLU B 8 0.20 16.78 -49.41
CA GLU B 8 1.02 16.19 -50.45
C GLU B 8 1.31 14.71 -50.22
N ARG B 9 1.00 14.18 -49.03
CA ARG B 9 1.27 12.79 -48.70
C ARG B 9 0.01 12.16 -48.11
N PRO B 10 -0.99 11.86 -48.95
CA PRO B 10 -2.24 11.29 -48.43
C PRO B 10 -2.07 9.97 -47.73
N ILE B 11 -1.13 9.14 -48.17
CA ILE B 11 -0.94 7.84 -47.54
C ILE B 11 -0.53 8.00 -46.08
N PHE B 12 0.29 9.01 -45.80
CA PHE B 12 0.72 9.24 -44.41
C PHE B 12 -0.46 9.59 -43.52
N ALA B 13 -1.32 10.50 -43.97
CA ALA B 13 -2.49 10.87 -43.18
C ALA B 13 -3.41 9.68 -42.98
N SER B 14 -3.64 8.90 -44.06
CA SER B 14 -4.47 7.73 -43.93
C SER B 14 -3.89 6.73 -42.95
N VAL B 15 -2.57 6.55 -42.97
CA VAL B 15 -1.93 5.61 -42.06
C VAL B 15 -2.05 6.08 -40.62
N VAL B 16 -1.87 7.38 -40.38
CA VAL B 16 -2.02 7.90 -39.02
C VAL B 16 -3.44 7.66 -38.52
N ALA B 17 -4.43 7.96 -39.36
CA ALA B 17 -5.82 7.74 -38.96
C ALA B 17 -6.10 6.28 -38.69
N ILE B 18 -5.61 5.38 -39.55
CA ILE B 18 -5.90 3.96 -39.38
C ILE B 18 -5.21 3.42 -38.13
N ILE B 19 -4.00 3.88 -37.85
CA ILE B 19 -3.31 3.46 -36.64
C ILE B 19 -4.07 3.94 -35.41
N ILE B 20 -4.56 5.19 -35.44
CA ILE B 20 -5.37 5.68 -34.33
C ILE B 20 -6.60 4.81 -34.15
N SER B 21 -7.28 4.46 -35.24
CA SER B 21 -8.48 3.65 -35.14
C SER B 21 -8.17 2.25 -34.62
N ILE B 22 -7.05 1.66 -35.03
CA ILE B 22 -6.69 0.31 -34.58
C ILE B 22 -6.38 0.32 -33.09
N ALA B 23 -5.57 1.28 -32.65
CA ALA B 23 -5.31 1.41 -31.22
C ALA B 23 -6.60 1.67 -30.45
N GLY B 24 -7.52 2.41 -31.06
CA GLY B 24 -8.79 2.67 -30.40
C GLY B 24 -9.63 1.42 -30.24
N ILE B 25 -9.67 0.58 -31.27
CA ILE B 25 -10.40 -0.68 -31.17
C ILE B 25 -9.77 -1.58 -30.12
N ILE B 26 -8.44 -1.62 -30.07
CA ILE B 26 -7.77 -2.41 -29.05
C ILE B 26 -8.14 -1.91 -27.65
N GLY B 27 -8.07 -0.59 -27.45
CA GLY B 27 -8.41 -0.04 -26.15
C GLY B 27 -9.86 -0.26 -25.78
N LEU B 28 -10.76 -0.12 -26.75
CA LEU B 28 -12.18 -0.35 -26.51
C LEU B 28 -12.45 -1.79 -26.12
N ALA B 29 -11.78 -2.74 -26.78
CA ALA B 29 -11.92 -4.13 -26.39
C ALA B 29 -11.40 -4.38 -24.99
N ASN B 30 -10.27 -3.75 -24.65
CA ASN B 30 -9.69 -3.98 -23.32
C ASN B 30 -10.44 -3.24 -22.23
N LEU B 31 -11.08 -2.12 -22.57
CA LEU B 31 -11.63 -1.24 -21.54
C LEU B 31 -12.74 -1.94 -20.77
N PRO B 32 -12.72 -1.86 -19.44
CA PRO B 32 -13.83 -2.41 -18.65
C PRO B 32 -15.11 -1.62 -18.86
N VAL B 33 -16.23 -2.29 -18.69
CA VAL B 33 -17.55 -1.68 -18.80
C VAL B 33 -18.14 -1.58 -17.40
N GLU B 34 -18.46 -0.36 -17.00
CA GLU B 34 -19.03 -0.09 -15.69
C GLU B 34 -20.28 0.75 -15.87
N GLN B 35 -21.04 0.92 -14.79
CA GLN B 35 -22.18 1.82 -14.83
C GLN B 35 -21.77 3.23 -14.44
N TYR B 36 -20.97 3.37 -13.39
CA TYR B 36 -20.55 4.66 -12.87
C TYR B 36 -19.09 4.59 -12.44
N PRO B 37 -18.39 5.72 -12.41
CA PRO B 37 -16.93 5.71 -12.16
C PRO B 37 -16.54 5.65 -10.69
N SER B 38 -17.10 4.67 -9.97
CA SER B 38 -16.76 4.44 -8.56
C SER B 38 -16.99 5.68 -7.71
N LEU B 39 -18.25 6.12 -7.65
CA LEU B 39 -18.61 7.25 -6.80
C LEU B 39 -18.91 6.83 -5.37
N THR B 40 -18.89 5.54 -5.07
CA THR B 40 -19.19 5.07 -3.73
C THR B 40 -18.05 5.39 -2.78
N PRO B 41 -18.31 5.98 -1.62
CA PRO B 41 -17.27 6.15 -0.62
C PRO B 41 -16.86 4.81 -0.03
N PRO B 42 -15.58 4.51 0.02
CA PRO B 42 -15.13 3.24 0.60
C PRO B 42 -15.54 3.15 2.07
N THR B 43 -15.89 1.95 2.49
CA THR B 43 -16.37 1.70 3.83
C THR B 43 -15.59 0.56 4.46
N VAL B 44 -15.32 0.68 5.75
CA VAL B 44 -14.63 -0.34 6.54
C VAL B 44 -15.48 -0.63 7.76
N GLN B 45 -15.80 -1.91 7.98
CA GLN B 45 -16.71 -2.29 9.05
C GLN B 45 -15.94 -2.92 10.20
N VAL B 46 -16.25 -2.49 11.41
CA VAL B 46 -15.66 -3.01 12.64
C VAL B 46 -16.76 -3.69 13.44
N SER B 47 -16.55 -4.96 13.77
CA SER B 47 -17.54 -5.75 14.49
C SER B 47 -16.97 -6.20 15.82
N ALA B 48 -17.66 -5.89 16.91
CA ALA B 48 -17.28 -6.33 18.23
C ALA B 48 -18.49 -6.96 18.91
N THR B 49 -18.24 -7.97 19.73
CA THR B 49 -19.30 -8.76 20.34
C THR B 49 -19.16 -8.74 21.85
N TYR B 50 -20.23 -8.36 22.54
CA TYR B 50 -20.33 -8.47 23.98
C TYR B 50 -21.44 -9.46 24.28
N THR B 51 -21.09 -10.59 24.89
CA THR B 51 -22.05 -11.67 25.06
C THR B 51 -23.13 -11.27 26.03
N GLY B 52 -24.38 -11.28 25.56
CA GLY B 52 -25.52 -11.09 26.43
C GLY B 52 -25.78 -9.68 26.90
N ALA B 53 -25.07 -8.69 26.39
CA ALA B 53 -25.34 -7.32 26.79
C ALA B 53 -26.45 -6.72 25.94
N ASP B 54 -27.17 -5.77 26.53
CA ASP B 54 -28.28 -5.13 25.82
C ASP B 54 -27.76 -4.11 24.82
N ALA B 55 -28.71 -3.48 24.13
CA ALA B 55 -28.34 -2.55 23.07
C ALA B 55 -27.63 -1.32 23.60
N GLN B 56 -28.17 -0.70 24.65
CA GLN B 56 -27.61 0.56 25.12
C GLN B 56 -26.27 0.37 25.82
N THR B 57 -26.15 -0.69 26.62
CA THR B 57 -24.90 -0.96 27.31
C THR B 57 -23.79 -1.23 26.31
N ILE B 58 -24.06 -2.06 25.30
CA ILE B 58 -23.08 -2.27 24.25
C ILE B 58 -22.76 -0.96 23.56
N ALA B 59 -23.79 -0.21 23.15
CA ALA B 59 -23.56 1.06 22.48
C ALA B 59 -22.55 1.90 23.23
N SER B 60 -22.86 2.28 24.46
CA SER B 60 -21.92 3.09 25.23
C SER B 60 -20.58 2.37 25.39
N THR B 61 -20.57 1.29 26.17
CA THR B 61 -19.32 0.74 26.69
C THR B 61 -18.40 0.21 25.60
N VAL B 62 -18.94 -0.13 24.43
CA VAL B 62 -18.15 -0.71 23.36
C VAL B 62 -17.97 0.26 22.20
N ALA B 63 -19.06 0.83 21.67
CA ALA B 63 -18.92 1.72 20.54
C ALA B 63 -18.24 3.02 20.91
N THR B 64 -18.49 3.55 22.11
CA THR B 64 -17.80 4.78 22.50
C THR B 64 -16.29 4.64 22.54
N PRO B 65 -15.70 3.58 23.10
CA PRO B 65 -14.24 3.45 22.98
C PRO B 65 -13.75 3.24 21.56
N ILE B 66 -14.43 2.40 20.78
CA ILE B 66 -13.96 2.10 19.44
C ILE B 66 -14.14 3.31 18.52
N GLU B 67 -15.27 3.99 18.63
CA GLU B 67 -15.46 5.20 17.83
C GLU B 67 -14.45 6.28 18.18
N ASP B 68 -14.16 6.44 19.47
CA ASP B 68 -13.18 7.44 19.88
C ASP B 68 -11.79 7.11 19.36
N ALA B 69 -11.46 5.81 19.31
CA ALA B 69 -10.18 5.40 18.73
C ALA B 69 -10.13 5.67 17.23
N ILE B 70 -11.16 5.22 16.51
CA ILE B 70 -11.14 5.33 15.05
C ILE B 70 -11.35 6.77 14.62
N ASN B 71 -11.78 7.65 15.52
CA ASN B 71 -11.93 9.05 15.16
C ASN B 71 -10.59 9.63 14.76
N GLY B 72 -10.56 10.30 13.61
CA GLY B 72 -9.35 10.93 13.14
C GLY B 72 -8.52 10.15 12.14
N VAL B 73 -9.04 9.05 11.60
CA VAL B 73 -8.35 8.36 10.52
C VAL B 73 -8.24 9.28 9.33
N ASP B 74 -7.17 9.14 8.57
CA ASP B 74 -7.04 9.92 7.34
C ASP B 74 -8.17 9.57 6.38
N ASN B 75 -8.72 10.61 5.76
CA ASN B 75 -9.74 10.47 4.72
C ASN B 75 -10.99 9.76 5.23
N MET B 76 -11.47 10.16 6.39
CA MET B 76 -12.72 9.66 6.95
C MET B 76 -13.79 10.73 6.80
N ILE B 77 -14.96 10.35 6.30
CA ILE B 77 -16.03 11.34 6.15
C ILE B 77 -17.01 11.24 7.32
N TYR B 78 -17.45 10.04 7.67
CA TYR B 78 -18.34 9.85 8.81
C TYR B 78 -18.30 8.38 9.21
N MET B 79 -18.98 8.06 10.32
CA MET B 79 -19.01 6.71 10.85
C MET B 79 -20.24 6.53 11.71
N ASP B 80 -20.99 5.46 11.46
CA ASP B 80 -22.21 5.17 12.21
C ASP B 80 -22.12 3.78 12.81
N SER B 81 -22.51 3.64 14.06
CA SER B 81 -22.42 2.40 14.81
C SER B 81 -23.80 1.93 15.21
N THR B 82 -24.10 0.66 14.96
CA THR B 82 -25.35 0.06 15.38
C THR B 82 -25.06 -1.01 16.42
N SER B 83 -25.71 -0.91 17.57
CA SER B 83 -25.46 -1.81 18.69
C SER B 83 -26.70 -2.68 18.91
N SER B 84 -26.71 -3.85 18.28
CA SER B 84 -27.79 -4.81 18.39
C SER B 84 -27.63 -5.56 19.70
N PRO B 85 -28.59 -6.40 20.10
CA PRO B 85 -28.41 -7.18 21.34
C PRO B 85 -27.27 -8.18 21.19
N GLY B 86 -26.17 -7.94 21.90
CA GLY B 86 -25.03 -8.82 21.88
C GLY B 86 -24.02 -8.55 20.80
N GLN B 87 -24.22 -7.53 19.97
CA GLN B 87 -23.33 -7.24 18.85
C GLN B 87 -23.09 -5.74 18.75
N MET B 88 -22.02 -5.38 18.07
CA MET B 88 -21.73 -3.99 17.74
C MET B 88 -21.16 -3.94 16.34
N LYS B 89 -21.85 -3.27 15.43
CA LYS B 89 -21.42 -3.14 14.05
C LYS B 89 -21.16 -1.67 13.76
N LEU B 90 -19.89 -1.33 13.57
CA LEU B 90 -19.48 0.04 13.27
C LEU B 90 -18.89 0.05 11.88
N THR B 91 -19.41 0.89 11.01
CA THR B 91 -18.91 1.02 9.66
C THR B 91 -18.37 2.43 9.44
N VAL B 92 -17.10 2.51 9.06
CA VAL B 92 -16.41 3.78 8.85
C VAL B 92 -16.41 4.05 7.36
N TYR B 93 -16.94 5.20 6.97
CA TYR B 93 -16.97 5.59 5.56
C TYR B 93 -15.81 6.53 5.28
N PHE B 94 -15.15 6.31 4.14
CA PHE B 94 -13.95 7.05 3.80
C PHE B 94 -14.18 7.89 2.55
N ASN B 95 -13.27 8.82 2.32
CA ASN B 95 -13.44 9.80 1.25
C ASN B 95 -13.41 9.13 -0.12
N ILE B 96 -14.11 9.72 -1.08
CA ILE B 96 -14.15 9.15 -2.41
C ILE B 96 -12.75 9.14 -3.02
N GLY B 97 -12.30 7.97 -3.42
CA GLY B 97 -10.98 7.83 -3.97
C GLY B 97 -9.92 7.34 -3.00
N THR B 98 -10.32 6.96 -1.79
CA THR B 98 -9.39 6.42 -0.80
C THR B 98 -9.21 4.93 -1.05
N ASP B 99 -8.01 4.42 -0.80
CA ASP B 99 -7.77 3.00 -0.96
C ASP B 99 -8.62 2.22 0.02
N PRO B 100 -9.45 1.28 -0.43
CA PRO B 100 -10.14 0.42 0.52
C PRO B 100 -9.19 -0.40 1.36
N ASP B 101 -8.01 -0.74 0.83
CA ASP B 101 -7.05 -1.51 1.60
C ASP B 101 -6.40 -0.67 2.69
N GLN B 102 -5.94 0.54 2.34
CA GLN B 102 -5.22 1.37 3.30
C GLN B 102 -6.12 1.83 4.44
N ALA B 103 -7.40 2.05 4.16
CA ALA B 103 -8.34 2.43 5.20
C ALA B 103 -8.46 1.36 6.27
N ALA B 104 -8.52 0.09 5.87
CA ALA B 104 -8.56 -1.00 6.83
C ALA B 104 -7.27 -1.05 7.66
N ILE B 105 -6.13 -0.80 7.03
CA ILE B 105 -4.87 -0.79 7.77
C ILE B 105 -4.91 0.29 8.84
N ASP B 106 -5.34 1.50 8.47
CA ASP B 106 -5.36 2.60 9.42
C ASP B 106 -6.35 2.34 10.56
N VAL B 107 -7.52 1.80 10.24
CA VAL B 107 -8.49 1.47 11.28
C VAL B 107 -7.93 0.41 12.22
N ASN B 108 -7.29 -0.62 11.66
CA ASN B 108 -6.69 -1.66 12.49
C ASN B 108 -5.63 -1.09 13.41
N ASN B 109 -4.78 -0.23 12.89
CA ASN B 109 -3.74 0.39 13.69
C ASN B 109 -4.31 1.24 14.80
N ARG B 110 -5.35 2.03 14.53
CA ARG B 110 -5.91 2.87 15.59
C ARG B 110 -6.61 2.02 16.66
N ILE B 111 -7.30 0.96 16.24
CA ILE B 111 -7.96 0.09 17.20
C ILE B 111 -6.93 -0.58 18.10
N SER B 112 -5.85 -1.09 17.52
CA SER B 112 -4.81 -1.69 18.33
C SER B 112 -4.10 -0.66 19.21
N ALA B 113 -3.98 0.58 18.75
CA ALA B 113 -3.39 1.63 19.57
C ALA B 113 -4.22 1.91 20.81
N ALA B 114 -5.54 1.92 20.66
CA ALA B 114 -6.43 2.11 21.81
C ALA B 114 -6.92 0.78 22.36
N THR B 115 -5.99 -0.09 22.75
CA THR B 115 -6.39 -1.37 23.35
C THR B 115 -6.91 -1.18 24.76
N ALA B 116 -6.27 -0.31 25.54
CA ALA B 116 -6.56 -0.21 26.98
C ALA B 116 -8.02 0.16 27.22
N LYS B 117 -8.61 0.95 26.33
CA LYS B 117 -9.95 1.47 26.57
C LYS B 117 -11.02 0.39 26.47
N LEU B 118 -10.78 -0.66 25.70
CA LEU B 118 -11.80 -1.67 25.47
C LEU B 118 -12.11 -2.46 26.75
N PRO B 119 -13.34 -2.93 26.89
CA PRO B 119 -13.65 -3.85 28.00
C PRO B 119 -13.11 -5.24 27.73
N GLU B 120 -13.20 -6.09 28.75
CA GLU B 120 -12.53 -7.39 28.69
C GLU B 120 -13.26 -8.37 27.80
N ALA B 121 -14.60 -8.32 27.79
CA ALA B 121 -15.36 -9.31 27.04
C ALA B 121 -15.08 -9.22 25.54
N VAL B 122 -15.04 -8.00 25.00
CA VAL B 122 -14.78 -7.84 23.58
C VAL B 122 -13.34 -8.26 23.26
N LYS B 123 -12.41 -8.03 24.17
CA LYS B 123 -11.04 -8.51 23.96
C LYS B 123 -11.02 -10.03 23.90
N LYS B 124 -11.75 -10.70 24.78
CA LYS B 124 -11.76 -12.15 24.78
C LYS B 124 -12.38 -12.69 23.49
N LEU B 125 -13.48 -12.09 23.04
CA LEU B 125 -14.10 -12.58 21.81
C LEU B 125 -13.34 -12.13 20.58
N GLY B 126 -12.78 -10.93 20.60
CA GLY B 126 -12.04 -10.39 19.48
C GLY B 126 -12.80 -9.31 18.73
N VAL B 127 -12.06 -8.41 18.09
CA VAL B 127 -12.62 -7.32 17.31
C VAL B 127 -12.22 -7.53 15.86
N THR B 128 -13.21 -7.51 14.96
CA THR B 128 -13.00 -7.79 13.55
C THR B 128 -13.06 -6.50 12.74
N VAL B 129 -12.01 -6.24 11.96
CA VAL B 129 -11.96 -5.12 11.03
C VAL B 129 -11.87 -5.69 9.63
N ARG B 130 -12.83 -5.34 8.79
CA ARG B 130 -12.94 -5.94 7.47
C ARG B 130 -13.57 -4.94 6.52
N LYS B 131 -13.03 -4.86 5.31
CA LYS B 131 -13.61 -3.97 4.31
C LYS B 131 -15.05 -4.38 4.02
N SER B 132 -15.93 -3.38 3.99
CA SER B 132 -17.35 -3.62 3.82
C SER B 132 -17.81 -3.01 2.50
N SER B 133 -19.04 -3.33 2.13
CA SER B 133 -19.66 -2.81 0.92
C SER B 133 -21.16 -2.75 1.13
N SER B 134 -21.75 -1.60 0.82
CA SER B 134 -23.20 -1.44 0.86
C SER B 134 -23.86 -1.88 -0.43
N THR B 135 -23.09 -2.24 -1.45
CA THR B 135 -23.63 -2.57 -2.76
C THR B 135 -24.12 -4.01 -2.79
N ILE B 136 -25.43 -4.19 -2.95
CA ILE B 136 -26.02 -5.51 -3.11
C ILE B 136 -25.99 -5.82 -4.61
N LEU B 137 -25.01 -6.62 -5.03
CA LEU B 137 -24.89 -6.94 -6.44
C LEU B 137 -26.10 -7.71 -6.95
N GLU B 138 -26.55 -8.70 -6.19
CA GLU B 138 -27.71 -9.49 -6.58
C GLU B 138 -28.15 -10.34 -5.40
N VAL B 139 -29.37 -10.86 -5.51
CA VAL B 139 -29.91 -11.80 -4.53
C VAL B 139 -30.17 -13.12 -5.25
N VAL B 140 -29.55 -14.19 -4.76
CA VAL B 140 -29.70 -15.51 -5.35
C VAL B 140 -30.60 -16.33 -4.42
N SER B 141 -31.67 -16.88 -4.98
CA SER B 141 -32.62 -17.66 -4.21
C SER B 141 -32.47 -19.14 -4.59
N VAL B 142 -32.22 -19.98 -3.61
CA VAL B 142 -32.18 -21.42 -3.79
C VAL B 142 -33.43 -21.99 -3.15
N TYR B 143 -34.22 -22.70 -3.95
CA TYR B 143 -35.47 -23.27 -3.48
C TYR B 143 -35.60 -24.70 -4.00
N SER B 144 -36.39 -25.49 -3.29
CA SER B 144 -36.70 -26.85 -3.73
C SER B 144 -38.02 -26.84 -4.49
N GLU B 145 -38.04 -27.56 -5.61
CA GLU B 145 -39.25 -27.66 -6.42
C GLU B 145 -40.20 -28.73 -5.86
N ASP B 146 -39.64 -29.90 -5.50
CA ASP B 146 -40.47 -30.97 -4.96
C ASP B 146 -41.03 -30.61 -3.59
N SER B 147 -40.44 -29.60 -2.94
CA SER B 147 -40.69 -29.23 -1.56
C SER B 147 -40.27 -30.36 -0.63
N SER B 148 -39.38 -31.25 -1.07
CA SER B 148 -38.88 -32.34 -0.25
C SER B 148 -37.89 -31.87 0.82
N MET B 149 -37.21 -30.75 0.59
CA MET B 149 -36.20 -30.24 1.52
C MET B 149 -36.76 -29.02 2.25
N ASN B 150 -36.78 -29.09 3.57
CA ASN B 150 -37.17 -27.95 4.38
C ASN B 150 -36.08 -26.89 4.34
N ASP B 151 -36.44 -25.69 4.80
CA ASP B 151 -35.54 -24.55 4.64
C ASP B 151 -34.24 -24.72 5.41
N ILE B 152 -34.24 -25.50 6.50
CA ILE B 152 -32.99 -25.78 7.19
C ILE B 152 -32.06 -26.60 6.29
N ASP B 153 -32.61 -27.62 5.63
CA ASP B 153 -31.81 -28.44 4.73
C ASP B 153 -31.27 -27.62 3.56
N ILE B 154 -32.12 -26.78 2.98
CA ILE B 154 -31.67 -25.96 1.85
C ILE B 154 -30.60 -24.97 2.31
N TYR B 155 -30.80 -24.34 3.46
CA TYR B 155 -29.82 -23.38 3.95
C TYR B 155 -28.49 -24.04 4.20
N ASN B 156 -28.49 -25.22 4.83
CA ASN B 156 -27.23 -25.88 5.10
C ASN B 156 -26.57 -26.39 3.83
N TYR B 157 -27.35 -26.86 2.86
CA TYR B 157 -26.74 -27.21 1.58
C TYR B 157 -26.06 -26.01 0.95
N VAL B 158 -26.74 -24.86 0.98
CA VAL B 158 -26.14 -23.64 0.45
C VAL B 158 -24.85 -23.31 1.17
N SER B 159 -24.88 -23.28 2.50
CA SER B 159 -23.70 -22.90 3.27
C SER B 159 -22.53 -23.84 3.01
N LEU B 160 -22.82 -25.13 2.84
CA LEU B 160 -21.74 -26.09 2.64
C LEU B 160 -21.16 -26.01 1.24
N ASN B 161 -22.01 -25.87 0.22
CA ASN B 161 -21.55 -26.10 -1.15
C ASN B 161 -21.46 -24.82 -1.99
N ILE B 162 -22.44 -23.93 -1.88
CA ILE B 162 -22.53 -22.82 -2.82
C ILE B 162 -21.79 -21.59 -2.29
N LEU B 163 -21.88 -21.37 -0.98
CA LEU B 163 -21.40 -20.11 -0.41
C LEU B 163 -19.89 -19.96 -0.56
N ASP B 164 -19.14 -21.02 -0.33
CA ASP B 164 -17.69 -20.93 -0.43
C ASP B 164 -17.25 -20.64 -1.86
N GLU B 165 -17.87 -21.33 -2.84
CA GLU B 165 -17.55 -21.05 -4.23
C GLU B 165 -17.91 -19.63 -4.61
N LEU B 166 -19.04 -19.12 -4.13
CA LEU B 166 -19.41 -17.74 -4.46
C LEU B 166 -18.48 -16.74 -3.78
N LYS B 167 -17.95 -17.07 -2.60
CA LYS B 167 -17.01 -16.18 -1.93
C LYS B 167 -15.68 -16.14 -2.65
N ARG B 168 -15.23 -17.27 -3.19
CA ARG B 168 -13.96 -17.31 -3.89
C ARG B 168 -13.98 -16.58 -5.22
N ILE B 169 -15.17 -16.21 -5.73
CA ILE B 169 -15.30 -15.51 -6.99
C ILE B 169 -14.59 -14.16 -6.89
N PRO B 170 -13.76 -13.78 -7.86
CA PRO B 170 -13.16 -12.45 -7.82
C PRO B 170 -14.22 -11.36 -7.85
N GLY B 171 -14.05 -10.36 -6.99
CA GLY B 171 -14.98 -9.25 -6.94
C GLY B 171 -16.20 -9.44 -6.08
N VAL B 172 -16.30 -10.55 -5.34
CA VAL B 172 -17.41 -10.80 -4.44
C VAL B 172 -16.95 -10.47 -3.03
N GLY B 173 -17.38 -9.33 -2.51
CA GLY B 173 -16.96 -8.93 -1.17
C GLY B 173 -17.49 -9.84 -0.09
N ASP B 174 -18.73 -10.31 -0.24
CA ASP B 174 -19.35 -11.17 0.75
C ASP B 174 -20.55 -11.85 0.12
N ALA B 175 -20.73 -13.13 0.44
CA ALA B 175 -21.91 -13.89 0.02
C ALA B 175 -22.53 -14.47 1.27
N SER B 176 -23.73 -14.02 1.61
CA SER B 176 -24.40 -14.40 2.84
C SER B 176 -25.78 -14.94 2.53
N ALA B 177 -26.15 -16.00 3.22
CA ALA B 177 -27.49 -16.55 3.14
C ALA B 177 -28.30 -16.04 4.33
N ILE B 178 -29.50 -15.51 4.05
CA ILE B 178 -30.24 -14.79 5.08
C ILE B 178 -30.79 -15.76 6.11
N GLY B 179 -30.59 -15.42 7.37
CA GLY B 179 -30.88 -16.31 8.47
C GLY B 179 -29.66 -17.09 8.92
N ASN B 180 -29.76 -17.66 10.11
CA ASN B 180 -28.73 -18.55 10.62
C ASN B 180 -29.40 -19.88 10.93
N LYS B 181 -29.56 -20.70 9.89
CA LYS B 181 -30.19 -21.99 10.00
C LYS B 181 -29.18 -23.12 9.89
N ASN B 182 -27.95 -22.88 10.34
CA ASN B 182 -26.94 -23.92 10.33
C ASN B 182 -27.39 -25.07 11.21
N TYR B 183 -27.02 -26.29 10.83
CA TYR B 183 -27.33 -27.44 11.66
C TYR B 183 -26.74 -27.25 13.05
N SER B 184 -27.53 -27.59 14.06
CA SER B 184 -27.07 -27.50 15.43
C SER B 184 -27.71 -28.62 16.22
N MET B 185 -26.92 -29.21 17.13
CA MET B 185 -27.42 -30.27 17.99
C MET B 185 -28.20 -29.62 19.13
N ARG B 186 -29.50 -29.50 18.95
CA ARG B 186 -30.37 -28.85 19.92
C ARG B 186 -30.68 -29.84 21.02
N ILE B 187 -30.20 -29.55 22.22
CA ILE B 187 -30.54 -30.34 23.40
C ILE B 187 -31.65 -29.61 24.14
N TRP B 188 -32.88 -30.07 23.98
CA TRP B 188 -34.04 -29.41 24.55
C TRP B 188 -34.28 -29.94 25.96
N LEU B 189 -33.78 -29.23 26.96
CA LEU B 189 -34.03 -29.63 28.34
C LEU B 189 -35.50 -29.52 28.65
N GLU B 190 -36.03 -30.52 29.35
CA GLU B 190 -37.41 -30.48 29.79
C GLU B 190 -37.46 -30.19 31.27
N PRO B 191 -37.98 -29.05 31.70
CA PRO B 191 -37.86 -28.67 33.12
C PRO B 191 -38.53 -29.65 34.07
N ASP B 192 -39.63 -30.28 33.67
CA ASP B 192 -40.29 -31.23 34.57
C ASP B 192 -39.41 -32.44 34.83
N LEU B 193 -38.90 -33.06 33.78
CA LEU B 193 -37.99 -34.20 33.95
C LEU B 193 -36.70 -33.76 34.62
N LEU B 194 -36.20 -32.57 34.26
CA LEU B 194 -34.97 -32.07 34.84
C LEU B 194 -35.11 -31.94 36.36
N ASN B 195 -36.25 -31.40 36.81
CA ASN B 195 -36.50 -31.28 38.24
C ASN B 195 -36.71 -32.66 38.88
N LYS B 196 -37.44 -33.55 38.19
CA LYS B 196 -37.76 -34.84 38.77
C LYS B 196 -36.50 -35.65 39.04
N PHE B 197 -35.55 -35.65 38.10
CA PHE B 197 -34.36 -36.46 38.27
C PHE B 197 -33.27 -35.77 39.08
N GLY B 198 -33.50 -34.56 39.56
CA GLY B 198 -32.55 -33.91 40.43
C GLY B 198 -31.35 -33.29 39.77
N VAL B 199 -31.38 -33.09 38.46
CA VAL B 199 -30.28 -32.44 37.77
C VAL B 199 -30.67 -31.01 37.40
N THR B 200 -29.66 -30.17 37.24
CA THR B 200 -29.85 -28.80 36.79
C THR B 200 -29.21 -28.60 35.42
N ALA B 201 -29.41 -27.40 34.86
CA ALA B 201 -28.85 -27.11 33.55
C ALA B 201 -27.33 -27.13 33.57
N ASN B 202 -26.73 -26.77 34.71
CA ASN B 202 -25.29 -26.80 34.82
C ASN B 202 -24.75 -28.21 34.69
N ASP B 203 -25.48 -29.20 35.19
CA ASP B 203 -25.05 -30.59 35.05
C ASP B 203 -24.98 -30.99 33.58
N VAL B 204 -26.01 -30.63 32.81
CA VAL B 204 -26.01 -30.94 31.39
C VAL B 204 -24.89 -30.21 30.68
N ILE B 205 -24.68 -28.94 31.02
CA ILE B 205 -23.62 -28.17 30.39
C ILE B 205 -22.27 -28.81 30.65
N ASN B 206 -21.99 -29.19 31.91
CA ASN B 206 -20.71 -29.79 32.23
C ASN B 206 -20.53 -31.13 31.54
N ALA B 207 -21.58 -31.95 31.52
CA ALA B 207 -21.46 -33.25 30.89
C ALA B 207 -21.20 -33.13 29.40
N VAL B 208 -21.92 -32.25 28.71
CA VAL B 208 -21.69 -32.08 27.29
C VAL B 208 -20.31 -31.48 27.04
N ASN B 209 -19.86 -30.59 27.92
CA ASN B 209 -18.56 -29.97 27.76
C ASN B 209 -17.44 -31.00 27.86
N ASP B 210 -17.55 -31.92 28.82
CA ASP B 210 -16.47 -32.88 29.05
C ASP B 210 -16.53 -34.04 28.07
N GLN B 211 -17.73 -34.55 27.79
CA GLN B 211 -17.83 -35.81 27.07
C GLN B 211 -17.88 -35.61 25.56
N ASN B 212 -18.31 -34.43 25.11
CA ASN B 212 -18.29 -34.12 23.68
C ASN B 212 -17.14 -33.19 23.36
N ALA B 213 -15.93 -33.75 23.40
CA ALA B 213 -14.75 -32.95 23.16
C ALA B 213 -13.66 -33.84 22.57
N GLN B 214 -12.70 -33.20 21.90
CA GLN B 214 -11.60 -33.87 21.22
C GLN B 214 -10.30 -33.50 21.92
N TYR B 215 -9.62 -34.49 22.46
CA TYR B 215 -8.44 -34.24 23.28
C TYR B 215 -7.17 -34.72 22.55
N ALA B 216 -6.03 -34.61 23.20
CA ALA B 216 -4.73 -34.86 22.58
C ALA B 216 -4.10 -36.09 23.22
N THR B 217 -3.60 -37.00 22.40
CA THR B 217 -2.96 -38.23 22.83
C THR B 217 -1.69 -38.45 22.01
N GLY B 218 -0.61 -38.80 22.68
CA GLY B 218 0.68 -38.88 22.02
C GLY B 218 0.86 -40.14 21.20
N LYS B 219 2.03 -40.24 20.58
CA LYS B 219 2.36 -41.40 19.76
C LYS B 219 3.02 -42.48 20.60
N ILE B 220 2.90 -43.72 20.14
CA ILE B 220 3.48 -44.88 20.83
C ILE B 220 4.68 -45.37 20.05
N GLY B 221 5.83 -45.48 20.72
CA GLY B 221 7.05 -45.91 20.10
C GLY B 221 8.01 -44.79 19.75
N GLU B 222 7.76 -43.57 20.19
CA GLU B 222 8.60 -42.44 19.82
C GLU B 222 9.85 -42.39 20.71
N GLU B 223 10.90 -41.77 20.19
CA GLU B 223 12.13 -41.62 20.94
C GLU B 223 11.93 -40.63 22.10
N PRO B 224 12.75 -40.74 23.16
CA PRO B 224 13.89 -41.63 23.37
C PRO B 224 13.52 -42.89 24.14
N VAL B 225 13.72 -44.06 23.53
CA VAL B 225 13.43 -45.33 24.17
C VAL B 225 14.61 -46.27 23.92
N VAL B 226 15.07 -46.95 24.97
CA VAL B 226 16.20 -47.85 24.85
C VAL B 226 15.82 -49.09 24.05
N ASN B 227 14.67 -49.69 24.36
CA ASN B 227 14.20 -50.87 23.64
C ASN B 227 13.53 -50.41 22.37
N LYS B 228 14.27 -50.44 21.27
CA LYS B 228 13.74 -49.93 20.01
C LYS B 228 12.58 -50.78 19.52
N SER B 229 11.55 -50.12 19.09
CA SER B 229 10.36 -50.65 18.48
C SER B 229 10.47 -50.55 16.97
N PRO B 230 9.96 -51.53 16.22
CA PRO B 230 10.11 -51.48 14.76
C PRO B 230 9.41 -50.31 14.10
N GLN B 231 8.39 -49.74 14.71
CA GLN B 231 7.65 -48.67 14.05
C GLN B 231 6.98 -47.79 15.09
N VAL B 232 6.68 -46.55 14.70
CA VAL B 232 6.05 -45.58 15.59
C VAL B 232 4.58 -45.42 15.21
N ILE B 233 3.70 -45.53 16.20
CA ILE B 233 2.26 -45.59 15.99
C ILE B 233 1.61 -44.47 16.78
N SER B 234 0.70 -43.74 16.13
CA SER B 234 0.01 -42.65 16.80
C SER B 234 -1.33 -43.11 17.36
N ILE B 235 -1.71 -42.54 18.50
CA ILE B 235 -2.99 -42.79 19.13
C ILE B 235 -4.00 -41.81 18.55
N THR B 236 -5.08 -42.33 17.97
CA THR B 236 -6.16 -41.51 17.43
C THR B 236 -7.44 -41.85 18.18
N MET B 237 -8.17 -40.82 18.58
CA MET B 237 -9.41 -40.98 19.31
C MET B 237 -10.52 -40.18 18.63
N GLN B 238 -11.76 -40.59 18.89
CA GLN B 238 -12.93 -39.89 18.38
C GLN B 238 -13.79 -39.51 19.58
N GLY B 239 -13.51 -38.36 20.17
CA GLY B 239 -14.23 -37.93 21.35
C GLY B 239 -15.55 -37.27 21.02
N ARG B 240 -15.56 -36.43 19.99
CA ARG B 240 -16.77 -35.68 19.65
C ARG B 240 -17.82 -36.61 19.07
N LEU B 241 -19.05 -36.43 19.53
CA LEU B 241 -20.17 -37.30 19.17
C LEU B 241 -20.83 -36.76 17.90
N GLN B 242 -21.40 -37.66 17.11
CA GLN B 242 -21.85 -37.30 15.77
C GLN B 242 -23.35 -37.41 15.57
N THR B 243 -24.06 -38.16 16.39
CA THR B 243 -25.47 -38.42 16.19
C THR B 243 -26.28 -37.99 17.41
N PRO B 244 -27.56 -37.67 17.23
CA PRO B 244 -28.41 -37.40 18.41
C PRO B 244 -28.49 -38.56 19.38
N GLN B 245 -28.47 -39.80 18.90
CA GLN B 245 -28.53 -40.94 19.81
C GLN B 245 -27.29 -41.02 20.67
N GLU B 246 -26.14 -40.57 20.15
CA GLU B 246 -24.93 -40.56 20.96
C GLU B 246 -24.98 -39.45 22.00
N PHE B 247 -25.56 -38.30 21.65
CA PHE B 247 -25.71 -37.23 22.63
C PHE B 247 -26.71 -37.61 23.71
N GLU B 248 -27.75 -38.35 23.36
CA GLU B 248 -28.72 -38.79 24.35
C GLU B 248 -28.08 -39.70 25.38
N ASN B 249 -26.95 -40.31 25.04
CA ASN B 249 -26.29 -41.25 25.95
C ASN B 249 -25.20 -40.59 26.78
N ILE B 250 -25.07 -39.27 26.75
CA ILE B 250 -24.12 -38.61 27.63
C ILE B 250 -24.56 -38.79 29.07
N ILE B 251 -23.64 -39.24 29.92
CA ILE B 251 -23.97 -39.70 31.27
C ILE B 251 -23.93 -38.48 32.18
N LEU B 252 -25.10 -38.06 32.66
CA LEU B 252 -25.16 -36.95 33.60
C LEU B 252 -24.73 -37.39 34.99
N ARG B 253 -25.12 -38.59 35.40
CA ARG B 253 -24.93 -39.05 36.75
C ARG B 253 -25.01 -40.57 36.78
N VAL B 254 -24.49 -41.17 37.85
CA VAL B 254 -24.63 -42.60 38.09
C VAL B 254 -25.42 -42.79 39.38
N ASN B 255 -26.44 -43.65 39.34
CA ASN B 255 -27.48 -43.66 40.36
C ASN B 255 -27.11 -44.45 41.60
N GLU B 256 -25.91 -45.03 41.67
CA GLU B 256 -25.41 -45.88 42.75
C GLU B 256 -26.10 -47.24 42.72
N ASP B 257 -27.12 -47.42 41.89
CA ASP B 257 -27.68 -48.73 41.61
C ASP B 257 -27.04 -49.35 40.37
N LYS B 258 -25.85 -48.86 40.01
CA LYS B 258 -25.18 -49.23 38.76
C LYS B 258 -26.07 -48.94 37.56
N SER B 259 -26.86 -47.87 37.67
CA SER B 259 -27.68 -47.35 36.57
C SER B 259 -27.24 -45.92 36.29
N PHE B 260 -27.24 -45.56 35.02
CA PHE B 260 -26.72 -44.28 34.57
C PHE B 260 -27.87 -43.34 34.25
N LEU B 261 -27.78 -42.10 34.72
CA LEU B 261 -28.70 -41.07 34.27
C LEU B 261 -28.11 -40.37 33.04
N ARG B 262 -28.84 -40.42 31.94
CA ARG B 262 -28.36 -39.92 30.66
C ARG B 262 -29.24 -38.76 30.20
N ILE B 263 -28.74 -38.01 29.22
CA ILE B 263 -29.46 -36.82 28.77
C ILE B 263 -30.82 -37.18 28.22
N LYS B 264 -30.96 -38.40 27.68
CA LYS B 264 -32.25 -38.83 27.14
C LYS B 264 -33.33 -38.82 28.21
N ASP B 265 -32.94 -38.90 29.49
CA ASP B 265 -33.91 -38.98 30.56
C ASP B 265 -34.49 -37.62 30.89
N VAL B 266 -33.71 -36.55 30.72
CA VAL B 266 -34.12 -35.22 31.12
C VAL B 266 -34.28 -34.26 29.96
N ALA B 267 -33.98 -34.68 28.74
CA ALA B 267 -33.99 -33.75 27.63
C ALA B 267 -34.33 -34.48 26.34
N LYS B 268 -34.72 -33.71 25.34
CA LYS B 268 -35.02 -34.23 24.02
C LYS B 268 -34.01 -33.67 23.04
N VAL B 269 -33.28 -34.56 22.36
CA VAL B 269 -32.14 -34.18 21.54
C VAL B 269 -32.50 -34.40 20.07
N GLU B 270 -32.13 -33.43 19.24
CA GLU B 270 -32.37 -33.50 17.81
C GLU B 270 -31.42 -32.55 17.11
N ILE B 271 -31.25 -32.75 15.81
CA ILE B 271 -30.44 -31.86 14.99
C ILE B 271 -31.37 -30.79 14.41
N GLY B 272 -31.31 -29.60 14.98
CA GLY B 272 -32.17 -28.52 14.54
C GLY B 272 -31.40 -27.43 13.85
N ALA B 273 -31.65 -26.18 14.21
CA ALA B 273 -30.98 -25.05 13.60
C ALA B 273 -30.52 -24.08 14.68
N GLU B 274 -29.52 -23.27 14.35
CA GLU B 274 -29.08 -22.23 15.27
C GLU B 274 -30.19 -21.23 15.52
N GLN B 275 -30.89 -20.82 14.47
CA GLN B 275 -31.98 -19.85 14.57
C GLN B 275 -33.10 -20.26 13.65
N TYR B 276 -34.34 -20.12 14.11
CA TYR B 276 -35.50 -20.54 13.34
C TYR B 276 -36.34 -19.38 12.83
N ASN B 277 -36.07 -18.15 13.24
CA ASN B 277 -37.01 -17.07 12.98
C ASN B 277 -37.01 -16.65 11.53
N SER B 278 -35.88 -16.21 11.01
CA SER B 278 -35.84 -15.60 9.69
C SER B 278 -36.27 -16.59 8.62
N THR B 279 -36.88 -16.07 7.56
CA THR B 279 -37.33 -16.87 6.42
C THR B 279 -37.08 -16.11 5.13
N GLY B 280 -37.36 -16.76 4.01
CA GLY B 280 -37.24 -16.14 2.70
C GLY B 280 -38.24 -16.71 1.73
N ARG B 281 -38.71 -15.89 0.79
CA ARG B 281 -39.72 -16.33 -0.19
C ARG B 281 -39.27 -15.91 -1.58
N LEU B 282 -39.61 -16.72 -2.56
CA LEU B 282 -39.42 -16.40 -3.97
C LEU B 282 -40.72 -16.68 -4.69
N ASN B 283 -41.52 -15.63 -4.90
CA ASN B 283 -42.86 -15.77 -5.49
C ASN B 283 -43.72 -16.74 -4.69
N THR B 284 -43.94 -16.40 -3.42
CA THR B 284 -44.81 -17.16 -2.53
C THR B 284 -44.29 -18.59 -2.29
N SER B 285 -43.02 -18.83 -2.61
CA SER B 285 -42.43 -20.16 -2.46
C SER B 285 -41.18 -20.05 -1.62
N ALA B 286 -41.08 -20.88 -0.59
CA ALA B 286 -39.96 -20.80 0.35
C ALA B 286 -38.64 -20.97 -0.39
N ALA B 287 -37.67 -20.13 -0.05
CA ALA B 287 -36.36 -20.16 -0.68
C ALA B 287 -35.33 -19.58 0.28
N VAL B 288 -34.07 -19.84 0.00
CA VAL B 288 -32.95 -19.35 0.80
C VAL B 288 -32.31 -18.19 0.05
N PRO B 289 -32.46 -16.96 0.52
CA PRO B 289 -31.89 -15.83 -0.21
C PRO B 289 -30.41 -15.65 0.05
N ILE B 290 -29.62 -15.48 -1.00
CA ILE B 290 -28.19 -15.25 -0.88
C ILE B 290 -27.89 -13.83 -1.33
N ILE B 291 -27.67 -12.94 -0.38
CA ILE B 291 -27.29 -11.56 -0.66
C ILE B 291 -25.82 -11.55 -1.00
N ILE B 292 -25.48 -11.06 -2.18
CA ILE B 292 -24.11 -10.98 -2.64
C ILE B 292 -23.72 -9.51 -2.70
N ASN B 293 -22.62 -9.17 -2.04
CA ASN B 293 -22.13 -7.80 -2.03
C ASN B 293 -20.92 -7.68 -2.95
N LEU B 294 -20.93 -6.64 -3.78
CA LEU B 294 -19.85 -6.38 -4.71
C LEU B 294 -18.70 -5.73 -3.95
N GLN B 295 -17.49 -6.25 -4.15
CA GLN B 295 -16.32 -5.66 -3.51
C GLN B 295 -16.06 -4.27 -4.06
N SER B 296 -15.51 -3.41 -3.21
CA SER B 296 -15.18 -2.06 -3.62
C SER B 296 -14.17 -2.10 -4.77
N GLY B 297 -14.45 -1.32 -5.81
CA GLY B 297 -13.55 -1.25 -6.95
C GLY B 297 -13.51 -2.52 -7.76
N ALA B 298 -14.68 -3.09 -8.02
CA ALA B 298 -14.78 -4.28 -8.85
C ALA B 298 -15.84 -4.06 -9.91
N ASN B 299 -15.74 -4.82 -10.99
CA ASN B 299 -16.66 -4.70 -12.12
C ASN B 299 -17.93 -5.47 -11.81
N ALA B 300 -19.05 -4.77 -11.70
CA ALA B 300 -20.30 -5.43 -11.35
C ALA B 300 -20.74 -6.42 -12.43
N VAL B 301 -20.58 -6.05 -13.70
CA VAL B 301 -21.04 -6.93 -14.78
C VAL B 301 -20.21 -8.21 -14.81
N ASN B 302 -18.88 -8.08 -14.72
CA ASN B 302 -18.02 -9.26 -14.72
C ASN B 302 -18.30 -10.14 -13.51
N THR B 303 -18.50 -9.52 -12.35
CA THR B 303 -18.80 -10.27 -11.14
C THR B 303 -20.10 -11.04 -11.29
N ALA B 304 -21.13 -10.40 -11.84
CA ALA B 304 -22.41 -11.09 -12.02
C ALA B 304 -22.27 -12.23 -13.03
N LYS B 305 -21.50 -12.02 -14.09
CA LYS B 305 -21.28 -13.09 -15.06
C LYS B 305 -20.57 -14.29 -14.42
N LEU B 306 -19.54 -14.01 -13.62
CA LEU B 306 -18.84 -15.10 -12.93
C LEU B 306 -19.76 -15.80 -11.94
N ILE B 307 -20.59 -15.04 -11.24
CA ILE B 307 -21.55 -15.65 -10.31
C ILE B 307 -22.49 -16.59 -11.06
N ASN B 308 -23.00 -16.13 -12.21
CA ASN B 308 -23.92 -16.96 -12.97
C ASN B 308 -23.25 -18.23 -13.47
N GLU B 309 -22.03 -18.12 -13.99
CA GLU B 309 -21.32 -19.32 -14.45
C GLU B 309 -21.05 -20.29 -13.32
N LYS B 310 -20.62 -19.77 -12.17
CA LYS B 310 -20.38 -20.64 -11.03
C LYS B 310 -21.67 -21.30 -10.57
N MET B 311 -22.78 -20.56 -10.60
CA MET B 311 -24.05 -21.14 -10.21
C MET B 311 -24.48 -22.24 -11.17
N GLN B 312 -24.22 -22.07 -12.46
CA GLN B 312 -24.55 -23.15 -13.40
C GLN B 312 -23.70 -24.39 -13.12
N GLU B 313 -22.40 -24.19 -12.90
CA GLU B 313 -21.52 -25.32 -12.62
C GLU B 313 -21.98 -26.07 -11.37
N LEU B 314 -22.31 -25.34 -10.31
CA LEU B 314 -22.77 -25.99 -9.09
C LEU B 314 -24.15 -26.59 -9.28
N SER B 315 -24.99 -25.95 -10.09
CA SER B 315 -26.36 -26.41 -10.27
C SER B 315 -26.40 -27.74 -11.01
N LYS B 316 -25.37 -28.01 -11.81
CA LYS B 316 -25.30 -29.32 -12.45
C LYS B 316 -25.28 -30.44 -11.41
N ASN B 317 -24.86 -30.13 -10.18
CA ASN B 317 -24.72 -31.13 -9.12
C ASN B 317 -25.72 -30.96 -7.98
N PHE B 318 -26.77 -30.19 -8.16
CA PHE B 318 -27.74 -30.01 -7.08
C PHE B 318 -28.46 -31.31 -6.80
N PRO B 319 -28.95 -31.53 -5.58
CA PRO B 319 -29.81 -32.68 -5.32
C PRO B 319 -31.09 -32.59 -6.13
N GLN B 320 -31.72 -33.74 -6.34
CA GLN B 320 -32.94 -33.79 -7.14
C GLN B 320 -33.97 -32.82 -6.59
N GLY B 321 -34.50 -31.98 -7.48
CA GLY B 321 -35.53 -31.04 -7.13
C GLY B 321 -35.04 -29.74 -6.53
N LEU B 322 -33.74 -29.50 -6.48
CA LEU B 322 -33.20 -28.27 -5.94
C LEU B 322 -32.83 -27.35 -7.09
N LYS B 323 -33.42 -26.16 -7.10
CA LYS B 323 -33.20 -25.20 -8.17
C LYS B 323 -32.70 -23.89 -7.58
N TYR B 324 -32.28 -22.99 -8.45
CA TYR B 324 -31.88 -21.64 -8.05
C TYR B 324 -32.41 -20.65 -9.07
N GLN B 325 -32.61 -19.42 -8.63
CA GLN B 325 -32.94 -18.32 -9.52
C GLN B 325 -32.24 -17.07 -9.00
N ILE B 326 -32.04 -16.11 -9.89
CA ILE B 326 -31.45 -14.82 -9.49
C ILE B 326 -32.49 -13.75 -9.76
N PRO B 327 -33.44 -13.54 -8.86
CA PRO B 327 -34.55 -12.62 -9.13
C PRO B 327 -34.10 -11.17 -9.22
N TYR B 328 -33.34 -10.72 -8.23
CA TYR B 328 -32.86 -9.35 -8.18
C TYR B 328 -31.43 -9.32 -8.67
N ASP B 329 -31.20 -8.64 -9.78
CA ASP B 329 -29.88 -8.49 -10.36
C ASP B 329 -29.70 -7.05 -10.80
N THR B 330 -28.71 -6.37 -10.23
CA THR B 330 -28.48 -4.98 -10.61
C THR B 330 -27.81 -4.89 -11.97
N THR B 331 -27.26 -6.00 -12.47
CA THR B 331 -26.60 -5.97 -13.76
C THR B 331 -27.61 -5.83 -14.90
N ILE B 332 -28.86 -6.21 -14.67
CA ILE B 332 -29.86 -6.05 -15.71
C ILE B 332 -30.02 -4.59 -16.07
N PHE B 333 -30.12 -3.72 -15.06
CA PHE B 333 -30.24 -2.29 -15.33
C PHE B 333 -28.97 -1.73 -15.97
N VAL B 334 -27.80 -2.21 -15.54
CA VAL B 334 -26.55 -1.74 -16.12
C VAL B 334 -26.51 -2.05 -17.61
N LYS B 335 -26.79 -3.30 -17.97
CA LYS B 335 -26.74 -3.71 -19.36
C LYS B 335 -27.82 -3.02 -20.19
N ALA B 336 -29.02 -2.85 -19.61
CA ALA B 336 -30.07 -2.16 -20.32
C ALA B 336 -29.70 -0.70 -20.59
N SER B 337 -29.11 -0.04 -19.60
CA SER B 337 -28.68 1.34 -19.78
C SER B 337 -27.61 1.44 -20.85
N ILE B 338 -26.64 0.52 -20.84
CA ILE B 338 -25.60 0.55 -21.86
C ILE B 338 -26.20 0.35 -23.24
N LYS B 339 -27.14 -0.59 -23.37
CA LYS B 339 -27.77 -0.83 -24.66
C LYS B 339 -28.55 0.38 -25.14
N GLU B 340 -29.28 1.03 -24.23
CA GLU B 340 -30.03 2.22 -24.61
C GLU B 340 -29.11 3.36 -25.03
N VAL B 341 -27.97 3.50 -24.34
CA VAL B 341 -27.03 4.55 -24.72
C VAL B 341 -26.41 4.24 -26.09
N ILE B 342 -26.14 2.97 -26.36
CA ILE B 342 -25.64 2.62 -27.69
C ILE B 342 -26.68 2.93 -28.76
N LYS B 343 -27.96 2.65 -28.46
CA LYS B 343 -29.03 2.99 -29.39
C LYS B 343 -29.08 4.50 -29.64
N THR B 344 -28.96 5.29 -28.57
CA THR B 344 -28.95 6.74 -28.70
C THR B 344 -27.74 7.21 -29.49
N PHE B 345 -26.59 6.56 -29.30
CA PHE B 345 -25.39 6.89 -30.07
C PHE B 345 -25.64 6.68 -31.55
N VAL B 346 -26.25 5.55 -31.90
CA VAL B 346 -26.53 5.27 -33.31
C VAL B 346 -27.49 6.30 -33.88
N GLU B 347 -28.53 6.64 -33.11
CA GLU B 347 -29.49 7.63 -33.59
C GLU B 347 -28.83 8.99 -33.78
N ALA B 348 -27.97 9.40 -32.85
CA ALA B 348 -27.28 10.67 -32.97
C ALA B 348 -26.35 10.68 -34.17
N LEU B 349 -25.65 9.57 -34.41
CA LEU B 349 -24.78 9.49 -35.58
C LEU B 349 -25.59 9.62 -36.86
N ALA B 350 -26.74 8.96 -36.93
CA ALA B 350 -27.58 9.07 -38.11
C ALA B 350 -28.07 10.48 -38.32
N LEU B 351 -28.49 11.16 -37.24
CA LEU B 351 -28.98 12.53 -37.38
C LEU B 351 -27.87 13.47 -37.82
N VAL B 352 -26.67 13.33 -37.26
CA VAL B 352 -25.56 14.19 -37.66
C VAL B 352 -25.19 13.92 -39.11
N LEU B 353 -25.23 12.66 -39.53
CA LEU B 353 -24.97 12.34 -40.93
C LEU B 353 -25.99 12.99 -41.85
N VAL B 354 -27.27 12.98 -41.45
CA VAL B 354 -28.31 13.60 -42.26
C VAL B 354 -28.08 15.10 -42.36
N VAL B 355 -27.73 15.74 -41.24
CA VAL B 355 -27.50 17.18 -41.25
C VAL B 355 -26.32 17.52 -42.16
N MET B 356 -25.23 16.78 -42.04
CA MET B 356 -24.08 17.03 -42.88
C MET B 356 -24.40 16.79 -44.35
N TYR B 357 -25.24 15.79 -44.64
CA TYR B 357 -25.61 15.56 -46.04
C TYR B 357 -26.44 16.70 -46.58
N LEU B 358 -27.42 17.17 -45.81
CA LEU B 358 -28.25 18.29 -46.25
C LEU B 358 -27.46 19.57 -46.41
N PHE B 359 -26.37 19.74 -45.66
CA PHE B 359 -25.62 20.99 -45.77
C PHE B 359 -24.54 20.91 -46.84
N LEU B 360 -23.70 19.88 -46.80
CA LEU B 360 -22.57 19.80 -47.73
C LEU B 360 -23.03 19.35 -49.11
N LYS B 361 -24.25 18.82 -49.20
CA LYS B 361 -25.02 18.57 -50.43
C LYS B 361 -24.38 17.53 -51.34
N ASN B 362 -23.21 17.00 -51.01
CA ASN B 362 -22.51 16.06 -51.85
C ASN B 362 -22.14 14.83 -51.02
N PHE B 363 -22.13 13.67 -51.65
CA PHE B 363 -21.89 12.43 -50.91
C PHE B 363 -20.46 12.36 -50.39
N LYS B 364 -19.49 12.64 -51.26
CA LYS B 364 -18.09 12.63 -50.83
C LYS B 364 -17.82 13.76 -49.84
N SER B 365 -18.41 14.93 -50.09
CA SER B 365 -18.25 16.05 -49.17
C SER B 365 -18.91 15.74 -47.83
N THR B 366 -19.83 14.78 -47.80
CA THR B 366 -20.42 14.37 -46.53
C THR B 366 -19.58 13.30 -45.87
N ILE B 367 -19.01 12.38 -46.65
CA ILE B 367 -18.18 11.32 -46.10
C ILE B 367 -16.94 11.90 -45.43
N ILE B 368 -16.31 12.89 -46.07
CA ILE B 368 -15.01 13.37 -45.59
C ILE B 368 -15.06 13.81 -44.13
N PRO B 369 -16.03 14.62 -43.68
CA PRO B 369 -16.09 14.89 -42.23
C PRO B 369 -16.54 13.68 -41.42
N MET B 370 -17.26 12.73 -42.04
CA MET B 370 -17.72 11.57 -41.29
C MET B 370 -16.55 10.71 -40.82
N ILE B 371 -15.45 10.72 -41.56
CA ILE B 371 -14.29 9.91 -41.19
C ILE B 371 -13.70 10.39 -39.87
N ALA B 372 -13.97 11.63 -39.49
CA ALA B 372 -13.42 12.15 -38.24
C ALA B 372 -14.08 11.51 -37.03
N VAL B 373 -15.33 11.04 -37.17
CA VAL B 373 -16.01 10.42 -36.04
C VAL B 373 -15.32 9.14 -35.59
N PRO B 374 -15.08 8.13 -36.45
CA PRO B 374 -14.42 6.92 -35.96
C PRO B 374 -13.03 7.17 -35.43
N VAL B 375 -12.22 7.94 -36.17
CA VAL B 375 -10.85 8.19 -35.73
C VAL B 375 -10.84 8.85 -34.37
N SER B 376 -11.63 9.92 -34.21
CA SER B 376 -11.61 10.65 -32.95
C SER B 376 -12.13 9.82 -31.79
N LEU B 377 -13.28 9.16 -31.97
CA LEU B 377 -13.85 8.43 -30.84
C LEU B 377 -12.99 7.22 -30.47
N LEU B 378 -12.47 6.49 -31.45
CA LEU B 378 -11.61 5.36 -31.13
C LEU B 378 -10.32 5.83 -30.47
N GLY B 379 -9.73 6.93 -30.95
CA GLY B 379 -8.57 7.47 -30.26
C GLY B 379 -8.87 7.85 -28.83
N THR B 380 -10.07 8.37 -28.59
CA THR B 380 -10.49 8.63 -27.22
C THR B 380 -10.51 7.36 -26.40
N PHE B 381 -11.04 6.27 -26.96
CA PHE B 381 -11.04 5.00 -26.25
C PHE B 381 -9.62 4.55 -25.90
N ALA B 382 -8.69 4.67 -26.85
CA ALA B 382 -7.32 4.30 -26.60
C ALA B 382 -6.67 5.14 -25.50
N VAL B 383 -6.90 6.45 -25.51
CA VAL B 383 -6.33 7.30 -24.47
C VAL B 383 -6.95 6.98 -23.12
N LEU B 384 -8.26 6.70 -23.08
CA LEU B 384 -8.89 6.30 -21.83
C LEU B 384 -8.30 5.01 -21.30
N TYR B 385 -8.02 4.05 -22.19
CA TYR B 385 -7.36 2.82 -21.76
C TYR B 385 -5.97 3.08 -21.21
N VAL B 386 -5.20 3.97 -21.85
CA VAL B 386 -3.87 4.27 -21.34
C VAL B 386 -3.95 4.95 -19.98
N LEU B 387 -4.90 5.87 -19.81
CA LEU B 387 -5.00 6.67 -18.59
C LEU B 387 -5.75 5.97 -17.47
N GLY B 388 -6.21 4.74 -17.67
CA GLY B 388 -6.81 3.98 -16.59
C GLY B 388 -8.28 4.19 -16.36
N PHE B 389 -8.97 4.89 -17.25
CA PHE B 389 -10.41 5.08 -17.12
C PHE B 389 -11.14 3.81 -17.54
N SER B 390 -12.46 3.91 -17.65
CA SER B 390 -13.28 2.77 -18.03
C SER B 390 -14.49 3.26 -18.82
N ILE B 391 -15.14 2.33 -19.52
CA ILE B 391 -16.38 2.65 -20.22
C ILE B 391 -17.52 2.62 -19.20
N ASN B 392 -17.97 3.79 -18.80
CA ASN B 392 -19.11 3.92 -17.91
C ASN B 392 -20.21 4.69 -18.62
N LEU B 393 -21.29 4.95 -17.90
CA LEU B 393 -22.39 5.70 -18.51
C LEU B 393 -21.96 7.12 -18.85
N LEU B 394 -21.15 7.74 -17.99
CA LEU B 394 -20.75 9.11 -18.23
C LEU B 394 -19.90 9.24 -19.48
N THR B 395 -18.98 8.30 -19.72
CA THR B 395 -18.16 8.38 -20.92
C THR B 395 -18.99 8.14 -22.17
N LEU B 396 -19.98 7.25 -22.10
CA LEU B 396 -20.84 7.03 -23.25
C LEU B 396 -21.70 8.26 -23.53
N PHE B 397 -22.16 8.95 -22.48
CA PHE B 397 -22.83 10.23 -22.68
C PHE B 397 -21.89 11.23 -23.32
N ALA B 398 -20.63 11.25 -22.89
CA ALA B 398 -19.67 12.19 -23.45
C ALA B 398 -19.43 11.91 -24.92
N LEU B 399 -19.37 10.64 -25.31
CA LEU B 399 -19.25 10.31 -26.73
C LEU B 399 -20.49 10.73 -27.51
N VAL B 400 -21.68 10.50 -26.94
CA VAL B 400 -22.90 10.91 -27.62
C VAL B 400 -22.90 12.42 -27.85
N LEU B 401 -22.42 13.18 -26.88
CA LEU B 401 -22.30 14.63 -27.06
C LEU B 401 -21.21 14.98 -28.07
N ALA B 402 -20.10 14.25 -28.06
CA ALA B 402 -18.95 14.62 -28.88
C ALA B 402 -19.13 14.20 -30.33
N ILE B 403 -20.15 13.40 -30.62
CA ILE B 403 -20.42 13.04 -32.02
C ILE B 403 -20.57 14.29 -32.86
N GLY B 404 -21.29 15.29 -32.36
CA GLY B 404 -21.44 16.52 -33.11
C GLY B 404 -20.24 17.44 -33.00
N ILE B 405 -19.48 17.31 -31.91
CA ILE B 405 -18.36 18.22 -31.69
C ILE B 405 -17.19 17.86 -32.60
N VAL B 406 -16.92 16.56 -32.76
CA VAL B 406 -15.73 16.14 -33.49
C VAL B 406 -15.81 16.56 -34.95
N VAL B 407 -17.02 16.55 -35.53
CA VAL B 407 -17.17 16.89 -36.94
C VAL B 407 -17.05 18.39 -37.20
N ASP B 408 -16.98 19.22 -36.15
CA ASP B 408 -17.02 20.65 -36.35
C ASP B 408 -15.85 21.13 -37.19
N ASP B 409 -14.63 20.73 -36.84
CA ASP B 409 -13.46 21.24 -37.54
C ASP B 409 -13.38 20.70 -38.96
N ALA B 410 -13.70 19.42 -39.14
CA ALA B 410 -13.73 18.85 -40.49
C ALA B 410 -14.81 19.53 -41.33
N ILE B 411 -15.96 19.83 -40.73
CA ILE B 411 -17.01 20.54 -41.44
C ILE B 411 -16.51 21.92 -41.87
N ILE B 412 -15.82 22.61 -40.97
CA ILE B 412 -15.32 23.95 -41.30
C ILE B 412 -14.35 23.88 -42.47
N VAL B 413 -13.43 22.92 -42.43
CA VAL B 413 -12.43 22.82 -43.48
C VAL B 413 -13.09 22.47 -44.82
N VAL B 414 -13.99 21.48 -44.82
CA VAL B 414 -14.62 21.08 -46.07
C VAL B 414 -15.49 22.20 -46.63
N GLU B 415 -16.23 22.89 -45.77
CA GLU B 415 -17.06 23.99 -46.23
C GLU B 415 -16.20 25.11 -46.82
N ASN B 416 -15.07 25.42 -46.18
CA ASN B 416 -14.21 26.47 -46.71
C ASN B 416 -13.62 26.07 -48.06
N ILE B 417 -13.24 24.80 -48.20
CA ILE B 417 -12.69 24.32 -49.48
C ILE B 417 -13.75 24.44 -50.56
N ASP B 418 -14.99 24.04 -50.25
CA ASP B 418 -16.06 24.13 -51.23
C ASP B 418 -16.36 25.58 -51.60
N ARG B 419 -16.34 26.48 -50.61
CA ARG B 419 -16.58 27.89 -50.90
C ARG B 419 -15.49 28.45 -51.79
N ILE B 420 -14.23 28.08 -51.53
CA ILE B 420 -13.14 28.53 -52.37
C ILE B 420 -13.31 28.01 -53.79
N LEU B 421 -13.77 26.77 -53.92
CA LEU B 421 -14.03 26.22 -55.25
C LEU B 421 -15.13 27.01 -55.97
N HIS B 422 -16.19 27.36 -55.24
CA HIS B 422 -17.30 28.10 -55.85
C HIS B 422 -16.97 29.56 -56.12
N GLU B 423 -15.93 30.10 -55.48
CA GLU B 423 -15.54 31.49 -55.73
C GLU B 423 -14.65 31.60 -56.96
N ASP B 424 -13.61 30.78 -57.04
CA ASP B 424 -12.65 30.81 -58.14
C ASP B 424 -12.74 29.51 -58.92
N SER B 425 -12.85 29.62 -60.25
CA SER B 425 -12.93 28.43 -61.08
C SER B 425 -11.54 27.96 -61.53
N ASN B 426 -10.60 28.89 -61.67
CA ASN B 426 -9.27 28.52 -62.16
C ASN B 426 -8.49 27.75 -61.11
N ILE B 427 -8.70 28.06 -59.83
CA ILE B 427 -7.87 27.49 -58.78
C ILE B 427 -8.11 25.98 -58.70
N SER B 428 -7.01 25.24 -58.51
CA SER B 428 -7.10 23.78 -58.48
C SER B 428 -7.63 23.30 -57.13
N VAL B 429 -7.99 22.03 -57.08
CA VAL B 429 -8.54 21.46 -55.85
C VAL B 429 -7.48 21.45 -54.75
N LYS B 430 -6.25 21.04 -55.07
CA LYS B 430 -5.21 21.01 -54.05
C LYS B 430 -4.84 22.42 -53.60
N ASP B 431 -4.74 23.35 -54.55
CA ASP B 431 -4.44 24.73 -54.17
C ASP B 431 -5.58 25.33 -53.36
N ALA B 432 -6.83 25.00 -53.70
CA ALA B 432 -7.96 25.45 -52.91
C ALA B 432 -7.90 24.88 -51.50
N ALA B 433 -7.52 23.60 -51.37
CA ALA B 433 -7.36 23.02 -50.04
C ALA B 433 -6.26 23.69 -49.24
N ILE B 434 -5.12 23.99 -49.87
CA ILE B 434 -4.05 24.66 -49.15
C ILE B 434 -4.50 26.05 -48.71
N LYS B 435 -5.18 26.78 -49.59
CA LYS B 435 -5.67 28.11 -49.24
C LYS B 435 -6.67 28.04 -48.09
N ALA B 436 -7.58 27.07 -48.15
CA ALA B 436 -8.57 26.94 -47.08
C ALA B 436 -7.90 26.60 -45.75
N MET B 437 -6.89 25.74 -45.79
CA MET B 437 -6.16 25.44 -44.55
C MET B 437 -5.47 26.68 -44.02
N ASN B 438 -4.84 27.47 -44.89
CA ASN B 438 -4.20 28.70 -44.44
C ASN B 438 -5.23 29.67 -43.86
N GLU B 439 -6.46 29.61 -44.35
CA GLU B 439 -7.48 30.52 -43.85
C GLU B 439 -8.05 30.07 -42.50
N VAL B 440 -8.31 28.77 -42.33
CA VAL B 440 -9.05 28.30 -41.17
C VAL B 440 -8.22 27.41 -40.24
N SER B 441 -6.89 27.46 -40.32
CA SER B 441 -6.10 26.76 -39.32
C SER B 441 -6.27 27.37 -37.94
N SER B 442 -6.35 28.70 -37.87
CA SER B 442 -6.50 29.36 -36.58
C SER B 442 -7.82 29.03 -35.88
N PRO B 443 -9.00 29.10 -36.51
CA PRO B 443 -10.23 28.75 -35.77
C PRO B 443 -10.25 27.30 -35.30
N VAL B 444 -9.69 26.36 -36.06
CA VAL B 444 -9.72 24.96 -35.66
C VAL B 444 -8.90 24.76 -34.38
N ILE B 445 -7.68 25.27 -34.38
CA ILE B 445 -6.85 25.18 -33.18
C ILE B 445 -7.48 25.95 -32.03
N SER B 446 -8.17 27.05 -32.35
CA SER B 446 -8.87 27.81 -31.30
C SER B 446 -9.96 26.97 -30.66
N ILE B 447 -10.73 26.24 -31.46
CA ILE B 447 -11.79 25.40 -30.91
C ILE B 447 -11.20 24.32 -30.03
N VAL B 448 -10.15 23.65 -30.53
CA VAL B 448 -9.50 22.61 -29.73
C VAL B 448 -9.00 23.18 -28.41
N LEU B 449 -8.36 24.35 -28.47
CA LEU B 449 -7.79 24.96 -27.28
C LEU B 449 -8.86 25.36 -26.29
N VAL B 450 -9.99 25.93 -26.75
CA VAL B 450 -10.99 26.39 -25.81
C VAL B 450 -11.67 25.20 -25.13
N LEU B 451 -11.94 24.13 -25.88
CA LEU B 451 -12.54 22.96 -25.24
C LEU B 451 -11.57 22.34 -24.22
N CYS B 452 -10.30 22.19 -24.59
CA CYS B 452 -9.33 21.67 -23.64
C CYS B 452 -9.21 22.57 -22.41
N ALA B 453 -9.18 23.89 -22.63
CA ALA B 453 -9.00 24.82 -21.53
C ALA B 453 -10.19 24.80 -20.58
N VAL B 454 -11.41 24.73 -21.10
CA VAL B 454 -12.57 24.67 -20.21
C VAL B 454 -12.61 23.33 -19.50
N PHE B 455 -11.97 22.30 -20.07
CA PHE B 455 -11.99 21.01 -19.39
C PHE B 455 -10.69 20.69 -18.65
N ILE B 456 -9.75 21.63 -18.54
CA ILE B 456 -8.53 21.37 -17.77
C ILE B 456 -8.73 21.52 -16.27
N PRO B 457 -9.25 22.64 -15.75
CA PRO B 457 -9.41 22.73 -14.28
C PRO B 457 -10.40 21.72 -13.73
N VAL B 458 -11.26 21.16 -14.58
CA VAL B 458 -12.20 20.15 -14.12
C VAL B 458 -11.48 18.89 -13.68
N SER B 459 -10.40 18.53 -14.38
CA SER B 459 -9.67 17.31 -14.04
C SER B 459 -9.02 17.41 -12.67
N PHE B 460 -8.56 18.60 -12.29
CA PHE B 460 -7.91 18.76 -11.00
C PHE B 460 -8.90 18.64 -9.85
N ILE B 461 -10.15 19.04 -10.07
CA ILE B 461 -11.16 18.97 -9.02
C ILE B 461 -11.42 17.51 -8.66
N SER B 462 -11.54 17.24 -7.37
CA SER B 462 -11.77 15.89 -6.87
C SER B 462 -13.00 15.86 -5.98
N GLY B 463 -13.64 14.69 -5.90
CA GLY B 463 -14.85 14.53 -5.13
C GLY B 463 -15.92 13.85 -5.95
N PHE B 464 -17.17 13.91 -5.50
CA PHE B 464 -18.28 13.30 -6.25
C PHE B 464 -18.50 14.03 -7.57
N VAL B 465 -18.85 15.32 -7.49
CA VAL B 465 -19.06 16.11 -8.69
C VAL B 465 -17.78 16.21 -9.49
N GLY B 466 -16.65 16.32 -8.80
CA GLY B 466 -15.36 16.36 -9.46
C GLY B 466 -15.12 15.15 -10.31
N GLU B 467 -15.44 13.96 -9.79
CA GLU B 467 -15.19 12.74 -10.54
C GLU B 467 -16.14 12.61 -11.72
N ILE B 468 -17.42 12.95 -11.53
CA ILE B 468 -18.36 12.88 -12.64
C ILE B 468 -17.94 13.82 -13.76
N GLN B 469 -17.61 15.06 -13.40
CA GLN B 469 -17.22 16.05 -14.40
C GLN B 469 -15.89 15.69 -15.03
N ARG B 470 -15.00 15.02 -14.28
CA ARG B 470 -13.77 14.54 -14.87
C ARG B 470 -14.04 13.48 -15.93
N GLN B 471 -14.98 12.58 -15.65
CA GLN B 471 -15.34 11.55 -16.64
C GLN B 471 -15.86 12.19 -17.91
N PHE B 472 -16.69 13.23 -17.79
CA PHE B 472 -17.14 13.94 -18.98
C PHE B 472 -15.99 14.67 -19.68
N ALA B 473 -15.17 15.38 -18.89
CA ALA B 473 -14.22 16.34 -19.43
C ALA B 473 -13.09 15.65 -20.17
N LEU B 474 -12.55 14.57 -19.59
CA LEU B 474 -11.43 13.91 -20.25
C LEU B 474 -11.83 13.38 -21.61
N THR B 475 -12.98 12.70 -21.69
CA THR B 475 -13.43 12.17 -22.97
C THR B 475 -13.67 13.30 -23.97
N LEU B 476 -14.36 14.36 -23.55
CA LEU B 476 -14.66 15.44 -24.48
C LEU B 476 -13.37 16.10 -24.98
N ALA B 477 -12.44 16.39 -24.08
CA ALA B 477 -11.21 17.06 -24.48
C ALA B 477 -10.37 16.20 -25.40
N ILE B 478 -10.24 14.90 -25.08
CA ILE B 478 -9.41 14.02 -25.91
C ILE B 478 -10.01 13.86 -27.29
N SER B 479 -11.34 13.63 -27.36
CA SER B 479 -11.97 13.45 -28.66
C SER B 479 -11.87 14.72 -29.49
N VAL B 480 -12.04 15.88 -28.85
CA VAL B 480 -11.95 17.14 -29.60
C VAL B 480 -10.53 17.37 -30.10
N ALA B 481 -9.52 17.09 -29.28
CA ALA B 481 -8.14 17.28 -29.72
C ALA B 481 -7.83 16.36 -30.91
N ILE B 482 -8.26 15.11 -30.83
CA ILE B 482 -7.99 14.19 -31.94
C ILE B 482 -8.76 14.62 -33.18
N SER B 483 -9.98 15.14 -33.01
CA SER B 483 -10.73 15.64 -34.17
C SER B 483 -10.04 16.83 -34.81
N GLY B 484 -9.46 17.71 -33.99
CA GLY B 484 -8.72 18.84 -34.54
C GLY B 484 -7.48 18.39 -35.30
N PHE B 485 -6.76 17.41 -34.75
CA PHE B 485 -5.61 16.88 -35.47
C PHE B 485 -6.04 16.24 -36.78
N VAL B 486 -7.16 15.52 -36.77
CA VAL B 486 -7.69 14.93 -38.00
C VAL B 486 -8.02 16.02 -39.01
N ALA B 487 -8.68 17.08 -38.56
CA ALA B 487 -9.05 18.16 -39.47
C ALA B 487 -7.82 18.84 -40.06
N LEU B 488 -6.73 18.89 -39.28
CA LEU B 488 -5.51 19.52 -39.80
C LEU B 488 -4.79 18.61 -40.78
N THR B 489 -4.78 17.30 -40.54
CA THR B 489 -3.99 16.42 -41.40
C THR B 489 -4.80 15.68 -42.46
N LEU B 490 -5.76 14.88 -42.02
CA LEU B 490 -6.40 13.93 -42.93
C LEU B 490 -7.45 14.61 -43.81
N THR B 491 -8.28 15.46 -43.22
CA THR B 491 -9.37 16.08 -43.99
C THR B 491 -8.89 16.88 -45.19
N PRO B 492 -7.90 17.78 -45.07
CA PRO B 492 -7.47 18.51 -46.27
C PRO B 492 -6.90 17.60 -47.34
N SER B 493 -6.20 16.53 -46.95
CA SER B 493 -5.61 15.63 -47.92
C SER B 493 -6.66 14.88 -48.72
N LEU B 494 -7.61 14.25 -48.02
CA LEU B 494 -8.68 13.54 -48.71
C LEU B 494 -9.58 14.50 -49.48
N SER B 495 -9.71 15.74 -49.01
CA SER B 495 -10.47 16.73 -49.76
C SER B 495 -9.79 17.09 -51.07
N ALA B 496 -8.46 17.28 -51.03
CA ALA B 496 -7.73 17.55 -52.25
C ALA B 496 -7.80 16.35 -53.20
N LEU B 497 -7.76 15.15 -52.66
CA LEU B 497 -7.79 13.95 -53.49
C LEU B 497 -9.20 13.67 -54.01
N PHE B 498 -10.14 13.41 -53.11
CA PHE B 498 -11.45 12.90 -53.53
C PHE B 498 -12.30 13.98 -54.19
N LEU B 499 -12.37 15.17 -53.59
CA LEU B 499 -13.25 16.20 -54.13
C LEU B 499 -12.74 16.68 -55.48
N THR B 500 -13.68 16.99 -56.37
CA THR B 500 -13.37 17.50 -57.69
C THR B 500 -14.18 18.78 -57.93
N ARG B 501 -13.66 19.62 -58.81
CA ARG B 501 -14.27 20.93 -59.03
C ARG B 501 -15.70 20.82 -59.54
N ASN B 502 -15.93 19.91 -60.48
CA ASN B 502 -17.28 19.69 -60.98
C ASN B 502 -18.19 19.23 -59.85
N GLU B 503 -19.35 19.88 -59.73
CA GLU B 503 -20.28 19.61 -58.65
C GLU B 503 -21.51 18.88 -59.19
N SER B 504 -21.81 17.73 -58.58
CA SER B 504 -23.01 17.01 -58.93
C SER B 504 -24.24 17.85 -58.59
N LYS B 505 -25.23 17.83 -59.48
CA LYS B 505 -26.41 18.65 -59.29
C LYS B 505 -27.15 18.20 -58.02
N PRO B 506 -27.41 19.10 -57.08
CA PRO B 506 -28.12 18.71 -55.86
C PRO B 506 -29.55 18.31 -56.16
N PHE B 507 -30.08 17.44 -55.30
CA PHE B 507 -31.49 17.06 -55.38
C PHE B 507 -32.37 18.26 -55.01
N TYR B 508 -33.65 18.15 -55.36
CA TYR B 508 -34.55 19.28 -55.16
C TYR B 508 -34.66 19.65 -53.70
N PHE B 509 -34.76 18.66 -52.81
CA PHE B 509 -34.91 18.97 -51.39
C PHE B 509 -33.67 19.67 -50.84
N ILE B 510 -32.48 19.22 -51.23
CA ILE B 510 -31.26 19.88 -50.81
C ILE B 510 -31.19 21.29 -51.38
N GLN B 511 -31.51 21.43 -52.67
CA GLN B 511 -31.43 22.74 -53.31
C GLN B 511 -32.38 23.73 -52.67
N LYS B 512 -33.58 23.28 -52.32
CA LYS B 512 -34.49 24.14 -51.56
C LYS B 512 -33.90 24.48 -50.20
N PHE B 513 -33.23 23.52 -49.56
CA PHE B 513 -32.65 23.75 -48.25
C PHE B 513 -31.58 24.83 -48.29
N ASN B 514 -30.74 24.82 -49.32
CA ASN B 514 -29.67 25.80 -49.39
C ASN B 514 -30.20 27.16 -49.83
N ASP B 515 -31.27 27.19 -50.63
CA ASP B 515 -31.90 28.46 -50.96
C ASP B 515 -32.43 29.15 -49.71
N PHE B 516 -33.21 28.42 -48.91
CA PHE B 516 -33.68 28.95 -47.64
C PHE B 516 -32.51 29.32 -46.74
N PHE B 517 -31.42 28.56 -46.81
CA PHE B 517 -30.28 28.84 -45.96
C PHE B 517 -29.60 30.15 -46.32
N ASP B 518 -29.41 30.42 -47.62
CA ASP B 518 -28.80 31.69 -48.00
C ASP B 518 -29.76 32.85 -47.76
N TRP B 519 -31.07 32.60 -47.87
CA TRP B 519 -32.02 33.63 -47.47
C TRP B 519 -31.86 33.98 -45.99
N SER B 520 -31.75 32.96 -45.14
CA SER B 520 -31.52 33.19 -43.72
C SER B 520 -30.17 33.87 -43.49
N THR B 521 -29.19 33.57 -44.33
CA THR B 521 -27.89 34.25 -44.23
C THR B 521 -28.03 35.74 -44.48
N SER B 522 -28.78 36.11 -45.53
CA SER B 522 -29.02 37.52 -45.79
C SER B 522 -29.79 38.17 -44.63
N VAL B 523 -30.78 37.46 -44.09
CA VAL B 523 -31.53 38.00 -42.95
C VAL B 523 -30.60 38.22 -41.76
N PHE B 524 -29.68 37.28 -41.52
CA PHE B 524 -28.75 37.41 -40.42
C PHE B 524 -27.82 38.61 -40.62
N SER B 525 -27.34 38.81 -41.85
CA SER B 525 -26.50 39.96 -42.12
C SER B 525 -27.26 41.27 -41.87
N SER B 526 -28.52 41.33 -42.31
CA SER B 526 -29.31 42.53 -42.09
C SER B 526 -29.53 42.78 -40.60
N GLY B 527 -29.81 41.72 -39.84
CA GLY B 527 -29.99 41.89 -38.41
C GLY B 527 -28.72 42.34 -37.71
N VAL B 528 -27.57 41.81 -38.14
CA VAL B 528 -26.30 42.24 -37.57
C VAL B 528 -26.07 43.71 -37.84
N ALA B 529 -26.35 44.16 -39.07
CA ALA B 529 -26.21 45.58 -39.38
C ALA B 529 -27.15 46.42 -38.51
N TYR B 530 -28.38 45.94 -38.31
CA TYR B 530 -29.33 46.63 -37.46
C TYR B 530 -28.79 46.80 -36.04
N ILE B 531 -28.29 45.71 -35.47
CA ILE B 531 -27.80 45.77 -34.09
C ILE B 531 -26.55 46.64 -34.00
N LEU B 532 -25.70 46.58 -35.01
CA LEU B 532 -24.49 47.40 -35.01
C LEU B 532 -24.83 48.88 -35.10
N LYS B 533 -25.90 49.22 -35.82
CA LYS B 533 -26.35 50.61 -35.83
C LYS B 533 -26.93 51.02 -34.49
N ARG B 534 -27.68 50.13 -33.85
CA ARG B 534 -28.34 50.44 -32.57
C ARG B 534 -27.70 49.61 -31.46
N THR B 535 -26.77 50.21 -30.73
CA THR B 535 -25.93 49.45 -29.80
C THR B 535 -26.41 49.52 -28.35
N ILE B 536 -26.77 50.71 -27.86
CA ILE B 536 -27.09 50.87 -26.45
C ILE B 536 -28.34 50.08 -26.09
N ARG B 537 -29.34 50.08 -26.98
CA ARG B 537 -30.55 49.33 -26.73
C ARG B 537 -30.25 47.85 -26.52
N PHE B 538 -29.41 47.29 -27.40
CA PHE B 538 -29.14 45.86 -27.32
C PHE B 538 -28.19 45.52 -26.18
N VAL B 539 -27.34 46.46 -25.77
CA VAL B 539 -26.56 46.25 -24.56
C VAL B 539 -27.50 46.19 -23.34
N LEU B 540 -28.51 47.06 -23.31
CA LEU B 540 -29.51 46.97 -22.25
C LEU B 540 -30.25 45.65 -22.31
N VAL B 541 -30.57 45.18 -23.52
CA VAL B 541 -31.21 43.87 -23.67
C VAL B 541 -30.32 42.77 -23.10
N PHE B 542 -29.01 42.87 -23.32
CA PHE B 542 -28.07 41.89 -22.78
C PHE B 542 -28.08 41.91 -21.26
N CYS B 543 -28.09 43.10 -20.66
CA CYS B 543 -28.15 43.18 -19.21
C CYS B 543 -29.45 42.59 -18.68
N ILE B 544 -30.56 42.85 -19.38
CA ILE B 544 -31.83 42.26 -18.99
C ILE B 544 -31.76 40.74 -19.07
N MET B 545 -31.09 40.21 -20.09
CA MET B 545 -30.92 38.76 -20.20
C MET B 545 -30.10 38.21 -19.05
N ILE B 546 -29.07 38.95 -18.62
CA ILE B 546 -28.32 38.52 -17.45
C ILE B 546 -29.21 38.46 -16.22
N GLY B 547 -30.05 39.48 -16.03
CA GLY B 547 -30.98 39.46 -14.91
C GLY B 547 -31.93 38.28 -14.98
N PHE B 548 -32.41 37.96 -16.19
CA PHE B 548 -33.31 36.83 -16.34
C PHE B 548 -32.59 35.51 -16.06
N ILE B 549 -31.30 35.44 -16.39
CA ILE B 549 -30.51 34.28 -16.02
C ILE B 549 -30.49 34.12 -14.51
N ALA B 550 -30.25 35.22 -13.79
CA ALA B 550 -30.22 35.15 -12.33
C ALA B 550 -31.57 34.68 -11.78
N TYR B 551 -32.66 35.22 -12.33
CA TYR B 551 -33.99 34.82 -11.85
C TYR B 551 -34.24 33.34 -12.13
N LEU B 552 -33.92 32.87 -13.34
CA LEU B 552 -34.15 31.47 -13.68
C LEU B 552 -33.31 30.55 -12.82
N PHE B 553 -32.08 30.94 -12.52
CA PHE B 553 -31.28 30.15 -11.58
C PHE B 553 -31.91 30.14 -10.21
N LYS B 554 -32.56 31.24 -9.81
CA LYS B 554 -33.24 31.27 -8.52
C LYS B 554 -34.40 30.29 -8.49
N ILE B 555 -35.19 30.21 -9.56
CA ILE B 555 -36.44 29.46 -9.48
C ILE B 555 -36.19 27.96 -9.69
N VAL B 556 -35.22 27.59 -10.52
CA VAL B 556 -35.05 26.18 -10.87
C VAL B 556 -34.55 25.40 -9.66
N PRO B 557 -35.20 24.30 -9.29
CA PRO B 557 -34.78 23.56 -8.09
C PRO B 557 -33.47 22.83 -8.30
N SER B 558 -32.86 22.42 -7.20
CA SER B 558 -31.56 21.78 -7.19
C SER B 558 -31.70 20.31 -6.80
N SER B 559 -30.88 19.47 -7.41
CA SER B 559 -30.83 18.05 -7.08
C SER B 559 -29.45 17.52 -7.42
N LEU B 560 -29.11 16.35 -6.87
CA LEU B 560 -27.81 15.76 -7.18
C LEU B 560 -27.82 15.08 -8.54
N VAL B 561 -28.60 14.01 -8.67
CA VAL B 561 -28.77 13.32 -9.94
C VAL B 561 -30.24 12.92 -10.04
N PRO B 562 -30.80 12.78 -11.24
CA PRO B 562 -32.21 12.39 -11.36
C PRO B 562 -32.40 10.95 -10.92
N SER B 563 -33.61 10.66 -10.43
CA SER B 563 -33.95 9.30 -10.03
C SER B 563 -34.64 8.59 -11.18
N GLU B 564 -34.06 7.49 -11.62
CA GLU B 564 -34.53 6.78 -12.80
C GLU B 564 -35.28 5.51 -12.38
N ASP B 565 -36.09 5.01 -13.31
CA ASP B 565 -36.75 3.73 -13.13
C ASP B 565 -35.73 2.63 -13.34
N GLN B 566 -35.44 1.88 -12.29
CA GLN B 566 -34.46 0.81 -12.36
C GLN B 566 -35.09 -0.56 -12.57
N GLY B 567 -36.41 -0.64 -12.72
CA GLY B 567 -37.07 -1.90 -12.88
C GLY B 567 -37.28 -2.67 -11.61
N VAL B 568 -36.89 -2.11 -10.47
CA VAL B 568 -36.99 -2.77 -9.18
C VAL B 568 -37.67 -1.81 -8.22
N ILE B 569 -38.64 -2.31 -7.45
CA ILE B 569 -39.24 -1.56 -6.35
C ILE B 569 -38.90 -2.29 -5.06
N MET B 570 -38.37 -1.55 -4.09
CA MET B 570 -37.97 -2.11 -2.82
C MET B 570 -39.02 -1.76 -1.78
N SER B 571 -39.56 -2.75 -1.11
CA SER B 571 -40.57 -2.56 -0.08
C SER B 571 -39.94 -2.85 1.28
N ILE B 572 -40.13 -1.93 2.23
CA ILE B 572 -39.62 -2.08 3.59
C ILE B 572 -40.81 -2.22 4.52
N ILE B 573 -40.86 -3.33 5.24
CA ILE B 573 -42.02 -3.69 6.05
C ILE B 573 -41.58 -3.78 7.50
N ASN B 574 -42.14 -2.91 8.34
CA ASN B 574 -41.90 -2.92 9.78
C ASN B 574 -43.22 -3.12 10.50
N LEU B 575 -43.27 -4.13 11.36
CA LEU B 575 -44.46 -4.43 12.14
C LEU B 575 -44.33 -3.80 13.52
N PRO B 576 -45.34 -3.89 14.38
CA PRO B 576 -45.16 -3.46 15.77
C PRO B 576 -43.91 -4.03 16.42
N SER B 577 -43.47 -3.38 17.51
CA SER B 577 -42.17 -3.71 18.08
C SER B 577 -42.10 -5.15 18.56
N GLY B 578 -43.12 -5.62 19.26
CA GLY B 578 -43.03 -6.94 19.84
C GLY B 578 -43.36 -8.08 18.90
N SER B 579 -43.93 -7.77 17.73
CA SER B 579 -44.53 -8.79 16.87
C SER B 579 -43.54 -9.88 16.50
N SER B 580 -44.01 -11.12 16.52
CA SER B 580 -43.17 -12.27 16.27
C SER B 580 -42.98 -12.47 14.77
N ILE B 581 -42.24 -13.53 14.41
CA ILE B 581 -41.97 -13.81 13.01
C ILE B 581 -43.22 -14.24 12.28
N HIS B 582 -44.14 -14.92 12.98
CA HIS B 582 -45.37 -15.38 12.34
C HIS B 582 -46.19 -14.21 11.81
N ARG B 583 -46.31 -13.14 12.58
CA ARG B 583 -47.01 -11.95 12.11
C ARG B 583 -46.31 -11.28 10.94
N THR B 584 -44.98 -11.29 10.91
CA THR B 584 -44.27 -10.74 9.76
C THR B 584 -44.52 -11.57 8.51
N ILE B 585 -44.50 -12.89 8.65
CA ILE B 585 -44.76 -13.77 7.51
C ILE B 585 -46.16 -13.54 6.98
N GLU B 586 -47.14 -13.45 7.89
CA GLU B 586 -48.52 -13.26 7.45
C GLU B 586 -48.75 -11.94 6.74
N GLU B 587 -48.01 -10.89 7.11
CA GLU B 587 -48.17 -9.61 6.43
C GLU B 587 -47.41 -9.57 5.11
N VAL B 588 -46.21 -10.14 5.07
CA VAL B 588 -45.44 -10.15 3.83
C VAL B 588 -46.15 -10.99 2.78
N ASP B 589 -46.79 -12.09 3.21
CA ASP B 589 -47.55 -12.90 2.26
C ASP B 589 -48.68 -12.11 1.63
N THR B 590 -49.44 -11.36 2.44
CA THR B 590 -50.52 -10.55 1.91
C THR B 590 -49.99 -9.47 0.98
N ILE B 591 -48.88 -8.83 1.34
CA ILE B 591 -48.32 -7.78 0.49
C ILE B 591 -47.86 -8.36 -0.84
N ASN B 592 -47.24 -9.53 -0.82
CA ASN B 592 -46.84 -10.19 -2.05
C ASN B 592 -48.05 -10.53 -2.91
N LYS B 593 -49.09 -11.10 -2.30
CA LYS B 593 -50.22 -11.56 -3.10
C LYS B 593 -51.01 -10.37 -3.66
N ASN B 594 -50.98 -9.23 -2.97
CA ASN B 594 -51.61 -8.05 -3.54
C ASN B 594 -50.77 -7.44 -4.65
N ALA B 595 -49.45 -7.46 -4.48
CA ALA B 595 -48.58 -6.92 -5.52
C ALA B 595 -48.55 -7.82 -6.75
N THR B 596 -48.71 -9.13 -6.55
CA THR B 596 -48.76 -10.06 -7.69
C THR B 596 -49.98 -9.81 -8.58
N GLN B 597 -51.06 -9.27 -8.01
CA GLN B 597 -52.21 -8.89 -8.83
C GLN B 597 -51.81 -7.85 -9.87
N MET B 598 -50.84 -7.02 -9.55
CA MET B 598 -50.36 -6.02 -10.51
C MET B 598 -49.74 -6.72 -11.71
N LYS B 599 -50.11 -6.27 -12.90
CA LYS B 599 -49.54 -6.84 -14.12
C LYS B 599 -48.12 -6.36 -14.37
N GLU B 600 -47.75 -5.19 -13.85
CA GLU B 600 -46.41 -4.67 -14.08
C GLU B 600 -45.36 -5.51 -13.37
N ILE B 601 -45.65 -5.96 -12.16
CA ILE B 601 -44.67 -6.65 -11.33
C ILE B 601 -44.48 -8.07 -11.87
N SER B 602 -43.24 -8.42 -12.20
CA SER B 602 -42.96 -9.73 -12.79
C SER B 602 -42.75 -10.79 -11.71
N SER B 603 -41.89 -10.52 -10.74
CA SER B 603 -41.61 -11.47 -9.68
C SER B 603 -41.09 -10.71 -8.47
N SER B 604 -41.15 -11.35 -7.31
CA SER B 604 -40.72 -10.74 -6.06
C SER B 604 -39.94 -11.73 -5.22
N VAL B 605 -38.92 -11.23 -4.52
CA VAL B 605 -38.14 -12.02 -3.57
C VAL B 605 -38.23 -11.33 -2.22
N SER B 606 -38.58 -12.08 -1.19
CA SER B 606 -38.84 -11.55 0.14
C SER B 606 -37.77 -12.01 1.11
N LEU B 607 -37.26 -11.10 1.92
CA LEU B 607 -36.36 -11.44 3.02
C LEU B 607 -37.10 -11.19 4.32
N ILE B 608 -37.83 -12.19 4.79
CA ILE B 608 -38.71 -12.06 5.94
C ILE B 608 -37.89 -12.31 7.20
N GLY B 609 -38.07 -11.45 8.19
CA GLY B 609 -37.26 -11.51 9.38
C GLY B 609 -35.91 -10.89 9.25
N PHE B 610 -35.68 -10.09 8.21
CA PHE B 610 -34.37 -9.53 7.90
C PHE B 610 -34.51 -8.02 7.73
N ASP B 611 -33.64 -7.28 8.42
CA ASP B 611 -33.62 -5.82 8.33
C ASP B 611 -32.53 -5.43 7.34
N LEU B 612 -32.93 -4.77 6.25
CA LEU B 612 -31.98 -4.49 5.18
C LEU B 612 -30.95 -3.47 5.62
N PHE B 613 -31.38 -2.36 6.21
CA PHE B 613 -30.46 -1.30 6.57
C PHE B 613 -29.46 -1.74 7.62
N THR B 614 -29.93 -2.44 8.65
CA THR B 614 -29.06 -2.94 9.70
C THR B 614 -28.30 -4.19 9.27
N SER B 615 -28.77 -4.90 8.25
CA SER B 615 -28.24 -6.19 7.83
C SER B 615 -28.24 -7.21 8.96
N SER B 616 -29.23 -7.16 9.84
CA SER B 616 -29.35 -8.10 10.95
C SER B 616 -30.78 -8.63 10.98
N LEU B 617 -30.95 -9.78 11.60
CA LEU B 617 -32.26 -10.42 11.65
C LEU B 617 -33.13 -9.76 12.70
N LYS B 618 -34.31 -9.31 12.28
CA LYS B 618 -35.30 -8.74 13.19
C LYS B 618 -36.64 -9.40 12.89
N GLU B 619 -37.34 -9.86 13.94
CA GLU B 619 -38.55 -10.64 13.71
C GLU B 619 -39.67 -9.80 13.13
N ASN B 620 -39.71 -8.51 13.49
CA ASN B 620 -40.79 -7.64 13.04
C ASN B 620 -40.50 -6.95 11.71
N ALA B 621 -39.34 -7.18 11.11
CA ALA B 621 -38.93 -6.47 9.91
C ALA B 621 -38.80 -7.43 8.74
N ALA B 622 -39.04 -6.90 7.54
CA ALA B 622 -38.91 -7.67 6.32
C ALA B 622 -38.62 -6.74 5.17
N ALA B 623 -38.07 -7.30 4.09
CA ALA B 623 -37.76 -6.55 2.88
C ALA B 623 -38.26 -7.34 1.69
N VAL B 624 -38.94 -6.66 0.77
CA VAL B 624 -39.49 -7.29 -0.43
C VAL B 624 -38.97 -6.55 -1.65
N PHE B 625 -38.32 -7.28 -2.55
CA PHE B 625 -37.85 -6.72 -3.80
C PHE B 625 -38.83 -7.09 -4.90
N PHE B 626 -39.59 -6.12 -5.40
CA PHE B 626 -40.52 -6.34 -6.49
C PHE B 626 -39.79 -6.06 -7.80
N ILE B 627 -39.59 -7.09 -8.61
CA ILE B 627 -38.96 -6.96 -9.91
C ILE B 627 -40.05 -6.66 -10.93
N LEU B 628 -40.03 -5.47 -11.49
CA LEU B 628 -41.03 -5.05 -12.45
C LEU B 628 -40.75 -5.69 -13.81
N LYS B 629 -41.72 -5.58 -14.72
CA LYS B 629 -41.49 -6.05 -16.08
C LYS B 629 -40.52 -5.12 -16.79
N ASP B 630 -40.08 -5.54 -17.97
CA ASP B 630 -39.16 -4.73 -18.75
C ASP B 630 -39.81 -3.41 -19.13
N TRP B 631 -38.98 -2.39 -19.32
CA TRP B 631 -39.50 -1.05 -19.59
C TRP B 631 -40.36 -1.04 -20.84
N SER B 632 -40.03 -1.87 -21.83
CA SER B 632 -40.81 -1.92 -23.06
C SER B 632 -42.06 -2.76 -22.93
N GLN B 633 -42.26 -3.46 -21.82
CA GLN B 633 -43.45 -4.27 -21.65
C GLN B 633 -44.55 -3.50 -20.94
N ARG B 634 -44.23 -2.92 -19.79
CA ARG B 634 -45.22 -2.24 -18.96
C ARG B 634 -45.23 -0.76 -19.28
N GLU B 635 -46.43 -0.18 -19.29
CA GLU B 635 -46.57 1.24 -19.61
C GLU B 635 -46.31 2.11 -18.39
N ALA B 636 -46.70 1.66 -17.21
CA ALA B 636 -46.57 2.47 -16.01
C ALA B 636 -45.11 2.51 -15.56
N SER B 637 -44.65 3.70 -15.20
CA SER B 637 -43.29 3.85 -14.71
C SER B 637 -43.20 3.36 -13.27
N SER B 638 -41.98 3.38 -12.73
CA SER B 638 -41.78 2.93 -11.36
C SER B 638 -42.54 3.79 -10.37
N ASP B 639 -42.52 5.11 -10.57
CA ASP B 639 -43.18 6.01 -9.63
C ASP B 639 -44.69 5.80 -9.62
N GLN B 640 -45.29 5.59 -10.79
CA GLN B 640 -46.72 5.33 -10.84
C GLN B 640 -47.07 4.03 -10.12
N ILE B 641 -46.22 3.01 -10.27
CA ILE B 641 -46.46 1.75 -9.59
C ILE B 641 -46.33 1.91 -8.09
N ILE B 642 -45.36 2.70 -7.64
CA ILE B 642 -45.22 2.96 -6.21
C ILE B 642 -46.46 3.68 -5.69
N ALA B 643 -46.98 4.63 -6.47
CA ALA B 643 -48.22 5.30 -6.08
C ALA B 643 -49.39 4.33 -6.00
N GLN B 644 -49.50 3.40 -6.94
CA GLN B 644 -50.56 2.40 -6.87
C GLN B 644 -50.41 1.51 -5.66
N LEU B 645 -49.18 1.10 -5.34
CA LEU B 645 -48.96 0.24 -4.18
C LEU B 645 -49.32 0.96 -2.89
N PHE B 646 -48.93 2.23 -2.77
CA PHE B 646 -49.31 3.01 -1.60
C PHE B 646 -50.82 3.19 -1.53
N GLY B 647 -51.48 3.38 -2.67
CA GLY B 647 -52.93 3.46 -2.66
C GLY B 647 -53.59 2.16 -2.22
N GLN B 648 -53.04 1.03 -2.63
CA GLN B 648 -53.55 -0.25 -2.17
C GLN B 648 -53.41 -0.37 -0.67
N TYR B 649 -52.24 -0.03 -0.13
CA TYR B 649 -51.96 -0.22 1.29
C TYR B 649 -52.06 1.13 1.99
N ALA B 650 -53.28 1.50 2.32
CA ALA B 650 -53.58 2.75 3.02
C ALA B 650 -54.38 2.42 4.26
N ALA B 651 -54.04 3.06 5.38
CA ALA B 651 -54.71 2.88 6.66
C ALA B 651 -54.71 1.41 7.08
N ASP B 652 -53.54 0.79 6.98
CA ASP B 652 -53.34 -0.59 7.39
C ASP B 652 -52.57 -0.57 8.71
N ARG B 653 -53.25 -0.91 9.80
CA ARG B 653 -52.64 -0.81 11.12
C ARG B 653 -51.73 -1.99 11.42
N ASN B 654 -51.94 -3.13 10.75
CA ASN B 654 -51.18 -4.32 11.08
C ASN B 654 -49.68 -4.11 10.88
N ALA B 655 -49.29 -3.56 9.73
CA ALA B 655 -47.90 -3.46 9.34
C ALA B 655 -47.66 -2.13 8.64
N LEU B 656 -46.51 -1.51 8.92
CA LEU B 656 -46.06 -0.32 8.21
C LEU B 656 -45.17 -0.76 7.07
N SER B 657 -45.58 -0.44 5.84
CA SER B 657 -44.81 -0.79 4.66
C SER B 657 -44.54 0.47 3.85
N TYR B 658 -43.27 0.66 3.48
CA TYR B 658 -42.86 1.78 2.64
C TYR B 658 -42.32 1.22 1.33
N PHE B 659 -42.88 1.66 0.22
CA PHE B 659 -42.45 1.23 -1.10
C PHE B 659 -41.52 2.29 -1.66
N LEU B 660 -40.25 1.93 -1.79
CA LEU B 660 -39.19 2.87 -2.13
C LEU B 660 -38.59 2.50 -3.48
N ASN B 661 -38.02 3.50 -4.15
CA ASN B 661 -37.30 3.27 -5.39
C ASN B 661 -35.82 3.11 -5.10
N LEU B 662 -35.14 2.38 -5.98
CA LEU B 662 -33.72 2.13 -5.79
C LEU B 662 -32.92 3.43 -5.93
N PRO B 663 -31.77 3.53 -5.28
CA PRO B 663 -30.97 4.76 -5.35
C PRO B 663 -30.45 4.98 -6.77
N PRO B 664 -30.29 6.24 -7.18
CA PRO B 664 -29.72 6.49 -8.51
C PRO B 664 -28.29 5.99 -8.65
N ILE B 665 -27.48 6.08 -7.60
CA ILE B 665 -26.12 5.58 -7.62
C ILE B 665 -26.06 4.38 -6.68
N PRO B 666 -25.79 3.16 -7.18
CA PRO B 666 -26.01 1.96 -6.37
C PRO B 666 -25.25 1.92 -5.06
N GLY B 667 -24.05 2.46 -5.01
CA GLY B 667 -23.22 2.30 -3.82
C GLY B 667 -23.51 3.34 -2.76
N LEU B 668 -24.12 4.47 -3.14
CA LEU B 668 -24.26 5.58 -2.21
C LEU B 668 -25.11 5.21 -1.01
N SER B 669 -26.28 4.65 -1.24
CA SER B 669 -27.21 4.37 -0.16
C SER B 669 -27.98 3.10 -0.49
N LEU B 670 -28.59 2.52 0.53
CA LEU B 670 -29.38 1.32 0.29
C LEU B 670 -30.73 1.66 -0.33
N THR B 671 -31.23 2.87 -0.12
CA THR B 671 -32.54 3.29 -0.62
C THR B 671 -32.46 4.69 -1.19
N GLY B 672 -33.39 4.99 -2.10
CA GLY B 672 -33.51 6.36 -2.59
C GLY B 672 -34.05 7.27 -1.49
N GLY B 673 -33.55 8.49 -1.47
CA GLY B 673 -33.95 9.46 -0.47
C GLY B 673 -32.84 9.72 0.52
N PHE B 674 -33.03 10.80 1.28
CA PHE B 674 -32.01 11.24 2.22
C PHE B 674 -31.97 10.33 3.44
N GLU B 675 -30.86 10.43 4.19
CA GLU B 675 -30.71 9.76 5.47
C GLU B 675 -30.12 10.76 6.46
N MET B 676 -30.99 11.46 7.16
CA MET B 676 -30.53 12.46 8.13
C MET B 676 -30.44 11.85 9.52
N TYR B 677 -29.41 12.25 10.26
CA TYR B 677 -29.21 11.79 11.63
C TYR B 677 -29.39 12.96 12.58
N ALA B 678 -30.15 12.74 13.64
CA ALA B 678 -30.38 13.75 14.67
C ALA B 678 -29.48 13.43 15.85
N GLN B 679 -28.24 13.90 15.80
CA GLN B 679 -27.26 13.64 16.84
C GLN B 679 -27.62 14.43 18.08
N ASN B 680 -27.70 13.74 19.22
CA ASN B 680 -28.05 14.38 20.48
C ASN B 680 -26.78 14.75 21.22
N LYS B 681 -26.46 16.04 21.22
CA LYS B 681 -25.24 16.50 21.89
C LYS B 681 -25.44 16.68 23.38
N SER B 682 -26.68 16.74 23.86
CA SER B 682 -26.93 17.03 25.27
C SER B 682 -26.62 15.83 26.16
N GLY B 683 -26.75 14.62 25.63
CA GLY B 683 -26.59 13.43 26.44
C GLY B 683 -27.86 12.81 26.94
N LYS B 684 -28.99 13.02 26.26
CA LYS B 684 -30.25 12.46 26.68
C LYS B 684 -30.29 10.96 26.41
N ASP B 685 -31.14 10.26 27.16
CA ASP B 685 -31.36 8.85 26.93
C ASP B 685 -32.13 8.65 25.63
N TYR B 686 -32.04 7.42 25.09
CA TYR B 686 -32.76 7.12 23.86
C TYR B 686 -34.26 7.18 24.04
N ASP B 687 -34.77 7.00 25.26
CA ASP B 687 -36.18 7.17 25.53
C ASP B 687 -36.63 8.62 25.37
N ALA B 688 -35.72 9.59 25.53
CA ALA B 688 -36.05 10.98 25.29
C ALA B 688 -35.72 11.39 23.85
N ILE B 689 -34.67 10.81 23.28
CA ILE B 689 -34.37 11.05 21.88
C ILE B 689 -35.55 10.62 21.02
N GLN B 690 -36.18 9.50 21.37
CA GLN B 690 -37.31 9.05 20.57
C GLN B 690 -38.48 10.03 20.66
N GLN B 691 -38.73 10.58 21.84
CA GLN B 691 -39.79 11.59 21.95
C GLN B 691 -39.50 12.83 21.12
N ASP B 692 -38.28 13.33 21.18
CA ASP B 692 -37.93 14.50 20.37
C ASP B 692 -38.07 14.22 18.88
N VAL B 693 -37.59 13.05 18.43
CA VAL B 693 -37.67 12.76 17.01
C VAL B 693 -39.10 12.45 16.59
N ASN B 694 -39.93 11.98 17.53
CA ASN B 694 -41.34 11.80 17.20
C ASN B 694 -42.02 13.13 16.95
N LYS B 695 -41.74 14.12 17.81
CA LYS B 695 -42.28 15.46 17.58
C LYS B 695 -41.78 16.02 16.25
N MET B 696 -40.49 15.83 15.96
CA MET B 696 -39.93 16.29 14.70
C MET B 696 -40.58 15.59 13.52
N LEU B 697 -40.84 14.29 13.63
CA LEU B 697 -41.45 13.56 12.52
C LEU B 697 -42.87 14.02 12.28
N GLU B 698 -43.63 14.31 13.33
CA GLU B 698 -44.96 14.89 13.11
C GLU B 698 -44.86 16.20 12.33
N LEU B 699 -43.95 17.09 12.76
CA LEU B 699 -43.80 18.36 12.06
C LEU B 699 -43.38 18.13 10.61
N ALA B 700 -42.49 17.17 10.36
CA ALA B 700 -42.05 16.88 9.01
C ALA B 700 -43.20 16.36 8.16
N ARG B 701 -44.04 15.50 8.73
CA ARG B 701 -45.20 15.00 8.00
C ARG B 701 -46.17 16.12 7.66
N THR B 702 -46.16 17.20 8.45
CA THR B 702 -46.96 18.35 8.06
C THR B 702 -46.33 19.17 6.95
N ARG B 703 -45.26 18.70 6.31
CA ARG B 703 -44.61 19.44 5.23
C ARG B 703 -44.97 18.83 3.88
N LYS B 704 -45.11 19.71 2.87
CA LYS B 704 -45.52 19.26 1.55
C LYS B 704 -44.36 18.64 0.78
N GLU B 705 -43.15 19.15 0.99
CA GLU B 705 -42.00 18.65 0.24
C GLU B 705 -41.70 17.20 0.58
N LEU B 706 -41.84 16.83 1.85
CA LEU B 706 -41.37 15.53 2.30
C LEU B 706 -42.44 14.46 2.16
N ALA B 707 -41.98 13.22 1.97
CA ALA B 707 -42.86 12.07 1.89
C ALA B 707 -42.13 10.87 2.47
N ASN B 708 -42.91 9.94 3.03
CA ASN B 708 -42.37 8.73 3.66
C ASN B 708 -41.35 9.06 4.74
N VAL B 709 -41.65 10.07 5.54
CA VAL B 709 -40.74 10.47 6.61
C VAL B 709 -40.87 9.45 7.75
N ARG B 710 -39.76 8.86 8.14
CA ARG B 710 -39.77 7.79 9.12
C ARG B 710 -38.43 7.76 9.83
N THR B 711 -38.40 7.09 10.98
CA THR B 711 -37.18 6.91 11.74
C THR B 711 -36.92 5.43 11.96
N THR B 712 -35.64 5.06 11.98
CA THR B 712 -35.27 3.70 12.31
C THR B 712 -35.32 3.43 13.81
N LEU B 713 -35.23 4.47 14.62
CA LEU B 713 -35.27 4.30 16.07
C LEU B 713 -36.63 3.80 16.53
N ASP B 714 -36.63 2.76 17.35
CA ASP B 714 -37.84 2.22 17.96
C ASP B 714 -37.50 1.74 19.35
N THR B 715 -38.02 2.42 20.37
CA THR B 715 -37.76 2.08 21.76
C THR B 715 -38.98 1.51 22.46
N SER B 716 -39.88 0.86 21.73
CA SER B 716 -41.11 0.34 22.29
C SER B 716 -41.11 -1.17 22.46
N PHE B 717 -39.98 -1.84 22.28
CA PHE B 717 -39.94 -3.28 22.35
C PHE B 717 -40.23 -3.75 23.78
N PRO B 718 -41.08 -4.76 23.95
CA PRO B 718 -41.34 -5.27 25.31
C PRO B 718 -40.12 -6.01 25.84
N GLN B 719 -39.81 -5.78 27.11
CA GLN B 719 -38.61 -6.34 27.71
C GLN B 719 -38.88 -6.73 29.15
N TYR B 720 -38.07 -7.67 29.63
CA TYR B 720 -38.14 -8.16 30.99
C TYR B 720 -36.80 -7.91 31.67
N LYS B 721 -36.84 -7.50 32.92
CA LYS B 721 -35.65 -7.32 33.73
C LYS B 721 -35.68 -8.34 34.86
N LEU B 722 -34.71 -9.25 34.84
CA LEU B 722 -34.52 -10.17 35.96
C LEU B 722 -33.65 -9.47 37.00
N ILE B 723 -34.20 -9.24 38.18
CA ILE B 723 -33.50 -8.51 39.24
C ILE B 723 -33.06 -9.50 40.30
N ILE B 724 -31.75 -9.68 40.43
CA ILE B 724 -31.17 -10.67 41.32
C ILE B 724 -31.18 -10.10 42.73
N ASP B 725 -31.84 -10.79 43.66
CA ASP B 725 -31.76 -10.42 45.05
C ASP B 725 -30.50 -11.01 45.65
N ARG B 726 -29.45 -10.19 45.79
CA ARG B 726 -28.15 -10.72 46.19
C ARG B 726 -28.17 -11.25 47.62
N ASP B 727 -28.93 -10.60 48.51
CA ASP B 727 -29.02 -11.11 49.88
C ASP B 727 -29.59 -12.52 49.90
N LYS B 728 -30.73 -12.73 49.24
CA LYS B 728 -31.32 -14.06 49.21
C LYS B 728 -30.45 -15.07 48.47
N MET B 729 -29.83 -14.63 47.37
CA MET B 729 -28.99 -15.54 46.61
C MET B 729 -27.83 -16.06 47.44
N LYS B 730 -27.19 -15.18 48.22
CA LYS B 730 -26.11 -15.64 49.08
C LYS B 730 -26.64 -16.41 50.28
N TYR B 731 -27.82 -16.04 50.77
CA TYR B 731 -28.43 -16.76 51.88
C TYR B 731 -28.74 -18.19 51.49
N TYR B 732 -28.96 -18.45 50.21
CA TYR B 732 -29.19 -19.79 49.70
C TYR B 732 -27.93 -20.48 49.23
N ASN B 733 -26.76 -19.85 49.41
CA ASN B 733 -25.47 -20.43 49.03
C ASN B 733 -25.40 -20.68 47.53
N LEU B 734 -25.49 -19.61 46.74
CA LEU B 734 -25.43 -19.70 45.28
C LEU B 734 -24.43 -18.69 44.75
N ASN B 735 -23.64 -19.13 43.77
CA ASN B 735 -22.78 -18.20 43.05
C ASN B 735 -23.55 -17.51 41.93
N MET B 736 -23.08 -16.33 41.55
CA MET B 736 -23.71 -15.62 40.45
C MET B 736 -23.47 -16.31 39.11
N GLN B 737 -22.29 -16.90 38.93
CA GLN B 737 -21.98 -17.54 37.66
C GLN B 737 -22.89 -18.71 37.37
N ASP B 738 -23.19 -19.52 38.40
CA ASP B 738 -24.11 -20.63 38.22
C ASP B 738 -25.50 -20.14 37.84
N VAL B 739 -25.96 -19.08 38.51
CA VAL B 739 -27.27 -18.52 38.21
C VAL B 739 -27.32 -18.04 36.76
N PHE B 740 -26.27 -17.34 36.33
CA PHE B 740 -26.25 -16.82 34.97
C PHE B 740 -26.21 -17.95 33.96
N ASN B 741 -25.48 -19.02 34.25
CA ASN B 741 -25.46 -20.16 33.34
C ASN B 741 -26.83 -20.82 33.26
N THR B 742 -27.52 -20.97 34.39
CA THR B 742 -28.85 -21.57 34.35
C THR B 742 -29.82 -20.71 33.57
N ILE B 743 -29.77 -19.39 33.76
CA ILE B 743 -30.65 -18.50 33.01
C ILE B 743 -30.32 -18.53 31.53
N SER B 744 -29.04 -18.54 31.18
CA SER B 744 -28.63 -18.51 29.79
C SER B 744 -28.77 -19.86 29.10
N ALA B 745 -28.97 -20.93 29.86
CA ALA B 745 -29.23 -22.25 29.28
C ALA B 745 -30.69 -22.63 29.27
N THR B 746 -31.51 -22.04 30.15
CA THR B 746 -32.92 -22.38 30.17
C THR B 746 -33.74 -21.36 29.40
N ILE B 747 -33.63 -20.08 29.76
CA ILE B 747 -34.39 -19.05 29.06
C ILE B 747 -33.89 -18.89 27.63
N GLY B 748 -32.57 -18.82 27.45
CA GLY B 748 -31.98 -18.65 26.14
C GLY B 748 -31.09 -19.81 25.77
N THR B 749 -30.59 -19.77 24.53
CA THR B 749 -29.73 -20.83 24.05
C THR B 749 -28.32 -20.67 24.58
N TYR B 750 -27.71 -21.78 25.00
CA TYR B 750 -26.35 -21.78 25.50
C TYR B 750 -25.49 -22.66 24.62
N TYR B 751 -24.45 -22.08 24.04
CA TYR B 751 -23.56 -22.77 23.11
C TYR B 751 -22.40 -23.37 23.88
N VAL B 752 -22.33 -24.70 23.90
CA VAL B 752 -21.34 -25.43 24.69
C VAL B 752 -20.07 -25.68 23.90
N ASN B 753 -20.18 -26.43 22.80
CA ASN B 753 -19.05 -26.69 21.94
C ASN B 753 -19.56 -27.14 20.58
N ASP B 754 -18.66 -27.68 19.77
CA ASP B 754 -18.96 -28.12 18.42
C ASP B 754 -19.09 -29.63 18.35
N PHE B 755 -19.78 -30.10 17.34
CA PHE B 755 -19.83 -31.50 16.96
C PHE B 755 -19.60 -31.65 15.47
N PRO B 756 -19.06 -32.78 15.03
CA PRO B 756 -18.76 -32.93 13.60
C PRO B 756 -19.97 -33.36 12.80
N MET B 757 -20.25 -32.65 11.72
CA MET B 757 -21.32 -33.06 10.82
C MET B 757 -21.02 -32.58 9.41
N LEU B 758 -21.05 -33.50 8.45
CA LEU B 758 -20.83 -33.18 7.04
C LEU B 758 -19.52 -32.45 6.83
N GLY B 759 -18.48 -32.89 7.54
CA GLY B 759 -17.17 -32.26 7.40
C GLY B 759 -16.93 -31.03 8.23
N LYS B 760 -17.93 -30.18 8.38
CA LYS B 760 -17.80 -28.98 9.17
C LYS B 760 -18.04 -29.27 10.66
N ASN B 761 -17.78 -28.26 11.47
CA ASN B 761 -18.06 -28.31 12.91
C ASN B 761 -19.27 -27.41 13.16
N PHE B 762 -20.33 -28.00 13.68
CA PHE B 762 -21.55 -27.26 13.97
C PHE B 762 -21.77 -27.17 15.46
N GLN B 763 -22.60 -26.21 15.86
CA GLN B 763 -22.75 -25.87 17.26
C GLN B 763 -23.57 -26.90 18.02
N VAL B 764 -23.41 -26.91 19.34
CA VAL B 764 -24.28 -27.63 20.25
C VAL B 764 -24.95 -26.61 21.15
N ASN B 765 -26.28 -26.56 21.12
CA ASN B 765 -27.02 -25.53 21.84
C ASN B 765 -27.96 -26.18 22.83
N ILE B 766 -28.01 -25.63 24.04
CA ILE B 766 -28.86 -26.12 25.11
C ILE B 766 -29.91 -25.08 25.41
N ARG B 767 -31.17 -25.49 25.42
CA ARG B 767 -32.26 -24.58 25.75
C ARG B 767 -33.42 -25.38 26.32
N ALA B 768 -34.14 -24.79 27.27
CA ALA B 768 -35.28 -25.46 27.87
C ALA B 768 -36.42 -25.59 26.87
N LEU B 769 -37.13 -26.71 26.95
CA LEU B 769 -38.25 -27.01 26.09
C LEU B 769 -39.58 -26.60 26.71
N GLY B 770 -39.56 -25.95 27.87
CA GLY B 770 -40.79 -25.72 28.61
C GLY B 770 -41.77 -24.82 27.88
N ASP B 771 -41.28 -24.06 26.89
CA ASP B 771 -42.05 -23.07 26.15
C ASP B 771 -42.96 -22.25 27.08
N PHE B 772 -42.40 -21.90 28.24
CA PHE B 772 -43.12 -21.21 29.30
C PHE B 772 -43.35 -19.76 28.87
N ARG B 773 -44.48 -19.53 28.22
CA ARG B 773 -44.86 -18.17 27.84
C ARG B 773 -45.06 -17.30 29.07
N ASN B 774 -45.67 -17.85 30.11
CA ASN B 774 -46.03 -17.06 31.28
C ASN B 774 -44.78 -16.53 31.99
N THR B 775 -44.86 -15.28 32.41
CA THR B 775 -43.85 -14.74 33.31
C THR B 775 -44.01 -15.35 34.69
N GLN B 776 -42.89 -15.49 35.40
CA GLN B 776 -42.85 -16.01 36.77
C GLN B 776 -43.32 -17.45 36.89
N ASP B 777 -43.65 -18.11 35.78
CA ASP B 777 -44.00 -19.52 35.83
C ASP B 777 -42.79 -20.41 35.63
N ALA B 778 -41.90 -20.03 34.71
CA ALA B 778 -40.65 -20.76 34.54
C ALA B 778 -39.79 -20.65 35.79
N LEU B 779 -39.74 -19.47 36.40
CA LEU B 779 -38.86 -19.24 37.54
C LEU B 779 -39.20 -20.17 38.70
N LYS B 780 -40.48 -20.51 38.86
CA LYS B 780 -40.86 -21.47 39.88
C LYS B 780 -40.39 -22.87 39.52
N ASN B 781 -40.31 -23.17 38.22
CA ASN B 781 -40.03 -24.55 37.81
C ASN B 781 -38.55 -24.81 37.61
N ILE B 782 -37.77 -23.76 37.37
CA ILE B 782 -36.34 -23.93 37.10
C ILE B 782 -35.56 -23.82 38.40
N TYR B 783 -34.76 -24.83 38.69
CA TYR B 783 -34.01 -24.93 39.94
C TYR B 783 -32.53 -24.87 39.66
N ILE B 784 -31.77 -24.40 40.64
CA ILE B 784 -30.31 -24.36 40.58
C ILE B 784 -29.77 -24.94 41.88
N ARG B 785 -28.78 -25.83 41.78
CA ARG B 785 -28.25 -26.51 42.94
C ARG B 785 -27.33 -25.59 43.72
N SER B 786 -27.51 -25.55 45.04
CA SER B 786 -26.69 -24.71 45.90
C SER B 786 -25.45 -25.49 46.35
N SER B 787 -24.58 -24.79 47.09
CA SER B 787 -23.37 -25.44 47.59
C SER B 787 -23.65 -26.42 48.71
N ASP B 788 -24.88 -26.42 49.24
CA ASP B 788 -25.30 -27.38 50.23
C ASP B 788 -25.92 -28.63 49.62
N ASN B 789 -25.85 -28.77 48.30
CA ASN B 789 -26.52 -29.86 47.58
C ASN B 789 -28.03 -29.81 47.81
N LYS B 790 -28.61 -28.61 47.72
CA LYS B 790 -30.05 -28.41 47.80
C LYS B 790 -30.52 -27.67 46.57
N MET B 791 -31.70 -28.03 46.07
CA MET B 791 -32.26 -27.35 44.92
C MET B 791 -32.95 -26.06 45.34
N ILE B 792 -32.57 -24.95 44.70
CA ILE B 792 -33.08 -23.63 45.02
C ILE B 792 -33.79 -23.09 43.78
N PRO B 793 -35.11 -22.96 43.79
CA PRO B 793 -35.80 -22.42 42.62
C PRO B 793 -35.40 -20.97 42.36
N LEU B 794 -35.40 -20.61 41.07
CA LEU B 794 -35.05 -19.24 40.69
C LEU B 794 -36.08 -18.24 41.19
N ASN B 795 -37.30 -18.68 41.44
CA ASN B 795 -38.35 -17.78 41.90
C ASN B 795 -37.99 -17.17 43.25
N SER B 796 -37.13 -17.84 44.02
CA SER B 796 -36.81 -17.37 45.36
C SER B 796 -35.95 -16.11 45.33
N PHE B 797 -34.96 -16.06 44.45
CA PHE B 797 -34.01 -14.96 44.45
C PHE B 797 -34.01 -14.17 43.15
N LEU B 798 -35.05 -14.27 42.33
CA LEU B 798 -35.16 -13.50 41.10
C LEU B 798 -36.55 -12.90 40.98
N THR B 799 -36.61 -11.75 40.33
CA THR B 799 -37.85 -11.00 40.15
C THR B 799 -37.94 -10.51 38.73
N LEU B 800 -39.13 -10.63 38.12
CA LEU B 800 -39.32 -10.29 36.72
C LEU B 800 -40.07 -8.96 36.64
N VAL B 801 -39.49 -8.01 35.91
CA VAL B 801 -40.03 -6.66 35.79
C VAL B 801 -40.25 -6.36 34.32
N ARG B 802 -41.47 -5.99 33.97
CA ARG B 802 -41.77 -5.62 32.59
C ARG B 802 -41.22 -4.23 32.29
N SER B 803 -40.69 -4.05 31.10
CA SER B 803 -40.13 -2.76 30.70
C SER B 803 -40.08 -2.70 29.18
N ALA B 804 -39.81 -1.50 28.66
CA ALA B 804 -39.72 -1.28 27.23
C ALA B 804 -38.42 -0.54 26.92
N GLY B 805 -37.69 -1.01 25.91
CA GLY B 805 -36.43 -0.43 25.56
C GLY B 805 -36.09 -0.63 24.10
N PRO B 806 -35.03 0.04 23.63
CA PRO B 806 -34.64 -0.10 22.23
C PRO B 806 -34.06 -1.48 21.96
N ASP B 807 -34.48 -2.08 20.86
CA ASP B 807 -33.87 -3.34 20.44
C ASP B 807 -32.49 -3.11 19.84
N ASP B 808 -32.35 -2.11 18.99
CA ASP B 808 -31.07 -1.71 18.43
C ASP B 808 -30.87 -0.22 18.64
N VAL B 809 -29.61 0.18 18.72
CA VAL B 809 -29.26 1.55 19.07
C VAL B 809 -28.16 2.04 18.13
N LYS B 810 -28.32 3.26 17.64
CA LYS B 810 -27.45 3.80 16.60
C LYS B 810 -26.73 5.05 17.10
N ARG B 811 -25.46 5.16 16.74
CA ARG B 811 -24.65 6.34 17.01
C ARG B 811 -24.01 6.81 15.71
N PHE B 812 -23.99 8.12 15.50
CA PHE B 812 -23.43 8.70 14.28
C PHE B 812 -22.44 9.80 14.65
N ASN B 813 -21.20 9.67 14.16
CA ASN B 813 -20.13 10.64 14.42
C ASN B 813 -19.98 10.91 15.91
N LEU B 814 -19.84 9.83 16.68
CA LEU B 814 -19.57 9.88 18.11
C LEU B 814 -20.69 10.51 18.92
N PHE B 815 -21.90 10.56 18.37
CA PHE B 815 -23.05 11.04 19.10
C PHE B 815 -24.18 10.02 19.02
N PRO B 816 -24.95 9.85 20.08
CA PRO B 816 -26.20 9.08 19.95
C PRO B 816 -27.10 9.75 18.94
N ALA B 817 -27.74 8.93 18.10
CA ALA B 817 -28.48 9.50 16.99
C ALA B 817 -29.66 8.61 16.65
N ALA B 818 -30.60 9.20 15.93
CA ALA B 818 -31.74 8.49 15.38
C ALA B 818 -31.78 8.73 13.88
N LEU B 819 -31.61 7.67 13.10
CA LEU B 819 -31.62 7.79 11.66
C LEU B 819 -33.00 8.20 11.20
N ILE B 820 -33.08 9.25 10.39
CA ILE B 820 -34.33 9.75 9.85
C ILE B 820 -34.28 9.63 8.35
N GLN B 821 -35.18 8.84 7.78
CA GLN B 821 -35.22 8.57 6.36
C GLN B 821 -36.50 9.15 5.75
N GLY B 822 -36.42 9.52 4.48
CA GLY B 822 -37.58 10.05 3.80
C GLY B 822 -37.30 10.23 2.33
N ASP B 823 -38.37 10.48 1.58
CA ASP B 823 -38.29 10.69 0.15
C ASP B 823 -38.90 12.04 -0.20
N PRO B 824 -38.49 12.65 -1.30
CA PRO B 824 -39.20 13.83 -1.79
C PRO B 824 -40.58 13.46 -2.30
N ALA B 825 -41.55 14.32 -2.02
CA ALA B 825 -42.89 14.11 -2.54
C ALA B 825 -42.87 14.31 -4.06
N PRO B 826 -43.87 13.78 -4.76
CA PRO B 826 -43.87 13.91 -6.23
C PRO B 826 -43.75 15.35 -6.67
N GLY B 827 -42.86 15.59 -7.64
CA GLY B 827 -42.61 16.92 -8.14
C GLY B 827 -41.55 17.71 -7.41
N TYR B 828 -40.98 17.17 -6.33
CA TYR B 828 -39.96 17.86 -5.56
C TYR B 828 -38.65 17.11 -5.68
N THR B 829 -37.55 17.85 -5.74
CA THR B 829 -36.24 17.27 -5.99
C THR B 829 -35.53 16.91 -4.69
N SER B 830 -34.34 16.35 -4.84
CA SER B 830 -33.55 15.95 -3.68
C SER B 830 -33.15 17.16 -2.84
N GLY B 831 -32.75 18.24 -3.48
CA GLY B 831 -32.33 19.41 -2.73
C GLY B 831 -33.46 20.04 -1.95
N GLN B 832 -34.66 20.08 -2.55
CA GLN B 832 -35.81 20.63 -1.84
C GLN B 832 -36.17 19.78 -0.62
N ALA B 833 -36.13 18.45 -0.77
CA ALA B 833 -36.41 17.57 0.35
C ALA B 833 -35.37 17.73 1.45
N ILE B 834 -34.09 17.83 1.07
CA ILE B 834 -33.03 17.99 2.05
C ILE B 834 -33.21 19.29 2.81
N ASP B 835 -33.50 20.39 2.09
CA ASP B 835 -33.71 21.66 2.76
C ASP B 835 -34.91 21.62 3.69
N ALA B 836 -36.00 20.98 3.25
CA ALA B 836 -37.20 20.91 4.09
C ALA B 836 -36.94 20.13 5.36
N ILE B 837 -36.32 18.95 5.25
CA ILE B 837 -36.08 18.15 6.44
C ILE B 837 -35.07 18.83 7.34
N ALA B 838 -34.09 19.52 6.76
CA ALA B 838 -33.14 20.28 7.57
C ALA B 838 -33.84 21.38 8.36
N GLU B 839 -34.74 22.11 7.71
CA GLU B 839 -35.48 23.15 8.42
C GLU B 839 -36.33 22.57 9.54
N VAL B 840 -37.04 21.49 9.27
CA VAL B 840 -37.89 20.88 10.30
C VAL B 840 -37.04 20.38 11.46
N ALA B 841 -35.91 19.75 11.17
CA ALA B 841 -35.06 19.23 12.23
C ALA B 841 -34.43 20.36 13.03
N LYS B 842 -34.11 21.47 12.38
CA LYS B 842 -33.58 22.62 13.11
C LYS B 842 -34.63 23.23 14.02
N GLN B 843 -35.86 23.35 13.53
CA GLN B 843 -36.91 24.00 14.32
C GLN B 843 -37.37 23.13 15.47
N SER B 844 -37.55 21.83 15.23
CA SER B 844 -38.15 20.96 16.25
C SER B 844 -37.12 20.57 17.31
N LEU B 845 -36.00 20.00 16.88
CA LEU B 845 -35.05 19.40 17.82
C LEU B 845 -34.43 20.46 18.73
N GLY B 846 -33.99 21.57 18.16
CA GLY B 846 -33.37 22.61 18.96
C GLY B 846 -31.86 22.52 19.00
N ASP B 847 -31.30 23.29 19.93
CA ASP B 847 -29.84 23.39 20.02
C ASP B 847 -29.22 22.13 20.61
N GLU B 848 -30.02 21.31 21.29
CA GLU B 848 -29.48 20.08 21.83
C GLU B 848 -29.11 19.09 20.73
N TYR B 849 -29.76 19.18 19.58
CA TYR B 849 -29.54 18.26 18.48
C TYR B 849 -28.91 18.98 17.30
N SER B 850 -28.02 18.29 16.61
CA SER B 850 -27.48 18.73 15.33
C SER B 850 -27.85 17.70 14.27
N ILE B 851 -27.80 18.11 13.01
CA ILE B 851 -28.21 17.26 11.90
C ILE B 851 -26.98 16.87 11.10
N ALA B 852 -26.91 15.61 10.70
CA ALA B 852 -25.84 15.09 9.88
C ALA B 852 -26.44 14.22 8.79
N TRP B 853 -25.69 14.07 7.71
CA TRP B 853 -26.21 13.44 6.51
C TRP B 853 -25.36 12.23 6.15
N SER B 854 -25.95 11.32 5.37
CA SER B 854 -25.29 10.11 4.92
C SER B 854 -25.66 9.83 3.47
N GLY B 855 -24.74 9.19 2.77
CA GLY B 855 -25.03 8.76 1.41
C GLY B 855 -25.24 9.93 0.46
N SER B 856 -26.31 9.84 -0.33
CA SER B 856 -26.56 10.83 -1.37
C SER B 856 -26.80 12.21 -0.77
N ALA B 857 -27.51 12.28 0.34
CA ALA B 857 -27.73 13.58 1.00
C ALA B 857 -26.40 14.21 1.39
N TYR B 858 -25.50 13.41 1.98
CA TYR B 858 -24.19 13.94 2.33
C TYR B 858 -23.43 14.41 1.10
N GLN B 859 -23.45 13.62 0.03
CA GLN B 859 -22.70 13.99 -1.16
C GLN B 859 -23.23 15.30 -1.75
N GLU B 860 -24.55 15.45 -1.80
CA GLU B 860 -25.13 16.68 -2.34
C GLU B 860 -24.81 17.88 -1.46
N VAL B 861 -24.97 17.74 -0.14
CA VAL B 861 -24.71 18.86 0.76
C VAL B 861 -23.24 19.27 0.71
N SER B 862 -22.34 18.30 0.63
CA SER B 862 -20.92 18.63 0.58
C SER B 862 -20.51 19.17 -0.79
N SER B 863 -21.17 18.74 -1.86
CA SER B 863 -20.77 19.12 -3.20
C SER B 863 -21.50 20.34 -3.73
N LYS B 864 -22.38 20.94 -2.93
CA LYS B 864 -22.90 22.26 -3.30
C LYS B 864 -21.75 23.23 -3.57
N GLY B 865 -21.77 23.84 -4.76
CA GLY B 865 -20.79 24.85 -5.15
C GLY B 865 -19.71 24.39 -6.10
N ALA B 866 -19.51 23.07 -6.24
CA ALA B 866 -18.44 22.57 -7.10
C ALA B 866 -18.69 22.93 -8.56
N GLY B 867 -19.96 22.87 -8.98
CA GLY B 867 -20.26 23.22 -10.35
C GLY B 867 -19.95 24.66 -10.68
N ALA B 868 -20.29 25.58 -9.77
CA ALA B 868 -19.98 26.99 -9.98
C ALA B 868 -18.48 27.23 -9.99
N TYR B 869 -17.74 26.55 -9.09
CA TYR B 869 -16.29 26.69 -9.10
C TYR B 869 -15.69 26.22 -10.42
N ALA B 870 -16.15 25.07 -10.92
CA ALA B 870 -15.66 24.58 -12.20
C ALA B 870 -16.01 25.51 -13.34
N PHE B 871 -17.23 26.06 -13.32
CA PHE B 871 -17.64 26.98 -14.38
C PHE B 871 -16.77 28.23 -14.40
N VAL B 872 -16.51 28.81 -13.22
CA VAL B 872 -15.70 30.02 -13.17
C VAL B 872 -14.28 29.74 -13.62
N LEU B 873 -13.70 28.64 -13.16
CA LEU B 873 -12.34 28.31 -13.56
C LEU B 873 -12.26 28.03 -15.05
N GLY B 874 -13.28 27.36 -15.60
CA GLY B 874 -13.29 27.10 -17.03
C GLY B 874 -13.35 28.37 -17.85
N MET B 875 -14.21 29.31 -17.45
CA MET B 875 -14.30 30.57 -18.18
C MET B 875 -12.99 31.34 -18.09
N ILE B 876 -12.37 31.36 -16.91
CA ILE B 876 -11.09 32.05 -16.76
C ILE B 876 -10.04 31.44 -17.69
N PHE B 877 -9.95 30.11 -17.71
CA PHE B 877 -8.92 29.47 -18.52
C PHE B 877 -9.20 29.62 -20.01
N VAL B 878 -10.47 29.62 -20.40
CA VAL B 878 -10.81 29.89 -21.80
C VAL B 878 -10.35 31.28 -22.18
N PHE B 879 -10.61 32.27 -21.32
CA PHE B 879 -10.16 33.63 -21.62
C PHE B 879 -8.65 33.69 -21.74
N LEU B 880 -7.93 33.05 -20.82
CA LEU B 880 -6.48 33.11 -20.86
C LEU B 880 -5.93 32.46 -22.12
N ILE B 881 -6.47 31.28 -22.49
CA ILE B 881 -5.98 30.59 -23.66
C ILE B 881 -6.27 31.40 -24.92
N LEU B 882 -7.46 31.99 -25.02
CA LEU B 882 -7.76 32.79 -26.19
C LEU B 882 -6.96 34.08 -26.26
N ALA B 883 -6.63 34.70 -25.13
CA ALA B 883 -5.71 35.83 -25.14
C ALA B 883 -4.32 35.42 -25.58
N ALA B 884 -3.88 34.22 -25.16
CA ALA B 884 -2.59 33.72 -25.60
C ALA B 884 -2.56 33.55 -27.12
N GLN B 885 -3.55 32.85 -27.67
CA GLN B 885 -3.49 32.48 -29.08
C GLN B 885 -3.60 33.70 -29.99
N TYR B 886 -4.54 34.60 -29.72
CA TYR B 886 -4.77 35.74 -30.58
C TYR B 886 -3.93 36.96 -30.23
N GLU B 887 -3.19 36.90 -29.12
CA GLU B 887 -2.27 37.97 -28.72
C GLU B 887 -2.98 39.29 -28.50
N ARG B 888 -4.25 39.25 -28.11
CA ARG B 888 -4.99 40.45 -27.75
C ARG B 888 -5.77 40.18 -26.48
N TRP B 889 -6.04 41.25 -25.72
CA TRP B 889 -6.72 41.11 -24.43
C TRP B 889 -8.23 41.18 -24.55
N LEU B 890 -8.76 42.01 -25.43
CA LEU B 890 -10.20 42.22 -25.50
C LEU B 890 -10.90 41.28 -26.48
N MET B 891 -10.18 40.67 -27.41
CA MET B 891 -10.78 39.65 -28.27
C MET B 891 -11.28 38.44 -27.50
N PRO B 892 -10.51 37.81 -26.60
CA PRO B 892 -11.11 36.78 -25.76
C PRO B 892 -12.26 37.27 -24.91
N LEU B 893 -12.27 38.54 -24.50
CA LEU B 893 -13.43 39.04 -23.76
C LEU B 893 -14.67 39.07 -24.65
N ALA B 894 -14.53 39.52 -25.89
CA ALA B 894 -15.63 39.48 -26.83
C ALA B 894 -16.11 38.07 -27.11
N VAL B 895 -15.19 37.09 -27.10
CA VAL B 895 -15.62 35.70 -27.25
C VAL B 895 -16.35 35.23 -26.00
N ILE B 896 -15.85 35.59 -24.82
CA ILE B 896 -16.45 35.18 -23.56
C ILE B 896 -17.86 35.71 -23.39
N THR B 897 -18.16 36.90 -23.92
CA THR B 897 -19.50 37.47 -23.75
C THR B 897 -20.58 36.59 -24.36
N ALA B 898 -20.21 35.65 -25.24
CA ALA B 898 -21.20 34.77 -25.84
C ALA B 898 -21.68 33.70 -24.88
N VAL B 899 -20.91 33.40 -23.83
CA VAL B 899 -21.28 32.33 -22.89
C VAL B 899 -22.61 32.59 -22.20
N PRO B 900 -22.91 33.81 -21.71
CA PRO B 900 -24.20 34.00 -21.04
C PRO B 900 -25.40 33.65 -21.91
N PHE B 901 -25.26 33.75 -23.23
CA PHE B 901 -26.38 33.36 -24.10
C PHE B 901 -26.66 31.87 -24.00
N ALA B 902 -25.62 31.04 -24.04
CA ALA B 902 -25.83 29.61 -23.87
C ALA B 902 -26.35 29.28 -22.49
N VAL B 903 -25.82 29.95 -21.47
CA VAL B 903 -26.30 29.69 -20.11
C VAL B 903 -27.78 30.04 -20.00
N PHE B 904 -28.19 31.17 -20.58
CA PHE B 904 -29.59 31.57 -20.58
C PHE B 904 -30.45 30.54 -21.30
N GLY B 905 -30.01 30.08 -22.47
CA GLY B 905 -30.79 29.09 -23.20
C GLY B 905 -30.97 27.81 -22.42
N SER B 906 -29.88 27.31 -21.82
CA SER B 906 -29.96 26.07 -21.06
C SER B 906 -30.88 26.21 -19.86
N ILE B 907 -30.66 27.26 -19.07
CA ILE B 907 -31.46 27.41 -17.85
C ILE B 907 -32.91 27.68 -18.19
N LEU B 908 -33.17 28.40 -19.29
CA LEU B 908 -34.55 28.65 -19.68
C LEU B 908 -35.24 27.36 -20.11
N LEU B 909 -34.54 26.51 -20.86
CA LEU B 909 -35.18 25.27 -21.30
C LEU B 909 -35.43 24.33 -20.13
N VAL B 910 -34.47 24.24 -19.19
CA VAL B 910 -34.72 23.38 -18.04
C VAL B 910 -35.75 23.99 -17.10
N ALA B 911 -35.95 25.30 -17.13
CA ALA B 911 -37.04 25.89 -16.35
C ALA B 911 -38.39 25.60 -16.98
N LEU B 912 -38.49 25.75 -18.31
CA LEU B 912 -39.75 25.48 -18.98
C LEU B 912 -40.14 24.01 -18.89
N ARG B 913 -39.16 23.12 -19.07
CA ARG B 913 -39.47 21.70 -19.14
C ARG B 913 -39.60 21.06 -17.76
N GLY B 914 -39.34 21.80 -16.68
CA GLY B 914 -39.55 21.29 -15.35
C GLY B 914 -38.41 20.48 -14.76
N PHE B 915 -37.28 20.40 -15.44
CA PHE B 915 -36.14 19.66 -14.90
C PHE B 915 -35.47 20.46 -13.78
N ASP B 916 -34.51 19.82 -13.11
CA ASP B 916 -33.84 20.42 -11.98
C ASP B 916 -32.40 20.79 -12.32
N ASN B 917 -31.69 21.31 -11.32
CA ASN B 917 -30.33 21.81 -11.47
C ASN B 917 -29.34 20.75 -11.00
N ASP B 918 -29.37 19.62 -11.68
CA ASP B 918 -28.54 18.49 -11.27
C ASP B 918 -27.12 18.64 -11.83
N ILE B 919 -26.30 17.61 -11.62
CA ILE B 919 -24.92 17.63 -12.07
C ILE B 919 -24.85 17.60 -13.58
N TYR B 920 -25.76 16.89 -14.23
CA TYR B 920 -25.76 16.85 -15.69
C TYR B 920 -25.98 18.25 -16.26
N PHE B 921 -26.81 19.05 -15.62
CA PHE B 921 -27.00 20.43 -16.06
C PHE B 921 -25.71 21.23 -15.98
N GLN B 922 -24.96 21.09 -14.88
CA GLN B 922 -23.75 21.87 -14.70
C GLN B 922 -22.65 21.42 -15.66
N THR B 923 -22.54 20.11 -15.89
CA THR B 923 -21.60 19.63 -16.89
C THR B 923 -21.99 20.12 -18.28
N GLY B 924 -23.30 20.18 -18.56
CA GLY B 924 -23.74 20.76 -19.81
C GLY B 924 -23.34 22.22 -19.94
N LEU B 925 -23.41 22.97 -18.83
CA LEU B 925 -22.97 24.36 -18.86
C LEU B 925 -21.47 24.45 -19.17
N LEU B 926 -20.69 23.56 -18.58
CA LEU B 926 -19.25 23.54 -18.87
C LEU B 926 -19.00 23.27 -20.34
N LEU B 927 -19.74 22.34 -20.93
CA LEU B 927 -19.58 22.07 -22.36
C LEU B 927 -20.05 23.25 -23.20
N LEU B 928 -21.10 23.93 -22.76
CA LEU B 928 -21.63 25.05 -23.52
C LEU B 928 -20.69 26.24 -23.49
N ILE B 929 -19.84 26.33 -22.47
CA ILE B 929 -18.79 27.33 -22.51
C ILE B 929 -17.95 27.15 -23.76
N GLY B 930 -17.49 25.92 -24.01
CA GLY B 930 -16.66 25.67 -25.17
C GLY B 930 -17.41 25.82 -26.47
N LEU B 931 -18.67 25.38 -26.50
CA LEU B 931 -19.44 25.49 -27.73
C LEU B 931 -19.71 26.95 -28.10
N SER B 932 -20.09 27.77 -27.13
CA SER B 932 -20.27 29.19 -27.39
C SER B 932 -18.96 29.86 -27.73
N ALA B 933 -17.87 29.41 -27.11
CA ALA B 933 -16.57 29.94 -27.48
C ALA B 933 -16.26 29.67 -28.94
N LYS B 934 -16.57 28.46 -29.41
CA LYS B 934 -16.35 28.13 -30.83
C LYS B 934 -17.19 29.03 -31.73
N ASN B 935 -18.48 29.17 -31.41
CA ASN B 935 -19.36 29.98 -32.25
C ASN B 935 -18.89 31.42 -32.30
N ALA B 936 -18.48 31.96 -31.16
CA ALA B 936 -17.98 33.34 -31.15
C ALA B 936 -16.63 33.45 -31.82
N ILE B 937 -15.79 32.42 -31.70
CA ILE B 937 -14.44 32.45 -32.24
C ILE B 937 -14.49 32.56 -33.76
N LEU B 938 -15.38 31.81 -34.40
CA LEU B 938 -15.42 31.91 -35.86
C LEU B 938 -15.61 33.34 -36.32
N ILE B 939 -16.65 34.01 -35.81
CA ILE B 939 -16.95 35.39 -36.21
C ILE B 939 -15.84 36.34 -35.78
N ILE B 940 -15.38 36.24 -34.53
CA ILE B 940 -14.40 37.20 -34.02
C ILE B 940 -13.08 37.06 -34.78
N GLU B 941 -12.63 35.83 -35.00
CA GLU B 941 -11.37 35.62 -35.71
C GLU B 941 -11.46 36.13 -37.14
N PHE B 942 -12.57 35.86 -37.84
CA PHE B 942 -12.67 36.38 -39.20
C PHE B 942 -12.73 37.90 -39.20
N ALA B 943 -13.44 38.48 -38.24
CA ALA B 943 -13.55 39.94 -38.18
C ALA B 943 -12.20 40.58 -37.91
N MET B 944 -11.42 39.99 -37.01
CA MET B 944 -10.08 40.52 -36.74
C MET B 944 -9.18 40.37 -37.95
N GLU B 945 -9.24 39.22 -38.63
CA GLU B 945 -8.48 39.03 -39.85
C GLU B 945 -8.81 40.13 -40.85
N GLU B 946 -10.10 40.38 -41.07
CA GLU B 946 -10.51 41.49 -41.93
C GLU B 946 -9.91 42.80 -41.44
N ARG B 947 -10.27 43.23 -40.24
CA ARG B 947 -9.93 44.56 -39.75
C ARG B 947 -8.44 44.83 -39.84
N LEU B 948 -7.61 43.82 -39.58
CA LEU B 948 -6.16 44.04 -39.57
C LEU B 948 -5.57 43.83 -40.96
N LYS B 949 -5.71 42.62 -41.51
CA LYS B 949 -5.04 42.32 -42.77
C LYS B 949 -5.60 43.13 -43.92
N LYS B 950 -6.93 43.13 -44.11
CA LYS B 950 -7.51 43.76 -45.28
C LYS B 950 -7.65 45.27 -45.12
N GLY B 951 -7.53 45.80 -43.90
CA GLY B 951 -7.67 47.22 -43.70
C GLY B 951 -9.10 47.72 -43.75
N LYS B 952 -10.08 46.85 -43.58
CA LYS B 952 -11.47 47.28 -43.62
C LYS B 952 -11.83 48.07 -42.37
N SER B 953 -12.92 48.83 -42.47
CA SER B 953 -13.46 49.50 -41.30
C SER B 953 -14.06 48.47 -40.35
N ILE B 954 -14.29 48.91 -39.11
CA ILE B 954 -14.80 47.98 -38.10
C ILE B 954 -16.18 47.48 -38.47
N PHE B 955 -17.06 48.38 -38.90
CA PHE B 955 -18.42 48.00 -39.27
C PHE B 955 -18.44 47.06 -40.47
N GLU B 956 -17.71 47.42 -41.52
CA GLU B 956 -17.63 46.55 -42.69
C GLU B 956 -17.00 45.21 -42.34
N ALA B 957 -15.95 45.21 -41.53
CA ALA B 957 -15.33 43.96 -41.12
C ALA B 957 -16.30 43.08 -40.35
N ALA B 958 -17.07 43.68 -39.43
CA ALA B 958 -18.01 42.89 -38.63
C ALA B 958 -19.11 42.30 -39.49
N ILE B 959 -19.69 43.10 -40.39
CA ILE B 959 -20.78 42.57 -41.21
C ILE B 959 -20.26 41.52 -42.19
N ASN B 960 -19.07 41.73 -42.76
CA ASN B 960 -18.49 40.73 -43.64
C ASN B 960 -18.18 39.45 -42.90
N ALA B 961 -17.66 39.55 -41.68
CA ALA B 961 -17.39 38.36 -40.89
C ALA B 961 -18.67 37.61 -40.59
N ALA B 962 -19.73 38.34 -40.23
CA ALA B 962 -21.00 37.69 -39.98
C ALA B 962 -21.51 36.97 -41.21
N LYS B 963 -21.46 37.63 -42.37
CA LYS B 963 -21.96 37.02 -43.59
C LYS B 963 -21.15 35.79 -43.97
N LEU B 964 -19.83 35.87 -43.84
CA LEU B 964 -18.98 34.75 -44.27
C LEU B 964 -19.04 33.58 -43.31
N ARG B 965 -19.14 33.84 -42.01
CA ARG B 965 -19.06 32.79 -41.00
C ARG B 965 -20.40 32.41 -40.42
N PHE B 966 -21.52 32.93 -40.95
CA PHE B 966 -22.81 32.43 -40.51
C PHE B 966 -23.00 30.97 -40.87
N ARG B 967 -22.60 30.59 -42.09
CA ARG B 967 -22.80 29.22 -42.54
C ARG B 967 -22.06 28.19 -41.71
N PRO B 968 -20.74 28.30 -41.48
CA PRO B 968 -20.09 27.28 -40.62
C PRO B 968 -20.66 27.24 -39.21
N ILE B 969 -21.04 28.40 -38.68
CA ILE B 969 -21.62 28.44 -37.34
C ILE B 969 -22.89 27.62 -37.29
N ILE B 970 -23.81 27.85 -38.23
CA ILE B 970 -25.07 27.14 -38.21
C ILE B 970 -24.86 25.67 -38.50
N MET B 971 -23.93 25.35 -39.41
CA MET B 971 -23.66 23.95 -39.71
C MET B 971 -23.21 23.20 -38.46
N THR B 972 -22.19 23.73 -37.77
CA THR B 972 -21.67 23.06 -36.59
C THR B 972 -22.71 23.04 -35.46
N SER B 973 -23.44 24.14 -35.28
CA SER B 973 -24.43 24.19 -34.21
C SER B 973 -25.56 23.20 -34.43
N LEU B 974 -26.06 23.11 -35.66
CA LEU B 974 -27.10 22.13 -35.95
C LEU B 974 -26.56 20.72 -35.85
N ALA B 975 -25.31 20.50 -36.23
CA ALA B 975 -24.72 19.19 -36.06
C ALA B 975 -24.73 18.77 -34.59
N PHE B 976 -24.31 19.67 -33.70
CA PHE B 976 -24.34 19.33 -32.28
C PHE B 976 -25.75 19.17 -31.76
N THR B 977 -26.68 20.03 -32.21
CA THR B 977 -28.04 19.96 -31.72
C THR B 977 -28.70 18.64 -32.11
N PHE B 978 -28.46 18.18 -33.34
CA PHE B 978 -28.99 16.90 -33.75
C PHE B 978 -28.20 15.75 -33.15
N GLY B 979 -26.96 16.00 -32.72
CA GLY B 979 -26.25 15.00 -31.94
C GLY B 979 -26.90 14.76 -30.60
N VAL B 980 -27.33 15.84 -29.93
CA VAL B 980 -27.93 15.71 -28.60
C VAL B 980 -29.44 15.54 -28.65
N LEU B 981 -30.06 15.65 -29.83
CA LEU B 981 -31.50 15.48 -29.92
C LEU B 981 -32.00 14.11 -29.48
N PRO B 982 -31.38 12.99 -29.86
CA PRO B 982 -31.92 11.70 -29.41
C PRO B 982 -31.98 11.56 -27.90
N MET B 983 -31.05 12.18 -27.18
CA MET B 983 -31.07 12.07 -25.72
C MET B 983 -32.35 12.66 -25.15
N ILE B 984 -32.80 13.78 -25.69
CA ILE B 984 -34.01 14.42 -25.17
C ILE B 984 -35.25 13.59 -25.52
N PHE B 985 -35.13 12.66 -26.46
CA PHE B 985 -36.20 11.74 -26.82
C PHE B 985 -35.90 10.32 -26.36
N ALA B 986 -35.08 10.16 -25.32
CA ALA B 986 -34.69 8.84 -24.86
C ALA B 986 -35.87 8.14 -24.19
N THR B 987 -35.81 6.81 -24.19
CA THR B 987 -36.78 5.98 -23.51
C THR B 987 -36.07 4.76 -22.95
N GLY B 988 -36.71 4.11 -21.99
CA GLY B 988 -36.12 2.92 -21.42
C GLY B 988 -35.22 3.23 -20.24
N ALA B 989 -34.28 2.33 -20.00
CA ALA B 989 -33.43 2.43 -18.83
C ALA B 989 -32.53 3.66 -18.92
N GLY B 990 -32.39 4.36 -17.80
CA GLY B 990 -31.53 5.51 -17.72
C GLY B 990 -32.03 6.74 -18.44
N SER B 991 -33.32 6.80 -18.76
CA SER B 991 -33.85 7.89 -19.58
C SER B 991 -33.77 9.22 -18.85
N ALA B 992 -33.91 9.22 -17.52
CA ALA B 992 -33.93 10.47 -16.79
C ALA B 992 -32.62 11.22 -16.91
N SER B 993 -31.50 10.49 -16.80
CA SER B 993 -30.19 11.13 -16.94
C SER B 993 -30.02 11.71 -18.33
N ARG B 994 -30.43 10.99 -19.37
CA ARG B 994 -30.31 11.50 -20.73
C ARG B 994 -31.16 12.72 -20.94
N HIS B 995 -32.39 12.73 -20.41
CA HIS B 995 -33.24 13.90 -20.53
C HIS B 995 -32.59 15.11 -19.87
N SER B 996 -32.13 14.94 -18.63
CA SER B 996 -31.58 16.07 -17.89
C SER B 996 -30.30 16.58 -18.54
N LEU B 997 -29.52 15.67 -19.14
CA LEU B 997 -28.29 16.10 -19.79
C LEU B 997 -28.59 16.79 -21.12
N GLY B 998 -29.54 16.26 -21.89
CA GLY B 998 -29.74 16.76 -23.24
C GLY B 998 -30.54 18.03 -23.29
N THR B 999 -31.44 18.24 -22.32
CA THR B 999 -32.28 19.43 -22.35
C THR B 999 -31.46 20.70 -22.22
N GLY B 1000 -30.54 20.73 -21.25
CA GLY B 1000 -29.72 21.93 -21.07
C GLY B 1000 -28.84 22.20 -22.26
N LEU B 1001 -28.23 21.15 -22.82
CA LEU B 1001 -27.37 21.33 -23.98
C LEU B 1001 -28.15 21.80 -25.20
N ILE B 1002 -29.36 21.26 -25.39
CA ILE B 1002 -30.19 21.71 -26.51
C ILE B 1002 -30.52 23.18 -26.36
N GLY B 1003 -30.98 23.58 -25.18
CA GLY B 1003 -31.29 24.99 -24.97
C GLY B 1003 -30.09 25.88 -25.17
N GLY B 1004 -28.94 25.48 -24.61
CA GLY B 1004 -27.75 26.30 -24.73
C GLY B 1004 -27.26 26.43 -26.15
N MET B 1005 -27.28 25.34 -26.91
CA MET B 1005 -26.82 25.42 -28.29
C MET B 1005 -27.79 26.21 -29.16
N ILE B 1006 -29.09 26.07 -28.91
CA ILE B 1006 -30.06 26.86 -29.66
C ILE B 1006 -29.85 28.34 -29.40
N ALA B 1007 -29.65 28.70 -28.13
CA ALA B 1007 -29.37 30.11 -27.82
C ALA B 1007 -28.06 30.57 -28.44
N ALA B 1008 -27.02 29.74 -28.36
CA ALA B 1008 -25.71 30.16 -28.86
C ALA B 1008 -25.70 30.33 -30.37
N SER B 1009 -26.52 29.56 -31.08
CA SER B 1009 -26.58 29.70 -32.53
C SER B 1009 -27.60 30.75 -32.97
N THR B 1010 -28.58 31.08 -32.13
CA THR B 1010 -29.57 32.07 -32.53
C THR B 1010 -29.26 33.48 -32.06
N LEU B 1011 -29.11 33.67 -30.75
CA LEU B 1011 -28.92 35.01 -30.22
C LEU B 1011 -27.44 35.38 -30.12
N ALA B 1012 -26.60 34.41 -29.78
CA ALA B 1012 -25.19 34.72 -29.57
C ALA B 1012 -24.52 35.16 -30.87
N ILE B 1013 -24.92 34.58 -32.00
CA ILE B 1013 -24.35 35.01 -33.26
C ILE B 1013 -24.85 36.40 -33.66
N PHE B 1014 -25.99 36.84 -33.12
CA PHE B 1014 -26.43 38.20 -33.38
C PHE B 1014 -25.73 39.20 -32.47
N PHE B 1015 -25.36 38.77 -31.26
CA PHE B 1015 -24.81 39.72 -30.29
C PHE B 1015 -23.29 39.78 -30.34
N VAL B 1016 -22.63 38.71 -30.78
CA VAL B 1016 -21.17 38.70 -30.81
C VAL B 1016 -20.60 39.81 -31.70
N PRO B 1017 -21.11 40.04 -32.93
CA PRO B 1017 -20.60 41.17 -33.70
C PRO B 1017 -20.77 42.51 -32.99
N LEU B 1018 -21.83 42.66 -32.21
CA LEU B 1018 -22.03 43.90 -31.47
C LEU B 1018 -20.91 44.12 -30.46
N PHE B 1019 -20.59 43.11 -29.67
CA PHE B 1019 -19.52 43.25 -28.69
C PHE B 1019 -18.16 43.40 -29.37
N PHE B 1020 -17.97 42.75 -30.51
CA PHE B 1020 -16.74 42.98 -31.27
C PHE B 1020 -16.65 44.44 -31.68
N TYR B 1021 -17.75 45.00 -32.18
CA TYR B 1021 -17.75 46.39 -32.58
C TYR B 1021 -17.42 47.30 -31.40
N LEU B 1022 -18.06 47.05 -30.25
CA LEU B 1022 -17.84 47.91 -29.09
C LEU B 1022 -16.39 47.82 -28.61
N LEU B 1023 -15.85 46.62 -28.52
CA LEU B 1023 -14.49 46.48 -27.99
C LEU B 1023 -13.46 46.99 -28.98
N GLU B 1024 -13.71 46.84 -30.28
CA GLU B 1024 -12.78 47.39 -31.26
C GLU B 1024 -12.82 48.91 -31.25
N ASN B 1025 -14.01 49.50 -31.08
CA ASN B 1025 -14.08 50.94 -30.92
C ASN B 1025 -13.36 51.40 -29.65
N PHE B 1026 -13.48 50.62 -28.57
CA PHE B 1026 -12.75 50.96 -27.36
C PHE B 1026 -11.25 50.90 -27.57
N ASN B 1027 -10.77 49.89 -28.30
CA ASN B 1027 -9.35 49.80 -28.60
C ASN B 1027 -8.89 50.99 -29.44
N GLU B 1028 -9.62 51.29 -30.51
CA GLU B 1028 -9.22 52.38 -31.39
C GLU B 1028 -9.23 53.71 -30.66
N TRP B 1029 -10.26 53.95 -29.84
CA TRP B 1029 -10.31 55.17 -29.03
C TRP B 1029 -9.16 55.21 -28.03
N LEU B 1030 -8.85 54.06 -27.42
CA LEU B 1030 -7.77 54.02 -26.45
C LEU B 1030 -6.42 54.30 -27.10
N ASP B 1031 -6.20 53.77 -28.30
CA ASP B 1031 -4.94 54.00 -28.99
C ASP B 1031 -4.78 55.48 -29.35
N LYS B 1032 -5.85 56.12 -29.80
CA LYS B 1032 -5.81 57.54 -30.14
C LYS B 1032 -5.88 58.40 -28.88
N MET C 1 14.07 31.31 -32.56
CA MET C 1 14.59 31.09 -31.21
C MET C 1 13.47 30.97 -30.19
N PHE C 2 13.74 30.25 -29.11
CA PHE C 2 12.73 30.05 -28.08
C PHE C 2 12.38 31.34 -27.37
N SER C 3 13.38 32.12 -26.98
CA SER C 3 13.12 33.36 -26.25
C SER C 3 12.49 34.42 -27.16
N LYS C 4 12.87 34.43 -28.43
CA LYS C 4 12.31 35.39 -29.37
C LYS C 4 10.80 35.20 -29.53
N PHE C 5 10.33 33.96 -29.44
CA PHE C 5 8.90 33.70 -29.55
C PHE C 5 8.12 34.39 -28.45
N PHE C 6 8.66 34.38 -27.23
CA PHE C 6 7.97 35.05 -26.13
C PHE C 6 8.20 36.56 -26.16
N ILE C 7 9.37 37.02 -26.62
CA ILE C 7 9.61 38.46 -26.69
C ILE C 7 8.63 39.11 -27.66
N GLU C 8 8.41 38.48 -28.81
CA GLU C 8 7.51 39.04 -29.80
C GLU C 8 6.05 38.95 -29.38
N ARG C 9 5.74 38.14 -28.37
CA ARG C 9 4.36 37.88 -27.95
C ARG C 9 4.21 38.17 -26.46
N PRO C 10 4.10 39.43 -26.05
CA PRO C 10 3.98 39.73 -24.62
C PRO C 10 2.75 39.12 -23.97
N ILE C 11 1.64 38.99 -24.69
CA ILE C 11 0.42 38.44 -24.08
C ILE C 11 0.60 36.97 -23.76
N PHE C 12 1.29 36.23 -24.63
CA PHE C 12 1.53 34.81 -24.35
C PHE C 12 2.36 34.63 -23.10
N ALA C 13 3.44 35.41 -22.97
CA ALA C 13 4.27 35.34 -21.77
C ALA C 13 3.48 35.75 -20.54
N SER C 14 2.63 36.78 -20.68
CA SER C 14 1.83 37.23 -19.56
C SER C 14 0.86 36.16 -19.10
N VAL C 15 0.19 35.47 -20.03
CA VAL C 15 -0.78 34.46 -19.62
C VAL C 15 -0.07 33.22 -19.08
N VAL C 16 1.14 32.93 -19.57
CA VAL C 16 1.92 31.85 -18.96
C VAL C 16 2.25 32.22 -17.52
N ALA C 17 2.64 33.47 -17.28
CA ALA C 17 2.90 33.92 -15.92
C ALA C 17 1.65 33.85 -15.06
N ILE C 18 0.49 34.20 -15.63
CA ILE C 18 -0.75 34.19 -14.86
C ILE C 18 -1.14 32.76 -14.50
N ILE C 19 -0.99 31.83 -15.44
CA ILE C 19 -1.33 30.43 -15.15
C ILE C 19 -0.38 29.87 -14.10
N ILE C 20 0.91 30.18 -14.22
CA ILE C 20 1.87 29.76 -13.21
C ILE C 20 1.50 30.34 -11.86
N SER C 21 1.10 31.61 -11.82
CA SER C 21 0.70 32.25 -10.57
C SER C 21 -0.53 31.58 -9.97
N ILE C 22 -1.53 31.25 -10.80
CA ILE C 22 -2.74 30.63 -10.29
C ILE C 22 -2.44 29.24 -9.73
N ALA C 23 -1.63 28.47 -10.44
CA ALA C 23 -1.22 27.16 -9.93
C ALA C 23 -0.44 27.30 -8.63
N GLY C 24 0.43 28.31 -8.55
CA GLY C 24 1.19 28.51 -7.33
C GLY C 24 0.32 28.91 -6.15
N ILE C 25 -0.67 29.77 -6.38
CA ILE C 25 -1.58 30.16 -5.32
C ILE C 25 -2.41 28.98 -4.85
N ILE C 26 -2.89 28.16 -5.78
CA ILE C 26 -3.63 26.96 -5.40
C ILE C 26 -2.75 26.04 -4.54
N GLY C 27 -1.52 25.79 -5.00
CA GLY C 27 -0.64 24.93 -4.24
C GLY C 27 -0.30 25.51 -2.88
N LEU C 28 -0.10 26.82 -2.80
CA LEU C 28 0.20 27.47 -1.53
C LEU C 28 -0.96 27.32 -0.56
N ALA C 29 -2.19 27.48 -1.05
CA ALA C 29 -3.35 27.28 -0.20
C ALA C 29 -3.47 25.82 0.24
N ASN C 30 -3.03 24.88 -0.61
CA ASN C 30 -3.15 23.47 -0.30
C ASN C 30 -1.87 22.84 0.22
N LEU C 31 -0.83 23.62 0.48
CA LEU C 31 0.42 23.05 0.99
C LEU C 31 0.27 22.67 2.47
N PRO C 32 0.64 21.45 2.85
CA PRO C 32 0.68 21.11 4.28
C PRO C 32 1.71 21.95 5.00
N VAL C 33 1.39 22.34 6.23
CA VAL C 33 2.27 23.16 7.05
C VAL C 33 2.64 22.36 8.29
N GLU C 34 3.94 22.18 8.51
CA GLU C 34 4.47 21.41 9.62
C GLU C 34 5.66 22.17 10.20
N GLN C 35 6.21 21.64 11.30
CA GLN C 35 7.46 22.17 11.80
C GLN C 35 8.64 21.51 11.11
N TYR C 36 8.71 20.18 11.16
CA TYR C 36 9.72 19.42 10.45
C TYR C 36 9.10 18.18 9.82
N PRO C 37 9.59 17.77 8.66
CA PRO C 37 9.09 16.54 8.05
C PRO C 37 9.58 15.31 8.77
N SER C 38 9.30 14.13 8.21
CA SER C 38 9.68 12.86 8.85
C SER C 38 11.16 12.58 8.61
N LEU C 39 12.00 13.37 9.29
CA LEU C 39 13.43 13.14 9.23
C LEU C 39 13.82 11.88 10.00
N THR C 40 13.26 11.69 11.18
CA THR C 40 13.57 10.55 12.01
C THR C 40 13.03 9.27 11.37
N PRO C 41 13.76 8.16 11.50
CA PRO C 41 13.22 6.89 11.02
C PRO C 41 11.98 6.50 11.79
N PRO C 42 11.02 5.82 11.15
CA PRO C 42 9.77 5.49 11.82
C PRO C 42 10.00 4.50 12.96
N THR C 43 9.18 4.60 13.99
CA THR C 43 9.27 3.76 15.18
C THR C 43 7.88 3.23 15.52
N VAL C 44 7.83 2.07 16.14
CA VAL C 44 6.60 1.47 16.65
C VAL C 44 6.81 1.11 18.11
N GLN C 45 5.90 1.55 18.97
CA GLN C 45 5.99 1.30 20.39
C GLN C 45 5.02 0.21 20.79
N VAL C 46 5.50 -0.76 21.56
CA VAL C 46 4.70 -1.84 22.10
C VAL C 46 4.71 -1.71 23.62
N SER C 47 3.54 -1.70 24.22
CA SER C 47 3.42 -1.54 25.67
C SER C 47 2.55 -2.65 26.23
N ALA C 48 3.01 -3.26 27.31
CA ALA C 48 2.22 -4.24 28.04
C ALA C 48 2.36 -3.94 29.53
N THR C 49 1.29 -4.17 30.27
CA THR C 49 1.26 -3.83 31.68
C THR C 49 1.06 -5.10 32.51
N TYR C 50 2.00 -5.38 33.39
CA TYR C 50 1.95 -6.51 34.31
C TYR C 50 2.03 -5.93 35.71
N THR C 51 0.88 -5.54 36.25
CA THR C 51 0.86 -4.79 37.50
C THR C 51 1.41 -5.63 38.64
N GLY C 52 2.29 -5.04 39.43
CA GLY C 52 2.88 -5.72 40.56
C GLY C 52 4.03 -6.65 40.23
N ALA C 53 4.52 -6.64 39.01
CA ALA C 53 5.64 -7.49 38.63
C ALA C 53 6.93 -6.69 38.57
N ASP C 54 8.00 -7.30 39.06
CA ASP C 54 9.29 -6.62 39.09
C ASP C 54 9.87 -6.50 37.69
N ALA C 55 10.95 -5.70 37.59
CA ALA C 55 11.57 -5.46 36.29
C ALA C 55 12.12 -6.74 35.69
N GLN C 56 12.79 -7.56 36.50
CA GLN C 56 13.33 -8.83 36.00
C GLN C 56 12.21 -9.77 35.57
N THR C 57 11.16 -9.88 36.37
CA THR C 57 10.04 -10.75 36.01
C THR C 57 9.41 -10.30 34.70
N ILE C 58 9.20 -9.00 34.55
CA ILE C 58 8.64 -8.50 33.29
C ILE C 58 9.58 -8.79 32.14
N ALA C 59 10.87 -8.52 32.32
CA ALA C 59 11.82 -8.72 31.23
C ALA C 59 11.82 -10.16 30.76
N SER C 60 11.77 -11.11 31.69
CA SER C 60 11.84 -12.51 31.29
C SER C 60 10.52 -13.02 30.75
N THR C 61 9.39 -12.59 31.31
CA THR C 61 8.11 -13.21 31.01
C THR C 61 7.27 -12.45 29.99
N VAL C 62 7.34 -11.13 29.94
CA VAL C 62 6.59 -10.34 28.97
C VAL C 62 7.49 -9.81 27.87
N ALA C 63 8.66 -9.30 28.23
CA ALA C 63 9.53 -8.67 27.24
C ALA C 63 10.10 -9.69 26.27
N THR C 64 10.59 -10.80 26.78
CA THR C 64 11.22 -11.82 25.93
C THR C 64 10.27 -12.41 24.89
N PRO C 65 9.05 -12.85 25.22
CA PRO C 65 8.19 -13.42 24.17
C PRO C 65 7.81 -12.42 23.09
N ILE C 66 7.41 -11.21 23.49
CA ILE C 66 7.01 -10.20 22.53
C ILE C 66 8.19 -9.82 21.65
N GLU C 67 9.37 -9.64 22.25
CA GLU C 67 10.54 -9.29 21.48
C GLU C 67 10.89 -10.39 20.49
N ASP C 68 10.84 -11.65 20.92
CA ASP C 68 11.12 -12.76 20.02
C ASP C 68 10.15 -12.80 18.86
N ALA C 69 8.87 -12.60 19.13
CA ALA C 69 7.88 -12.58 18.05
C ALA C 69 8.11 -11.42 17.09
N ILE C 70 8.38 -10.23 17.61
CA ILE C 70 8.57 -9.07 16.74
C ILE C 70 9.83 -9.23 15.90
N ASN C 71 10.84 -9.93 16.42
CA ASN C 71 12.06 -10.12 15.66
C ASN C 71 11.76 -10.79 14.32
N GLY C 72 12.32 -10.22 13.25
CA GLY C 72 12.11 -10.72 11.92
C GLY C 72 11.18 -9.89 11.06
N VAL C 73 10.47 -8.92 11.64
CA VAL C 73 9.58 -8.07 10.86
C VAL C 73 10.38 -7.33 9.80
N ASP C 74 9.80 -7.20 8.61
CA ASP C 74 10.51 -6.62 7.50
C ASP C 74 10.85 -5.15 7.76
N ASN C 75 11.96 -4.70 7.18
CA ASN C 75 12.43 -3.33 7.28
C ASN C 75 12.71 -2.90 8.71
N MET C 76 13.12 -3.84 9.56
CA MET C 76 13.46 -3.53 10.95
C MET C 76 14.97 -3.47 11.07
N ILE C 77 15.49 -2.33 11.55
CA ILE C 77 16.93 -2.21 11.75
C ILE C 77 17.32 -2.77 13.11
N TYR C 78 16.77 -2.20 14.19
CA TYR C 78 17.06 -2.67 15.54
C TYR C 78 15.85 -2.45 16.43
N MET C 79 15.78 -3.25 17.49
CA MET C 79 14.63 -3.27 18.38
C MET C 79 15.12 -3.17 19.83
N ASP C 80 14.49 -2.29 20.60
CA ASP C 80 14.92 -1.97 21.96
C ASP C 80 13.75 -2.14 22.92
N SER C 81 14.02 -2.60 24.13
CA SER C 81 12.98 -2.85 25.12
C SER C 81 13.44 -2.41 26.50
N THR C 82 12.58 -1.71 27.22
CA THR C 82 12.85 -1.29 28.60
C THR C 82 11.75 -1.80 29.51
N SER C 83 12.14 -2.53 30.55
CA SER C 83 11.20 -3.13 31.49
C SER C 83 11.34 -2.45 32.84
N SER C 84 10.23 -1.92 33.33
CA SER C 84 10.16 -1.19 34.58
C SER C 84 9.11 -1.88 35.45
N PRO C 85 9.15 -1.67 36.77
CA PRO C 85 8.17 -2.36 37.62
C PRO C 85 6.74 -2.04 37.20
N GLY C 86 6.05 -3.07 36.73
CA GLY C 86 4.67 -2.92 36.33
C GLY C 86 4.45 -2.85 34.83
N GLN C 87 5.39 -2.26 34.09
CA GLN C 87 5.19 -1.99 32.68
C GLN C 87 6.37 -2.50 31.86
N MET C 88 6.07 -2.90 30.63
CA MET C 88 7.07 -3.23 29.64
C MET C 88 6.90 -2.25 28.48
N LYS C 89 8.00 -1.61 28.09
CA LYS C 89 8.00 -0.67 26.98
C LYS C 89 8.98 -1.14 25.93
N LEU C 90 8.49 -1.33 24.71
CA LEU C 90 9.29 -1.84 23.61
C LEU C 90 9.19 -0.86 22.46
N THR C 91 10.33 -0.51 21.88
CA THR C 91 10.38 0.39 20.73
C THR C 91 11.11 -0.31 19.59
N VAL C 92 10.42 -0.48 18.47
CA VAL C 92 10.99 -1.10 17.28
C VAL C 92 11.31 0.01 16.30
N TYR C 93 12.57 0.05 15.86
CA TYR C 93 13.02 1.06 14.90
C TYR C 93 13.10 0.42 13.53
N PHE C 94 12.57 1.12 12.53
CA PHE C 94 12.49 0.61 11.17
C PHE C 94 13.37 1.45 10.26
N ASN C 95 13.77 0.84 9.15
CA ASN C 95 14.61 1.53 8.19
C ASN C 95 13.89 2.73 7.61
N ILE C 96 14.60 3.86 7.52
CA ILE C 96 13.98 5.09 7.04
C ILE C 96 13.49 4.91 5.62
N GLY C 97 12.29 5.39 5.34
CA GLY C 97 11.62 5.11 4.09
C GLY C 97 10.58 4.01 4.18
N THR C 98 10.26 3.54 5.38
CA THR C 98 9.25 2.51 5.59
C THR C 98 7.95 3.16 6.04
N ASP C 99 6.84 2.74 5.46
CA ASP C 99 5.55 3.31 5.82
C ASP C 99 5.23 2.98 7.27
N PRO C 100 4.95 3.97 8.11
CA PRO C 100 4.69 3.67 9.53
C PRO C 100 3.52 2.74 9.74
N ASP C 101 2.49 2.86 8.90
CA ASP C 101 1.29 2.03 9.07
C ASP C 101 1.57 0.57 8.71
N GLN C 102 2.36 0.35 7.66
CA GLN C 102 2.75 -1.01 7.33
C GLN C 102 3.54 -1.64 8.47
N ALA C 103 4.48 -0.89 9.05
CA ALA C 103 5.26 -1.42 10.16
C ALA C 103 4.39 -1.70 11.37
N ALA C 104 3.48 -0.78 11.70
CA ALA C 104 2.62 -0.96 12.85
C ALA C 104 1.72 -2.18 12.68
N ILE C 105 1.18 -2.37 11.48
CA ILE C 105 0.30 -3.52 11.28
C ILE C 105 1.08 -4.81 11.28
N ASP C 106 2.33 -4.78 10.80
CA ASP C 106 3.18 -5.97 10.90
C ASP C 106 3.42 -6.36 12.35
N VAL C 107 3.80 -5.38 13.18
CA VAL C 107 4.07 -5.66 14.59
C VAL C 107 2.79 -6.13 15.27
N ASN C 108 1.64 -5.55 14.90
CA ASN C 108 0.37 -5.97 15.46
C ASN C 108 0.09 -7.42 15.15
N ASN C 109 0.31 -7.82 13.90
CA ASN C 109 0.03 -9.19 13.49
C ASN C 109 0.95 -10.18 14.21
N ARG C 110 2.22 -9.80 14.41
CA ARG C 110 3.11 -10.67 15.16
C ARG C 110 2.67 -10.81 16.62
N ILE C 111 2.31 -9.69 17.26
CA ILE C 111 1.95 -9.74 18.67
C ILE C 111 0.62 -10.46 18.86
N SER C 112 -0.24 -10.45 17.84
CA SER C 112 -1.47 -11.22 17.93
C SER C 112 -1.19 -12.69 18.15
N ALA C 113 -0.21 -13.23 17.43
CA ALA C 113 0.19 -14.62 17.65
C ALA C 113 0.89 -14.78 19.00
N ALA C 114 1.74 -13.81 19.37
CA ALA C 114 2.50 -13.97 20.60
C ALA C 114 1.70 -13.76 21.88
N THR C 115 0.49 -13.20 21.79
CA THR C 115 -0.23 -12.76 22.98
C THR C 115 -0.55 -13.90 23.93
N ALA C 116 -0.99 -15.04 23.39
CA ALA C 116 -1.50 -16.10 24.25
C ALA C 116 -0.42 -16.67 25.16
N LYS C 117 0.85 -16.53 24.78
CA LYS C 117 1.93 -17.01 25.65
C LYS C 117 2.03 -16.19 26.93
N LEU C 118 1.76 -14.89 26.84
CA LEU C 118 1.99 -13.93 27.92
C LEU C 118 1.21 -14.31 29.17
N PRO C 119 1.61 -13.83 30.34
CA PRO C 119 0.87 -14.15 31.56
C PRO C 119 -0.57 -13.69 31.47
N GLU C 120 -1.40 -14.24 32.37
CA GLU C 120 -2.83 -13.97 32.30
C GLU C 120 -3.14 -12.50 32.51
N ALA C 121 -2.46 -11.86 33.46
CA ALA C 121 -2.73 -10.44 33.73
C ALA C 121 -2.37 -9.57 32.53
N VAL C 122 -1.25 -9.87 31.88
CA VAL C 122 -0.83 -9.10 30.71
C VAL C 122 -1.88 -9.21 29.61
N LYS C 123 -2.36 -10.42 29.35
CA LYS C 123 -3.38 -10.60 28.33
C LYS C 123 -4.66 -9.87 28.71
N LYS C 124 -5.04 -9.92 29.99
CA LYS C 124 -6.26 -9.27 30.43
C LYS C 124 -6.19 -7.77 30.22
N LEU C 125 -5.06 -7.14 30.56
CA LEU C 125 -4.94 -5.71 30.34
C LEU C 125 -4.67 -5.38 28.88
N GLY C 126 -4.12 -6.32 28.12
CA GLY C 126 -3.92 -6.11 26.70
C GLY C 126 -2.56 -5.55 26.37
N VAL C 127 -2.17 -5.70 25.11
CA VAL C 127 -0.90 -5.21 24.58
C VAL C 127 -1.19 -4.10 23.58
N THR C 128 -0.55 -2.95 23.79
CA THR C 128 -0.84 -1.74 23.03
C THR C 128 0.27 -1.48 22.03
N VAL C 129 -0.10 -1.41 20.75
CA VAL C 129 0.84 -1.16 19.66
C VAL C 129 0.43 0.12 18.96
N ARG C 130 1.38 1.04 18.82
CA ARG C 130 1.11 2.33 18.20
C ARG C 130 2.37 2.82 17.52
N LYS C 131 2.20 3.78 16.62
CA LYS C 131 3.33 4.41 15.96
C LYS C 131 3.71 5.69 16.70
N SER C 132 5.00 5.85 16.99
CA SER C 132 5.50 7.04 17.66
C SER C 132 6.24 7.97 16.72
N SER C 133 6.01 7.84 15.42
CA SER C 133 6.68 8.70 14.45
C SER C 133 6.13 10.13 14.50
N SER C 134 4.85 10.27 14.86
CA SER C 134 4.22 11.58 14.91
C SER C 134 4.90 12.46 15.96
N THR C 135 5.07 13.73 15.61
CA THR C 135 5.65 14.69 16.53
C THR C 135 4.57 15.54 17.18
N ILE C 136 4.94 16.21 18.28
CA ILE C 136 4.02 16.99 19.08
C ILE C 136 3.70 18.27 18.33
N LEU C 137 2.41 18.52 18.08
CA LEU C 137 2.01 19.84 17.64
C LEU C 137 2.10 20.86 18.77
N GLU C 138 1.57 20.51 19.93
CA GLU C 138 1.58 21.41 21.08
C GLU C 138 1.18 20.64 22.32
N VAL C 139 1.23 21.33 23.46
CA VAL C 139 0.84 20.79 24.75
C VAL C 139 -0.15 21.76 25.38
N VAL C 140 -1.29 21.24 25.82
CA VAL C 140 -2.30 22.02 26.53
C VAL C 140 -2.40 21.50 27.95
N SER C 141 -2.26 22.40 28.91
CA SER C 141 -2.30 22.05 30.32
C SER C 141 -3.60 22.54 30.93
N VAL C 142 -4.37 21.63 31.51
CA VAL C 142 -5.59 21.96 32.23
C VAL C 142 -5.26 21.88 33.72
N TYR C 143 -5.32 23.01 34.40
CA TYR C 143 -4.95 23.07 35.81
C TYR C 143 -6.07 23.68 36.63
N SER C 144 -6.07 23.34 37.91
CA SER C 144 -7.03 23.90 38.86
C SER C 144 -6.33 24.99 39.66
N GLU C 145 -6.68 26.25 39.38
CA GLU C 145 -6.05 27.36 40.10
C GLU C 145 -6.40 27.30 41.58
N ASP C 146 -7.63 26.93 41.91
CA ASP C 146 -7.98 26.61 43.28
C ASP C 146 -7.64 25.16 43.58
N SER C 147 -7.70 24.79 44.85
CA SER C 147 -7.49 23.41 45.27
C SER C 147 -8.77 22.59 45.20
N SER C 148 -9.76 23.04 44.43
CA SER C 148 -11.06 22.37 44.41
C SER C 148 -10.98 20.99 43.78
N MET C 149 -10.22 20.85 42.70
CA MET C 149 -10.14 19.61 41.95
C MET C 149 -8.76 19.00 42.11
N ASN C 150 -8.72 17.73 42.51
CA ASN C 150 -7.45 17.02 42.65
C ASN C 150 -6.90 16.67 41.27
N ASP C 151 -5.79 15.93 41.27
CA ASP C 151 -5.26 15.41 40.01
C ASP C 151 -6.24 14.46 39.36
N ILE C 152 -6.91 13.62 40.18
CA ILE C 152 -7.85 12.65 39.65
C ILE C 152 -9.02 13.35 38.97
N ASP C 153 -9.60 14.35 39.63
CA ASP C 153 -10.76 15.04 39.08
C ASP C 153 -10.41 15.76 37.79
N ILE C 154 -9.27 16.45 37.76
CA ILE C 154 -8.86 17.13 36.53
C ILE C 154 -8.63 16.12 35.42
N TYR C 155 -7.95 15.01 35.73
CA TYR C 155 -7.64 14.04 34.68
C TYR C 155 -8.91 13.45 34.10
N ASN C 156 -9.86 13.10 34.96
CA ASN C 156 -11.07 12.47 34.46
C ASN C 156 -11.96 13.45 33.73
N TYR C 157 -12.01 14.70 34.19
CA TYR C 157 -12.71 15.75 33.46
C TYR C 157 -12.09 15.92 32.07
N VAL C 158 -10.76 15.93 32.00
CA VAL C 158 -10.07 16.10 30.73
C VAL C 158 -10.38 14.94 29.79
N SER C 159 -10.30 13.71 30.30
CA SER C 159 -10.51 12.54 29.47
C SER C 159 -11.95 12.43 28.99
N LEU C 160 -12.90 12.74 29.87
CA LEU C 160 -14.30 12.56 29.51
C LEU C 160 -14.80 13.69 28.60
N ASN C 161 -14.34 14.92 28.84
CA ASN C 161 -14.93 16.08 28.17
C ASN C 161 -13.95 16.76 27.22
N ILE C 162 -12.76 17.15 27.68
CA ILE C 162 -11.87 17.96 26.87
C ILE C 162 -11.35 17.17 25.67
N LEU C 163 -10.90 15.94 25.90
CA LEU C 163 -10.25 15.17 24.86
C LEU C 163 -11.15 14.88 23.67
N ASP C 164 -12.42 14.56 23.91
CA ASP C 164 -13.33 14.24 22.82
C ASP C 164 -13.55 15.41 21.88
N GLU C 165 -13.71 16.62 22.42
CA GLU C 165 -13.88 17.80 21.59
C GLU C 165 -12.61 18.08 20.78
N LEU C 166 -11.45 17.97 21.42
CA LEU C 166 -10.20 18.28 20.72
C LEU C 166 -9.92 17.29 19.61
N LYS C 167 -10.28 16.02 19.81
CA LYS C 167 -10.03 15.02 18.77
C LYS C 167 -10.94 15.25 17.56
N ARG C 168 -12.08 15.90 17.75
CA ARG C 168 -12.99 16.17 16.63
C ARG C 168 -12.44 17.26 15.72
N ILE C 169 -11.55 18.09 16.24
CA ILE C 169 -11.00 19.23 15.50
C ILE C 169 -10.29 18.72 14.25
N PRO C 170 -10.53 19.32 13.08
CA PRO C 170 -9.84 18.89 11.87
C PRO C 170 -8.33 19.07 12.00
N GLY C 171 -7.58 18.10 11.51
CA GLY C 171 -6.14 18.17 11.55
C GLY C 171 -5.50 17.69 12.85
N VAL C 172 -6.29 17.27 13.83
CA VAL C 172 -5.76 16.77 15.09
C VAL C 172 -5.64 15.26 14.97
N GLY C 173 -4.41 14.77 14.94
CA GLY C 173 -4.22 13.33 14.86
C GLY C 173 -4.76 12.60 16.05
N ASP C 174 -4.42 13.06 17.25
CA ASP C 174 -4.95 12.50 18.50
C ASP C 174 -4.48 13.36 19.66
N ALA C 175 -5.26 13.35 20.73
CA ALA C 175 -4.93 14.05 21.95
C ALA C 175 -4.94 13.04 23.09
N SER C 176 -3.87 13.03 23.89
CA SER C 176 -3.73 12.07 24.98
C SER C 176 -3.25 12.81 26.22
N ALA C 177 -3.90 12.53 27.35
CA ALA C 177 -3.51 13.12 28.62
C ALA C 177 -2.40 12.28 29.25
N ILE C 178 -1.59 12.92 30.11
CA ILE C 178 -0.40 12.27 30.65
C ILE C 178 -0.58 11.78 32.08
N GLY C 179 -1.61 12.23 32.79
CA GLY C 179 -1.72 11.94 34.21
C GLY C 179 -1.77 10.46 34.51
N ASN C 180 -2.48 9.69 33.68
CA ASN C 180 -2.66 8.25 33.88
C ASN C 180 -3.37 7.93 35.20
N LYS C 181 -4.40 8.70 35.52
CA LYS C 181 -5.21 8.48 36.72
C LYS C 181 -6.68 8.40 36.33
N ASN C 182 -7.11 7.25 35.85
CA ASN C 182 -8.51 7.06 35.54
C ASN C 182 -9.28 6.74 36.82
N TYR C 183 -10.59 6.95 36.76
CA TYR C 183 -11.44 6.53 37.87
C TYR C 183 -11.34 5.03 38.06
N SER C 184 -11.44 4.59 39.31
CA SER C 184 -11.36 3.18 39.62
C SER C 184 -11.99 2.95 40.98
N MET C 185 -12.78 1.90 41.10
CA MET C 185 -13.36 1.55 42.39
C MET C 185 -12.30 0.90 43.24
N ARG C 186 -11.67 1.69 44.12
CA ARG C 186 -10.60 1.20 44.97
C ARG C 186 -11.19 0.57 46.22
N ILE C 187 -10.81 -0.67 46.49
CA ILE C 187 -11.21 -1.37 47.71
C ILE C 187 -9.97 -1.48 48.58
N TRP C 188 -9.99 -0.78 49.71
CA TRP C 188 -8.83 -0.71 50.59
C TRP C 188 -9.03 -1.67 51.75
N LEU C 189 -8.39 -2.83 51.67
CA LEU C 189 -8.48 -3.81 52.74
C LEU C 189 -7.75 -3.34 53.98
N GLU C 190 -8.26 -3.73 55.14
CA GLU C 190 -7.59 -3.46 56.40
C GLU C 190 -7.24 -4.78 57.06
N PRO C 191 -5.97 -5.20 57.04
CA PRO C 191 -5.63 -6.54 57.53
C PRO C 191 -6.02 -6.81 58.96
N ASP C 192 -6.10 -5.79 59.82
CA ASP C 192 -6.59 -6.01 61.18
C ASP C 192 -8.04 -6.48 61.17
N LEU C 193 -8.90 -5.81 60.39
CA LEU C 193 -10.29 -6.22 60.31
C LEU C 193 -10.42 -7.56 59.60
N LEU C 194 -9.62 -7.79 58.56
CA LEU C 194 -9.65 -9.08 57.87
C LEU C 194 -9.33 -10.22 58.83
N ASN C 195 -8.32 -10.04 59.67
CA ASN C 195 -7.99 -11.08 60.64
C ASN C 195 -9.05 -11.17 61.74
N LYS C 196 -9.65 -10.05 62.13
CA LYS C 196 -10.67 -10.07 63.17
C LYS C 196 -11.89 -10.87 62.72
N PHE C 197 -12.30 -10.71 61.47
CA PHE C 197 -13.45 -11.44 60.97
C PHE C 197 -13.10 -12.76 60.31
N GLY C 198 -11.84 -13.18 60.33
CA GLY C 198 -11.45 -14.45 59.76
C GLY C 198 -11.63 -14.53 58.26
N VAL C 199 -11.22 -13.50 57.53
CA VAL C 199 -11.36 -13.42 56.09
C VAL C 199 -10.00 -13.12 55.49
N THR C 200 -9.65 -13.84 54.43
CA THR C 200 -8.41 -13.54 53.71
C THR C 200 -8.71 -12.68 52.49
N ALA C 201 -7.64 -12.10 51.93
CA ALA C 201 -7.80 -11.28 50.74
C ALA C 201 -8.31 -12.09 49.57
N ASN C 202 -8.04 -13.40 49.57
CA ASN C 202 -8.58 -14.25 48.51
C ASN C 202 -10.10 -14.33 48.60
N ASP C 203 -10.64 -14.35 49.81
CA ASP C 203 -12.09 -14.34 49.98
C ASP C 203 -12.73 -13.07 49.46
N VAL C 204 -12.00 -11.95 49.48
CA VAL C 204 -12.49 -10.70 48.90
C VAL C 204 -12.35 -10.71 47.39
N ILE C 205 -11.23 -11.22 46.88
CA ILE C 205 -11.05 -11.30 45.44
C ILE C 205 -12.13 -12.15 44.81
N ASN C 206 -12.38 -13.33 45.38
CA ASN C 206 -13.42 -14.22 44.87
C ASN C 206 -14.81 -13.61 44.96
N ALA C 207 -15.14 -12.97 46.07
CA ALA C 207 -16.45 -12.35 46.22
C ALA C 207 -16.65 -11.22 45.22
N VAL C 208 -15.65 -10.38 45.02
CA VAL C 208 -15.80 -9.30 44.05
C VAL C 208 -15.89 -9.87 42.64
N ASN C 209 -15.04 -10.84 42.31
CA ASN C 209 -15.04 -11.39 40.97
C ASN C 209 -16.33 -12.14 40.67
N ASP C 210 -16.99 -12.64 41.71
CA ASP C 210 -18.21 -13.40 41.51
C ASP C 210 -19.44 -12.52 41.49
N GLN C 211 -19.55 -11.61 42.47
CA GLN C 211 -20.77 -10.82 42.63
C GLN C 211 -20.83 -9.64 41.68
N ASN C 212 -19.70 -9.24 41.10
CA ASN C 212 -19.70 -8.23 40.06
C ASN C 212 -19.63 -8.92 38.71
N ALA C 213 -20.79 -9.21 38.13
CA ALA C 213 -20.86 -10.15 37.03
C ALA C 213 -21.38 -9.47 35.77
N GLN C 214 -21.08 -10.11 34.64
CA GLN C 214 -21.48 -9.60 33.34
C GLN C 214 -22.96 -9.91 33.08
N TYR C 215 -23.35 -9.81 31.82
CA TYR C 215 -24.76 -9.89 31.47
C TYR C 215 -25.11 -11.29 30.93
N ALA C 216 -26.41 -11.62 31.02
CA ALA C 216 -26.96 -12.81 30.39
C ALA C 216 -28.38 -12.53 29.93
N THR C 217 -28.70 -12.93 28.70
CA THR C 217 -29.98 -12.62 28.10
C THR C 217 -30.58 -13.83 27.43
N GLY C 218 -31.89 -13.78 27.24
CA GLY C 218 -32.62 -14.75 26.46
C GLY C 218 -33.84 -14.10 25.83
N LYS C 219 -34.60 -14.90 25.10
CA LYS C 219 -35.84 -14.44 24.49
C LYS C 219 -36.96 -15.39 24.86
N ILE C 220 -38.04 -14.85 25.40
CA ILE C 220 -39.18 -15.64 25.82
C ILE C 220 -40.30 -15.47 24.80
N GLY C 221 -40.91 -16.56 24.40
CA GLY C 221 -41.92 -16.52 23.37
C GLY C 221 -41.33 -16.50 21.98
N GLU C 222 -40.36 -17.39 21.73
CA GLU C 222 -39.64 -17.44 20.47
C GLU C 222 -39.76 -18.83 19.89
N GLU C 223 -39.67 -18.92 18.56
CA GLU C 223 -39.73 -20.19 17.89
C GLU C 223 -38.50 -21.04 18.23
N PRO C 224 -38.61 -22.37 18.20
CA PRO C 224 -39.79 -23.17 17.87
C PRO C 224 -40.56 -23.63 19.11
N VAL C 225 -40.03 -23.39 20.31
CA VAL C 225 -40.66 -23.93 21.51
C VAL C 225 -42.06 -23.36 21.67
N VAL C 226 -42.22 -22.06 21.51
CA VAL C 226 -43.52 -21.41 21.52
C VAL C 226 -43.93 -21.15 20.08
N ASN C 227 -45.10 -21.62 19.71
CA ASN C 227 -45.59 -21.55 18.34
C ASN C 227 -46.75 -20.56 18.26
N LYS C 228 -46.73 -19.72 17.21
CA LYS C 228 -47.79 -18.75 16.95
C LYS C 228 -48.01 -17.84 18.15
N SER C 229 -46.92 -17.42 18.79
CA SER C 229 -47.05 -16.51 19.91
C SER C 229 -47.48 -15.13 19.43
N PRO C 230 -48.24 -14.40 20.24
CA PRO C 230 -48.61 -13.03 19.86
C PRO C 230 -47.42 -12.12 19.65
N GLN C 231 -46.39 -12.25 20.48
CA GLN C 231 -45.25 -11.34 20.41
C GLN C 231 -44.03 -11.98 21.05
N VAL C 232 -42.88 -11.36 20.82
CA VAL C 232 -41.60 -11.85 21.30
C VAL C 232 -41.06 -10.88 22.34
N ILE C 233 -40.69 -11.41 23.50
CA ILE C 233 -40.18 -10.61 24.60
C ILE C 233 -38.77 -11.10 24.92
N SER C 234 -37.87 -10.16 25.19
CA SER C 234 -36.51 -10.46 25.53
C SER C 234 -36.27 -10.27 27.02
N ILE C 235 -35.58 -11.22 27.63
CA ILE C 235 -35.28 -11.19 29.07
C ILE C 235 -33.82 -10.82 29.24
N THR C 236 -33.56 -9.83 30.08
CA THR C 236 -32.20 -9.35 30.33
C THR C 236 -31.92 -9.38 31.82
N MET C 237 -30.80 -9.96 32.20
CA MET C 237 -30.35 -9.97 33.58
C MET C 237 -28.95 -9.36 33.65
N GLN C 238 -28.74 -8.46 34.60
CA GLN C 238 -27.47 -7.78 34.78
C GLN C 238 -26.96 -8.05 36.18
N GLY C 239 -25.68 -8.34 36.30
CA GLY C 239 -25.04 -8.49 37.59
C GLY C 239 -24.13 -7.35 37.97
N ARG C 240 -24.10 -6.26 37.20
CA ARG C 240 -23.11 -5.22 37.36
C ARG C 240 -23.34 -4.39 38.62
N LEU C 241 -22.26 -3.92 39.22
CA LEU C 241 -22.29 -3.01 40.35
C LEU C 241 -21.62 -1.71 39.94
N GLN C 242 -22.22 -0.57 40.33
CA GLN C 242 -21.74 0.72 39.86
C GLN C 242 -21.39 1.69 40.97
N THR C 243 -22.06 1.66 42.06
CA THR C 243 -21.74 2.66 43.06
C THR C 243 -20.86 2.07 44.15
N PRO C 244 -20.08 2.89 44.85
CA PRO C 244 -19.30 2.36 45.97
C PRO C 244 -20.15 1.71 47.03
N GLN C 245 -21.39 2.17 47.23
CA GLN C 245 -22.26 1.50 48.18
C GLN C 245 -22.64 0.11 47.70
N GLU C 246 -22.71 -0.10 46.39
CA GLU C 246 -23.00 -1.41 45.85
C GLU C 246 -21.81 -2.36 45.94
N PHE C 247 -20.59 -1.83 45.95
CA PHE C 247 -19.41 -2.65 46.18
C PHE C 247 -19.11 -2.86 47.67
N GLU C 248 -19.67 -2.00 48.54
CA GLU C 248 -19.55 -2.25 49.97
C GLU C 248 -20.48 -3.36 50.42
N ASN C 249 -21.60 -3.56 49.72
CA ASN C 249 -22.57 -4.59 50.08
C ASN C 249 -22.31 -5.87 49.29
N ILE C 250 -21.06 -6.31 49.30
CA ILE C 250 -20.66 -7.56 48.68
C ILE C 250 -20.43 -8.55 49.79
N ILE C 251 -21.17 -9.65 49.77
CA ILE C 251 -21.25 -10.57 50.90
C ILE C 251 -20.08 -11.53 50.84
N LEU C 252 -19.18 -11.43 51.83
CA LEU C 252 -18.08 -12.38 51.92
C LEU C 252 -18.53 -13.71 52.51
N ARG C 253 -19.39 -13.67 53.53
CA ARG C 253 -19.79 -14.89 54.22
C ARG C 253 -21.10 -14.65 54.96
N VAL C 254 -21.97 -15.66 54.96
CA VAL C 254 -23.15 -15.64 55.81
C VAL C 254 -22.80 -16.24 57.17
N ASN C 255 -23.02 -15.46 58.23
CA ASN C 255 -22.48 -15.78 59.55
C ASN C 255 -23.17 -16.96 60.23
N GLU C 256 -24.15 -17.59 59.58
CA GLU C 256 -25.01 -18.64 60.10
C GLU C 256 -25.93 -18.09 61.18
N ASP C 257 -25.80 -16.81 61.52
CA ASP C 257 -26.79 -16.07 62.31
C ASP C 257 -27.76 -15.33 61.40
N LYS C 258 -27.77 -15.69 60.11
CA LYS C 258 -28.57 -15.01 59.09
C LYS C 258 -28.20 -13.54 58.99
N SER C 259 -26.93 -13.24 59.28
CA SER C 259 -26.36 -11.92 59.07
C SER C 259 -25.16 -12.05 58.15
N PHE C 260 -25.07 -11.14 57.18
CA PHE C 260 -24.08 -11.22 56.12
C PHE C 260 -22.85 -10.42 56.52
N LEU C 261 -21.68 -11.01 56.31
CA LEU C 261 -20.43 -10.29 56.49
C LEU C 261 -20.03 -9.66 55.16
N ARG C 262 -20.19 -8.34 55.06
CA ARG C 262 -20.01 -7.62 53.81
C ARG C 262 -18.62 -7.01 53.74
N ILE C 263 -18.26 -6.52 52.56
CA ILE C 263 -16.94 -5.94 52.37
C ILE C 263 -16.76 -4.70 53.23
N LYS C 264 -17.84 -3.94 53.44
CA LYS C 264 -17.76 -2.73 54.26
C LYS C 264 -17.25 -3.02 55.65
N ASP C 265 -17.44 -4.27 56.13
CA ASP C 265 -16.97 -4.62 57.45
C ASP C 265 -15.45 -4.75 57.51
N VAL C 266 -14.82 -5.11 56.39
CA VAL C 266 -13.39 -5.41 56.38
C VAL C 266 -12.58 -4.47 55.52
N ALA C 267 -13.20 -3.48 54.88
CA ALA C 267 -12.46 -2.62 53.96
C ALA C 267 -13.17 -1.29 53.82
N LYS C 268 -12.50 -0.37 53.15
CA LYS C 268 -13.07 0.92 52.77
C LYS C 268 -13.09 1.02 51.26
N VAL C 269 -14.27 1.24 50.68
CA VAL C 269 -14.45 1.25 49.24
C VAL C 269 -14.74 2.68 48.81
N GLU C 270 -14.00 3.14 47.80
CA GLU C 270 -14.14 4.50 47.32
C GLU C 270 -13.67 4.58 45.88
N ILE C 271 -14.02 5.67 45.22
CA ILE C 271 -13.58 5.91 43.85
C ILE C 271 -12.27 6.66 43.88
N GLY C 272 -11.26 6.08 43.23
CA GLY C 272 -9.94 6.67 43.24
C GLY C 272 -9.24 6.41 41.94
N ALA C 273 -8.02 6.93 41.83
CA ALA C 273 -7.25 6.77 40.62
C ALA C 273 -6.75 5.34 40.48
N GLU C 274 -6.48 4.94 39.25
CA GLU C 274 -5.86 3.64 39.03
C GLU C 274 -4.45 3.59 39.61
N GLN C 275 -3.67 4.64 39.40
CA GLN C 275 -2.28 4.69 39.82
C GLN C 275 -2.01 5.99 40.57
N TYR C 276 -1.34 5.89 41.70
CA TYR C 276 -0.91 7.05 42.46
C TYR C 276 0.58 7.31 42.32
N ASN C 277 1.21 6.87 41.23
CA ASN C 277 2.65 6.96 41.08
C ASN C 277 3.10 8.37 40.72
N SER C 278 2.30 9.09 39.94
CA SER C 278 2.74 10.34 39.34
C SER C 278 1.71 11.43 39.58
N THR C 279 2.19 12.67 39.66
CA THR C 279 1.34 13.85 39.67
C THR C 279 1.91 14.89 38.72
N GLY C 280 1.02 15.58 38.00
CA GLY C 280 1.40 16.68 37.14
C GLY C 280 1.02 18.00 37.81
N ARG C 281 1.87 19.00 37.61
CA ARG C 281 1.67 20.29 38.23
C ARG C 281 1.77 21.40 37.18
N LEU C 282 1.39 22.61 37.59
CA LEU C 282 1.61 23.82 36.82
C LEU C 282 1.54 24.99 37.80
N ASN C 283 2.69 25.59 38.08
CA ASN C 283 2.77 26.71 39.03
C ASN C 283 2.22 26.32 40.40
N THR C 284 2.65 25.17 40.90
CA THR C 284 2.25 24.60 42.19
C THR C 284 0.77 24.22 42.24
N SER C 285 0.09 24.14 41.08
CA SER C 285 -1.30 23.74 41.02
C SER C 285 -1.41 22.44 40.25
N ALA C 286 -2.29 21.54 40.69
CA ALA C 286 -2.48 20.27 40.01
C ALA C 286 -2.92 20.50 38.58
N ALA C 287 -2.37 19.72 37.65
CA ALA C 287 -2.60 19.94 36.23
C ALA C 287 -2.55 18.63 35.50
N VAL C 288 -3.10 18.59 34.30
CA VAL C 288 -3.10 17.41 33.45
C VAL C 288 -2.68 17.82 32.04
N PRO C 289 -1.42 17.64 31.66
CA PRO C 289 -1.02 17.99 30.29
C PRO C 289 -1.75 17.17 29.24
N ILE C 290 -2.09 17.82 28.14
CA ILE C 290 -2.72 17.17 26.99
C ILE C 290 -1.81 17.36 25.80
N ILE C 291 -1.34 16.27 25.22
CA ILE C 291 -0.39 16.31 24.12
C ILE C 291 -1.13 16.03 22.82
N ILE C 292 -1.19 17.04 21.96
CA ILE C 292 -1.89 16.93 20.69
C ILE C 292 -0.87 16.66 19.60
N ASN C 293 -1.09 15.61 18.82
CA ASN C 293 -0.23 15.27 17.71
C ASN C 293 -0.90 15.70 16.41
N LEU C 294 -0.14 16.37 15.54
CA LEU C 294 -0.70 16.88 14.31
C LEU C 294 -0.95 15.74 13.32
N GLN C 295 -2.09 15.80 12.65
CA GLN C 295 -2.42 14.85 11.61
C GLN C 295 -1.59 15.11 10.35
N SER C 296 -1.21 14.02 9.68
CA SER C 296 -0.37 14.15 8.51
C SER C 296 -1.12 14.82 7.36
N GLY C 297 -0.40 15.64 6.61
CA GLY C 297 -1.01 16.36 5.51
C GLY C 297 -2.00 17.42 5.95
N ALA C 298 -1.73 18.07 7.07
CA ALA C 298 -2.61 19.11 7.62
C ALA C 298 -1.82 20.38 7.85
N ASN C 299 -2.55 21.46 8.09
CA ASN C 299 -1.94 22.77 8.35
C ASN C 299 -1.78 22.93 9.86
N ALA C 300 -0.53 23.08 10.30
CA ALA C 300 -0.27 23.24 11.72
C ALA C 300 -0.86 24.54 12.26
N VAL C 301 -0.76 25.63 11.49
CA VAL C 301 -1.20 26.93 11.99
C VAL C 301 -2.72 26.95 12.15
N ASN C 302 -3.44 26.47 11.14
CA ASN C 302 -4.89 26.43 11.22
C ASN C 302 -5.35 25.51 12.34
N THR C 303 -4.71 24.36 12.48
CA THR C 303 -5.08 23.42 13.54
C THR C 303 -4.83 24.01 14.91
N ALA C 304 -3.70 24.71 15.10
CA ALA C 304 -3.43 25.34 16.39
C ALA C 304 -4.45 26.43 16.69
N LYS C 305 -4.81 27.22 15.69
CA LYS C 305 -5.85 28.23 15.89
C LYS C 305 -7.18 27.60 16.27
N LEU C 306 -7.56 26.52 15.59
CA LEU C 306 -8.80 25.82 15.93
C LEU C 306 -8.75 25.25 17.34
N ILE C 307 -7.60 24.70 17.73
CA ILE C 307 -7.47 24.14 19.07
C ILE C 307 -7.62 25.24 20.12
N ASN C 308 -7.00 26.39 19.88
CA ASN C 308 -7.11 27.48 20.86
C ASN C 308 -8.54 28.00 20.95
N GLU C 309 -9.22 28.14 19.80
CA GLU C 309 -10.61 28.60 19.83
C GLU C 309 -11.51 27.61 20.54
N LYS C 310 -11.35 26.31 20.24
CA LYS C 310 -12.16 25.30 20.91
C LYS C 310 -11.85 25.24 22.39
N MET C 311 -10.59 25.43 22.78
CA MET C 311 -10.26 25.43 24.20
C MET C 311 -10.90 26.61 24.91
N GLN C 312 -10.92 27.79 24.29
CA GLN C 312 -11.65 28.90 24.89
C GLN C 312 -13.13 28.58 25.04
N GLU C 313 -13.72 28.00 23.99
CA GLU C 313 -15.14 27.66 24.03
C GLU C 313 -15.43 26.68 25.16
N LEU C 314 -14.60 25.66 25.31
CA LEU C 314 -14.76 24.72 26.42
C LEU C 314 -14.55 25.41 27.76
N SER C 315 -13.59 26.33 27.82
CA SER C 315 -13.31 27.03 29.07
C SER C 315 -14.48 27.90 29.49
N LYS C 316 -15.34 28.27 28.55
CA LYS C 316 -16.57 28.96 28.94
C LYS C 316 -17.41 28.09 29.86
N ASN C 317 -17.57 26.82 29.53
CA ASN C 317 -18.27 25.87 30.40
C ASN C 317 -17.25 25.00 31.14
N PHE C 318 -16.61 25.61 32.12
CA PHE C 318 -15.62 24.96 32.96
C PHE C 318 -16.07 25.06 34.41
N PRO C 319 -15.75 24.06 35.22
CA PRO C 319 -16.01 24.17 36.65
C PRO C 319 -15.21 25.31 37.27
N GLN C 320 -15.71 25.82 38.38
CA GLN C 320 -15.06 26.94 39.05
C GLN C 320 -13.68 26.53 39.50
N GLY C 321 -12.70 27.41 39.27
CA GLY C 321 -11.33 27.17 39.66
C GLY C 321 -10.48 26.48 38.63
N LEU C 322 -11.08 25.94 37.57
CA LEU C 322 -10.32 25.20 36.57
C LEU C 322 -10.00 26.13 35.41
N LYS C 323 -8.73 26.17 35.04
CA LYS C 323 -8.26 26.97 33.92
C LYS C 323 -7.53 26.07 32.95
N TYR C 324 -7.08 26.66 31.84
CA TYR C 324 -6.24 25.98 30.87
C TYR C 324 -5.14 26.91 30.40
N GLN C 325 -4.07 26.32 29.88
CA GLN C 325 -2.96 27.10 29.35
C GLN C 325 -2.25 26.28 28.30
N ILE C 326 -1.50 26.95 27.42
CA ILE C 326 -0.76 26.28 26.36
C ILE C 326 0.72 26.62 26.52
N PRO C 327 1.47 25.84 27.30
CA PRO C 327 2.89 26.13 27.48
C PRO C 327 3.74 25.97 26.24
N TYR C 328 3.62 24.85 25.55
CA TYR C 328 4.47 24.54 24.40
C TYR C 328 3.61 24.51 23.14
N ASP C 329 4.08 25.18 22.09
CA ASP C 329 3.34 25.31 20.84
C ASP C 329 4.33 25.42 19.69
N THR C 330 4.43 24.37 18.89
CA THR C 330 5.37 24.40 17.75
C THR C 330 4.88 25.33 16.66
N THR C 331 3.62 25.75 16.71
CA THR C 331 3.12 26.69 15.73
C THR C 331 3.79 28.04 15.85
N ILE C 332 4.31 28.36 17.05
CA ILE C 332 5.05 29.61 17.22
C ILE C 332 6.26 29.65 16.32
N PHE C 333 7.03 28.56 16.26
CA PHE C 333 8.22 28.55 15.43
C PHE C 333 7.88 28.70 13.96
N VAL C 334 6.86 27.99 13.48
CA VAL C 334 6.54 28.06 12.06
C VAL C 334 5.92 29.41 11.70
N LYS C 335 5.11 30.01 12.58
CA LYS C 335 4.58 31.34 12.30
C LYS C 335 5.70 32.38 12.27
N ALA C 336 6.63 32.31 13.23
CA ALA C 336 7.75 33.23 13.21
C ALA C 336 8.62 33.03 11.97
N SER C 337 8.82 31.78 11.55
CA SER C 337 9.60 31.52 10.35
C SER C 337 8.91 32.08 9.12
N ILE C 338 7.59 31.93 9.03
CA ILE C 338 6.85 32.49 7.90
C ILE C 338 6.98 34.00 7.87
N LYS C 339 6.85 34.65 9.03
CA LYS C 339 7.01 36.09 9.08
C LYS C 339 8.40 36.52 8.66
N GLU C 340 9.43 35.80 9.11
CA GLU C 340 10.80 36.15 8.75
C GLU C 340 11.04 35.96 7.25
N VAL C 341 10.47 34.90 6.67
CA VAL C 341 10.64 34.68 5.24
C VAL C 341 9.93 35.77 4.44
N ILE C 342 8.74 36.19 4.89
CA ILE C 342 8.04 37.27 4.22
C ILE C 342 8.85 38.56 4.29
N LYS C 343 9.40 38.85 5.48
CA LYS C 343 10.24 40.04 5.63
C LYS C 343 11.46 39.97 4.72
N THR C 344 12.10 38.80 4.63
CA THR C 344 13.25 38.65 3.75
C THR C 344 12.87 38.85 2.30
N PHE C 345 11.72 38.31 1.89
CA PHE C 345 11.27 38.49 0.52
C PHE C 345 11.03 39.96 0.20
N VAL C 346 10.37 40.68 1.11
CA VAL C 346 10.10 42.10 0.87
C VAL C 346 11.39 42.89 0.82
N GLU C 347 12.30 42.63 1.76
CA GLU C 347 13.58 43.34 1.77
C GLU C 347 14.38 43.05 0.51
N ALA C 348 14.42 41.80 0.07
CA ALA C 348 15.16 41.46 -1.14
C ALA C 348 14.55 42.13 -2.35
N LEU C 349 13.22 42.17 -2.43
CA LEU C 349 12.58 42.86 -3.54
C LEU C 349 12.91 44.35 -3.53
N ALA C 350 12.88 44.98 -2.35
CA ALA C 350 13.20 46.40 -2.26
C ALA C 350 14.65 46.69 -2.65
N LEU C 351 15.58 45.84 -2.20
CA LEU C 351 16.97 46.01 -2.58
C LEU C 351 17.19 45.79 -4.07
N VAL C 352 16.47 44.83 -4.65
CA VAL C 352 16.55 44.63 -6.09
C VAL C 352 16.06 45.87 -6.83
N LEU C 353 14.94 46.43 -6.39
CA LEU C 353 14.46 47.66 -7.02
C LEU C 353 15.45 48.80 -6.88
N VAL C 354 16.08 48.95 -5.71
CA VAL C 354 17.05 50.03 -5.51
C VAL C 354 18.25 49.86 -6.42
N VAL C 355 18.82 48.64 -6.46
CA VAL C 355 20.03 48.44 -7.26
C VAL C 355 19.72 48.55 -8.73
N MET C 356 18.54 48.09 -9.16
CA MET C 356 18.13 48.26 -10.54
C MET C 356 17.92 49.73 -10.90
N TYR C 357 17.34 50.53 -10.03
CA TYR C 357 17.14 51.95 -10.31
C TYR C 357 18.43 52.74 -10.24
N LEU C 358 19.43 52.23 -9.52
CA LEU C 358 20.74 52.87 -9.48
C LEU C 358 21.59 52.52 -10.69
N PHE C 359 21.82 51.24 -10.96
CA PHE C 359 22.73 50.86 -12.03
C PHE C 359 22.10 51.11 -13.41
N LEU C 360 20.81 50.87 -13.56
CA LEU C 360 20.17 51.01 -14.86
C LEU C 360 19.57 52.40 -15.09
N LYS C 361 19.38 53.19 -14.05
CA LYS C 361 18.98 54.60 -14.12
C LYS C 361 17.59 54.79 -14.69
N ASN C 362 16.78 53.74 -14.80
CA ASN C 362 15.45 53.81 -15.37
C ASN C 362 14.45 53.21 -14.39
N PHE C 363 13.41 53.97 -14.05
CA PHE C 363 12.43 53.46 -13.09
C PHE C 363 11.54 52.40 -13.70
N LYS C 364 11.17 52.53 -14.97
CA LYS C 364 10.31 51.54 -15.62
C LYS C 364 10.94 50.16 -15.65
N SER C 365 12.27 50.06 -15.54
CA SER C 365 12.92 48.76 -15.49
C SER C 365 12.65 48.02 -14.18
N THR C 366 12.34 48.74 -13.11
CA THR C 366 12.13 48.08 -11.82
C THR C 366 10.89 47.21 -11.83
N ILE C 367 9.97 47.42 -12.78
CA ILE C 367 8.77 46.59 -12.86
C ILE C 367 9.09 45.16 -13.22
N ILE C 368 10.16 44.92 -13.97
CA ILE C 368 10.49 43.59 -14.46
C ILE C 368 10.77 42.61 -13.31
N PRO C 369 11.66 42.92 -12.36
CA PRO C 369 11.83 41.99 -11.24
C PRO C 369 10.58 41.84 -10.39
N MET C 370 9.81 42.92 -10.24
CA MET C 370 8.60 42.86 -9.41
C MET C 370 7.62 41.83 -9.94
N ILE C 371 7.73 41.48 -11.23
CA ILE C 371 6.83 40.48 -11.79
C ILE C 371 7.55 39.14 -11.92
N ALA C 372 8.83 39.16 -12.26
CA ALA C 372 9.57 37.92 -12.46
C ALA C 372 9.73 37.15 -11.16
N VAL C 373 10.08 37.84 -10.07
CA VAL C 373 10.34 37.15 -8.80
C VAL C 373 9.10 36.48 -8.23
N PRO C 374 7.95 37.16 -8.06
CA PRO C 374 6.77 36.47 -7.52
C PRO C 374 6.31 35.31 -8.38
N VAL C 375 6.44 35.45 -9.70
CA VAL C 375 6.04 34.36 -10.59
C VAL C 375 6.91 33.14 -10.36
N SER C 376 8.23 33.36 -10.25
CA SER C 376 9.14 32.25 -9.97
C SER C 376 8.81 31.60 -8.64
N LEU C 377 8.54 32.41 -7.61
CA LEU C 377 8.23 31.85 -6.29
C LEU C 377 6.94 31.07 -6.30
N LEU C 378 5.90 31.58 -6.97
CA LEU C 378 4.64 30.85 -7.04
C LEU C 378 4.78 29.57 -7.84
N GLY C 379 5.55 29.57 -8.93
CA GLY C 379 5.82 28.33 -9.63
C GLY C 379 6.54 27.33 -8.75
N THR C 380 7.49 27.82 -7.94
CA THR C 380 8.19 26.95 -7.00
C THR C 380 7.21 26.33 -6.02
N PHE C 381 6.27 27.14 -5.51
CA PHE C 381 5.26 26.62 -4.59
C PHE C 381 4.39 25.57 -5.24
N ALA C 382 3.98 25.79 -6.50
CA ALA C 382 3.16 24.82 -7.19
C ALA C 382 3.90 23.51 -7.38
N VAL C 383 5.17 23.57 -7.79
CA VAL C 383 5.95 22.35 -7.98
C VAL C 383 6.16 21.65 -6.65
N LEU C 384 6.38 22.41 -5.58
CA LEU C 384 6.54 21.80 -4.26
C LEU C 384 5.28 21.07 -3.83
N TYR C 385 4.11 21.69 -4.04
CA TYR C 385 2.87 21.03 -3.68
C TYR C 385 2.65 19.77 -4.50
N VAL C 386 2.96 19.83 -5.80
CA VAL C 386 2.76 18.66 -6.65
C VAL C 386 3.66 17.51 -6.19
N LEU C 387 4.92 17.80 -5.89
CA LEU C 387 5.85 16.73 -5.52
C LEU C 387 5.59 16.22 -4.11
N GLY C 388 4.82 16.95 -3.32
CA GLY C 388 4.42 16.48 -2.01
C GLY C 388 5.13 17.12 -0.83
N PHE C 389 5.92 18.16 -1.05
CA PHE C 389 6.59 18.84 0.04
C PHE C 389 5.59 19.56 0.94
N SER C 390 6.05 19.97 2.10
CA SER C 390 5.22 20.67 3.07
C SER C 390 5.94 21.91 3.56
N ILE C 391 5.17 22.96 3.86
CA ILE C 391 5.77 24.18 4.39
C ILE C 391 6.26 23.91 5.81
N ASN C 392 7.57 23.80 5.96
CA ASN C 392 8.18 23.58 7.26
C ASN C 392 9.40 24.48 7.38
N LEU C 393 10.10 24.37 8.51
CA LEU C 393 11.23 25.26 8.74
C LEU C 393 12.33 25.04 7.71
N LEU C 394 12.59 23.80 7.34
CA LEU C 394 13.63 23.53 6.35
C LEU C 394 13.26 24.12 4.98
N THR C 395 12.00 23.96 4.56
CA THR C 395 11.61 24.52 3.27
C THR C 395 11.60 26.04 3.30
N LEU C 396 11.23 26.66 4.41
CA LEU C 396 11.29 28.12 4.48
C LEU C 396 12.74 28.61 4.42
N PHE C 397 13.65 27.95 5.13
CA PHE C 397 15.05 28.31 5.03
C PHE C 397 15.56 28.12 3.60
N ALA C 398 15.10 27.06 2.92
CA ALA C 398 15.50 26.87 1.53
C ALA C 398 14.93 27.95 0.63
N LEU C 399 13.72 28.43 0.92
CA LEU C 399 13.14 29.52 0.12
C LEU C 399 13.93 30.80 0.32
N VAL C 400 14.44 31.02 1.53
CA VAL C 400 15.30 32.18 1.75
C VAL C 400 16.50 32.15 0.81
N LEU C 401 17.08 30.97 0.60
CA LEU C 401 18.14 30.85 -0.38
C LEU C 401 17.63 31.02 -1.80
N ALA C 402 16.46 30.43 -2.10
CA ALA C 402 15.92 30.47 -3.45
C ALA C 402 15.65 31.89 -3.92
N ILE C 403 15.37 32.78 -2.98
CA ILE C 403 15.22 34.20 -3.30
C ILE C 403 16.47 34.70 -4.00
N GLY C 404 17.64 34.27 -3.54
CA GLY C 404 18.88 34.69 -4.17
C GLY C 404 19.00 34.24 -5.61
N ILE C 405 18.66 32.98 -5.87
CA ILE C 405 18.71 32.48 -7.24
C ILE C 405 17.76 33.26 -8.14
N VAL C 406 16.54 33.51 -7.65
CA VAL C 406 15.54 34.16 -8.48
C VAL C 406 15.97 35.59 -8.81
N VAL C 407 16.40 36.35 -7.80
CA VAL C 407 16.81 37.72 -8.05
C VAL C 407 18.06 37.76 -8.89
N ASP C 408 18.96 36.78 -8.74
CA ASP C 408 20.14 36.74 -9.59
C ASP C 408 19.76 36.56 -11.05
N ASP C 409 18.83 35.65 -11.34
CA ASP C 409 18.41 35.46 -12.72
C ASP C 409 17.76 36.70 -13.30
N ALA C 410 16.84 37.31 -12.54
CA ALA C 410 16.18 38.51 -13.04
C ALA C 410 17.18 39.62 -13.32
N ILE C 411 18.09 39.86 -12.37
CA ILE C 411 19.08 40.92 -12.53
C ILE C 411 19.99 40.64 -13.72
N ILE C 412 20.41 39.39 -13.87
CA ILE C 412 21.29 39.04 -14.98
C ILE C 412 20.62 39.36 -16.31
N VAL C 413 19.40 38.87 -16.51
CA VAL C 413 18.76 39.07 -17.81
C VAL C 413 18.52 40.54 -18.07
N VAL C 414 17.97 41.27 -17.09
CA VAL C 414 17.63 42.66 -17.34
C VAL C 414 18.89 43.49 -17.57
N GLU C 415 19.96 43.21 -16.82
CA GLU C 415 21.19 43.97 -17.02
C GLU C 415 21.78 43.70 -18.40
N ASN C 416 21.73 42.45 -18.86
CA ASN C 416 22.24 42.18 -20.20
C ASN C 416 21.41 42.93 -21.25
N ILE C 417 20.08 42.93 -21.09
CA ILE C 417 19.23 43.67 -22.02
C ILE C 417 19.65 45.13 -22.06
N ASP C 418 19.82 45.73 -20.87
CA ASP C 418 20.18 47.15 -20.80
C ASP C 418 21.57 47.43 -21.35
N ARG C 419 22.54 46.55 -21.12
CA ARG C 419 23.86 46.75 -21.68
C ARG C 419 23.83 46.76 -23.20
N ILE C 420 23.12 45.80 -23.79
CA ILE C 420 23.04 45.77 -25.26
C ILE C 420 22.25 46.96 -25.77
N LEU C 421 21.23 47.39 -25.02
CA LEU C 421 20.44 48.55 -25.45
C LEU C 421 21.28 49.82 -25.46
N HIS C 422 22.12 50.01 -24.44
CA HIS C 422 22.92 51.22 -24.35
C HIS C 422 24.23 51.14 -25.13
N GLU C 423 24.65 49.96 -25.57
CA GLU C 423 25.85 49.88 -26.40
C GLU C 423 25.62 50.49 -27.77
N ASP C 424 24.45 50.26 -28.37
CA ASP C 424 24.15 50.71 -29.72
C ASP C 424 22.97 51.65 -29.67
N SER C 425 23.12 52.83 -30.27
CA SER C 425 22.01 53.79 -30.29
C SER C 425 20.97 53.44 -31.35
N ASN C 426 21.38 52.73 -32.40
CA ASN C 426 20.45 52.39 -33.48
C ASN C 426 19.52 51.25 -33.07
N ILE C 427 19.98 50.38 -32.16
CA ILE C 427 19.22 49.19 -31.83
C ILE C 427 17.96 49.57 -31.06
N SER C 428 16.89 48.83 -31.29
CA SER C 428 15.64 49.06 -30.58
C SER C 428 15.53 48.11 -29.40
N VAL C 429 14.55 48.37 -28.53
CA VAL C 429 14.43 47.59 -27.30
C VAL C 429 14.12 46.14 -27.61
N LYS C 430 13.22 45.89 -28.58
CA LYS C 430 12.92 44.52 -28.96
C LYS C 430 14.13 43.83 -29.58
N ASP C 431 14.85 44.54 -30.47
CA ASP C 431 16.06 43.96 -31.05
C ASP C 431 17.11 43.71 -29.99
N ALA C 432 17.26 44.64 -29.04
CA ALA C 432 18.23 44.44 -27.97
C ALA C 432 17.88 43.23 -27.13
N ALA C 433 16.58 43.07 -26.81
CA ALA C 433 16.16 41.92 -26.03
C ALA C 433 16.43 40.62 -26.78
N ILE C 434 16.13 40.59 -28.07
CA ILE C 434 16.37 39.39 -28.86
C ILE C 434 17.85 39.05 -28.90
N LYS C 435 18.70 40.06 -29.11
CA LYS C 435 20.14 39.81 -29.17
C LYS C 435 20.68 39.30 -27.84
N ALA C 436 20.28 39.94 -26.73
CA ALA C 436 20.76 39.52 -25.42
C ALA C 436 20.29 38.11 -25.10
N MET C 437 19.06 37.78 -25.46
CA MET C 437 18.57 36.43 -25.19
C MET C 437 19.26 35.40 -26.07
N ASN C 438 19.58 35.75 -27.32
CA ASN C 438 20.38 34.85 -28.13
C ASN C 438 21.74 34.63 -27.49
N GLU C 439 22.28 35.65 -26.85
CA GLU C 439 23.57 35.50 -26.17
C GLU C 439 23.47 34.56 -24.97
N VAL C 440 22.48 34.77 -24.11
CA VAL C 440 22.46 34.07 -22.83
C VAL C 440 21.41 32.97 -22.72
N SER C 441 20.81 32.54 -23.82
CA SER C 441 19.83 31.44 -23.74
C SER C 441 20.51 30.12 -23.46
N SER C 442 21.58 29.80 -24.19
CA SER C 442 22.35 28.60 -23.91
C SER C 442 22.99 28.63 -22.52
N PRO C 443 23.65 29.72 -22.10
CA PRO C 443 24.20 29.73 -20.73
C PRO C 443 23.15 29.52 -19.66
N VAL C 444 21.94 30.05 -19.83
CA VAL C 444 20.91 29.86 -18.82
C VAL C 444 20.53 28.39 -18.70
N ILE C 445 20.35 27.72 -19.84
CA ILE C 445 20.04 26.30 -19.80
C ILE C 445 21.18 25.50 -19.18
N SER C 446 22.41 25.82 -19.54
CA SER C 446 23.55 25.13 -18.94
C SER C 446 23.63 25.38 -17.45
N ILE C 447 23.34 26.60 -16.99
CA ILE C 447 23.35 26.90 -15.57
C ILE C 447 22.27 26.12 -14.85
N VAL C 448 21.08 26.04 -15.45
CA VAL C 448 20.01 25.25 -14.84
C VAL C 448 20.41 23.80 -14.69
N LEU C 449 20.98 23.22 -15.75
CA LEU C 449 21.40 21.83 -15.70
C LEU C 449 22.51 21.61 -14.69
N VAL C 450 23.47 22.54 -14.61
CA VAL C 450 24.58 22.39 -13.67
C VAL C 450 24.07 22.51 -12.23
N LEU C 451 23.19 23.48 -11.98
CA LEU C 451 22.64 23.64 -10.64
C LEU C 451 21.85 22.39 -10.23
N CYS C 452 21.07 21.84 -11.15
CA CYS C 452 20.34 20.62 -10.84
C CYS C 452 21.29 19.43 -10.63
N ALA C 453 22.35 19.32 -11.42
CA ALA C 453 23.30 18.23 -11.24
C ALA C 453 24.07 18.38 -9.94
N VAL C 454 24.13 19.60 -9.42
CA VAL C 454 24.73 19.81 -8.10
C VAL C 454 23.75 19.43 -7.00
N PHE C 455 22.48 19.80 -7.16
CA PHE C 455 21.53 19.67 -6.05
C PHE C 455 20.95 18.27 -5.95
N ILE C 456 20.66 17.62 -7.08
CA ILE C 456 20.01 16.30 -7.05
C ILE C 456 20.83 15.26 -6.30
N PRO C 457 22.14 15.11 -6.54
CA PRO C 457 22.89 14.09 -5.80
C PRO C 457 22.87 14.27 -4.28
N VAL C 458 22.64 15.48 -3.80
CA VAL C 458 22.46 15.68 -2.37
C VAL C 458 21.25 14.92 -1.87
N SER C 459 20.19 14.85 -2.68
CA SER C 459 18.98 14.17 -2.27
C SER C 459 19.21 12.68 -2.06
N PHE C 460 20.06 12.07 -2.89
CA PHE C 460 20.24 10.62 -2.81
C PHE C 460 20.98 10.21 -1.54
N ILE C 461 21.56 11.19 -0.83
CA ILE C 461 22.16 10.87 0.46
C ILE C 461 21.07 10.44 1.43
N SER C 462 21.33 9.34 2.14
CA SER C 462 20.37 8.82 3.10
C SER C 462 20.73 9.30 4.51
N GLY C 463 19.91 8.94 5.49
CA GLY C 463 20.15 9.33 6.86
C GLY C 463 19.47 10.64 7.25
N PHE C 464 19.71 11.01 8.51
CA PHE C 464 19.13 12.24 9.04
C PHE C 464 19.62 13.46 8.26
N VAL C 465 20.94 13.59 8.14
CA VAL C 465 21.52 14.69 7.37
C VAL C 465 21.08 14.59 5.92
N GLY C 466 20.97 13.36 5.40
CA GLY C 466 20.52 13.19 4.03
C GLY C 466 19.14 13.79 3.80
N GLU C 467 18.19 13.50 4.68
CA GLU C 467 16.85 14.06 4.53
C GLU C 467 16.84 15.57 4.72
N ILE C 468 17.55 16.05 5.74
CA ILE C 468 17.53 17.48 6.01
C ILE C 468 18.09 18.25 4.82
N GLN C 469 19.23 17.80 4.28
CA GLN C 469 19.79 18.44 3.10
C GLN C 469 18.98 18.16 1.85
N ARG C 470 18.23 17.06 1.79
CA ARG C 470 17.38 16.80 0.65
C ARG C 470 16.29 17.84 0.54
N GLN C 471 15.74 18.26 1.68
CA GLN C 471 14.75 19.34 1.65
C GLN C 471 15.29 20.57 0.94
N PHE C 472 16.46 21.06 1.40
CA PHE C 472 17.07 22.23 0.78
C PHE C 472 17.40 21.98 -0.69
N ALA C 473 17.99 20.83 -0.99
CA ALA C 473 18.47 20.57 -2.34
C ALA C 473 17.32 20.51 -3.33
N LEU C 474 16.23 19.85 -2.97
CA LEU C 474 15.11 19.75 -3.91
C LEU C 474 14.37 21.08 -4.02
N THR C 475 14.25 21.84 -2.92
CA THR C 475 13.65 23.17 -3.06
C THR C 475 14.50 24.05 -3.96
N LEU C 476 15.83 23.99 -3.82
CA LEU C 476 16.70 24.77 -4.67
C LEU C 476 16.64 24.32 -6.12
N ALA C 477 16.55 23.02 -6.37
CA ALA C 477 16.46 22.53 -7.75
C ALA C 477 15.17 22.99 -8.40
N ILE C 478 14.06 22.90 -7.67
CA ILE C 478 12.80 23.42 -8.19
C ILE C 478 12.92 24.92 -8.46
N SER C 479 13.55 25.64 -7.54
CA SER C 479 13.68 27.08 -7.68
C SER C 479 14.49 27.44 -8.92
N VAL C 480 15.61 26.75 -9.15
CA VAL C 480 16.44 27.08 -10.30
C VAL C 480 15.74 26.70 -11.59
N ALA C 481 15.01 25.59 -11.60
CA ALA C 481 14.28 25.23 -12.82
C ALA C 481 13.23 26.28 -13.16
N ILE C 482 12.40 26.66 -12.18
CA ILE C 482 11.36 27.64 -12.43
C ILE C 482 11.96 28.99 -12.77
N SER C 483 13.01 29.39 -12.05
CA SER C 483 13.64 30.68 -12.30
C SER C 483 14.26 30.74 -13.69
N GLY C 484 14.90 29.65 -14.13
CA GLY C 484 15.45 29.62 -15.47
C GLY C 484 14.37 29.69 -16.52
N PHE C 485 13.27 28.96 -16.34
CA PHE C 485 12.18 29.04 -17.31
C PHE C 485 11.59 30.44 -17.37
N VAL C 486 11.40 31.07 -16.21
CA VAL C 486 10.89 32.44 -16.21
C VAL C 486 11.88 33.38 -16.90
N ALA C 487 13.17 33.25 -16.58
CA ALA C 487 14.17 34.12 -17.19
C ALA C 487 14.28 33.90 -18.69
N LEU C 488 13.87 32.73 -19.16
CA LEU C 488 13.86 32.49 -20.60
C LEU C 488 12.61 33.03 -21.28
N THR C 489 11.46 32.94 -20.63
CA THR C 489 10.20 33.28 -21.27
C THR C 489 9.68 34.67 -20.90
N LEU C 490 9.47 34.92 -19.60
CA LEU C 490 8.74 36.12 -19.19
C LEU C 490 9.66 37.32 -19.05
N THR C 491 10.82 37.14 -18.44
CA THR C 491 11.71 38.26 -18.16
C THR C 491 12.11 39.02 -19.43
N PRO C 492 12.57 38.37 -20.50
CA PRO C 492 12.88 39.15 -21.72
C PRO C 492 11.67 39.87 -22.29
N SER C 493 10.49 39.27 -22.22
CA SER C 493 9.30 39.93 -22.75
C SER C 493 9.00 41.21 -21.99
N LEU C 494 9.02 41.14 -20.66
CA LEU C 494 8.77 42.32 -19.86
C LEU C 494 9.85 43.36 -20.06
N SER C 495 11.11 42.93 -20.21
CA SER C 495 12.18 43.89 -20.45
C SER C 495 12.00 44.60 -21.78
N ALA C 496 11.61 43.85 -22.81
CA ALA C 496 11.37 44.47 -24.11
C ALA C 496 10.19 45.42 -24.05
N LEU C 497 9.20 45.10 -23.21
CA LEU C 497 7.99 45.92 -23.16
C LEU C 497 8.21 47.19 -22.35
N PHE C 498 8.56 47.06 -21.07
CA PHE C 498 8.61 48.22 -20.19
C PHE C 498 9.88 49.03 -20.39
N LEU C 499 11.04 48.38 -20.47
CA LEU C 499 12.29 49.10 -20.54
C LEU C 499 12.40 49.87 -21.85
N THR C 500 12.90 51.11 -21.76
CA THR C 500 12.97 52.00 -22.91
C THR C 500 14.24 52.83 -22.80
N ARG C 501 14.63 53.44 -23.91
CA ARG C 501 15.84 54.24 -23.95
C ARG C 501 15.78 55.39 -22.95
N ASN C 502 16.86 55.57 -22.19
CA ASN C 502 16.92 56.59 -21.14
C ASN C 502 17.33 57.93 -21.74
N GLU C 503 16.39 58.53 -22.48
CA GLU C 503 16.61 59.87 -23.01
C GLU C 503 16.71 60.90 -21.89
N SER C 504 15.87 60.76 -20.87
CA SER C 504 15.82 61.74 -19.79
C SER C 504 17.12 61.75 -19.00
N LYS C 505 17.49 62.93 -18.51
CA LYS C 505 18.69 63.06 -17.70
C LYS C 505 18.45 62.46 -16.31
N PRO C 506 19.34 61.57 -15.87
CA PRO C 506 19.18 61.00 -14.52
C PRO C 506 19.48 62.02 -13.45
N PHE C 507 19.06 61.71 -12.24
CA PHE C 507 19.35 62.57 -11.09
C PHE C 507 20.86 62.64 -10.85
N TYR C 508 21.27 63.70 -10.15
CA TYR C 508 22.69 63.90 -9.89
C TYR C 508 23.29 62.76 -9.08
N PHE C 509 22.59 62.32 -8.04
CA PHE C 509 23.11 61.23 -7.22
C PHE C 509 23.26 59.95 -8.01
N ILE C 510 22.28 59.63 -8.85
CA ILE C 510 22.35 58.43 -9.68
C ILE C 510 23.48 58.54 -10.69
N GLN C 511 23.61 59.71 -11.33
CA GLN C 511 24.70 59.91 -12.28
C GLN C 511 26.04 59.84 -11.59
N LYS C 512 26.16 60.43 -10.40
CA LYS C 512 27.41 60.37 -9.66
C LYS C 512 27.76 58.94 -9.28
N PHE C 513 26.76 58.16 -8.84
CA PHE C 513 27.02 56.77 -8.49
C PHE C 513 27.43 55.96 -9.71
N ASN C 514 26.81 56.21 -10.86
CA ASN C 514 27.17 55.47 -12.06
C ASN C 514 28.59 55.80 -12.49
N ASP C 515 28.98 57.07 -12.37
CA ASP C 515 30.36 57.45 -12.67
C ASP C 515 31.34 56.78 -11.72
N PHE C 516 30.99 56.73 -10.43
CA PHE C 516 31.84 56.03 -9.48
C PHE C 516 31.99 54.55 -9.83
N PHE C 517 30.89 53.91 -10.24
CA PHE C 517 30.97 52.50 -10.59
C PHE C 517 31.76 52.30 -11.86
N ASP C 518 31.69 53.24 -12.80
CA ASP C 518 32.54 53.17 -13.98
C ASP C 518 34.01 53.26 -13.61
N TRP C 519 34.36 54.15 -12.68
CA TRP C 519 35.73 54.21 -12.19
C TRP C 519 36.13 52.90 -11.53
N SER C 520 35.23 52.32 -10.73
CA SER C 520 35.54 51.05 -10.09
C SER C 520 35.73 49.93 -11.12
N THR C 521 34.93 49.94 -12.20
CA THR C 521 35.11 48.96 -13.25
C THR C 521 36.44 49.13 -13.96
N SER C 522 36.85 50.39 -14.16
CA SER C 522 38.18 50.62 -14.74
C SER C 522 39.28 50.08 -13.82
N VAL C 523 39.12 50.28 -12.51
CA VAL C 523 40.08 49.74 -11.54
C VAL C 523 40.10 48.22 -11.62
N PHE C 524 38.93 47.61 -11.74
CA PHE C 524 38.84 46.15 -11.85
C PHE C 524 39.51 45.66 -13.11
N SER C 525 39.33 46.37 -14.23
CA SER C 525 40.00 45.99 -15.47
C SER C 525 41.52 46.08 -15.30
N SER C 526 42.00 47.11 -14.61
CA SER C 526 43.43 47.21 -14.32
C SER C 526 43.90 46.02 -13.49
N GLY C 527 43.12 45.63 -12.48
CA GLY C 527 43.49 44.49 -11.66
C GLY C 527 43.54 43.19 -12.45
N VAL C 528 42.56 42.99 -13.33
CA VAL C 528 42.55 41.79 -14.16
C VAL C 528 43.75 41.79 -15.10
N ALA C 529 44.10 42.94 -15.66
CA ALA C 529 45.28 43.03 -16.52
C ALA C 529 46.53 42.68 -15.74
N TYR C 530 46.66 43.20 -14.52
CA TYR C 530 47.81 42.91 -13.68
C TYR C 530 47.91 41.40 -13.41
N ILE C 531 46.80 40.78 -13.04
CA ILE C 531 46.81 39.35 -12.72
C ILE C 531 47.15 38.53 -13.96
N LEU C 532 46.59 38.90 -15.11
CA LEU C 532 46.90 38.18 -16.35
C LEU C 532 48.38 38.27 -16.68
N LYS C 533 48.97 39.46 -16.52
CA LYS C 533 50.39 39.62 -16.79
C LYS C 533 51.23 38.76 -15.85
N ARG C 534 50.86 38.73 -14.56
CA ARG C 534 51.57 37.91 -13.58
C ARG C 534 50.83 36.58 -13.37
N THR C 535 51.16 35.63 -14.24
CA THR C 535 50.39 34.38 -14.29
C THR C 535 50.77 33.44 -13.15
N ILE C 536 52.03 33.04 -13.06
CA ILE C 536 52.42 31.97 -12.15
C ILE C 536 52.22 32.37 -10.69
N ARG C 537 52.43 33.64 -10.37
CA ARG C 537 52.29 34.09 -8.99
C ARG C 537 50.88 33.84 -8.48
N PHE C 538 49.87 34.18 -9.27
CA PHE C 538 48.50 34.05 -8.79
C PHE C 538 48.01 32.60 -8.87
N VAL C 539 48.62 31.78 -9.73
CA VAL C 539 48.34 30.35 -9.66
C VAL C 539 48.87 29.77 -8.36
N LEU C 540 50.08 30.17 -7.96
CA LEU C 540 50.59 29.76 -6.66
C LEU C 540 49.69 30.29 -5.54
N VAL C 541 49.17 31.51 -5.70
CA VAL C 541 48.23 32.06 -4.72
C VAL C 541 46.98 31.21 -4.64
N PHE C 542 46.49 30.72 -5.78
CA PHE C 542 45.32 29.85 -5.78
C PHE C 542 45.60 28.54 -5.05
N CYS C 543 46.76 27.95 -5.28
CA CYS C 543 47.11 26.71 -4.58
C CYS C 543 47.21 26.95 -3.07
N ILE C 544 47.82 28.08 -2.68
CA ILE C 544 47.87 28.45 -1.27
C ILE C 544 46.45 28.61 -0.73
N MET C 545 45.55 29.16 -1.55
CA MET C 545 44.17 29.36 -1.10
C MET C 545 43.47 28.03 -0.85
N ILE C 546 43.65 27.06 -1.73
CA ILE C 546 42.99 25.77 -1.51
C ILE C 546 43.59 25.08 -0.28
N GLY C 547 44.90 25.22 -0.09
CA GLY C 547 45.50 24.69 1.13
C GLY C 547 44.93 25.34 2.38
N PHE C 548 44.73 26.67 2.33
CA PHE C 548 44.15 27.36 3.46
C PHE C 548 42.69 26.97 3.67
N ILE C 549 41.97 26.66 2.59
CA ILE C 549 40.61 26.14 2.72
C ILE C 549 40.62 24.82 3.48
N ALA C 550 41.53 23.92 3.10
CA ALA C 550 41.63 22.65 3.81
C ALA C 550 41.99 22.85 5.27
N TYR C 551 42.94 23.75 5.56
CA TYR C 551 43.29 24.03 6.95
C TYR C 551 42.10 24.59 7.73
N LEU C 552 41.36 25.51 7.13
CA LEU C 552 40.20 26.09 7.81
C LEU C 552 39.13 25.04 8.07
N PHE C 553 38.89 24.15 7.10
CA PHE C 553 37.95 23.06 7.35
C PHE C 553 38.46 22.14 8.45
N LYS C 554 39.78 22.02 8.59
CA LYS C 554 40.34 21.21 9.66
C LYS C 554 40.17 21.85 11.03
N ILE C 555 40.27 23.19 11.13
CA ILE C 555 40.28 23.86 12.41
C ILE C 555 38.90 24.39 12.81
N VAL C 556 37.86 24.06 12.06
CA VAL C 556 36.50 24.47 12.38
C VAL C 556 35.74 23.25 12.89
N PRO C 557 35.27 23.26 14.13
CA PRO C 557 34.52 22.10 14.64
C PRO C 557 33.19 21.95 13.92
N SER C 558 32.74 20.69 13.84
CA SER C 558 31.51 20.35 13.15
C SER C 558 30.47 19.89 14.16
N SER C 559 29.23 20.35 13.98
CA SER C 559 28.10 19.94 14.80
C SER C 559 26.91 19.65 13.91
N LEU C 560 25.97 18.86 14.43
CA LEU C 560 24.81 18.48 13.63
C LEU C 560 23.89 19.67 13.40
N VAL C 561 23.31 20.20 14.47
CA VAL C 561 22.43 21.35 14.39
C VAL C 561 22.73 22.25 15.59
N PRO C 562 22.91 23.55 15.40
CA PRO C 562 23.26 24.41 16.53
C PRO C 562 22.17 24.43 17.59
N SER C 563 22.59 24.55 18.84
CA SER C 563 21.65 24.69 19.93
C SER C 563 20.87 26.00 19.79
N GLU C 564 19.58 25.96 20.10
CA GLU C 564 18.69 27.08 19.89
C GLU C 564 17.91 27.37 21.17
N ASP C 565 17.40 28.60 21.24
CA ASP C 565 16.51 28.99 22.31
C ASP C 565 15.07 28.71 21.89
N GLN C 566 14.49 27.64 22.42
CA GLN C 566 13.15 27.22 22.08
C GLN C 566 12.09 27.83 22.98
N GLY C 567 12.49 28.66 23.94
CA GLY C 567 11.56 29.24 24.87
C GLY C 567 11.17 28.35 26.02
N VAL C 568 11.73 27.14 26.11
CA VAL C 568 11.44 26.19 27.17
C VAL C 568 12.77 25.66 27.70
N ILE C 569 12.90 25.61 29.01
CA ILE C 569 14.05 24.99 29.67
C ILE C 569 13.59 23.70 30.30
N MET C 570 14.05 22.57 29.77
CA MET C 570 13.70 21.27 30.30
C MET C 570 14.64 20.92 31.45
N SER C 571 14.07 20.74 32.64
CA SER C 571 14.83 20.46 33.84
C SER C 571 14.53 19.05 34.30
N ILE C 572 15.58 18.27 34.54
CA ILE C 572 15.48 16.87 34.91
C ILE C 572 15.92 16.76 36.36
N ILE C 573 15.01 16.36 37.25
CA ILE C 573 15.31 16.22 38.67
C ILE C 573 15.37 14.75 39.01
N ASN C 574 16.49 14.31 39.58
CA ASN C 574 16.67 12.94 40.01
C ASN C 574 17.11 12.91 41.47
N LEU C 575 16.29 12.32 42.32
CA LEU C 575 16.62 12.09 43.72
C LEU C 575 17.40 10.79 43.84
N PRO C 576 17.92 10.47 45.03
CA PRO C 576 18.58 9.17 45.20
C PRO C 576 17.64 8.03 44.86
N SER C 577 18.18 6.99 44.23
CA SER C 577 17.37 5.89 43.74
C SER C 577 16.60 5.24 44.89
N GLY C 578 15.35 4.88 44.61
CA GLY C 578 14.48 4.32 45.62
C GLY C 578 13.75 5.32 46.48
N SER C 579 13.86 6.61 46.18
CA SER C 579 13.21 7.62 46.99
C SER C 579 11.69 7.60 46.79
N SER C 580 10.97 8.00 47.82
CA SER C 580 9.52 8.09 47.73
C SER C 580 9.12 9.24 46.82
N ILE C 581 7.81 9.33 46.56
CA ILE C 581 7.33 10.40 45.69
C ILE C 581 6.97 11.66 46.47
N HIS C 582 6.72 11.55 47.77
CA HIS C 582 6.47 12.78 48.53
C HIS C 582 7.73 13.62 48.60
N ARG C 583 8.90 12.98 48.69
CA ARG C 583 10.15 13.72 48.64
C ARG C 583 10.35 14.40 47.30
N THR C 584 10.03 13.72 46.21
CA THR C 584 10.14 14.33 44.89
C THR C 584 9.19 15.50 44.75
N ILE C 585 7.98 15.37 45.29
CA ILE C 585 7.02 16.46 45.23
C ILE C 585 7.52 17.67 46.00
N GLU C 586 8.07 17.45 47.20
CA GLU C 586 8.59 18.57 47.97
C GLU C 586 9.77 19.23 47.26
N GLU C 587 10.66 18.44 46.68
CA GLU C 587 11.81 19.01 46.00
C GLU C 587 11.38 19.81 44.77
N VAL C 588 10.44 19.28 43.99
CA VAL C 588 9.91 20.02 42.86
C VAL C 588 9.18 21.28 43.28
N ASP C 589 8.46 21.26 44.41
CA ASP C 589 7.85 22.47 44.90
C ASP C 589 8.87 23.54 45.25
N THR C 590 9.96 23.16 45.92
CA THR C 590 11.00 24.15 46.22
C THR C 590 11.65 24.68 44.96
N ILE C 591 11.88 23.79 43.98
CA ILE C 591 12.48 24.23 42.73
C ILE C 591 11.58 25.22 42.00
N ASN C 592 10.27 24.93 41.97
CA ASN C 592 9.34 25.86 41.34
C ASN C 592 9.29 27.18 42.08
N LYS C 593 9.26 27.15 43.41
CA LYS C 593 9.18 28.41 44.15
C LYS C 593 10.45 29.24 43.99
N ASN C 594 11.60 28.60 43.85
CA ASN C 594 12.82 29.35 43.56
C ASN C 594 12.79 29.93 42.15
N ALA C 595 12.25 29.18 41.20
CA ALA C 595 12.20 29.67 39.82
C ALA C 595 11.16 30.76 39.65
N THR C 596 10.22 30.87 40.59
CA THR C 596 9.27 31.98 40.54
C THR C 596 9.98 33.33 40.68
N GLN C 597 11.06 33.38 41.46
CA GLN C 597 11.80 34.62 41.61
C GLN C 597 12.40 35.06 40.28
N MET C 598 12.81 34.11 39.44
CA MET C 598 13.40 34.45 38.16
C MET C 598 12.40 35.18 37.29
N LYS C 599 12.84 36.31 36.71
CA LYS C 599 11.93 37.15 35.96
C LYS C 599 11.56 36.51 34.62
N GLU C 600 12.53 35.84 33.99
CA GLU C 600 12.30 35.29 32.66
C GLU C 600 11.29 34.16 32.69
N ILE C 601 11.32 33.33 33.72
CA ILE C 601 10.52 32.10 33.77
C ILE C 601 9.07 32.50 34.00
N SER C 602 8.25 32.43 32.95
CA SER C 602 6.85 32.84 33.06
C SER C 602 6.05 31.84 33.90
N SER C 603 6.18 30.55 33.59
CA SER C 603 5.41 29.53 34.29
C SER C 603 6.17 28.21 34.22
N SER C 604 5.76 27.27 35.07
CA SER C 604 6.43 25.99 35.22
C SER C 604 5.44 24.86 34.98
N VAL C 605 5.87 23.84 34.24
CA VAL C 605 5.07 22.64 33.98
C VAL C 605 5.85 21.45 34.50
N SER C 606 5.30 20.74 35.48
CA SER C 606 6.00 19.69 36.20
C SER C 606 5.36 18.35 35.92
N LEU C 607 6.18 17.34 35.63
CA LEU C 607 5.74 15.95 35.52
C LEU C 607 6.44 15.18 36.63
N ILE C 608 5.85 15.13 37.79
CA ILE C 608 6.46 14.50 38.96
C ILE C 608 6.21 13.01 38.89
N GLY C 609 7.26 12.23 39.13
CA GLY C 609 7.14 10.79 39.14
C GLY C 609 7.48 10.11 37.83
N PHE C 610 7.87 10.87 36.82
CA PHE C 610 8.24 10.31 35.52
C PHE C 610 9.65 10.75 35.17
N ASP C 611 10.47 9.81 34.74
CA ASP C 611 11.86 10.10 34.38
C ASP C 611 11.94 10.30 32.87
N LEU C 612 12.59 11.40 32.45
CA LEU C 612 12.66 11.69 31.03
C LEU C 612 13.90 11.09 30.39
N PHE C 613 14.97 10.90 31.16
CA PHE C 613 16.17 10.26 30.64
C PHE C 613 15.86 8.83 30.18
N THR C 614 15.23 8.05 31.05
CA THR C 614 14.75 6.71 30.73
C THR C 614 13.23 6.74 30.80
N SER C 615 12.57 6.41 29.70
CA SER C 615 11.12 6.54 29.66
C SER C 615 10.50 5.48 30.55
N SER C 616 10.27 5.85 31.80
CA SER C 616 9.77 4.93 32.81
C SER C 616 9.36 5.72 34.03
N LEU C 617 8.39 5.21 34.77
CA LEU C 617 7.89 5.89 35.96
C LEU C 617 8.81 5.56 37.13
N LYS C 618 9.55 6.57 37.60
CA LYS C 618 10.33 6.47 38.82
C LYS C 618 9.83 7.51 39.80
N GLU C 619 9.55 7.10 41.02
CA GLU C 619 9.08 8.05 42.02
C GLU C 619 10.18 9.03 42.41
N ASN C 620 11.44 8.60 42.33
CA ASN C 620 12.55 9.48 42.70
C ASN C 620 12.81 10.53 41.64
N ALA C 621 12.21 10.41 40.46
CA ALA C 621 12.51 11.29 39.34
C ALA C 621 11.35 12.25 39.07
N ALA C 622 11.67 13.34 38.39
CA ALA C 622 10.67 14.29 37.93
C ALA C 622 11.29 15.17 36.86
N ALA C 623 10.46 15.66 35.95
CA ALA C 623 10.89 16.57 34.91
C ALA C 623 10.07 17.85 35.02
N VAL C 624 10.75 18.99 35.09
CA VAL C 624 10.10 20.29 35.22
C VAL C 624 10.50 21.14 34.04
N PHE C 625 9.52 21.68 33.33
CA PHE C 625 9.76 22.55 32.19
C PHE C 625 9.44 23.99 32.59
N PHE C 626 10.41 24.88 32.43
CA PHE C 626 10.23 26.29 32.73
C PHE C 626 9.88 27.00 31.42
N ILE C 627 8.66 27.52 31.34
CA ILE C 627 8.19 28.20 30.14
C ILE C 627 8.67 29.63 30.20
N LEU C 628 9.64 29.97 29.36
CA LEU C 628 10.21 31.31 29.37
C LEU C 628 9.26 32.31 28.71
N LYS C 629 9.49 33.59 29.00
CA LYS C 629 8.76 34.65 28.35
C LYS C 629 9.07 34.67 26.86
N ASP C 630 8.37 35.53 26.14
CA ASP C 630 8.64 35.68 24.71
C ASP C 630 10.04 36.27 24.52
N TRP C 631 10.62 36.00 23.34
CA TRP C 631 11.98 36.45 23.09
C TRP C 631 12.10 37.97 23.20
N SER C 632 11.09 38.69 22.70
CA SER C 632 11.13 40.14 22.76
C SER C 632 11.10 40.66 24.20
N GLN C 633 10.31 40.02 25.05
CA GLN C 633 10.16 40.51 26.42
C GLN C 633 11.44 40.35 27.23
N ARG C 634 12.04 39.17 27.19
CA ARG C 634 13.17 38.86 28.05
C ARG C 634 14.49 39.15 27.33
N GLU C 635 15.41 39.81 28.03
CA GLU C 635 16.72 40.07 27.47
C GLU C 635 17.60 38.83 27.51
N ALA C 636 17.55 38.08 28.61
CA ALA C 636 18.43 36.93 28.77
C ALA C 636 18.02 35.77 27.88
N SER C 637 19.00 35.12 27.27
CA SER C 637 18.75 33.95 26.46
C SER C 637 18.58 32.73 27.36
N SER C 638 18.28 31.60 26.74
CA SER C 638 18.08 30.38 27.50
C SER C 638 19.36 29.94 28.20
N ASP C 639 20.51 30.15 27.54
CA ASP C 639 21.77 29.69 28.12
C ASP C 639 22.09 30.42 29.41
N GLN C 640 21.82 31.73 29.47
CA GLN C 640 22.07 32.46 30.70
C GLN C 640 21.18 31.98 31.84
N ILE C 641 19.92 31.69 31.54
CA ILE C 641 19.01 31.20 32.58
C ILE C 641 19.43 29.81 33.03
N ILE C 642 19.89 28.98 32.10
CA ILE C 642 20.40 27.67 32.45
C ILE C 642 21.62 27.79 33.35
N ALA C 643 22.50 28.74 33.05
CA ALA C 643 23.66 28.98 33.90
C ALA C 643 23.24 29.43 35.30
N GLN C 644 22.25 30.32 35.37
CA GLN C 644 21.77 30.76 36.69
C GLN C 644 21.20 29.58 37.47
N LEU C 645 20.38 28.74 36.82
CA LEU C 645 19.78 27.61 37.50
C LEU C 645 20.84 26.63 37.98
N PHE C 646 21.84 26.35 37.14
CA PHE C 646 22.93 25.48 37.58
C PHE C 646 23.68 26.11 38.74
N GLY C 647 23.86 27.43 38.71
CA GLY C 647 24.59 28.09 39.78
C GLY C 647 23.88 28.01 41.12
N GLN C 648 22.56 28.19 41.13
CA GLN C 648 21.86 28.15 42.41
C GLN C 648 21.63 26.73 42.90
N TYR C 649 21.77 25.74 42.02
CA TYR C 649 21.61 24.34 42.40
C TYR C 649 22.90 23.54 42.29
N ALA C 650 24.06 24.20 42.20
CA ALA C 650 25.32 23.49 42.11
C ALA C 650 25.73 22.91 43.46
N ALA C 651 25.41 23.60 44.56
CA ALA C 651 25.81 23.13 45.87
C ALA C 651 25.17 21.78 46.18
N ASP C 652 25.91 20.92 46.87
CA ASP C 652 25.45 19.57 47.15
C ASP C 652 24.13 19.61 47.91
N ARG C 653 23.18 18.79 47.47
CA ARG C 653 21.87 18.71 48.10
C ARG C 653 21.31 17.31 47.90
N ASN C 654 20.00 17.17 48.11
CA ASN C 654 19.36 15.86 47.99
C ASN C 654 19.23 15.45 46.53
N ALA C 655 18.79 16.36 45.67
CA ALA C 655 18.43 16.03 44.30
C ALA C 655 19.46 16.55 43.32
N LEU C 656 19.66 15.79 42.25
CA LEU C 656 20.55 16.15 41.16
C LEU C 656 19.72 16.62 39.98
N SER C 657 19.75 17.93 39.72
CA SER C 657 18.95 18.52 38.65
C SER C 657 19.87 18.92 37.51
N TYR C 658 19.54 18.48 36.30
CA TYR C 658 20.26 18.85 35.10
C TYR C 658 19.34 19.72 34.26
N PHE C 659 19.73 20.97 34.05
CA PHE C 659 18.94 21.92 33.28
C PHE C 659 19.50 21.99 31.87
N LEU C 660 18.70 21.57 30.90
CA LEU C 660 19.15 21.52 29.52
C LEU C 660 18.11 22.17 28.62
N ASN C 661 18.56 22.66 27.48
CA ASN C 661 17.67 23.32 26.55
C ASN C 661 16.87 22.28 25.76
N LEU C 662 15.69 22.70 25.32
CA LEU C 662 14.84 21.81 24.54
C LEU C 662 15.52 21.51 23.20
N PRO C 663 15.46 20.26 22.72
CA PRO C 663 16.19 19.89 21.50
C PRO C 663 15.70 20.70 20.31
N PRO C 664 16.61 21.05 19.39
CA PRO C 664 16.19 21.89 18.26
C PRO C 664 15.30 21.18 17.27
N ILE C 665 15.68 19.96 16.87
CA ILE C 665 14.95 19.19 15.88
C ILE C 665 14.44 17.92 16.56
N PRO C 666 13.17 17.58 16.43
CA PRO C 666 12.68 16.33 17.01
C PRO C 666 13.38 15.14 16.36
N GLY C 667 13.57 14.09 17.16
CA GLY C 667 14.31 12.93 16.70
C GLY C 667 15.77 12.92 17.07
N LEU C 668 16.24 13.94 17.77
CA LEU C 668 17.61 13.97 18.27
C LEU C 668 17.57 13.77 19.78
N SER C 669 18.53 12.99 20.29
CA SER C 669 18.52 12.59 21.70
C SER C 669 18.61 13.78 22.62
N LEU C 670 18.16 13.62 23.86
CA LEU C 670 18.32 14.67 24.86
C LEU C 670 19.79 14.94 25.08
N THR C 671 20.13 16.22 25.26
CA THR C 671 21.52 16.69 25.31
C THR C 671 22.19 16.24 24.00
N GLY C 672 23.43 15.79 24.02
CA GLY C 672 24.08 15.35 22.80
C GLY C 672 24.69 13.97 22.90
N GLY C 673 24.38 13.26 23.99
CA GLY C 673 25.01 11.98 24.25
C GLY C 673 24.63 10.94 23.21
N PHE C 674 25.62 10.37 22.55
CA PHE C 674 25.38 9.30 21.60
C PHE C 674 24.84 8.07 22.31
N GLU C 675 24.08 7.27 21.58
CA GLU C 675 23.46 6.07 22.12
C GLU C 675 24.27 4.86 21.71
N MET C 676 24.74 4.11 22.71
CA MET C 676 25.50 2.89 22.48
C MET C 676 24.97 1.82 23.42
N TYR C 677 24.80 0.60 22.90
CA TYR C 677 24.30 -0.52 23.68
C TYR C 677 25.35 -1.63 23.67
N ALA C 678 25.70 -2.11 24.85
CA ALA C 678 26.65 -3.22 24.99
C ALA C 678 25.85 -4.48 25.33
N GLN C 679 25.50 -5.25 24.30
CA GLN C 679 24.73 -6.47 24.51
C GLN C 679 25.59 -7.51 25.23
N ASN C 680 25.02 -8.17 26.24
CA ASN C 680 25.72 -9.22 26.96
C ASN C 680 25.25 -10.57 26.42
N LYS C 681 26.01 -11.13 25.48
CA LYS C 681 25.68 -12.44 24.94
C LYS C 681 25.79 -13.53 26.00
N SER C 682 26.80 -13.44 26.87
CA SER C 682 27.11 -14.50 27.81
C SER C 682 26.04 -14.71 28.87
N GLY C 683 25.10 -13.77 29.02
CA GLY C 683 24.06 -13.92 30.01
C GLY C 683 24.48 -13.69 31.44
N LYS C 684 25.41 -12.77 31.68
CA LYS C 684 25.82 -12.44 33.04
C LYS C 684 24.69 -11.73 33.78
N ASP C 685 24.76 -11.78 35.10
CA ASP C 685 23.82 -11.05 35.93
C ASP C 685 24.02 -9.55 35.74
N TYR C 686 22.94 -8.78 35.92
CA TYR C 686 23.01 -7.34 35.69
C TYR C 686 23.99 -6.65 36.62
N ASP C 687 24.20 -7.18 37.82
CA ASP C 687 25.18 -6.58 38.72
C ASP C 687 26.59 -6.71 38.18
N ALA C 688 26.91 -7.82 37.51
CA ALA C 688 28.19 -7.96 36.85
C ALA C 688 28.27 -7.12 35.57
N ILE C 689 27.15 -7.00 34.86
CA ILE C 689 27.13 -6.14 33.68
C ILE C 689 27.46 -4.71 34.06
N GLN C 690 26.91 -4.24 35.19
CA GLN C 690 27.23 -2.89 35.64
C GLN C 690 28.68 -2.75 36.07
N GLN C 691 29.28 -3.78 36.66
CA GLN C 691 30.68 -3.70 37.02
C GLN C 691 31.56 -3.56 35.76
N ASP C 692 31.24 -4.35 34.73
CA ASP C 692 31.99 -4.24 33.49
C ASP C 692 31.78 -2.87 32.83
N VAL C 693 30.55 -2.37 32.86
CA VAL C 693 30.28 -1.03 32.33
C VAL C 693 31.02 0.04 33.12
N ASN C 694 31.17 -0.14 34.43
CA ASN C 694 31.93 0.81 35.23
C ASN C 694 33.41 0.76 34.86
N LYS C 695 33.95 -0.43 34.59
CA LYS C 695 35.31 -0.51 34.09
C LYS C 695 35.46 0.23 32.77
N MET C 696 34.51 0.03 31.86
CA MET C 696 34.55 0.71 30.57
C MET C 696 34.47 2.21 30.73
N LEU C 697 33.59 2.70 31.61
CA LEU C 697 33.50 4.12 31.89
C LEU C 697 34.75 4.67 32.57
N GLU C 698 35.42 3.86 33.39
CA GLU C 698 36.69 4.28 33.97
C GLU C 698 37.74 4.50 32.88
N LEU C 699 37.82 3.58 31.92
CA LEU C 699 38.77 3.78 30.83
C LEU C 699 38.38 4.95 29.94
N ALA C 700 37.08 5.12 29.66
CA ALA C 700 36.66 6.21 28.78
C ALA C 700 36.81 7.57 29.45
N ARG C 701 36.66 7.62 30.78
CA ARG C 701 36.73 8.90 31.47
C ARG C 701 38.11 9.52 31.33
N THR C 702 39.14 8.70 31.15
CA THR C 702 40.49 9.23 31.00
C THR C 702 40.62 10.07 29.73
N ARG C 703 40.04 9.61 28.63
CA ARG C 703 40.23 10.27 27.34
C ARG C 703 39.55 11.63 27.32
N LYS C 704 40.20 12.59 26.66
CA LYS C 704 39.62 13.92 26.52
C LYS C 704 38.50 13.93 25.50
N GLU C 705 38.56 13.05 24.50
CA GLU C 705 37.52 13.02 23.48
C GLU C 705 36.17 12.64 24.08
N LEU C 706 36.16 11.67 25.00
CA LEU C 706 34.93 11.13 25.55
C LEU C 706 34.55 11.90 26.81
N ALA C 707 33.91 13.04 26.60
CA ALA C 707 33.47 13.87 27.71
C ALA C 707 32.08 13.44 28.18
N ASN C 708 31.91 13.42 29.51
CA ASN C 708 30.60 13.20 30.13
C ASN C 708 30.01 11.84 29.73
N VAL C 709 30.80 10.78 29.90
CA VAL C 709 30.29 9.44 29.68
C VAL C 709 29.43 9.02 30.86
N ARG C 710 28.22 8.52 30.58
CA ARG C 710 27.28 8.13 31.60
C ARG C 710 26.55 6.86 31.15
N THR C 711 26.08 6.08 32.11
CA THR C 711 25.36 4.84 31.84
C THR C 711 24.05 4.86 32.61
N THR C 712 22.95 4.55 31.93
CA THR C 712 21.65 4.54 32.59
C THR C 712 21.47 3.30 33.44
N LEU C 713 22.28 2.26 33.21
CA LEU C 713 22.16 1.05 34.00
C LEU C 713 22.45 1.33 35.46
N ASP C 714 21.43 1.24 36.29
CA ASP C 714 21.52 1.55 37.71
C ASP C 714 20.96 0.36 38.49
N THR C 715 21.83 -0.30 39.24
CA THR C 715 21.44 -1.44 40.04
C THR C 715 21.36 -1.13 41.52
N SER C 716 21.39 0.15 41.90
CA SER C 716 21.44 0.51 43.31
C SER C 716 20.04 0.73 43.91
N PHE C 717 18.99 0.52 43.14
CA PHE C 717 17.64 0.67 43.67
C PHE C 717 17.41 -0.35 44.79
N PRO C 718 16.91 0.08 45.95
CA PRO C 718 16.58 -0.90 46.99
C PRO C 718 15.46 -1.83 46.55
N GLN C 719 15.58 -3.08 46.95
CA GLN C 719 14.59 -4.11 46.61
C GLN C 719 14.43 -5.05 47.79
N TYR C 720 13.27 -5.68 47.86
CA TYR C 720 13.00 -6.71 48.86
C TYR C 720 12.94 -8.06 48.16
N LYS C 721 13.78 -8.98 48.61
CA LYS C 721 13.86 -10.30 48.01
C LYS C 721 12.95 -11.24 48.77
N LEU C 722 12.00 -11.85 48.06
CA LEU C 722 11.05 -12.77 48.68
C LEU C 722 11.60 -14.17 48.62
N ILE C 723 11.85 -14.75 49.80
CA ILE C 723 12.47 -16.07 49.92
C ILE C 723 11.39 -17.05 50.31
N ILE C 724 10.91 -17.83 49.35
CA ILE C 724 9.83 -18.77 49.58
C ILE C 724 10.42 -20.00 50.26
N ASP C 725 9.83 -20.41 51.38
CA ASP C 725 10.17 -21.67 52.02
C ASP C 725 9.20 -22.73 51.50
N ARG C 726 9.57 -23.39 50.41
CA ARG C 726 8.63 -24.29 49.74
C ARG C 726 8.26 -25.49 50.61
N ASP C 727 9.21 -26.01 51.39
CA ASP C 727 8.88 -27.09 52.30
C ASP C 727 7.82 -26.66 53.31
N LYS C 728 7.99 -25.48 53.91
CA LYS C 728 6.98 -24.97 54.81
C LYS C 728 5.70 -24.61 54.06
N MET C 729 5.83 -24.08 52.84
CA MET C 729 4.64 -23.69 52.11
C MET C 729 3.72 -24.87 51.85
N LYS C 730 4.29 -25.99 51.38
CA LYS C 730 3.49 -27.18 51.15
C LYS C 730 3.12 -27.89 52.44
N TYR C 731 3.96 -27.81 53.47
CA TYR C 731 3.63 -28.42 54.75
C TYR C 731 2.38 -27.80 55.35
N TYR C 732 2.06 -26.58 54.92
CA TYR C 732 0.89 -25.85 55.40
C TYR C 732 -0.34 -26.09 54.54
N ASN C 733 -0.25 -26.96 53.53
CA ASN C 733 -1.33 -27.17 52.58
C ASN C 733 -1.67 -25.88 51.85
N LEU C 734 -0.68 -25.29 51.20
CA LEU C 734 -0.85 -24.05 50.47
C LEU C 734 -0.37 -24.20 49.03
N ASN C 735 -1.02 -23.46 48.14
CA ASN C 735 -0.59 -23.34 46.75
C ASN C 735 0.10 -22.01 46.56
N MET C 736 1.17 -22.00 45.78
CA MET C 736 1.95 -20.78 45.61
C MET C 736 1.10 -19.68 44.99
N GLN C 737 0.22 -20.03 44.06
CA GLN C 737 -0.59 -19.02 43.39
C GLN C 737 -1.52 -18.33 44.37
N ASP C 738 -2.07 -19.06 45.34
CA ASP C 738 -2.95 -18.44 46.33
C ASP C 738 -2.19 -17.45 47.21
N VAL C 739 -1.00 -17.83 47.67
CA VAL C 739 -0.25 -16.92 48.52
C VAL C 739 0.17 -15.70 47.73
N PHE C 740 0.49 -15.85 46.46
CA PHE C 740 0.90 -14.67 45.70
C PHE C 740 -0.30 -13.84 45.27
N ASN C 741 -1.48 -14.44 45.22
CA ASN C 741 -2.69 -13.63 45.07
C ASN C 741 -2.96 -12.80 46.32
N THR C 742 -2.75 -13.37 47.51
CA THR C 742 -2.87 -12.56 48.72
C THR C 742 -1.84 -11.44 48.73
N ILE C 743 -0.60 -11.73 48.32
CA ILE C 743 0.42 -10.70 48.26
C ILE C 743 0.02 -9.62 47.26
N SER C 744 -0.46 -10.02 46.08
CA SER C 744 -0.84 -9.07 45.06
C SER C 744 -2.09 -8.28 45.44
N ALA C 745 -2.92 -8.80 46.33
CA ALA C 745 -4.11 -8.08 46.72
C ALA C 745 -3.87 -7.19 47.92
N THR C 746 -2.89 -7.52 48.76
CA THR C 746 -2.60 -6.68 49.91
C THR C 746 -1.53 -5.65 49.60
N ILE C 747 -0.35 -6.10 49.15
CA ILE C 747 0.75 -5.17 48.87
C ILE C 747 0.66 -4.54 47.50
N GLY C 748 0.32 -5.30 46.46
CA GLY C 748 0.11 -4.75 45.14
C GLY C 748 -1.37 -4.44 44.92
N THR C 749 -1.69 -4.10 43.67
CA THR C 749 -3.07 -3.88 43.27
C THR C 749 -3.56 -5.08 42.49
N TYR C 750 -4.73 -5.58 42.86
CA TYR C 750 -5.34 -6.69 42.14
C TYR C 750 -6.52 -6.18 41.33
N TYR C 751 -6.42 -6.31 40.01
CA TYR C 751 -7.48 -5.87 39.11
C TYR C 751 -8.42 -7.04 38.87
N VAL C 752 -9.50 -7.07 39.64
CA VAL C 752 -10.45 -8.17 39.56
C VAL C 752 -11.26 -8.08 38.28
N ASN C 753 -11.96 -6.98 38.09
CA ASN C 753 -12.79 -6.77 36.91
C ASN C 753 -13.10 -5.29 36.80
N ASP C 754 -13.97 -4.94 35.86
CA ASP C 754 -14.30 -3.55 35.58
C ASP C 754 -15.76 -3.27 35.88
N PHE C 755 -16.06 -2.02 36.21
CA PHE C 755 -17.41 -1.61 36.56
C PHE C 755 -17.83 -0.41 35.72
N PRO C 756 -19.14 -0.23 35.47
CA PRO C 756 -19.57 0.86 34.61
C PRO C 756 -19.80 2.15 35.38
N MET C 757 -19.14 3.23 34.95
CA MET C 757 -19.33 4.54 35.55
C MET C 757 -19.25 5.59 34.46
N LEU C 758 -20.27 6.45 34.41
CA LEU C 758 -20.33 7.55 33.45
C LEU C 758 -20.25 7.06 32.01
N GLY C 759 -20.76 5.86 31.76
CA GLY C 759 -20.79 5.30 30.43
C GLY C 759 -19.51 4.67 29.95
N LYS C 760 -18.51 4.48 30.82
CA LYS C 760 -17.26 3.85 30.46
C LYS C 760 -16.90 2.80 31.50
N ASN C 761 -16.21 1.74 31.07
CA ASN C 761 -15.74 0.73 32.00
C ASN C 761 -14.46 1.18 32.69
N PHE C 762 -14.46 1.09 34.02
CA PHE C 762 -13.30 1.43 34.83
C PHE C 762 -12.94 0.24 35.69
N GLN C 763 -11.65 0.13 36.02
CA GLN C 763 -11.16 -1.03 36.75
C GLN C 763 -11.65 -1.05 38.19
N VAL C 764 -11.68 -2.23 38.78
CA VAL C 764 -11.90 -2.43 40.21
C VAL C 764 -10.63 -3.02 40.79
N ASN C 765 -9.94 -2.26 41.62
CA ASN C 765 -8.65 -2.65 42.16
C ASN C 765 -8.75 -2.91 43.65
N ILE C 766 -8.09 -3.96 44.13
CA ILE C 766 -8.06 -4.34 45.53
C ILE C 766 -6.64 -4.17 46.03
N ARG C 767 -6.44 -3.35 47.05
CA ARG C 767 -5.14 -3.19 47.66
C ARG C 767 -5.32 -2.84 49.12
N ALA C 768 -4.44 -3.35 49.96
CA ALA C 768 -4.54 -3.10 51.40
C ALA C 768 -4.25 -1.64 51.71
N LEU C 769 -4.65 -1.22 52.89
CA LEU C 769 -4.46 0.16 53.31
C LEU C 769 -2.99 0.52 53.32
N GLY C 770 -2.70 1.76 52.94
CA GLY C 770 -1.31 2.20 52.81
C GLY C 770 -0.50 2.09 54.08
N ASP C 771 -1.15 2.10 55.26
CA ASP C 771 -0.42 2.01 56.51
C ASP C 771 0.02 0.58 56.80
N PHE C 772 -0.47 -0.38 56.03
CA PHE C 772 -0.17 -1.78 56.26
C PHE C 772 0.74 -2.38 55.20
N ARG C 773 1.37 -1.55 54.37
CA ARG C 773 2.35 -2.04 53.41
C ARG C 773 3.53 -1.09 53.24
N ASN C 774 3.96 -0.41 54.29
CA ASN C 774 5.08 0.51 54.18
C ASN C 774 6.33 0.05 54.93
N THR C 775 6.32 -1.14 55.51
CA THR C 775 7.45 -1.62 56.27
C THR C 775 7.85 -3.02 55.79
N GLN C 776 9.05 -3.43 56.19
CA GLN C 776 9.51 -4.78 55.88
C GLN C 776 8.69 -5.85 56.60
N ASP C 777 8.06 -5.48 57.71
CA ASP C 777 7.22 -6.40 58.48
C ASP C 777 5.79 -6.46 57.96
N ALA C 778 5.55 -6.03 56.73
CA ALA C 778 4.18 -6.00 56.21
C ALA C 778 3.58 -7.40 56.12
N LEU C 779 4.44 -8.41 55.95
CA LEU C 779 3.98 -9.78 55.78
C LEU C 779 3.41 -10.37 57.05
N LYS C 780 3.58 -9.66 58.17
CA LYS C 780 3.09 -10.16 59.45
C LYS C 780 1.57 -10.22 59.52
N ASN C 781 0.87 -9.19 59.04
CA ASN C 781 -0.57 -9.11 59.23
C ASN C 781 -1.34 -9.91 58.18
N ILE C 782 -0.67 -10.32 57.11
CA ILE C 782 -1.36 -10.98 56.01
C ILE C 782 -1.53 -12.47 56.32
N TYR C 783 -2.75 -12.96 56.12
CA TYR C 783 -3.08 -14.35 56.41
C TYR C 783 -3.64 -15.02 55.17
N ILE C 784 -3.35 -16.32 55.03
CA ILE C 784 -3.79 -17.12 53.90
C ILE C 784 -4.46 -18.37 54.43
N ARG C 785 -5.62 -18.71 53.88
CA ARG C 785 -6.32 -19.91 54.32
C ARG C 785 -5.63 -21.17 53.80
N SER C 786 -5.49 -22.14 54.69
CA SER C 786 -4.96 -23.43 54.29
C SER C 786 -6.05 -24.28 53.65
N SER C 787 -5.64 -25.36 53.00
CA SER C 787 -6.61 -26.36 52.58
C SER C 787 -7.25 -27.09 53.75
N ASP C 788 -6.63 -27.00 54.93
CA ASP C 788 -7.17 -27.55 56.17
C ASP C 788 -8.02 -26.53 56.91
N ASN C 789 -8.44 -25.46 56.24
CA ASN C 789 -9.25 -24.40 56.81
C ASN C 789 -8.58 -23.76 58.03
N LYS C 790 -7.27 -23.57 57.99
CA LYS C 790 -6.54 -22.93 59.08
C LYS C 790 -5.93 -21.64 58.55
N MET C 791 -6.15 -20.54 59.27
CA MET C 791 -5.51 -19.28 58.92
C MET C 791 -4.03 -19.34 59.25
N ILE C 792 -3.19 -18.96 58.28
CA ILE C 792 -1.74 -19.11 58.39
C ILE C 792 -1.09 -17.78 58.04
N PRO C 793 -0.30 -17.19 58.94
CA PRO C 793 0.35 -15.92 58.62
C PRO C 793 1.37 -16.10 57.51
N LEU C 794 1.59 -15.04 56.74
CA LEU C 794 2.47 -15.15 55.58
C LEU C 794 3.93 -15.20 56.01
N ASN C 795 4.27 -14.58 57.13
CA ASN C 795 5.67 -14.55 57.55
C ASN C 795 6.14 -15.91 58.06
N SER C 796 5.22 -16.87 58.19
CA SER C 796 5.64 -18.21 58.61
C SER C 796 6.55 -18.85 57.59
N PHE C 797 6.22 -18.70 56.30
CA PHE C 797 6.97 -19.34 55.24
C PHE C 797 7.52 -18.38 54.20
N LEU C 798 7.35 -17.06 54.40
CA LEU C 798 7.86 -16.06 53.48
C LEU C 798 8.70 -15.06 54.25
N THR C 799 9.79 -14.61 53.63
CA THR C 799 10.72 -13.67 54.24
C THR C 799 11.06 -12.57 53.26
N LEU C 800 11.15 -11.34 53.76
CA LEU C 800 11.61 -10.20 52.98
C LEU C 800 13.04 -9.88 53.39
N VAL C 801 13.97 -9.96 52.44
CA VAL C 801 15.39 -9.72 52.68
C VAL C 801 15.82 -8.54 51.84
N ARG C 802 16.42 -7.53 52.48
CA ARG C 802 16.81 -6.34 51.77
C ARG C 802 17.88 -6.63 50.72
N SER C 803 17.78 -5.97 49.58
CA SER C 803 18.73 -6.16 48.50
C SER C 803 18.66 -4.95 47.58
N ALA C 804 19.62 -4.88 46.66
CA ALA C 804 19.67 -3.83 45.65
C ALA C 804 19.71 -4.45 44.28
N GLY C 805 19.03 -3.81 43.32
CA GLY C 805 18.95 -4.34 41.98
C GLY C 805 18.44 -3.32 40.99
N PRO C 806 18.39 -3.70 39.71
CA PRO C 806 17.95 -2.76 38.67
C PRO C 806 16.48 -2.39 38.84
N ASP C 807 16.15 -1.15 38.49
CA ASP C 807 14.75 -0.78 38.38
C ASP C 807 14.30 -0.82 36.92
N ASP C 808 15.15 -0.37 36.01
CA ASP C 808 14.90 -0.49 34.58
C ASP C 808 15.83 -1.54 34.00
N VAL C 809 15.24 -2.59 33.44
CA VAL C 809 15.99 -3.66 32.82
C VAL C 809 15.84 -3.51 31.32
N LYS C 810 16.93 -3.16 30.64
CA LYS C 810 16.89 -2.82 29.23
C LYS C 810 17.48 -3.96 28.42
N ARG C 811 16.79 -4.34 27.35
CA ARG C 811 17.23 -5.39 26.45
C ARG C 811 17.28 -4.84 25.04
N PHE C 812 18.40 -5.04 24.35
CA PHE C 812 18.58 -4.55 22.99
C PHE C 812 18.76 -5.74 22.06
N ASN C 813 17.91 -5.81 21.04
CA ASN C 813 17.97 -6.88 20.04
C ASN C 813 18.00 -8.26 20.68
N LEU C 814 17.04 -8.51 21.57
CA LEU C 814 16.85 -9.79 22.24
C LEU C 814 17.97 -10.13 23.21
N PHE C 815 18.83 -9.17 23.57
CA PHE C 815 19.92 -9.43 24.49
C PHE C 815 19.94 -8.33 25.55
N PRO C 816 20.31 -8.66 26.79
CA PRO C 816 20.46 -7.63 27.82
C PRO C 816 21.51 -6.61 27.41
N ALA C 817 21.26 -5.35 27.76
CA ALA C 817 22.13 -4.29 27.29
C ALA C 817 22.21 -3.19 28.34
N ALA C 818 23.24 -2.37 28.21
CA ALA C 818 23.41 -1.16 29.00
C ALA C 818 23.65 -0.01 28.05
N LEU C 819 23.05 1.14 28.36
CA LEU C 819 23.15 2.32 27.52
C LEU C 819 24.34 3.16 27.98
N ILE C 820 25.16 3.60 27.04
CA ILE C 820 26.31 4.45 27.33
C ILE C 820 26.06 5.81 26.66
N GLN C 821 26.02 6.86 27.45
CA GLN C 821 25.73 8.21 26.98
C GLN C 821 26.96 9.08 27.15
N GLY C 822 27.60 9.44 26.05
CA GLY C 822 28.79 10.28 26.10
C GLY C 822 28.74 11.43 25.12
N ASP C 823 29.45 12.52 25.44
CA ASP C 823 29.52 13.70 24.58
C ASP C 823 30.91 13.87 23.98
N PRO C 824 30.99 14.34 22.74
CA PRO C 824 32.30 14.57 22.11
C PRO C 824 33.07 15.72 22.76
N ALA C 825 34.38 15.70 22.56
CA ALA C 825 35.23 16.80 23.00
C ALA C 825 35.00 18.03 22.15
N PRO C 826 35.29 19.23 22.68
CA PRO C 826 35.09 20.44 21.88
C PRO C 826 35.91 20.47 20.60
N GLY C 827 37.13 19.94 20.64
CA GLY C 827 37.97 19.97 19.45
C GLY C 827 37.64 18.86 18.48
N TYR C 828 37.57 17.62 18.98
CA TYR C 828 37.23 16.49 18.13
C TYR C 828 35.78 16.57 17.68
N THR C 829 35.49 15.92 16.55
CA THR C 829 34.13 15.87 16.03
C THR C 829 33.33 14.78 16.74
N SER C 830 32.04 14.73 16.40
CA SER C 830 31.18 13.69 16.96
C SER C 830 31.55 12.32 16.44
N GLY C 831 31.93 12.23 15.15
CA GLY C 831 32.37 10.95 14.62
C GLY C 831 33.65 10.45 15.28
N GLN C 832 34.57 11.36 15.58
CA GLN C 832 35.77 10.97 16.30
C GLN C 832 35.43 10.46 17.70
N ALA C 833 34.49 11.10 18.36
CA ALA C 833 34.03 10.61 19.67
C ALA C 833 33.42 9.22 19.54
N ILE C 834 32.64 9.00 18.49
CA ILE C 834 32.04 7.68 18.27
C ILE C 834 33.13 6.64 18.12
N ASP C 835 34.15 6.94 17.31
CA ASP C 835 35.24 6.00 17.12
C ASP C 835 35.98 5.74 18.44
N ALA C 836 36.19 6.80 19.21
CA ALA C 836 36.93 6.67 20.47
C ALA C 836 36.17 5.82 21.48
N ILE C 837 34.87 6.06 21.63
CA ILE C 837 34.09 5.27 22.57
C ILE C 837 33.96 3.84 22.09
N ALA C 838 33.89 3.63 20.77
CA ALA C 838 33.87 2.28 20.24
C ALA C 838 35.15 1.53 20.60
N GLU C 839 36.30 2.16 20.39
CA GLU C 839 37.57 1.53 20.73
C GLU C 839 37.69 1.28 22.24
N VAL C 840 37.23 2.24 23.04
CA VAL C 840 37.26 2.08 24.49
C VAL C 840 36.43 0.89 24.92
N ALA C 841 35.23 0.77 24.38
CA ALA C 841 34.38 -0.36 24.73
C ALA C 841 35.00 -1.67 24.26
N LYS C 842 35.62 -1.66 23.08
CA LYS C 842 36.27 -2.88 22.59
C LYS C 842 37.40 -3.31 23.52
N GLN C 843 38.24 -2.38 23.96
CA GLN C 843 39.41 -2.76 24.75
C GLN C 843 39.03 -3.07 26.20
N SER C 844 38.00 -2.40 26.73
CA SER C 844 37.60 -2.63 28.12
C SER C 844 36.64 -3.80 28.24
N LEU C 845 35.56 -3.79 27.47
CA LEU C 845 34.54 -4.81 27.62
C LEU C 845 35.04 -6.16 27.13
N GLY C 846 34.37 -7.23 27.57
CA GLY C 846 34.77 -8.57 27.22
C GLY C 846 34.36 -8.95 25.81
N ASP C 847 34.56 -10.23 25.50
CA ASP C 847 34.16 -10.75 24.19
C ASP C 847 32.64 -10.83 24.08
N GLU C 848 31.95 -11.06 25.19
CA GLU C 848 30.50 -11.12 25.16
C GLU C 848 29.90 -9.76 24.80
N TYR C 849 30.46 -8.69 25.33
CA TYR C 849 29.92 -7.37 25.05
C TYR C 849 30.27 -6.94 23.63
N SER C 850 29.23 -6.72 22.83
CA SER C 850 29.39 -6.20 21.48
C SER C 850 28.63 -4.89 21.41
N ILE C 851 29.26 -3.87 20.87
CA ILE C 851 28.65 -2.55 20.84
C ILE C 851 27.59 -2.50 19.76
N ALA C 852 26.40 -2.07 20.14
CA ALA C 852 25.33 -1.76 19.21
C ALA C 852 24.99 -0.28 19.36
N TRP C 853 24.59 0.34 18.26
CA TRP C 853 24.43 1.77 18.21
C TRP C 853 22.98 2.12 17.88
N SER C 854 22.59 3.34 18.24
CA SER C 854 21.24 3.81 17.98
C SER C 854 21.26 5.33 17.83
N GLY C 855 20.34 5.83 17.01
CA GLY C 855 20.12 7.26 16.95
C GLY C 855 21.22 7.99 16.20
N SER C 856 21.82 8.97 16.87
CA SER C 856 22.78 9.84 16.22
C SER C 856 23.96 9.05 15.68
N ALA C 857 24.46 8.09 16.46
CA ALA C 857 25.57 7.27 16.01
C ALA C 857 25.19 6.45 14.77
N TYR C 858 23.98 5.91 14.75
CA TYR C 858 23.53 5.15 13.59
C TYR C 858 23.47 6.03 12.36
N GLN C 859 22.97 7.26 12.52
CA GLN C 859 22.96 8.20 11.39
C GLN C 859 24.38 8.52 10.93
N GLU C 860 25.30 8.73 11.87
CA GLU C 860 26.68 9.05 11.51
C GLU C 860 27.32 7.91 10.73
N VAL C 861 27.11 6.67 11.18
CA VAL C 861 27.67 5.52 10.47
C VAL C 861 27.00 5.35 9.12
N SER C 862 25.72 5.67 9.02
CA SER C 862 24.94 5.34 7.83
C SER C 862 25.01 6.40 6.74
N SER C 863 25.04 7.68 7.11
CA SER C 863 24.75 8.74 6.14
C SER C 863 25.92 8.97 5.18
N LYS C 864 27.14 8.94 5.67
CA LYS C 864 28.28 9.45 4.90
C LYS C 864 28.64 8.54 3.72
N GLY C 865 28.13 7.31 3.70
CA GLY C 865 28.60 6.34 2.72
C GLY C 865 28.29 6.73 1.29
N ALA C 866 27.03 7.03 0.99
CA ALA C 866 26.64 7.26 -0.40
C ALA C 866 26.86 8.71 -0.80
N GLY C 867 27.13 9.59 0.17
CA GLY C 867 27.34 11.00 -0.15
C GLY C 867 28.53 11.22 -1.05
N ALA C 868 29.61 10.47 -0.83
CA ALA C 868 30.81 10.61 -1.64
C ALA C 868 30.54 10.25 -3.10
N TYR C 869 29.88 9.11 -3.33
CA TYR C 869 29.57 8.70 -4.70
C TYR C 869 28.59 9.67 -5.34
N ALA C 870 27.61 10.14 -4.57
CA ALA C 870 26.66 11.11 -5.12
C ALA C 870 27.38 12.38 -5.55
N PHE C 871 28.32 12.87 -4.74
CA PHE C 871 29.01 14.11 -5.09
C PHE C 871 29.97 13.91 -6.26
N VAL C 872 30.59 12.73 -6.34
CA VAL C 872 31.44 12.42 -7.50
C VAL C 872 30.60 12.44 -8.77
N LEU C 873 29.43 11.80 -8.73
CA LEU C 873 28.54 11.81 -9.88
C LEU C 873 28.06 13.22 -10.21
N GLY C 874 27.74 14.02 -9.20
CA GLY C 874 27.33 15.39 -9.44
C GLY C 874 28.39 16.27 -10.05
N MET C 875 29.65 16.05 -9.71
CA MET C 875 30.75 16.76 -10.34
C MET C 875 31.02 16.27 -11.75
N ILE C 876 30.91 14.95 -11.98
CA ILE C 876 31.11 14.41 -13.32
C ILE C 876 30.05 14.94 -14.27
N PHE C 877 28.78 14.96 -13.82
CA PHE C 877 27.71 15.47 -14.66
C PHE C 877 27.89 16.96 -14.93
N VAL C 878 28.35 17.72 -13.92
CA VAL C 878 28.60 19.14 -14.13
C VAL C 878 29.68 19.36 -15.18
N PHE C 879 30.76 18.58 -15.08
CA PHE C 879 31.84 18.69 -16.06
C PHE C 879 31.35 18.36 -17.46
N LEU C 880 30.56 17.29 -17.59
CA LEU C 880 30.06 16.92 -18.91
C LEU C 880 29.15 17.98 -19.48
N ILE C 881 28.25 18.53 -18.66
CA ILE C 881 27.34 19.56 -19.15
C ILE C 881 28.11 20.80 -19.58
N LEU C 882 29.10 21.22 -18.78
CA LEU C 882 29.87 22.39 -19.17
C LEU C 882 30.69 22.15 -20.43
N ALA C 883 31.23 20.94 -20.59
CA ALA C 883 31.95 20.61 -21.82
C ALA C 883 31.02 20.66 -23.02
N ALA C 884 29.80 20.15 -22.87
CA ALA C 884 28.84 20.21 -23.96
C ALA C 884 28.48 21.65 -24.29
N GLN C 885 28.33 22.50 -23.27
CA GLN C 885 28.00 23.90 -23.51
C GLN C 885 29.14 24.62 -24.25
N TYR C 886 30.37 24.50 -23.73
CA TYR C 886 31.50 25.22 -24.30
C TYR C 886 32.08 24.55 -25.54
N GLU C 887 31.71 23.31 -25.81
CA GLU C 887 32.32 22.53 -26.91
C GLU C 887 33.83 22.41 -26.73
N ARG C 888 34.27 22.12 -25.50
CA ARG C 888 35.68 21.98 -25.19
C ARG C 888 35.83 21.18 -23.90
N TRP C 889 36.77 20.24 -23.88
CA TRP C 889 36.96 19.41 -22.70
C TRP C 889 37.70 20.16 -21.59
N LEU C 890 38.67 20.98 -21.96
CA LEU C 890 39.49 21.67 -20.96
C LEU C 890 38.72 22.80 -20.29
N MET C 891 37.85 23.47 -21.02
CA MET C 891 37.27 24.72 -20.55
C MET C 891 36.49 24.61 -19.24
N PRO C 892 35.66 23.59 -19.01
CA PRO C 892 34.93 23.54 -17.72
C PRO C 892 35.82 23.60 -16.49
N LEU C 893 37.11 23.30 -16.63
CA LEU C 893 38.01 23.40 -15.49
C LEU C 893 38.06 24.82 -14.94
N ALA C 894 37.82 25.83 -15.79
CA ALA C 894 37.76 27.20 -15.31
C ALA C 894 36.62 27.40 -14.32
N VAL C 895 35.42 26.91 -14.63
CA VAL C 895 34.31 27.01 -13.69
C VAL C 895 34.58 26.17 -12.45
N ILE C 896 35.10 24.96 -12.63
CA ILE C 896 35.32 24.08 -11.50
C ILE C 896 36.34 24.68 -10.53
N THR C 897 37.37 25.35 -11.04
CA THR C 897 38.33 26.00 -10.16
C THR C 897 37.87 27.38 -9.71
N ALA C 898 36.83 27.92 -10.35
CA ALA C 898 36.20 29.14 -9.84
C ALA C 898 35.32 28.86 -8.65
N VAL C 899 34.81 27.63 -8.51
CA VAL C 899 33.97 27.28 -7.36
C VAL C 899 34.63 27.55 -6.02
N PRO C 900 35.88 27.14 -5.76
CA PRO C 900 36.36 27.13 -4.36
C PRO C 900 36.43 28.48 -3.66
N PHE C 901 36.34 29.61 -4.37
CA PHE C 901 36.43 30.89 -3.70
C PHE C 901 35.26 31.11 -2.74
N ALA C 902 34.06 30.71 -3.14
CA ALA C 902 32.91 30.83 -2.27
C ALA C 902 33.08 30.00 -1.02
N VAL C 903 33.58 28.77 -1.16
CA VAL C 903 33.86 27.93 0.00
C VAL C 903 34.89 28.60 0.89
N PHE C 904 35.92 29.18 0.29
CA PHE C 904 36.96 29.87 1.06
C PHE C 904 36.36 30.97 1.91
N GLY C 905 35.55 31.84 1.29
CA GLY C 905 34.99 32.95 2.04
C GLY C 905 34.03 32.51 3.13
N SER C 906 33.16 31.55 2.83
CA SER C 906 32.21 31.09 3.83
C SER C 906 32.93 30.48 5.01
N ILE C 907 33.90 29.60 4.75
CA ILE C 907 34.61 28.96 5.85
C ILE C 907 35.45 29.98 6.62
N LEU C 908 36.03 30.97 5.94
CA LEU C 908 36.79 31.99 6.65
C LEU C 908 35.90 32.78 7.59
N LEU C 909 34.73 33.20 7.11
CA LEU C 909 33.86 34.00 7.97
C LEU C 909 33.31 33.18 9.13
N VAL C 910 32.98 31.91 8.90
CA VAL C 910 32.47 31.12 10.03
C VAL C 910 33.58 30.83 11.03
N ALA C 911 34.82 30.62 10.57
CA ALA C 911 35.92 30.43 11.51
C ALA C 911 36.19 31.70 12.31
N LEU C 912 36.15 32.87 11.66
CA LEU C 912 36.40 34.11 12.36
C LEU C 912 35.30 34.42 13.37
N ARG C 913 34.04 34.21 12.99
CA ARG C 913 32.95 34.44 13.92
C ARG C 913 32.87 33.36 14.98
N GLY C 914 33.48 32.20 14.73
CA GLY C 914 33.44 31.10 15.66
C GLY C 914 32.31 30.12 15.44
N PHE C 915 31.45 30.34 14.46
CA PHE C 915 30.39 29.40 14.18
C PHE C 915 30.96 28.07 13.69
N ASP C 916 30.27 26.99 14.01
CA ASP C 916 30.76 25.65 13.70
C ASP C 916 30.35 25.25 12.29
N ASN C 917 30.68 24.00 11.93
CA ASN C 917 30.41 23.47 10.59
C ASN C 917 29.11 22.68 10.62
N ASP C 918 28.03 23.41 10.86
CA ASP C 918 26.71 22.78 11.00
C ASP C 918 26.17 22.38 9.63
N ILE C 919 24.98 21.78 9.65
CA ILE C 919 24.36 21.35 8.39
C ILE C 919 23.85 22.56 7.62
N TYR C 920 23.37 23.58 8.33
CA TYR C 920 22.97 24.82 7.67
C TYR C 920 24.14 25.42 6.91
N PHE C 921 25.35 25.28 7.45
CA PHE C 921 26.53 25.72 6.72
C PHE C 921 26.71 24.94 5.43
N GLN C 922 26.44 23.64 5.45
CA GLN C 922 26.55 22.85 4.22
C GLN C 922 25.53 23.29 3.19
N THR C 923 24.31 23.59 3.62
CA THR C 923 23.30 24.08 2.68
C THR C 923 23.71 25.44 2.10
N GLY C 924 24.22 26.32 2.95
CA GLY C 924 24.75 27.58 2.44
C GLY C 924 25.88 27.36 1.45
N LEU C 925 26.71 26.35 1.70
CA LEU C 925 27.76 25.99 0.76
C LEU C 925 27.17 25.57 -0.58
N LEU C 926 26.07 24.83 -0.55
CA LEU C 926 25.42 24.44 -1.80
C LEU C 926 24.96 25.67 -2.58
N LEU C 927 24.32 26.61 -1.89
CA LEU C 927 23.88 27.83 -2.58
C LEU C 927 25.05 28.63 -3.12
N LEU C 928 26.12 28.78 -2.34
CA LEU C 928 27.27 29.55 -2.77
C LEU C 928 27.97 28.87 -3.94
N ILE C 929 28.04 27.54 -3.93
CA ILE C 929 28.59 26.81 -5.07
C ILE C 929 27.75 27.09 -6.31
N GLY C 930 26.42 27.03 -6.18
CA GLY C 930 25.57 27.31 -7.31
C GLY C 930 25.79 28.70 -7.89
N LEU C 931 25.85 29.71 -7.03
CA LEU C 931 25.99 31.08 -7.53
C LEU C 931 27.38 31.34 -8.10
N SER C 932 28.43 30.78 -7.46
CA SER C 932 29.77 30.93 -7.99
C SER C 932 29.91 30.27 -9.35
N ALA C 933 29.34 29.07 -9.50
CA ALA C 933 29.33 28.41 -10.80
C ALA C 933 28.54 29.22 -11.82
N LYS C 934 27.43 29.84 -11.39
CA LYS C 934 26.65 30.70 -12.28
C LYS C 934 27.51 31.82 -12.85
N ASN C 935 28.17 32.57 -11.96
CA ASN C 935 29.01 33.68 -12.41
C ASN C 935 30.15 33.19 -13.29
N ALA C 936 30.79 32.09 -12.91
CA ALA C 936 31.90 31.58 -13.70
C ALA C 936 31.44 31.15 -15.08
N ILE C 937 30.28 30.48 -15.17
CA ILE C 937 29.77 30.05 -16.47
C ILE C 937 29.51 31.25 -17.35
N LEU C 938 28.87 32.28 -16.81
CA LEU C 938 28.61 33.46 -17.63
C LEU C 938 29.89 34.12 -18.11
N ILE C 939 30.87 34.28 -17.21
CA ILE C 939 32.12 34.92 -17.58
C ILE C 939 32.83 34.11 -18.67
N ILE C 940 32.89 32.80 -18.49
CA ILE C 940 33.58 31.95 -19.46
C ILE C 940 32.88 31.98 -20.80
N GLU C 941 31.54 31.95 -20.81
CA GLU C 941 30.82 32.01 -22.07
C GLU C 941 31.08 33.32 -22.79
N PHE C 942 31.08 34.44 -22.06
CA PHE C 942 31.35 35.72 -22.70
C PHE C 942 32.78 35.81 -23.20
N ALA C 943 33.73 35.22 -22.46
CA ALA C 943 35.11 35.19 -22.93
C ALA C 943 35.24 34.36 -24.21
N MET C 944 34.58 33.21 -24.25
CA MET C 944 34.60 32.38 -25.44
C MET C 944 33.99 33.10 -26.63
N GLU C 945 32.87 33.80 -26.41
CA GLU C 945 32.24 34.54 -27.48
C GLU C 945 33.13 35.67 -27.97
N GLU C 946 33.79 36.38 -27.06
CA GLU C 946 34.72 37.42 -27.46
C GLU C 946 35.87 36.84 -28.28
N ARG C 947 36.40 35.71 -27.86
CA ARG C 947 37.54 35.11 -28.56
C ARG C 947 37.15 34.62 -29.95
N LEU C 948 35.97 34.01 -30.08
CA LEU C 948 35.59 33.38 -31.34
C LEU C 948 34.87 34.36 -32.27
N LYS C 949 33.75 34.90 -31.82
CA LYS C 949 32.92 35.72 -32.68
C LYS C 949 33.59 37.05 -33.03
N LYS C 950 34.14 37.73 -32.03
CA LYS C 950 34.74 39.05 -32.24
C LYS C 950 36.21 38.96 -32.61
N GLY C 951 36.82 37.78 -32.55
CA GLY C 951 38.21 37.63 -32.93
C GLY C 951 39.20 38.34 -32.04
N LYS C 952 38.79 38.72 -30.83
CA LYS C 952 39.71 39.38 -29.92
C LYS C 952 40.81 38.41 -29.49
N SER C 953 41.97 38.96 -29.14
CA SER C 953 43.04 38.15 -28.59
C SER C 953 42.63 37.61 -27.22
N ILE C 954 43.34 36.57 -26.78
CA ILE C 954 42.96 35.89 -25.54
C ILE C 954 43.03 36.84 -24.36
N PHE C 955 44.11 37.61 -24.26
CA PHE C 955 44.21 38.63 -23.21
C PHE C 955 43.07 39.64 -23.33
N GLU C 956 42.87 40.17 -24.53
CA GLU C 956 41.82 41.17 -24.74
C GLU C 956 40.44 40.58 -24.49
N ALA C 957 40.23 39.33 -24.92
CA ALA C 957 38.95 38.68 -24.70
C ALA C 957 38.67 38.51 -23.21
N ALA C 958 39.67 38.08 -22.45
CA ALA C 958 39.48 37.93 -21.01
C ALA C 958 39.17 39.26 -20.35
N ILE C 959 39.91 40.31 -20.72
CA ILE C 959 39.67 41.63 -20.15
C ILE C 959 38.24 42.08 -20.43
N ASN C 960 37.82 41.97 -21.69
CA ASN C 960 36.51 42.46 -22.08
C ASN C 960 35.39 41.66 -21.44
N ALA C 961 35.56 40.34 -21.36
CA ALA C 961 34.55 39.50 -20.72
C ALA C 961 34.40 39.85 -19.24
N ALA C 962 35.52 40.00 -18.54
CA ALA C 962 35.44 40.38 -17.15
C ALA C 962 34.78 41.73 -16.98
N LYS C 963 35.14 42.70 -17.82
CA LYS C 963 34.55 44.03 -17.73
C LYS C 963 33.05 43.98 -17.98
N LEU C 964 32.62 43.18 -18.97
CA LEU C 964 31.19 43.08 -19.26
C LEU C 964 30.44 42.45 -18.10
N ARG C 965 30.96 41.37 -17.53
CA ARG C 965 30.26 40.66 -16.48
C ARG C 965 30.43 41.30 -15.11
N PHE C 966 31.28 42.33 -14.98
CA PHE C 966 31.51 42.95 -13.68
C PHE C 966 30.24 43.56 -13.12
N ARG C 967 29.49 44.30 -13.95
CA ARG C 967 28.32 45.00 -13.42
C ARG C 967 27.23 44.06 -12.92
N PRO C 968 26.76 43.06 -13.67
CA PRO C 968 25.71 42.19 -13.12
C PRO C 968 26.14 41.43 -11.88
N ILE C 969 27.41 41.02 -11.81
CA ILE C 969 27.90 40.30 -10.64
C ILE C 969 27.81 41.18 -9.40
N ILE C 970 28.26 42.43 -9.52
CA ILE C 970 28.18 43.35 -8.38
C ILE C 970 26.72 43.64 -8.03
N MET C 971 25.88 43.81 -9.05
CA MET C 971 24.47 44.07 -8.78
C MET C 971 23.84 42.96 -7.95
N THR C 972 23.99 41.72 -8.40
CA THR C 972 23.36 40.60 -7.70
C THR C 972 24.02 40.35 -6.35
N SER C 973 25.34 40.56 -6.27
CA SER C 973 26.03 40.39 -4.99
C SER C 973 25.53 41.39 -3.97
N LEU C 974 25.40 42.66 -4.35
CA LEU C 974 24.88 43.67 -3.43
C LEU C 974 23.46 43.33 -3.01
N ALA C 975 22.60 43.01 -3.98
CA ALA C 975 21.21 42.71 -3.65
C ALA C 975 21.11 41.56 -2.67
N PHE C 976 21.76 40.44 -2.97
CA PHE C 976 21.61 39.26 -2.13
C PHE C 976 22.31 39.43 -0.78
N THR C 977 23.48 40.07 -0.76
CA THR C 977 24.18 40.27 0.50
C THR C 977 23.38 41.16 1.44
N PHE C 978 22.82 42.25 0.93
CA PHE C 978 22.00 43.09 1.79
C PHE C 978 20.67 42.41 2.12
N GLY C 979 20.21 41.50 1.26
CA GLY C 979 19.02 40.74 1.58
C GLY C 979 19.21 39.79 2.75
N VAL C 980 20.36 39.11 2.79
CA VAL C 980 20.62 38.16 3.87
C VAL C 980 21.38 38.78 5.03
N LEU C 981 21.72 40.06 4.97
CA LEU C 981 22.35 40.71 6.10
C LEU C 981 21.54 40.64 7.39
N PRO C 982 20.22 40.84 7.41
CA PRO C 982 19.49 40.75 8.68
C PRO C 982 19.55 39.37 9.33
N MET C 983 19.86 38.33 8.57
CA MET C 983 19.89 36.99 9.15
C MET C 983 20.94 36.89 10.26
N ILE C 984 22.03 37.64 10.14
CA ILE C 984 23.05 37.63 11.18
C ILE C 984 22.53 38.26 12.46
N PHE C 985 21.74 39.31 12.33
CA PHE C 985 21.17 40.01 13.49
C PHE C 985 19.74 39.57 13.78
N ALA C 986 19.43 38.29 13.56
CA ALA C 986 18.05 37.82 13.66
C ALA C 986 17.57 37.90 15.10
N THR C 987 16.24 37.93 15.25
CA THR C 987 15.64 37.95 16.58
C THR C 987 15.76 36.58 17.23
N GLY C 988 15.11 36.45 18.39
CA GLY C 988 15.28 35.25 19.20
C GLY C 988 14.77 33.99 18.54
N ALA C 989 13.59 34.06 17.92
CA ALA C 989 12.95 32.85 17.41
C ALA C 989 13.78 32.20 16.31
N GLY C 990 14.31 31.02 16.59
CA GLY C 990 15.18 30.36 15.64
C GLY C 990 16.43 31.14 15.31
N SER C 991 17.08 31.72 16.33
CA SER C 991 18.16 32.65 16.08
C SER C 991 19.41 31.97 15.56
N ALA C 992 19.82 30.85 16.17
CA ALA C 992 21.12 30.27 15.90
C ALA C 992 21.25 29.78 14.46
N SER C 993 20.21 29.11 13.95
CA SER C 993 20.25 28.62 12.58
C SER C 993 20.35 29.78 11.60
N ARG C 994 19.57 30.84 11.84
CA ARG C 994 19.64 32.01 10.97
C ARG C 994 21.02 32.62 11.00
N HIS C 995 21.62 32.73 12.19
CA HIS C 995 22.95 33.32 12.28
C HIS C 995 23.97 32.50 11.51
N SER C 996 23.95 31.18 11.69
CA SER C 996 24.93 30.33 11.01
C SER C 996 24.78 30.42 9.50
N LEU C 997 23.56 30.23 9.00
CA LEU C 997 23.33 30.27 7.56
C LEU C 997 23.70 31.64 6.99
N GLY C 998 23.30 32.71 7.67
CA GLY C 998 23.58 34.05 7.17
C GLY C 998 25.06 34.36 7.14
N THR C 999 25.78 34.02 8.19
CA THR C 999 27.20 34.34 8.22
C THR C 999 27.96 33.54 7.16
N GLY C 1000 27.62 32.25 7.00
CA GLY C 1000 28.25 31.49 5.94
C GLY C 1000 27.95 32.06 4.57
N LEU C 1001 26.68 32.40 4.33
CA LEU C 1001 26.27 32.93 3.03
C LEU C 1001 26.96 34.24 2.73
N ILE C 1002 27.02 35.13 3.72
CA ILE C 1002 27.63 36.45 3.49
C ILE C 1002 29.11 36.31 3.22
N GLY C 1003 29.79 35.46 3.99
CA GLY C 1003 31.21 35.24 3.72
C GLY C 1003 31.45 34.71 2.32
N GLY C 1004 30.69 33.69 1.93
CA GLY C 1004 30.85 33.15 0.59
C GLY C 1004 30.56 34.15 -0.50
N MET C 1005 29.50 34.95 -0.34
CA MET C 1005 29.13 35.93 -1.34
C MET C 1005 30.17 37.03 -1.48
N ILE C 1006 30.65 37.57 -0.36
CA ILE C 1006 31.69 38.59 -0.42
C ILE C 1006 32.94 38.03 -1.08
N ALA C 1007 33.35 36.83 -0.70
CA ALA C 1007 34.54 36.25 -1.31
C ALA C 1007 34.36 36.03 -2.79
N ALA C 1008 33.22 35.48 -3.21
CA ALA C 1008 33.00 35.24 -4.63
C ALA C 1008 33.05 36.54 -5.42
N SER C 1009 32.21 37.52 -5.04
CA SER C 1009 32.13 38.75 -5.80
C SER C 1009 33.44 39.54 -5.77
N THR C 1010 34.23 39.41 -4.70
CA THR C 1010 35.45 40.20 -4.61
C THR C 1010 36.60 39.53 -5.34
N LEU C 1011 36.71 38.20 -5.24
CA LEU C 1011 37.91 37.52 -5.71
C LEU C 1011 37.71 36.71 -6.98
N ALA C 1012 36.60 35.99 -7.12
CA ALA C 1012 36.44 35.12 -8.29
C ALA C 1012 36.41 35.93 -9.58
N ILE C 1013 35.96 37.18 -9.49
CA ILE C 1013 35.89 38.03 -10.68
C ILE C 1013 37.28 38.24 -11.26
N PHE C 1014 38.30 38.28 -10.39
CA PHE C 1014 39.67 38.45 -10.85
C PHE C 1014 40.25 37.13 -11.35
N PHE C 1015 39.82 36.01 -10.77
CA PHE C 1015 40.54 34.76 -11.00
C PHE C 1015 39.96 33.96 -12.15
N VAL C 1016 38.67 34.08 -12.43
CA VAL C 1016 38.09 33.36 -13.58
C VAL C 1016 38.75 33.76 -14.89
N PRO C 1017 38.97 35.05 -15.19
CA PRO C 1017 39.71 35.38 -16.41
C PRO C 1017 41.11 34.80 -16.45
N LEU C 1018 41.77 34.67 -15.30
CA LEU C 1018 43.09 34.05 -15.28
C LEU C 1018 43.01 32.60 -15.75
N PHE C 1019 42.03 31.85 -15.26
CA PHE C 1019 41.85 30.47 -15.70
C PHE C 1019 41.49 30.39 -17.16
N PHE C 1020 40.63 31.30 -17.64
CA PHE C 1020 40.30 31.29 -19.06
C PHE C 1020 41.53 31.56 -19.92
N TYR C 1021 42.35 32.52 -19.50
CA TYR C 1021 43.57 32.84 -20.24
C TYR C 1021 44.51 31.65 -20.27
N LEU C 1022 44.72 31.00 -19.13
CA LEU C 1022 45.61 29.85 -19.08
C LEU C 1022 45.11 28.72 -19.96
N LEU C 1023 43.83 28.37 -19.83
CA LEU C 1023 43.29 27.23 -20.57
C LEU C 1023 43.22 27.53 -22.06
N GLU C 1024 42.96 28.78 -22.44
CA GLU C 1024 42.93 29.13 -23.86
C GLU C 1024 44.34 29.12 -24.44
N ASN C 1025 45.34 29.58 -23.68
CA ASN C 1025 46.71 29.47 -24.15
C ASN C 1025 47.12 28.01 -24.30
N PHE C 1026 46.72 27.15 -23.36
CA PHE C 1026 47.03 25.74 -23.48
C PHE C 1026 46.34 25.12 -24.69
N ASN C 1027 45.08 25.50 -24.94
CA ASN C 1027 44.38 24.99 -26.11
C ASN C 1027 45.06 25.43 -27.39
N GLU C 1028 45.52 26.68 -27.45
CA GLU C 1028 46.29 27.12 -28.61
C GLU C 1028 47.60 26.34 -28.72
N TRP C 1029 48.18 25.97 -27.58
CA TRP C 1029 49.41 25.18 -27.60
C TRP C 1029 49.20 23.84 -28.29
N LEU C 1030 48.10 23.16 -27.97
CA LEU C 1030 47.85 21.86 -28.59
C LEU C 1030 47.51 22.00 -30.06
N ASP C 1031 46.85 23.10 -30.44
CA ASP C 1031 46.54 23.31 -31.85
C ASP C 1031 47.82 23.43 -32.69
N LYS C 1032 48.83 24.11 -32.16
CA LYS C 1032 50.11 24.23 -32.84
C LYS C 1032 50.77 22.87 -33.03
#